data_8HFX
#
_entry.id   8HFX
#
_cell.length_a   1.00
_cell.length_b   1.00
_cell.length_c   1.00
_cell.angle_alpha   90.00
_cell.angle_beta   90.00
_cell.angle_gamma   90.00
#
_symmetry.space_group_name_H-M   'P 1'
#
loop_
_entity.id
_entity.type
_entity.pdbx_description
1 polymer 'Spike glycoprotein,Envelope glycoprotein'
2 polymer 'Angiotensin-converting enzyme'
3 branched 2-acetamido-2-deoxy-beta-D-glucopyranose-(1-4)-2-acetamido-2-deoxy-beta-D-glucopyranose
4 branched beta-D-mannopyranose-(1-4)-2-acetamido-2-deoxy-beta-D-glucopyranose-(1-4)-2-acetamido-2-deoxy-beta-D-glucopyranose
5 non-polymer 2-acetamido-2-deoxy-beta-D-glucopyranose
6 non-polymer 'ZINC ION'
#
loop_
_entity_poly.entity_id
_entity_poly.type
_entity_poly.pdbx_seq_one_letter_code
_entity_poly.pdbx_strand_id
1 'polypeptide(L)'
;MFVFLVLLPLVSSQCVNLTTRTQLPPAYTNSFTRGVYYPDKVFRSSVLHSTQDLFLPFFSNVTWFHVISGTNGTKRFDNP
VLPFNDGVYFASIEKSNIIRGWIFGTTLDSKTQSLLIVNNATNVVIKVCEFQFCNDPFLDHKNNKSWMESEFRVYSSANN
CTFEYVSQPFLMDLEGKQGNFKNLREFVFKNIDGYFKIYSKHTPIIVREPEDLPQGFSALEPLVDLPIGINITRFQTLLA
LHRSYLTPGDSSSGWTAGAAAYYVGYLQPRTFLLKYNENGTITDAVDCALDPLSETKCTLKSFTVEKGIYQTSNFRVQPT
ESIVRFPNITNLCPFDEVFNATRFASVYAWNRKRISNCVADYSVLYNLAPFFTFKCYGVSPTKLNDLCFTNVYADSFVIR
GDEVRQIAPGQTGNIADYNYKLPDDFTGCVIAWNSNKLDSKVSGNYNYLYRLFRKSNLKPFERDISTEIYQAGNKPCNGV
AGFNCYFPLRSYSFRPTYGVGHQPYRVVVLSFELLHAPATVCGPKKSTNLVKNKCVNFNFNGLKGTGVLTESNKKFLPFQ
QFGRDIADTTDAVRDPQTLEILDITPCSFGGVSVITPGTNTSNQVAVLYQGVNCTEVPVAIHADQLTPTWRVYSTGSNVF
QTRAGCLIGAEYVNNSYECDIPIGAGICASYQTQTKSHRRARSVASQSIIAYTMSLGAENSVAYSNNSIAIPTNFTISVT
TEILPVSMTKTSVDCTMYICGDSTECSNLLLQYGSFCTQLKRALTGIAVEQDKNTQEVFAQVKQIYKTPPIKYFGGFNFS
QILPDPSKPSKRSPIEDLLFNKVTLADAGFIKQYGDCLGDIAARDLICAQKFKGLTVLPPLLTDEMIAQYTSALLAGTIT
SGWTFGAGPALQIPFPMQMAYRFNGIGVTQNVLYENQKLIANQFNSAIGKIQDSLSSTPSALGKLQDVVNHNAQALNTLV
KQLSSKFGAISSVLNDIFSRLDPPEAEVQIDRLITGRLQSLQTYVTQQLIRAAEIRASANLAATKMSECVLGQSKRVDFC
GKGYHLMSFPQSAPHGVVFLHVTYVPAQEKNFTTAPAICHDGKAHFPREGVFVSNGTHWFVTQRNFYEPQIITTDNTFVS
GNCDVVIGIVNNTVYDPLQPELDSFKEELDKYFKNHTSPDVDLGDISGINASVVNIQKEIDRLNEVAKNLNESLIDLQEL
GKYEQGSGYIPEAPRDGQAYVRKDGEWVLLSTFLGSAWSHPQFEKHHHHHHHH
;
A,B,C
2 'polypeptide(L)'
;MTGSFWLLLSLVAVTAAQSTTEEQAKTFLEKFNHEAEDLSYQSSLASWNYNTNITDENVQKMNEARAKWSAFYEEQSRMA
KTYSLEEIQNLTLKRQLKALQQSGTSVLSAEKSKRLNTILNTMSTIYSTGKVLDPNTQECLALEPGLDDIMENSRDYNRR
LWAWEGWRAEVGKQLRPLYEEYVVLENEMARANNYEDYGDYWRGDYEVTEAGDYDYSRDQLMKDVENTFAEIKPLYEQLH
AYVRAKLMDTYPSYISPTGCLPAHLLGDMWGRFWTNLYSLTVPFKHKPSIDVTEKMKNQSWDAERIFKEAEKFFVSISLP
HMTQGFWDNSMLTEPGDGRKVVCHPTAWDLGKGDFRIKMCTKVTMDDFLTAHHEMGHIQYDMAYAAQPYLLRDGANEGFH
EAVGEIMSLSAATPHYLKALGLLEPDFYEDNETEINFLLKQALTIVGTLPFTYMLEKWRWMVFKGEIPKEQWMEKWWEMK
REIVGVVEPLPHDETYCDPACLFHVAEDYSFIRYYTRTIYQFQFHEALCKTANHEGALFKCDISNSTEAGQRLLQMLSLG
KSEPWTLALESIVGIKTMDVKPLLNYFEPLFTWLKEQNRNSFVGWSTEWTPYS
;
E
#
# COMPACT_ATOMS: atom_id res chain seq x y z
N GLN A 14 43.60 40.86 -9.88
CA GLN A 14 43.84 41.95 -8.94
C GLN A 14 43.00 43.18 -9.27
N CYS A 15 42.61 43.90 -8.22
CA CYS A 15 41.81 45.11 -8.33
C CYS A 15 42.20 46.05 -7.19
N VAL A 16 41.55 47.22 -7.16
CA VAL A 16 41.79 48.20 -6.11
C VAL A 16 41.03 47.81 -4.85
N ASN A 17 41.73 47.73 -3.73
CA ASN A 17 41.10 47.49 -2.42
C ASN A 17 40.50 48.80 -1.95
N LEU A 18 39.17 48.91 -2.04
CA LEU A 18 38.48 50.10 -1.55
C LEU A 18 38.44 50.02 -0.03
N THR A 19 39.58 50.36 0.59
CA THR A 19 39.71 50.39 2.04
C THR A 19 38.82 51.45 2.68
N THR A 20 38.42 52.48 1.93
CA THR A 20 37.57 53.53 2.47
C THR A 20 36.15 53.05 2.73
N ARG A 21 35.84 51.81 2.35
CA ARG A 21 34.51 51.27 2.58
C ARG A 21 34.15 51.30 4.06
N THR A 22 32.96 51.82 4.38
CA THR A 22 32.55 52.02 5.76
C THR A 22 31.30 51.19 6.02
N GLN A 23 31.37 50.31 7.02
CA GLN A 23 30.24 49.44 7.30
C GLN A 23 29.18 50.16 8.12
N LEU A 24 27.93 49.87 7.79
CA LEU A 24 26.77 50.39 8.51
C LEU A 24 25.75 49.27 8.64
N PRO A 25 24.97 49.26 9.72
CA PRO A 25 23.96 48.21 9.90
C PRO A 25 22.92 48.25 8.79
N PRO A 26 22.56 47.11 8.23
CA PRO A 26 21.59 47.09 7.13
C PRO A 26 20.19 47.44 7.63
N ALA A 27 19.40 48.02 6.73
CA ALA A 27 18.04 48.39 7.07
C ALA A 27 17.07 47.30 6.64
N TYR A 28 15.87 47.33 7.21
CA TYR A 28 14.89 46.30 6.94
C TYR A 28 13.60 46.95 6.44
N THR A 29 13.09 46.46 5.31
CA THR A 29 11.82 46.92 4.77
C THR A 29 10.85 45.74 4.68
N ASN A 30 9.63 46.04 4.26
CA ASN A 30 8.56 45.05 4.21
C ASN A 30 8.14 44.82 2.76
N SER A 31 8.36 43.60 2.29
CA SER A 31 7.83 43.15 1.00
C SER A 31 6.42 42.62 1.21
N PHE A 32 5.43 43.31 0.63
CA PHE A 32 4.04 43.00 0.97
C PHE A 32 3.54 41.75 0.23
N THR A 33 3.42 41.83 -1.09
CA THR A 33 3.01 40.68 -1.90
C THR A 33 3.94 40.66 -3.11
N ARG A 34 5.08 40.01 -2.96
CA ARG A 34 6.09 39.99 -4.02
C ARG A 34 6.70 38.60 -4.09
N GLY A 35 7.28 38.29 -5.25
CA GLY A 35 7.94 37.03 -5.44
C GLY A 35 7.08 35.93 -6.03
N VAL A 36 5.90 36.25 -6.54
CA VAL A 36 5.02 35.28 -7.14
C VAL A 36 5.41 35.11 -8.59
N TYR A 37 5.63 33.86 -9.01
CA TYR A 37 6.06 33.54 -10.36
C TYR A 37 5.26 32.36 -10.89
N TYR A 38 5.65 31.87 -12.08
CA TYR A 38 4.95 30.76 -12.71
C TYR A 38 5.69 29.48 -12.38
N PRO A 39 5.13 28.60 -11.54
CA PRO A 39 5.86 27.38 -11.15
C PRO A 39 5.82 26.26 -12.18
N ASP A 40 5.11 26.41 -13.29
CA ASP A 40 5.03 25.33 -14.27
C ASP A 40 4.81 25.91 -15.66
N LYS A 41 5.11 25.10 -16.67
CA LYS A 41 4.96 25.51 -18.06
C LYS A 41 3.52 25.38 -18.57
N VAL A 42 2.62 24.84 -17.74
CA VAL A 42 1.24 24.61 -18.17
C VAL A 42 0.48 25.94 -18.24
N PHE A 43 -0.41 26.04 -19.23
CA PHE A 43 -1.26 27.21 -19.40
C PHE A 43 -2.61 26.93 -18.75
N ARG A 44 -3.06 27.85 -17.90
CA ARG A 44 -4.33 27.75 -17.20
C ARG A 44 -5.01 29.10 -17.23
N SER A 45 -6.35 29.08 -17.21
CA SER A 45 -7.13 30.30 -17.35
C SER A 45 -8.45 30.18 -16.62
N SER A 46 -8.79 31.22 -15.86
CA SER A 46 -10.05 31.30 -15.10
C SER A 46 -10.19 30.11 -14.15
N VAL A 47 -9.09 29.77 -13.49
CA VAL A 47 -9.03 28.69 -12.51
C VAL A 47 -8.23 29.18 -11.30
N LEU A 48 -8.40 28.46 -10.19
CA LEU A 48 -7.69 28.72 -8.94
C LEU A 48 -6.90 27.46 -8.60
N HIS A 49 -5.58 27.54 -8.75
CA HIS A 49 -4.73 26.37 -8.61
C HIS A 49 -3.84 26.50 -7.39
N SER A 50 -3.77 25.43 -6.61
CA SER A 50 -2.94 25.38 -5.43
C SER A 50 -1.61 24.75 -5.78
N THR A 51 -0.52 25.43 -5.45
CA THR A 51 0.83 25.00 -5.81
C THR A 51 1.70 25.00 -4.57
N GLN A 52 2.50 23.95 -4.42
CA GLN A 52 3.48 23.83 -3.34
C GLN A 52 4.86 23.97 -3.95
N ASP A 53 5.56 25.05 -3.63
CA ASP A 53 6.87 25.33 -4.21
C ASP A 53 7.62 26.30 -3.29
N LEU A 54 8.78 26.76 -3.76
CA LEU A 54 9.57 27.74 -3.03
C LEU A 54 9.06 29.14 -3.36
N PHE A 55 8.51 29.82 -2.37
CA PHE A 55 7.94 31.14 -2.57
C PHE A 55 8.48 32.11 -1.53
N LEU A 56 8.23 33.40 -1.76
CA LEU A 56 8.58 34.44 -0.79
C LEU A 56 7.40 34.66 0.14
N PRO A 57 7.52 34.36 1.43
CA PRO A 57 6.38 34.55 2.34
C PRO A 57 5.89 35.98 2.38
N PHE A 58 4.59 36.13 2.48
CA PHE A 58 3.99 37.45 2.47
C PHE A 58 4.36 38.23 3.72
N PHE A 59 4.54 39.54 3.54
CA PHE A 59 4.84 40.48 4.62
C PHE A 59 6.02 40.01 5.47
N SER A 60 7.13 39.77 4.78
CA SER A 60 8.34 39.31 5.39
C SER A 60 9.42 40.35 5.20
N ASN A 61 10.10 40.70 6.28
CA ASN A 61 11.11 41.74 6.19
C ASN A 61 12.33 41.25 5.42
N VAL A 62 12.92 42.14 4.64
CA VAL A 62 14.05 41.80 3.80
C VAL A 62 15.13 42.84 3.99
N THR A 63 16.39 42.38 3.98
CA THR A 63 17.53 43.27 4.08
C THR A 63 17.49 44.33 2.98
N TRP A 64 18.00 45.51 3.30
CA TRP A 64 18.05 46.62 2.36
C TRP A 64 19.43 47.24 2.39
N PHE A 65 20.15 47.15 1.27
CA PHE A 65 21.53 47.59 1.13
C PHE A 65 21.58 48.82 0.23
N HIS A 66 21.74 50.00 0.85
CA HIS A 66 21.87 51.24 0.12
C HIS A 66 23.30 51.37 -0.40
N VAL A 67 23.46 51.98 -1.56
CA VAL A 67 24.78 52.20 -2.15
C VAL A 67 24.84 53.65 -2.62
N ILE A 68 25.81 54.40 -2.11
CA ILE A 68 26.02 55.79 -2.49
C ILE A 68 24.77 56.64 -2.24
N LYS A 75 31.13 57.85 0.76
CA LYS A 75 29.69 57.62 0.65
C LYS A 75 29.35 56.21 1.16
N ARG A 76 28.15 55.74 0.82
CA ARG A 76 27.71 54.40 1.18
C ARG A 76 28.15 53.43 0.10
N PHE A 77 28.91 52.40 0.50
CA PHE A 77 29.42 51.40 -0.42
C PHE A 77 29.24 50.03 0.25
N ASP A 78 28.08 49.41 0.05
CA ASP A 78 27.73 48.13 0.66
C ASP A 78 27.66 47.05 -0.42
N ASN A 79 28.72 46.28 -0.54
CA ASN A 79 28.78 45.15 -1.48
C ASN A 79 29.31 43.91 -0.75
N PRO A 80 28.51 43.34 0.15
CA PRO A 80 28.99 42.23 0.96
C PRO A 80 28.72 40.86 0.33
N VAL A 81 29.26 39.84 0.97
CA VAL A 81 29.00 38.46 0.59
C VAL A 81 27.87 37.92 1.46
N LEU A 82 26.85 37.36 0.83
CA LEU A 82 25.64 36.92 1.49
C LEU A 82 25.34 35.47 1.16
N PRO A 83 24.83 34.70 2.11
CA PRO A 83 24.54 33.29 1.86
C PRO A 83 23.39 33.13 0.87
N PHE A 84 23.33 31.95 0.27
CA PHE A 84 22.30 31.57 -0.70
C PHE A 84 21.45 30.47 -0.06
N ASN A 85 20.44 30.87 0.72
CA ASN A 85 19.64 29.90 1.48
C ASN A 85 18.51 29.39 0.59
N ASP A 86 18.84 28.43 -0.26
CA ASP A 86 17.91 27.67 -1.11
C ASP A 86 17.29 28.50 -2.23
N GLY A 87 17.61 29.77 -2.33
CA GLY A 87 17.00 30.66 -3.30
C GLY A 87 16.91 32.06 -2.72
N VAL A 88 16.98 33.04 -3.62
CA VAL A 88 17.07 34.45 -3.24
C VAL A 88 16.19 35.27 -4.17
N TYR A 89 15.43 36.20 -3.58
CA TYR A 89 14.64 37.19 -4.30
C TYR A 89 15.37 38.53 -4.27
N PHE A 90 15.76 39.02 -5.45
CA PHE A 90 16.59 40.21 -5.56
C PHE A 90 15.79 41.29 -6.29
N ALA A 91 15.81 42.50 -5.75
CA ALA A 91 15.13 43.65 -6.33
C ALA A 91 16.05 44.86 -6.29
N SER A 92 15.77 45.82 -7.17
CA SER A 92 16.53 47.07 -7.20
C SER A 92 15.71 48.11 -7.94
N ILE A 93 15.30 49.16 -7.24
CA ILE A 93 14.53 50.23 -7.88
C ILE A 93 15.43 51.44 -8.09
N GLU A 94 16.00 51.53 -9.30
CA GLU A 94 16.90 52.63 -9.63
C GLU A 94 16.75 52.99 -11.09
N LYS A 95 17.38 54.10 -11.46
CA LYS A 95 17.46 54.58 -12.83
C LYS A 95 18.90 54.54 -13.31
N SER A 96 19.07 54.82 -14.61
CA SER A 96 20.39 54.90 -15.25
C SER A 96 21.15 53.58 -15.25
N ASN A 97 20.41 52.47 -15.18
CA ASN A 97 20.93 51.11 -15.18
C ASN A 97 22.22 50.98 -14.37
N ILE A 98 22.09 51.31 -13.07
CA ILE A 98 23.23 51.29 -12.16
C ILE A 98 23.70 49.86 -11.90
N ILE A 99 22.78 48.91 -11.86
CA ILE A 99 23.13 47.54 -11.49
C ILE A 99 23.47 46.73 -12.75
N ARG A 100 24.55 45.96 -12.67
CA ARG A 100 25.08 45.26 -13.82
C ARG A 100 24.89 43.75 -13.75
N GLY A 101 25.37 43.10 -12.70
CA GLY A 101 25.28 41.65 -12.66
C GLY A 101 25.60 41.09 -11.29
N TRP A 102 25.67 39.76 -11.24
CA TRP A 102 25.89 39.04 -10.00
C TRP A 102 26.91 37.94 -10.21
N ILE A 103 27.53 37.52 -9.11
CA ILE A 103 28.45 36.39 -9.10
C ILE A 103 27.99 35.41 -8.02
N PHE A 104 28.15 34.12 -8.29
CA PHE A 104 27.70 33.07 -7.39
C PHE A 104 28.75 31.98 -7.29
N GLY A 105 28.76 31.30 -6.15
CA GLY A 105 29.67 30.19 -5.94
C GLY A 105 29.59 29.67 -4.53
N THR A 106 30.45 28.70 -4.23
CA THR A 106 30.48 28.05 -2.92
C THR A 106 31.55 28.61 -1.99
N THR A 107 32.72 28.99 -2.51
CA THR A 107 33.78 29.60 -1.72
C THR A 107 34.06 31.03 -2.14
N LEU A 108 33.47 31.49 -3.25
CA LEU A 108 33.60 32.88 -3.70
C LEU A 108 35.06 33.25 -3.92
N ASP A 109 35.83 32.33 -4.51
CA ASP A 109 37.23 32.61 -4.80
C ASP A 109 37.65 31.78 -6.00
N SER A 110 38.94 31.83 -6.31
CA SER A 110 39.49 31.14 -7.47
C SER A 110 39.77 29.67 -7.21
N LYS A 111 39.60 29.21 -5.97
CA LYS A 111 39.99 27.85 -5.60
C LYS A 111 39.13 26.81 -6.31
N THR A 112 37.83 27.07 -6.41
CA THR A 112 36.89 26.09 -6.96
C THR A 112 35.90 26.83 -7.86
N GLN A 113 34.83 26.13 -8.23
CA GLN A 113 33.89 26.64 -9.22
C GLN A 113 33.13 27.85 -8.70
N SER A 114 32.72 28.71 -9.63
CA SER A 114 31.88 29.86 -9.35
C SER A 114 31.14 30.23 -10.63
N LEU A 115 29.94 30.77 -10.47
CA LEU A 115 29.12 31.23 -11.59
C LEU A 115 29.11 32.75 -11.63
N LEU A 116 29.22 33.32 -12.82
CA LEU A 116 29.22 34.78 -12.97
C LEU A 116 28.28 35.19 -14.09
N ILE A 117 27.45 36.18 -13.81
CA ILE A 117 26.52 36.76 -14.78
C ILE A 117 26.83 38.25 -14.88
N VAL A 118 27.03 38.72 -16.12
CA VAL A 118 27.31 40.13 -16.40
C VAL A 118 26.51 40.56 -17.61
N ASN A 119 25.81 41.68 -17.50
CA ASN A 119 25.14 42.28 -18.64
C ASN A 119 26.04 43.34 -19.26
N ASN A 120 26.20 43.28 -20.57
CA ASN A 120 26.89 44.33 -21.31
C ASN A 120 25.92 45.49 -21.52
N ALA A 121 26.33 46.46 -22.33
CA ALA A 121 25.38 47.50 -22.71
C ALA A 121 24.40 47.03 -23.77
N THR A 122 24.72 45.96 -24.49
CA THR A 122 23.83 45.38 -25.48
C THR A 122 23.71 43.87 -25.38
N ASN A 123 24.35 43.22 -24.41
CA ASN A 123 24.42 41.76 -24.40
C ASN A 123 24.43 41.26 -22.97
N VAL A 124 24.32 39.95 -22.82
CA VAL A 124 24.43 39.27 -21.53
C VAL A 124 25.38 38.10 -21.69
N VAL A 125 26.30 37.94 -20.74
CA VAL A 125 27.27 36.85 -20.78
C VAL A 125 27.20 36.09 -19.46
N ILE A 126 27.13 34.76 -19.54
CA ILE A 126 27.23 33.91 -18.37
C ILE A 126 28.46 33.01 -18.52
N LYS A 127 29.30 32.97 -17.50
CA LYS A 127 30.45 32.09 -17.46
C LYS A 127 30.49 31.39 -16.10
N VAL A 128 30.72 30.08 -16.09
CA VAL A 128 30.82 29.30 -14.87
C VAL A 128 32.17 28.59 -14.88
N CYS A 129 33.12 29.11 -14.10
CA CYS A 129 34.48 28.57 -14.01
C CYS A 129 35.21 29.32 -12.89
N GLU A 130 36.50 29.00 -12.71
CA GLU A 130 37.30 29.59 -11.65
C GLU A 130 37.76 30.98 -12.08
N PHE A 131 37.22 32.01 -11.45
CA PHE A 131 37.67 33.38 -11.65
C PHE A 131 38.55 33.79 -10.49
N GLN A 132 39.58 34.59 -10.77
CA GLN A 132 40.44 35.16 -9.74
C GLN A 132 39.72 36.36 -9.14
N PHE A 133 38.72 36.07 -8.31
CA PHE A 133 37.95 37.11 -7.65
C PHE A 133 38.84 37.91 -6.70
N CYS A 134 38.72 39.23 -6.76
CA CYS A 134 39.39 40.09 -5.79
C CYS A 134 38.43 40.38 -4.64
N ASN A 135 38.79 41.33 -3.78
CA ASN A 135 37.92 41.67 -2.66
C ASN A 135 36.60 42.23 -3.13
N ASP A 136 36.62 43.12 -4.11
CA ASP A 136 35.40 43.75 -4.61
C ASP A 136 35.47 43.86 -6.12
N PRO A 137 34.94 42.88 -6.85
CA PRO A 137 34.80 43.06 -8.30
C PRO A 137 33.85 44.20 -8.60
N PHE A 138 34.13 44.92 -9.70
CA PHE A 138 33.34 46.09 -10.06
C PHE A 138 33.35 46.26 -11.56
N LEU A 139 32.51 47.17 -12.04
CA LEU A 139 32.46 47.58 -13.44
C LEU A 139 32.84 49.06 -13.54
N ASP A 140 32.75 49.60 -14.75
CA ASP A 140 33.06 51.02 -14.97
C ASP A 140 31.82 51.82 -15.31
N MET A 148 32.84 57.60 -21.80
CA MET A 148 33.94 56.76 -22.28
C MET A 148 33.97 55.43 -21.52
N GLU A 149 34.86 54.52 -21.94
CA GLU A 149 35.06 53.24 -21.27
C GLU A 149 36.44 52.70 -21.63
N SER A 150 37.11 52.11 -20.63
CA SER A 150 38.48 51.62 -20.75
C SER A 150 38.88 50.88 -19.47
N GLU A 151 40.11 50.35 -19.43
CA GLU A 151 40.65 49.64 -18.26
C GLU A 151 39.74 48.46 -17.88
N PHE A 152 39.74 47.48 -18.80
CA PHE A 152 38.83 46.35 -18.77
C PHE A 152 39.31 45.18 -17.93
N ARG A 153 40.06 45.43 -16.86
CA ARG A 153 40.58 44.32 -16.03
C ARG A 153 39.46 43.44 -15.46
N VAL A 154 38.19 43.75 -15.73
CA VAL A 154 37.07 43.03 -15.13
C VAL A 154 37.20 41.52 -15.33
N TYR A 155 37.66 41.08 -16.50
CA TYR A 155 37.88 39.67 -16.79
C TYR A 155 39.36 39.34 -16.59
N SER A 156 39.74 39.20 -15.32
CA SER A 156 41.14 38.99 -14.97
C SER A 156 41.70 37.68 -15.52
N SER A 157 40.98 36.57 -15.34
CA SER A 157 41.51 35.26 -15.73
C SER A 157 40.38 34.24 -15.79
N ALA A 158 40.43 33.39 -16.81
CA ALA A 158 39.52 32.25 -16.92
C ALA A 158 40.37 31.00 -17.13
N ASN A 159 40.27 30.05 -16.20
CA ASN A 159 41.11 28.85 -16.30
C ASN A 159 40.52 27.85 -17.28
N ASN A 160 39.37 27.27 -16.95
CA ASN A 160 38.69 26.29 -17.79
C ASN A 160 37.19 26.45 -17.59
N CYS A 161 36.49 26.94 -18.61
CA CYS A 161 35.07 27.26 -18.48
C CYS A 161 34.25 26.34 -19.38
N THR A 162 33.18 25.77 -18.82
CA THR A 162 32.40 24.74 -19.49
C THR A 162 31.21 25.32 -20.26
N PHE A 163 30.38 26.09 -19.57
CA PHE A 163 29.13 26.59 -20.17
C PHE A 163 29.29 28.09 -20.43
N GLU A 164 28.93 28.51 -21.63
CA GLU A 164 28.87 29.93 -21.98
C GLU A 164 27.54 30.21 -22.66
N TYR A 165 27.00 31.41 -22.43
CA TYR A 165 25.69 31.76 -22.96
C TYR A 165 25.63 33.26 -23.19
N VAL A 166 25.19 33.65 -24.40
CA VAL A 166 25.05 35.04 -24.79
C VAL A 166 23.73 35.18 -25.56
N SER A 167 22.93 36.19 -25.20
CA SER A 167 21.64 36.42 -25.83
C SER A 167 21.25 37.89 -25.64
N GLN A 168 19.97 38.20 -25.90
CA GLN A 168 19.48 39.58 -25.83
C GLN A 168 19.63 40.10 -24.40
N PRO A 169 19.82 41.41 -24.23
CA PRO A 169 20.08 41.94 -22.89
C PRO A 169 18.85 41.85 -22.00
N PHE A 170 19.12 41.79 -20.68
CA PHE A 170 18.04 41.67 -19.69
C PHE A 170 17.14 42.89 -19.71
N LEU A 171 17.71 44.07 -19.88
CA LEU A 171 16.94 45.31 -19.93
C LEU A 171 16.06 45.29 -21.17
N ASN A 180 10.43 60.70 -8.85
CA ASN A 180 11.19 59.55 -8.37
C ASN A 180 11.78 58.74 -9.54
N PHE A 181 12.41 57.61 -9.23
CA PHE A 181 12.99 56.78 -10.27
C PHE A 181 11.90 56.14 -11.12
N LYS A 182 12.30 55.64 -12.28
CA LYS A 182 11.35 55.09 -13.25
C LYS A 182 11.43 53.56 -13.35
N ASN A 183 12.63 53.00 -13.41
CA ASN A 183 12.80 51.56 -13.62
C ASN A 183 12.75 50.80 -12.30
N LEU A 184 12.10 49.64 -12.30
CA LEU A 184 12.08 48.73 -11.16
C LEU A 184 12.41 47.33 -11.67
N ARG A 185 13.38 46.68 -11.03
CA ARG A 185 13.86 45.37 -11.46
C ARG A 185 13.69 44.36 -10.34
N GLU A 186 13.06 43.24 -10.65
CA GLU A 186 12.92 42.13 -9.71
C GLU A 186 13.52 40.89 -10.34
N PHE A 187 14.24 40.10 -9.53
CA PHE A 187 14.82 38.85 -10.00
C PHE A 187 14.70 37.77 -8.92
N VAL A 188 14.41 36.55 -9.35
CA VAL A 188 14.37 35.38 -8.47
C VAL A 188 15.38 34.37 -9.00
N PHE A 189 16.35 34.01 -8.17
CA PHE A 189 17.35 33.00 -8.50
C PHE A 189 17.08 31.77 -7.64
N LYS A 190 16.92 30.62 -8.29
CA LYS A 190 16.67 29.36 -7.60
C LYS A 190 17.53 28.29 -8.23
N ASN A 191 18.16 27.47 -7.40
CA ASN A 191 19.08 26.42 -7.88
C ASN A 191 18.58 25.09 -7.34
N ILE A 192 17.72 24.43 -8.10
CA ILE A 192 17.23 23.10 -7.75
C ILE A 192 17.30 22.21 -8.99
N ASP A 193 17.44 20.91 -8.74
CA ASP A 193 17.39 19.87 -9.78
C ASP A 193 18.42 20.12 -10.88
N GLY A 194 19.56 20.70 -10.53
CA GLY A 194 20.57 21.02 -11.51
C GLY A 194 20.21 22.14 -12.46
N TYR A 195 19.05 22.79 -12.27
CA TYR A 195 18.62 23.87 -13.13
C TYR A 195 18.69 25.18 -12.36
N PHE A 196 19.37 26.16 -12.94
CA PHE A 196 19.45 27.50 -12.37
C PHE A 196 18.46 28.38 -13.11
N LYS A 197 17.38 28.75 -12.41
CA LYS A 197 16.25 29.45 -13.02
C LYS A 197 16.24 30.90 -12.58
N ILE A 198 16.04 31.79 -13.55
CA ILE A 198 16.00 33.24 -13.32
C ILE A 198 14.66 33.76 -13.82
N TYR A 199 13.92 34.41 -12.92
CA TYR A 199 12.68 35.08 -13.25
C TYR A 199 12.84 36.58 -13.09
N SER A 200 12.19 37.34 -13.96
CA SER A 200 12.44 38.77 -14.01
C SER A 200 11.19 39.52 -14.40
N LYS A 201 11.17 40.81 -14.06
CA LYS A 201 10.08 41.71 -14.38
C LYS A 201 10.58 43.15 -14.32
N HIS A 202 10.13 43.95 -15.29
CA HIS A 202 10.45 45.38 -15.36
C HIS A 202 9.14 46.16 -15.38
N THR A 203 8.88 46.94 -14.34
CA THR A 203 7.62 47.67 -14.30
C THR A 203 7.89 49.16 -14.12
N PRO A 204 7.16 50.02 -14.82
CA PRO A 204 7.39 51.46 -14.68
C PRO A 204 6.84 51.99 -13.36
N ILE A 205 7.61 52.90 -12.75
CA ILE A 205 7.25 53.50 -11.47
C ILE A 205 7.96 54.84 -11.33
N ASP A 212 10.24 50.96 0.72
CA ASP A 212 9.64 51.79 -0.31
C ASP A 212 9.12 50.95 -1.48
N LEU A 213 8.79 49.70 -1.19
CA LEU A 213 8.38 48.77 -2.24
C LEU A 213 6.99 49.13 -2.74
N PRO A 214 6.80 49.27 -4.05
CA PRO A 214 5.51 49.72 -4.56
C PRO A 214 4.39 48.72 -4.30
N GLN A 215 3.18 49.22 -4.44
CA GLN A 215 1.97 48.43 -4.24
C GLN A 215 1.51 47.84 -5.56
N GLY A 216 0.99 46.63 -5.51
CA GLY A 216 0.42 45.99 -6.67
C GLY A 216 0.81 44.54 -6.72
N PHE A 217 0.51 43.91 -7.84
CA PHE A 217 0.81 42.50 -8.07
C PHE A 217 1.42 42.33 -9.45
N SER A 218 2.43 41.48 -9.55
CA SER A 218 3.07 41.22 -10.84
C SER A 218 3.79 39.88 -10.76
N ALA A 219 3.34 38.92 -11.56
CA ALA A 219 4.00 37.64 -11.64
C ALA A 219 5.22 37.71 -12.54
N LEU A 220 6.29 37.05 -12.12
CA LEU A 220 7.58 37.07 -12.81
C LEU A 220 7.61 35.92 -13.80
N GLU A 221 7.53 36.24 -15.09
CA GLU A 221 7.60 35.25 -16.15
C GLU A 221 8.99 34.63 -16.23
N PRO A 222 9.09 33.33 -16.48
CA PRO A 222 10.41 32.70 -16.58
C PRO A 222 11.22 33.31 -17.70
N LEU A 223 12.52 33.50 -17.45
CA LEU A 223 13.38 34.18 -18.40
C LEU A 223 14.44 33.25 -18.98
N VAL A 224 15.23 32.60 -18.13
CA VAL A 224 16.45 31.94 -18.59
C VAL A 224 16.76 30.77 -17.67
N ASP A 225 17.09 29.62 -18.26
CA ASP A 225 17.41 28.41 -17.50
C ASP A 225 18.72 27.84 -18.03
N LEU A 226 19.70 27.70 -17.14
CA LEU A 226 21.04 27.18 -17.45
C LEU A 226 21.31 25.93 -16.64
N PRO A 227 21.50 24.77 -17.27
CA PRO A 227 21.89 23.57 -16.53
C PRO A 227 23.39 23.60 -16.29
N ILE A 228 23.79 23.65 -15.02
CA ILE A 228 25.19 23.55 -14.65
C ILE A 228 25.38 22.41 -13.66
N GLY A 229 24.31 22.07 -12.95
CA GLY A 229 24.40 21.04 -11.93
C GLY A 229 25.47 21.33 -10.89
N ILE A 230 25.54 22.56 -10.39
CA ILE A 230 26.55 22.95 -9.42
C ILE A 230 25.93 23.24 -8.06
N ASN A 231 26.76 23.42 -7.04
CA ASN A 231 26.32 23.61 -5.65
C ASN A 231 26.86 24.93 -5.15
N ILE A 232 25.97 25.78 -4.65
CA ILE A 232 26.24 27.20 -4.44
C ILE A 232 25.82 27.57 -3.02
N THR A 233 26.62 28.41 -2.37
CA THR A 233 26.37 28.79 -0.99
C THR A 233 26.20 30.29 -0.77
N ARG A 234 26.97 31.13 -1.46
CA ARG A 234 27.01 32.56 -1.16
C ARG A 234 27.00 33.35 -2.46
N PHE A 235 26.69 34.64 -2.38
CA PHE A 235 26.62 35.46 -3.57
C PHE A 235 26.84 36.93 -3.22
N GLN A 236 27.12 37.72 -4.26
CA GLN A 236 27.41 39.14 -4.13
C GLN A 236 27.14 39.82 -5.46
N THR A 237 26.49 40.97 -5.40
CA THR A 237 26.13 41.75 -6.58
C THR A 237 27.29 42.64 -7.03
N LEU A 238 27.24 43.04 -8.29
CA LEU A 238 28.24 43.93 -8.87
C LEU A 238 27.55 45.09 -9.57
N LEU A 239 28.21 46.24 -9.56
CA LEU A 239 27.70 47.41 -10.24
C LEU A 239 28.87 48.22 -10.76
N ALA A 240 28.57 49.37 -11.34
CA ALA A 240 29.56 50.21 -12.00
C ALA A 240 29.55 51.61 -11.40
N LEU A 241 30.72 52.24 -11.40
CA LEU A 241 30.90 53.61 -10.97
C LEU A 241 31.54 54.39 -12.12
N HIS A 242 30.90 55.49 -12.53
CA HIS A 242 31.35 56.25 -13.69
C HIS A 242 32.52 57.14 -13.31
N ARG A 243 33.71 56.79 -13.81
CA ARG A 243 34.90 57.59 -13.57
C ARG A 243 34.82 58.94 -14.29
N SER A 244 35.47 59.94 -13.72
CA SER A 244 35.51 61.27 -14.30
C SER A 244 36.30 61.29 -15.60
N GLY A 254 37.57 59.72 -7.46
CA GLY A 254 37.62 60.39 -8.74
C GLY A 254 36.56 59.92 -9.71
N TRP A 255 35.36 59.70 -9.19
CA TRP A 255 34.24 59.27 -10.02
C TRP A 255 33.01 60.07 -9.61
N THR A 256 31.97 59.97 -10.44
CA THR A 256 30.69 60.65 -10.23
C THR A 256 29.60 59.60 -10.45
N ALA A 257 29.14 58.97 -9.37
CA ALA A 257 28.12 57.94 -9.44
C ALA A 257 26.93 58.32 -8.57
N GLY A 258 25.74 57.91 -8.99
CA GLY A 258 24.55 58.17 -8.23
C GLY A 258 24.30 57.13 -7.14
N ALA A 259 23.23 57.34 -6.39
CA ALA A 259 22.88 56.41 -5.32
C ALA A 259 22.18 55.17 -5.89
N ALA A 260 22.10 54.13 -5.06
CA ALA A 260 21.44 52.90 -5.47
C ALA A 260 20.92 52.18 -4.23
N ALA A 261 19.97 51.26 -4.45
CA ALA A 261 19.38 50.50 -3.35
C ALA A 261 18.88 49.17 -3.89
N TYR A 262 19.37 48.07 -3.34
CA TYR A 262 18.96 46.73 -3.74
C TYR A 262 18.62 45.90 -2.51
N TYR A 263 17.58 45.07 -2.63
CA TYR A 263 17.04 44.30 -1.52
C TYR A 263 17.27 42.81 -1.75
N VAL A 264 17.34 42.08 -0.65
CA VAL A 264 17.59 40.64 -0.69
C VAL A 264 16.54 39.95 0.18
N GLY A 265 15.93 38.90 -0.37
CA GLY A 265 14.96 38.12 0.38
C GLY A 265 15.15 36.65 0.10
N TYR A 266 14.72 35.82 1.05
CA TYR A 266 14.94 34.38 0.99
C TYR A 266 13.62 33.63 0.82
N LEU A 267 13.68 32.56 0.01
CA LEU A 267 12.51 31.72 -0.24
C LEU A 267 12.39 30.63 0.81
N GLN A 268 11.15 30.16 0.99
CA GLN A 268 10.82 29.08 1.89
C GLN A 268 9.82 28.16 1.20
N PRO A 269 9.76 26.89 1.62
CA PRO A 269 8.71 25.99 1.14
C PRO A 269 7.34 26.36 1.73
N ARG A 270 6.43 26.81 0.87
CA ARG A 270 5.12 27.24 1.31
C ARG A 270 4.11 26.96 0.19
N THR A 271 2.83 26.90 0.59
CA THR A 271 1.75 26.56 -0.32
C THR A 271 0.98 27.82 -0.67
N PHE A 272 0.81 28.08 -1.96
CA PHE A 272 0.16 29.29 -2.44
C PHE A 272 -1.04 28.92 -3.31
N LEU A 273 -2.08 29.74 -3.23
CA LEU A 273 -3.28 29.60 -4.06
C LEU A 273 -3.26 30.71 -5.10
N LEU A 274 -2.76 30.40 -6.29
CA LEU A 274 -2.66 31.39 -7.35
C LEU A 274 -3.96 31.48 -8.12
N LYS A 275 -4.35 32.71 -8.48
CA LYS A 275 -5.56 32.97 -9.26
C LYS A 275 -5.14 33.30 -10.69
N TYR A 276 -5.59 32.47 -11.63
CA TYR A 276 -5.38 32.70 -13.05
C TYR A 276 -6.64 33.33 -13.62
N ASN A 277 -6.50 34.48 -14.26
CA ASN A 277 -7.63 35.11 -14.92
C ASN A 277 -7.72 34.64 -16.36
N GLU A 278 -8.56 35.31 -17.13
CA GLU A 278 -8.53 35.15 -18.58
C GLU A 278 -7.20 35.64 -19.13
N ASN A 279 -6.73 34.98 -20.18
CA ASN A 279 -5.44 35.13 -20.84
C ASN A 279 -4.32 34.46 -20.06
N GLY A 280 -4.62 33.84 -18.92
CA GLY A 280 -3.60 33.06 -18.23
C GLY A 280 -2.65 33.87 -17.37
N THR A 281 -3.08 35.04 -16.89
CA THR A 281 -2.24 35.92 -16.10
C THR A 281 -2.58 35.79 -14.62
N ILE A 282 -1.55 35.62 -13.79
CA ILE A 282 -1.72 35.50 -12.35
C ILE A 282 -2.01 36.89 -11.80
N THR A 283 -3.18 37.10 -11.20
CA THR A 283 -3.57 38.39 -10.65
C THR A 283 -3.51 38.46 -9.12
N ASP A 284 -3.74 37.34 -8.44
CA ASP A 284 -3.75 37.31 -6.99
C ASP A 284 -3.11 36.03 -6.49
N ALA A 285 -2.77 36.04 -5.20
CA ALA A 285 -2.23 34.86 -4.54
C ALA A 285 -2.59 34.91 -3.06
N VAL A 286 -2.60 33.74 -2.43
CA VAL A 286 -2.88 33.61 -1.00
C VAL A 286 -1.79 32.74 -0.37
N ASP A 287 -1.21 33.22 0.72
CA ASP A 287 -0.22 32.44 1.47
C ASP A 287 -0.96 31.67 2.57
N CYS A 288 -1.04 30.34 2.41
CA CYS A 288 -1.90 29.55 3.29
C CYS A 288 -1.41 29.52 4.73
N ALA A 289 -0.13 29.78 4.98
CA ALA A 289 0.43 29.64 6.32
C ALA A 289 0.67 30.99 7.00
N LEU A 290 0.01 32.05 6.54
CA LEU A 290 0.22 33.38 7.08
C LEU A 290 -0.57 33.60 8.37
N ASP A 291 -1.89 33.52 8.29
CA ASP A 291 -2.79 33.76 9.41
C ASP A 291 -3.99 32.85 9.28
N PRO A 292 -4.79 32.68 10.36
CA PRO A 292 -5.95 31.79 10.27
C PRO A 292 -6.92 32.14 9.16
N LEU A 293 -7.06 33.42 8.83
CA LEU A 293 -7.98 33.81 7.75
C LEU A 293 -7.53 33.27 6.40
N SER A 294 -6.22 33.36 6.11
CA SER A 294 -5.72 32.83 4.85
C SER A 294 -5.79 31.31 4.83
N GLU A 295 -5.60 30.67 5.98
CA GLU A 295 -5.77 29.22 6.06
C GLU A 295 -7.22 28.83 5.76
N THR A 296 -8.18 29.62 6.24
CA THR A 296 -9.58 29.36 5.92
C THR A 296 -9.84 29.51 4.43
N LYS A 297 -9.27 30.54 3.81
CA LYS A 297 -9.45 30.75 2.37
C LYS A 297 -8.93 29.58 1.56
N CYS A 298 -7.78 29.04 1.94
CA CYS A 298 -7.18 27.94 1.19
C CYS A 298 -8.06 26.69 1.25
N THR A 299 -8.61 26.39 2.44
CA THR A 299 -9.45 25.21 2.58
C THR A 299 -10.70 25.31 1.70
N LEU A 300 -11.34 26.47 1.67
CA LEU A 300 -12.54 26.63 0.87
C LEU A 300 -12.25 26.87 -0.61
N LYS A 301 -10.98 27.03 -0.99
CA LYS A 301 -10.58 27.23 -2.37
C LYS A 301 -11.31 28.44 -2.99
N SER A 302 -11.31 29.54 -2.25
CA SER A 302 -11.94 30.77 -2.71
C SER A 302 -11.24 31.95 -2.06
N PHE A 303 -11.50 33.13 -2.61
CA PHE A 303 -10.91 34.36 -2.11
C PHE A 303 -11.85 35.17 -1.23
N THR A 304 -13.13 34.81 -1.19
CA THR A 304 -14.09 35.42 -0.29
C THR A 304 -14.75 34.34 0.58
N VAL A 305 -14.92 34.66 1.86
CA VAL A 305 -15.44 33.72 2.84
C VAL A 305 -16.71 34.29 3.44
N GLU A 306 -17.77 33.47 3.44
CA GLU A 306 -19.01 33.86 4.09
C GLU A 306 -18.90 33.70 5.61
N LYS A 307 -19.84 34.34 6.31
CA LYS A 307 -19.83 34.33 7.76
C LYS A 307 -20.16 32.93 8.29
N GLY A 308 -19.41 32.50 9.30
CA GLY A 308 -19.63 31.19 9.88
C GLY A 308 -18.36 30.67 10.53
N ILE A 309 -18.38 29.38 10.82
CA ILE A 309 -17.28 28.68 11.48
C ILE A 309 -16.84 27.52 10.60
N TYR A 310 -15.53 27.38 10.41
CA TYR A 310 -15.00 26.39 9.50
C TYR A 310 -13.83 25.66 10.15
N GLN A 311 -13.71 24.36 9.88
CA GLN A 311 -12.60 23.57 10.38
C GLN A 311 -11.48 23.58 9.34
N THR A 312 -10.32 24.10 9.73
CA THR A 312 -9.19 24.28 8.82
C THR A 312 -8.21 23.12 8.88
N SER A 313 -7.61 22.86 10.04
CA SER A 313 -6.58 21.84 10.17
C SER A 313 -6.51 21.40 11.63
N ASN A 314 -5.55 20.54 11.93
CA ASN A 314 -5.31 20.01 13.27
C ASN A 314 -3.96 20.48 13.78
N PHE A 315 -3.79 20.44 15.10
CA PHE A 315 -2.53 20.80 15.74
C PHE A 315 -2.06 19.67 16.63
N ARG A 316 -0.74 19.53 16.74
CA ARG A 316 -0.13 18.55 17.61
C ARG A 316 1.23 19.04 18.05
N VAL A 317 1.70 18.52 19.17
CA VAL A 317 2.99 18.90 19.73
C VAL A 317 4.02 17.89 19.24
N GLN A 318 5.09 18.39 18.66
CA GLN A 318 6.02 17.41 18.12
C GLN A 318 7.07 17.04 19.16
N PRO A 319 7.59 15.81 19.09
CA PRO A 319 8.59 15.38 20.07
C PRO A 319 9.88 16.14 19.93
N THR A 320 10.61 16.23 21.04
CA THR A 320 11.85 16.98 21.10
C THR A 320 13.09 16.15 21.46
N GLU A 321 12.91 14.96 22.04
CA GLU A 321 14.04 14.20 22.57
C GLU A 321 13.87 12.74 22.17
N SER A 322 14.95 11.99 22.23
CA SER A 322 14.93 10.56 21.97
C SER A 322 15.34 9.81 23.23
N ILE A 323 14.64 8.73 23.53
CA ILE A 323 14.89 7.94 24.74
C ILE A 323 15.05 6.48 24.33
N VAL A 324 16.14 5.86 24.78
CA VAL A 324 16.39 4.45 24.54
C VAL A 324 16.69 3.77 25.87
N ARG A 325 15.92 2.76 26.21
CA ARG A 325 16.08 2.03 27.47
C ARG A 325 16.24 0.55 27.21
N PHE A 326 17.33 -0.02 27.75
CA PHE A 326 17.67 -1.44 27.58
C PHE A 326 18.08 -2.05 28.91
N PRO A 327 18.01 -3.37 29.08
CA PRO A 327 18.40 -3.95 30.36
C PRO A 327 19.90 -3.84 30.58
N ASN A 328 20.30 -4.07 31.83
CA ASN A 328 21.69 -3.91 32.21
C ASN A 328 22.57 -4.86 31.40
N ILE A 329 23.81 -4.43 31.17
CA ILE A 329 24.81 -5.23 30.48
C ILE A 329 25.31 -6.27 31.48
N THR A 330 25.01 -7.53 31.21
CA THR A 330 25.37 -8.60 32.14
C THR A 330 25.67 -9.83 31.29
N ASN A 331 26.09 -10.90 31.96
CA ASN A 331 26.43 -12.18 31.34
C ASN A 331 27.47 -12.04 30.22
N LEU A 332 28.42 -11.11 30.41
CA LEU A 332 29.43 -10.79 29.36
C LEU A 332 30.10 -12.02 28.73
N CYS A 333 30.71 -11.84 27.57
CA CYS A 333 31.35 -12.95 26.81
C CYS A 333 32.52 -13.52 27.59
N PRO A 334 32.82 -14.83 27.44
CA PRO A 334 33.96 -15.45 28.12
C PRO A 334 35.30 -15.19 27.43
N PHE A 335 35.72 -13.93 27.32
CA PHE A 335 37.09 -13.62 26.83
C PHE A 335 37.90 -13.60 28.13
N ASP A 336 39.20 -13.34 28.09
CA ASP A 336 40.03 -13.48 29.32
C ASP A 336 40.25 -14.97 29.54
N GLU A 337 40.07 -15.76 28.49
CA GLU A 337 40.38 -17.21 28.54
C GLU A 337 41.52 -17.30 27.56
N VAL A 338 41.35 -16.66 26.40
CA VAL A 338 42.47 -16.58 25.43
C VAL A 338 43.38 -15.40 25.83
N PHE A 339 42.94 -14.18 25.62
CA PHE A 339 43.72 -12.99 25.95
C PHE A 339 44.07 -12.97 27.44
N ASN A 340 45.22 -12.39 27.75
CA ASN A 340 45.74 -12.27 29.13
C ASN A 340 45.73 -13.61 29.86
N ALA A 341 46.33 -14.62 29.22
CA ALA A 341 46.30 -15.97 29.75
C ALA A 341 47.47 -16.75 29.17
N THR A 342 47.70 -17.94 29.73
CA THR A 342 48.74 -18.80 29.21
C THR A 342 48.29 -19.51 27.94
N ARG A 343 49.27 -20.02 27.21
CA ARG A 343 49.04 -20.59 25.90
C ARG A 343 49.64 -22.00 25.87
N PHE A 344 49.20 -22.78 24.89
CA PHE A 344 49.73 -24.10 24.60
C PHE A 344 50.30 -24.13 23.18
N ALA A 345 51.19 -25.09 22.95
CA ALA A 345 51.85 -25.26 21.65
C ALA A 345 50.85 -25.79 20.63
N SER A 346 49.93 -24.91 20.23
CA SER A 346 48.79 -25.25 19.40
C SER A 346 49.03 -24.98 17.93
N VAL A 347 50.30 -24.79 17.54
CA VAL A 347 50.63 -24.56 16.13
C VAL A 347 50.18 -25.73 15.26
N TYR A 348 50.35 -26.95 15.76
CA TYR A 348 49.86 -28.10 15.02
C TYR A 348 48.40 -28.43 15.36
N ALA A 349 47.97 -28.19 16.60
CA ALA A 349 46.62 -28.52 17.04
C ALA A 349 46.03 -27.29 17.72
N TRP A 350 45.47 -26.39 16.92
CA TRP A 350 44.86 -25.17 17.43
C TRP A 350 43.71 -25.46 18.39
N ASN A 351 43.74 -24.80 19.55
CA ASN A 351 42.67 -24.96 20.54
C ASN A 351 41.44 -24.17 20.11
N ARG A 352 40.27 -24.82 20.15
CA ARG A 352 39.01 -24.20 19.73
C ARG A 352 38.12 -23.97 20.94
N LYS A 353 37.61 -22.75 21.06
CA LYS A 353 36.73 -22.36 22.15
C LYS A 353 35.36 -22.01 21.56
N ARG A 354 34.33 -22.73 22.01
CA ARG A 354 32.96 -22.47 21.55
C ARG A 354 32.31 -21.47 22.51
N ILE A 355 31.83 -20.35 21.97
CA ILE A 355 31.22 -19.28 22.75
C ILE A 355 29.76 -19.14 22.34
N SER A 356 28.86 -19.11 23.32
CA SER A 356 27.43 -19.02 23.04
C SER A 356 26.72 -18.40 24.24
N ASN A 357 25.54 -17.80 23.97
CA ASN A 357 24.63 -17.32 25.01
C ASN A 357 25.33 -16.34 25.97
N CYS A 358 25.75 -15.22 25.41
CA CYS A 358 26.50 -14.23 26.15
C CYS A 358 26.35 -12.89 25.46
N VAL A 359 26.77 -11.84 26.16
CA VAL A 359 26.80 -10.48 25.59
C VAL A 359 28.26 -10.16 25.30
N ALA A 360 28.56 -9.91 24.03
CA ALA A 360 29.93 -9.73 23.58
C ALA A 360 30.26 -8.25 23.45
N ASP A 361 31.43 -7.89 23.96
CA ASP A 361 31.98 -6.55 23.86
C ASP A 361 33.37 -6.66 23.25
N TYR A 362 33.64 -5.82 22.25
CA TYR A 362 34.95 -5.79 21.62
C TYR A 362 35.76 -4.55 21.96
N SER A 363 35.15 -3.55 22.60
CA SER A 363 35.86 -2.31 22.92
C SER A 363 36.96 -2.51 23.96
N VAL A 364 36.96 -3.65 24.67
CA VAL A 364 37.98 -3.91 25.68
C VAL A 364 39.22 -4.56 25.08
N LEU A 365 39.13 -5.05 23.84
CA LEU A 365 40.22 -5.73 23.17
C LEU A 365 41.23 -4.78 22.55
N TYR A 366 41.11 -3.48 22.80
CA TYR A 366 41.97 -2.47 22.19
C TYR A 366 43.14 -2.09 23.10
N ASN A 367 43.29 -2.77 24.24
CA ASN A 367 44.40 -2.52 25.15
C ASN A 367 45.35 -3.72 25.25
N LEU A 368 45.36 -4.58 24.23
CA LEU A 368 46.24 -5.74 24.24
C LEU A 368 47.70 -5.33 24.32
N ALA A 369 48.11 -4.39 23.48
CA ALA A 369 49.51 -4.00 23.42
C ALA A 369 49.63 -2.58 22.88
N PRO A 370 50.82 -1.95 22.97
CA PRO A 370 50.97 -0.64 22.34
C PRO A 370 50.61 -0.62 20.87
N PHE A 371 50.99 -1.65 20.12
CA PHE A 371 50.58 -1.77 18.72
C PHE A 371 50.32 -3.24 18.39
N PHE A 372 49.19 -3.51 17.73
CA PHE A 372 48.85 -4.85 17.28
C PHE A 372 47.91 -4.77 16.07
N THR A 373 47.88 -5.85 15.31
CA THR A 373 47.03 -5.93 14.12
C THR A 373 45.62 -6.41 14.49
N PHE A 374 44.60 -5.76 13.94
CA PHE A 374 43.21 -6.15 14.15
C PHE A 374 42.58 -6.43 12.78
N LYS A 375 43.30 -7.18 11.96
CA LYS A 375 42.86 -7.50 10.61
C LYS A 375 41.54 -8.26 10.62
N CYS A 376 40.61 -7.87 9.74
CA CYS A 376 39.32 -8.52 9.63
C CYS A 376 39.02 -8.84 8.18
N TYR A 377 38.50 -10.05 7.94
CA TYR A 377 38.10 -10.50 6.61
C TYR A 377 36.63 -10.92 6.64
N GLY A 378 35.83 -10.32 5.77
CA GLY A 378 34.43 -10.62 5.64
C GLY A 378 33.48 -9.74 6.44
N VAL A 379 33.97 -9.12 7.50
CA VAL A 379 33.18 -8.20 8.31
C VAL A 379 34.01 -6.95 8.54
N SER A 380 33.39 -5.79 8.34
CA SER A 380 34.08 -4.54 8.56
C SER A 380 34.45 -4.41 10.04
N PRO A 381 35.55 -3.73 10.35
CA PRO A 381 35.92 -3.58 11.77
C PRO A 381 34.84 -2.91 12.60
N THR A 382 34.14 -1.93 12.04
CA THR A 382 33.03 -1.31 12.72
C THR A 382 31.78 -2.17 12.59
N LYS A 383 30.70 -1.74 13.23
CA LYS A 383 29.40 -2.41 13.23
C LYS A 383 29.44 -3.82 13.81
N LEU A 384 30.60 -4.26 14.32
CA LEU A 384 30.68 -5.60 14.89
C LEU A 384 29.74 -5.74 16.07
N ASN A 385 29.64 -4.70 16.91
CA ASN A 385 28.74 -4.73 18.05
C ASN A 385 27.29 -4.84 17.60
N ASP A 386 26.92 -4.11 16.54
CA ASP A 386 25.55 -4.06 16.06
C ASP A 386 25.26 -5.23 15.13
N LEU A 387 25.59 -6.43 15.58
CA LEU A 387 25.35 -7.66 14.84
C LEU A 387 25.02 -8.77 15.84
N CYS A 388 24.34 -9.80 15.35
CA CYS A 388 23.98 -10.95 16.18
C CYS A 388 24.41 -12.22 15.46
N PHE A 389 25.11 -13.10 16.19
CA PHE A 389 25.55 -14.37 15.66
C PHE A 389 25.15 -15.50 16.61
N THR A 390 24.92 -16.68 16.04
CA THR A 390 24.59 -17.83 16.87
C THR A 390 25.80 -18.26 17.70
N ASN A 391 26.97 -18.36 17.07
CA ASN A 391 28.16 -18.90 17.73
C ASN A 391 29.38 -18.08 17.40
N VAL A 392 30.34 -18.07 18.33
CA VAL A 392 31.64 -17.44 18.10
C VAL A 392 32.72 -18.43 18.52
N TYR A 393 33.68 -18.65 17.64
CA TYR A 393 34.74 -19.64 17.83
C TYR A 393 36.07 -18.91 17.97
N ALA A 394 36.75 -19.12 19.10
CA ALA A 394 38.02 -18.48 19.41
C ALA A 394 39.14 -19.51 19.38
N ASP A 395 40.15 -19.25 18.56
CA ASP A 395 41.30 -20.13 18.41
C ASP A 395 42.58 -19.39 18.80
N SER A 396 43.38 -20.00 19.66
CA SER A 396 44.63 -19.42 20.15
C SER A 396 45.82 -20.30 19.79
N PHE A 397 46.90 -19.66 19.30
CA PHE A 397 48.14 -20.34 18.96
C PHE A 397 49.26 -19.31 18.94
N VAL A 398 50.50 -19.80 18.81
CA VAL A 398 51.69 -18.94 18.77
C VAL A 398 52.44 -19.23 17.48
N ILE A 399 52.52 -18.23 16.61
CA ILE A 399 53.18 -18.32 15.30
C ILE A 399 54.38 -17.38 15.31
N ARG A 400 55.40 -17.74 14.55
CA ARG A 400 56.55 -16.89 14.33
C ARG A 400 56.19 -15.72 13.42
N GLY A 401 56.93 -14.61 13.56
CA GLY A 401 56.57 -13.39 12.87
C GLY A 401 56.71 -13.44 11.36
N ASP A 402 57.53 -14.34 10.82
CA ASP A 402 57.72 -14.38 9.37
C ASP A 402 56.42 -14.75 8.65
N GLU A 403 55.75 -15.81 9.11
CA GLU A 403 54.61 -16.39 8.39
C GLU A 403 53.27 -15.93 8.95
N VAL A 404 53.23 -14.80 9.65
CA VAL A 404 51.94 -14.27 10.11
C VAL A 404 51.05 -13.91 8.93
N ARG A 405 51.64 -13.62 7.78
CA ARG A 405 50.85 -13.27 6.60
C ARG A 405 50.07 -14.45 6.03
N GLN A 406 50.51 -15.69 6.30
CA GLN A 406 49.84 -16.87 5.73
C GLN A 406 48.50 -17.15 6.39
N ILE A 407 48.22 -16.57 7.55
CA ILE A 407 46.91 -16.74 8.21
C ILE A 407 46.01 -15.66 7.64
N ALA A 408 45.37 -15.99 6.50
CA ALA A 408 44.46 -15.12 5.77
C ALA A 408 43.69 -15.93 4.73
N PRO A 409 42.49 -15.51 4.34
CA PRO A 409 41.82 -16.17 3.21
C PRO A 409 42.62 -16.04 1.92
N GLY A 410 42.60 -17.10 1.12
CA GLY A 410 43.29 -17.10 -0.15
C GLY A 410 44.80 -17.05 -0.03
N GLN A 411 45.35 -17.87 0.85
CA GLN A 411 46.79 -18.00 1.00
C GLN A 411 47.21 -19.45 0.82
N THR A 412 48.52 -19.65 0.65
CA THR A 412 49.07 -21.00 0.60
C THR A 412 50.51 -20.99 1.10
N GLY A 413 51.00 -22.17 1.45
CA GLY A 413 52.36 -22.33 1.91
C GLY A 413 52.45 -23.38 2.99
N ASN A 414 53.55 -23.33 3.73
CA ASN A 414 53.79 -24.31 4.78
C ASN A 414 52.88 -24.13 5.99
N ILE A 415 52.10 -23.04 6.05
CA ILE A 415 51.16 -22.81 7.14
C ILE A 415 49.70 -23.06 6.73
N ALA A 416 49.34 -22.85 5.46
CA ALA A 416 47.98 -23.12 5.04
C ALA A 416 47.80 -24.57 4.60
N ASP A 417 48.68 -25.05 3.72
CA ASP A 417 48.53 -26.41 3.22
C ASP A 417 48.86 -27.44 4.30
N TYR A 418 49.88 -27.17 5.13
CA TYR A 418 50.42 -28.15 6.04
C TYR A 418 50.09 -27.85 7.50
N ASN A 419 49.27 -26.85 7.78
CA ASN A 419 48.94 -26.46 9.15
C ASN A 419 47.52 -25.89 9.15
N TYR A 420 47.17 -25.19 10.23
CA TYR A 420 45.84 -24.58 10.36
C TYR A 420 45.52 -23.71 9.16
N LYS A 421 44.43 -24.05 8.47
CA LYS A 421 44.05 -23.43 7.21
C LYS A 421 42.70 -22.73 7.36
N LEU A 422 42.65 -21.45 6.97
CA LEU A 422 41.40 -20.69 6.96
C LEU A 422 40.72 -20.85 5.61
N PRO A 423 39.43 -21.19 5.59
CA PRO A 423 38.72 -21.30 4.30
C PRO A 423 38.65 -19.95 3.61
N ASP A 424 38.51 -20.00 2.28
CA ASP A 424 38.43 -18.77 1.50
C ASP A 424 37.24 -17.91 1.94
N ASP A 425 36.10 -18.54 2.19
CA ASP A 425 34.91 -17.85 2.69
C ASP A 425 35.02 -17.78 4.21
N PHE A 426 35.75 -16.78 4.67
CA PHE A 426 36.03 -16.58 6.09
C PHE A 426 35.23 -15.39 6.60
N THR A 427 34.53 -15.59 7.70
CA THR A 427 33.73 -14.54 8.33
C THR A 427 34.21 -14.38 9.77
N GLY A 428 35.00 -13.35 10.00
CA GLY A 428 35.52 -13.09 11.34
C GLY A 428 36.71 -12.14 11.29
N CYS A 429 37.54 -12.23 12.31
CA CYS A 429 38.72 -11.39 12.44
C CYS A 429 39.86 -12.19 13.04
N VAL A 430 41.08 -11.71 12.79
CA VAL A 430 42.32 -12.33 13.28
C VAL A 430 43.10 -11.30 14.06
N ILE A 431 43.51 -11.67 15.27
CA ILE A 431 44.22 -10.77 16.17
C ILE A 431 45.56 -11.41 16.50
N ALA A 432 46.64 -10.72 16.15
CA ALA A 432 48.00 -11.17 16.43
C ALA A 432 48.80 -10.02 17.01
N TRP A 433 49.52 -10.28 18.10
CA TRP A 433 50.26 -9.24 18.80
C TRP A 433 51.58 -9.81 19.33
N ASN A 434 52.56 -8.92 19.50
CA ASN A 434 53.89 -9.33 19.97
C ASN A 434 53.84 -9.76 21.42
N SER A 435 54.45 -10.90 21.71
CA SER A 435 54.55 -11.43 23.07
C SER A 435 55.96 -11.96 23.33
N ASN A 436 56.97 -11.25 22.83
CA ASN A 436 58.35 -11.68 23.01
C ASN A 436 58.77 -11.60 24.47
N LYS A 437 58.33 -10.55 25.17
CA LYS A 437 58.78 -10.27 26.53
C LYS A 437 58.31 -11.30 27.55
N LEU A 438 57.38 -12.19 27.16
CA LEU A 438 56.83 -13.19 28.07
C LEU A 438 56.91 -14.61 27.55
N ASP A 439 56.93 -14.82 26.23
CA ASP A 439 56.93 -16.16 25.67
C ASP A 439 58.31 -16.61 25.18
N SER A 440 59.36 -15.88 25.53
CA SER A 440 60.70 -16.20 25.09
C SER A 440 61.56 -16.58 26.28
N LYS A 441 62.36 -17.62 26.12
CA LYS A 441 63.26 -18.10 27.15
C LYS A 441 64.70 -17.89 26.70
N VAL A 442 65.56 -17.49 27.64
CA VAL A 442 66.94 -17.16 27.29
C VAL A 442 67.67 -18.41 26.81
N SER A 443 67.49 -19.53 27.51
CA SER A 443 68.11 -20.77 27.05
C SER A 443 67.35 -21.41 25.89
N GLY A 444 66.09 -21.06 25.70
CA GLY A 444 65.29 -21.60 24.61
C GLY A 444 63.94 -22.05 25.10
N ASN A 445 62.93 -21.88 24.26
CA ASN A 445 61.58 -22.37 24.51
C ASN A 445 61.31 -23.46 23.46
N TYR A 446 61.64 -24.69 23.83
CA TYR A 446 61.45 -25.83 22.94
C TYR A 446 60.07 -26.45 23.05
N ASN A 447 59.20 -25.92 23.92
CA ASN A 447 57.86 -26.49 24.04
C ASN A 447 57.07 -26.31 22.74
N TYR A 448 57.16 -25.14 22.11
CA TYR A 448 56.36 -24.87 20.93
C TYR A 448 56.88 -25.66 19.74
N LEU A 449 55.97 -26.36 19.06
CA LEU A 449 56.34 -27.34 18.05
C LEU A 449 55.40 -27.19 16.86
N TYR A 450 55.95 -27.25 15.65
CA TYR A 450 55.14 -27.10 14.45
C TYR A 450 55.49 -28.16 13.42
N ARG A 451 54.48 -28.60 12.68
CA ARG A 451 54.67 -29.63 11.69
C ARG A 451 55.40 -29.07 10.47
N LEU A 452 56.23 -29.92 9.86
CA LEU A 452 56.94 -29.57 8.64
C LEU A 452 56.62 -30.48 7.47
N PHE A 453 56.35 -31.77 7.71
CA PHE A 453 56.14 -32.73 6.64
C PHE A 453 54.87 -33.54 6.90
N ARG A 454 54.07 -33.74 5.85
CA ARG A 454 52.88 -34.59 5.93
C ARG A 454 52.54 -35.09 4.53
N LYS A 455 51.54 -35.97 4.47
CA LYS A 455 51.21 -36.65 3.22
C LYS A 455 50.69 -35.69 2.17
N SER A 456 49.71 -34.86 2.52
CA SER A 456 49.05 -34.02 1.53
C SER A 456 48.45 -32.80 2.20
N ASN A 457 47.73 -32.01 1.42
CA ASN A 457 47.16 -30.77 1.93
C ASN A 457 46.02 -31.06 2.91
N LEU A 458 45.85 -30.14 3.86
CA LEU A 458 44.84 -30.29 4.91
C LEU A 458 43.50 -29.69 4.50
N LYS A 459 42.42 -30.37 4.88
CA LYS A 459 41.10 -29.78 4.75
C LYS A 459 40.96 -28.66 5.77
N PRO A 460 40.33 -27.54 5.40
CA PRO A 460 40.17 -26.44 6.35
C PRO A 460 39.48 -26.87 7.64
N PHE A 461 39.97 -26.32 8.76
CA PHE A 461 39.48 -26.66 10.10
C PHE A 461 39.63 -28.16 10.36
N GLU A 462 40.88 -28.61 10.31
CA GLU A 462 41.23 -29.99 10.64
C GLU A 462 42.53 -29.98 11.44
N ARG A 463 42.69 -30.98 12.29
CA ARG A 463 43.85 -31.10 13.15
C ARG A 463 44.68 -32.31 12.75
N ASP A 464 46.00 -32.21 12.95
CA ASP A 464 46.93 -33.30 12.63
C ASP A 464 47.79 -33.61 13.84
N ILE A 465 47.25 -34.44 14.74
CA ILE A 465 47.97 -34.85 15.93
C ILE A 465 48.45 -36.30 15.82
N SER A 466 48.35 -36.91 14.64
CA SER A 466 48.75 -38.30 14.48
C SER A 466 50.25 -38.45 14.68
N THR A 467 50.64 -39.39 15.54
CA THR A 467 52.05 -39.68 15.78
C THR A 467 52.51 -40.72 14.77
N GLU A 468 53.10 -40.25 13.66
CA GLU A 468 53.60 -41.14 12.62
C GLU A 468 54.82 -40.52 11.95
N ILE A 469 55.84 -41.33 11.73
CA ILE A 469 57.08 -40.86 11.12
C ILE A 469 56.95 -40.93 9.60
N TYR A 470 57.30 -39.83 8.95
CA TYR A 470 57.21 -39.76 7.50
C TYR A 470 58.17 -40.77 6.88
N GLN A 471 57.82 -41.22 5.68
CA GLN A 471 58.57 -42.26 4.99
C GLN A 471 58.60 -41.98 3.50
N ALA A 472 59.70 -42.39 2.87
CA ALA A 472 59.87 -42.32 1.43
C ALA A 472 60.27 -43.70 0.93
N GLY A 473 59.37 -44.37 0.22
CA GLY A 473 59.63 -45.67 -0.35
C GLY A 473 59.21 -46.86 0.50
N ASN A 474 58.87 -46.64 1.78
CA ASN A 474 58.44 -47.66 2.74
C ASN A 474 59.55 -48.62 3.13
N LYS A 475 60.79 -48.46 2.62
CA LYS A 475 61.86 -49.36 3.03
C LYS A 475 62.25 -49.17 4.50
N PRO A 476 62.54 -47.95 4.98
CA PRO A 476 62.87 -47.78 6.39
C PRO A 476 61.68 -48.05 7.31
N CYS A 477 61.95 -48.76 8.41
CA CYS A 477 60.93 -49.07 9.40
C CYS A 477 61.05 -48.14 10.61
N ASN A 478 60.07 -48.25 11.51
CA ASN A 478 60.08 -47.39 12.68
C ASN A 478 61.22 -47.79 13.61
N GLY A 479 61.79 -46.79 14.27
CA GLY A 479 62.89 -46.99 15.19
C GLY A 479 64.27 -46.80 14.57
N VAL A 480 64.42 -47.16 13.30
CA VAL A 480 65.65 -46.96 12.54
C VAL A 480 65.33 -45.95 11.43
N ALA A 481 65.83 -44.73 11.56
CA ALA A 481 65.61 -43.67 10.59
C ALA A 481 66.97 -43.13 10.17
N GLY A 482 67.53 -43.74 9.13
CA GLY A 482 68.82 -43.31 8.63
C GLY A 482 68.76 -42.73 7.23
N PHE A 483 67.76 -43.16 6.47
CA PHE A 483 67.60 -42.72 5.09
C PHE A 483 66.13 -42.37 4.86
N ASN A 484 65.89 -41.13 4.45
CA ASN A 484 64.60 -40.63 3.96
C ASN A 484 63.54 -40.50 5.05
N CYS A 485 63.82 -41.00 6.25
CA CYS A 485 62.88 -40.91 7.37
C CYS A 485 63.30 -39.78 8.29
N TYR A 486 62.39 -38.85 8.57
CA TYR A 486 62.70 -37.74 9.46
C TYR A 486 61.50 -37.54 10.38
N PHE A 487 61.63 -36.60 11.32
CA PHE A 487 60.56 -36.33 12.29
C PHE A 487 60.02 -34.94 12.01
N PRO A 488 58.85 -34.84 11.39
CA PRO A 488 58.42 -33.53 10.83
C PRO A 488 58.17 -32.44 11.85
N LEU A 489 58.03 -32.76 13.13
CA LEU A 489 57.79 -31.74 14.15
C LEU A 489 59.13 -31.18 14.61
N ARG A 490 59.40 -29.92 14.28
CA ARG A 490 60.60 -29.23 14.72
C ARG A 490 60.25 -28.10 15.67
N SER A 491 61.20 -27.71 16.50
CA SER A 491 60.96 -26.71 17.53
C SER A 491 61.16 -25.30 17.01
N TYR A 492 60.28 -24.39 17.43
CA TYR A 492 60.45 -22.98 17.10
C TYR A 492 61.70 -22.42 17.77
N SER A 493 61.92 -22.78 19.04
CA SER A 493 63.10 -22.38 19.80
C SER A 493 63.18 -20.86 19.94
N PHE A 494 62.18 -20.29 20.60
CA PHE A 494 62.15 -18.84 20.79
C PHE A 494 63.19 -18.40 21.82
N ARG A 495 63.82 -17.27 21.52
CA ARG A 495 64.81 -16.66 22.38
C ARG A 495 64.64 -15.15 22.37
N PRO A 496 64.96 -14.48 23.47
CA PRO A 496 64.83 -13.01 23.50
C PRO A 496 65.76 -12.28 22.56
N THR A 497 66.87 -12.88 22.13
CA THR A 497 67.86 -12.20 21.31
C THR A 497 67.57 -12.32 19.82
N TYR A 498 66.40 -12.84 19.44
CA TYR A 498 66.09 -13.04 18.03
C TYR A 498 65.61 -11.74 17.39
N GLY A 499 65.31 -11.83 16.09
CA GLY A 499 64.83 -10.68 15.35
C GLY A 499 63.36 -10.44 15.56
N VAL A 500 62.88 -9.31 15.02
CA VAL A 500 61.49 -8.94 15.19
C VAL A 500 60.58 -10.00 14.58
N GLY A 501 60.97 -10.52 13.42
CA GLY A 501 60.21 -11.59 12.79
C GLY A 501 60.44 -12.96 13.40
N HIS A 502 61.39 -13.09 14.31
CA HIS A 502 61.72 -14.37 14.91
C HIS A 502 61.31 -14.41 16.38
N GLN A 503 60.49 -13.46 16.80
CA GLN A 503 59.88 -13.41 18.12
C GLN A 503 58.50 -14.01 18.06
N PRO A 504 58.00 -14.58 19.16
CA PRO A 504 56.68 -15.22 19.12
C PRO A 504 55.54 -14.21 19.16
N TYR A 505 54.57 -14.42 18.26
CA TYR A 505 53.47 -13.49 18.05
C TYR A 505 52.18 -14.31 18.19
N ARG A 506 51.57 -14.28 19.36
CA ARG A 506 50.35 -15.04 19.60
C ARG A 506 49.23 -14.53 18.71
N VAL A 507 48.40 -15.47 18.25
CA VAL A 507 47.33 -15.16 17.31
C VAL A 507 46.03 -15.65 17.89
N VAL A 508 44.99 -14.83 17.77
CA VAL A 508 43.63 -15.21 18.13
C VAL A 508 42.74 -14.98 16.92
N VAL A 509 42.05 -16.02 16.49
CA VAL A 509 41.19 -16.01 15.31
C VAL A 509 39.75 -16.16 15.77
N LEU A 510 38.88 -15.28 15.29
CA LEU A 510 37.44 -15.36 15.54
C LEU A 510 36.74 -15.67 14.22
N SER A 511 35.81 -16.62 14.26
CA SER A 511 34.97 -16.95 13.12
C SER A 511 33.52 -16.85 13.55
N PHE A 512 32.69 -16.21 12.73
CA PHE A 512 31.29 -15.99 13.06
C PHE A 512 30.39 -16.92 12.25
N GLU A 513 29.44 -17.56 12.92
CA GLU A 513 28.49 -18.46 12.28
C GLU A 513 27.06 -18.03 12.58
N LEU A 514 26.25 -17.94 11.55
CA LEU A 514 24.82 -17.66 11.64
C LEU A 514 24.05 -18.88 11.14
N LEU A 515 23.13 -19.38 11.96
CA LEU A 515 22.45 -20.63 11.66
C LEU A 515 20.97 -20.44 11.95
N HIS A 516 20.23 -21.55 12.00
CA HIS A 516 18.81 -21.55 12.34
C HIS A 516 18.63 -21.60 13.87
N ALA A 517 19.24 -20.62 14.53
CA ALA A 517 19.17 -20.42 15.96
C ALA A 517 18.83 -18.97 16.24
N PRO A 518 18.13 -18.69 17.35
CA PRO A 518 17.56 -17.36 17.59
C PRO A 518 18.57 -16.28 17.99
N ALA A 519 19.73 -16.28 17.33
CA ALA A 519 20.76 -15.24 17.50
C ALA A 519 21.09 -14.98 18.97
N THR A 520 21.61 -16.01 19.64
CA THR A 520 21.80 -16.01 21.09
C THR A 520 22.99 -15.16 21.54
N VAL A 521 23.83 -14.67 20.63
CA VAL A 521 24.98 -13.84 20.97
C VAL A 521 24.85 -12.52 20.21
N CYS A 522 24.94 -11.41 20.94
CA CYS A 522 24.80 -10.08 20.35
C CYS A 522 25.67 -9.11 21.12
N GLY A 523 25.90 -7.95 20.51
CA GLY A 523 26.66 -6.91 21.16
C GLY A 523 25.83 -6.07 22.11
N LYS A 525 24.39 -2.99 23.65
CA LYS A 525 23.23 -2.13 23.40
C LYS A 525 23.22 -0.94 24.37
N LYS A 526 23.50 0.25 23.86
CA LYS A 526 23.55 1.43 24.69
C LYS A 526 22.16 1.96 24.99
N SER A 527 21.94 2.36 26.24
CA SER A 527 20.67 2.91 26.69
C SER A 527 20.90 4.26 27.36
N THR A 528 20.21 5.29 26.87
CA THR A 528 20.29 6.64 27.41
C THR A 528 19.35 6.78 28.61
N ASN A 529 19.67 7.74 29.47
CA ASN A 529 18.85 7.97 30.66
C ASN A 529 17.46 8.46 30.26
N LEU A 530 16.47 8.13 31.09
CA LEU A 530 15.09 8.43 30.78
C LEU A 530 14.68 9.80 31.31
N VAL A 531 13.74 10.43 30.62
CA VAL A 531 13.21 11.74 30.99
C VAL A 531 11.68 11.66 31.04
N LYS A 532 11.09 12.37 31.99
CA LYS A 532 9.65 12.28 32.24
C LYS A 532 8.99 13.63 32.03
N ASN A 533 7.67 13.58 31.83
CA ASN A 533 6.82 14.77 31.69
C ASN A 533 7.24 15.64 30.52
N LYS A 534 7.65 15.01 29.42
CA LYS A 534 7.98 15.73 28.21
C LYS A 534 7.62 14.87 27.01
N CYS A 535 7.00 15.49 26.01
CA CYS A 535 6.68 14.82 24.76
C CYS A 535 7.97 14.47 24.02
N VAL A 536 8.37 13.19 24.09
CA VAL A 536 9.63 12.73 23.52
C VAL A 536 9.42 11.43 22.75
N ASN A 537 10.43 11.07 21.97
CA ASN A 537 10.48 9.74 21.36
C ASN A 537 11.14 8.76 22.31
N PHE A 538 10.55 7.58 22.44
CA PHE A 538 11.07 6.55 23.32
C PHE A 538 11.16 5.22 22.57
N ASN A 539 12.04 4.36 23.08
CA ASN A 539 12.26 3.01 22.55
C ASN A 539 12.62 2.11 23.73
N PHE A 540 11.62 1.41 24.27
CA PHE A 540 11.80 0.56 25.44
C PHE A 540 11.98 -0.89 24.96
N ASN A 541 13.23 -1.33 24.86
CA ASN A 541 13.56 -2.73 24.59
C ASN A 541 12.91 -3.24 23.31
N GLY A 542 12.95 -2.41 22.27
CA GLY A 542 12.38 -2.75 20.97
C GLY A 542 10.98 -2.24 20.72
N LEU A 543 10.34 -1.63 21.72
CA LEU A 543 8.98 -1.12 21.62
C LEU A 543 9.05 0.37 21.36
N LYS A 544 8.74 0.78 20.14
CA LYS A 544 8.88 2.16 19.72
C LYS A 544 7.56 2.90 19.80
N GLY A 545 7.63 4.18 20.16
CA GLY A 545 6.44 4.99 20.27
C GLY A 545 6.80 6.40 20.70
N THR A 546 5.78 7.24 20.78
CA THR A 546 5.92 8.63 21.19
C THR A 546 4.84 8.98 22.19
N GLY A 547 5.15 9.95 23.06
CA GLY A 547 4.20 10.36 24.08
C GLY A 547 4.92 10.94 25.28
N VAL A 548 4.21 10.94 26.41
CA VAL A 548 4.68 11.54 27.66
C VAL A 548 4.73 10.46 28.72
N LEU A 549 5.85 10.36 29.43
CA LEU A 549 6.06 9.33 30.45
C LEU A 549 5.90 9.94 31.84
N THR A 550 4.98 9.35 32.64
CA THR A 550 4.73 9.78 34.00
C THR A 550 4.71 8.57 34.93
N GLU A 551 4.31 8.81 36.18
CA GLU A 551 4.15 7.76 37.17
C GLU A 551 2.74 7.17 37.13
N SER A 552 2.64 5.91 37.52
CA SER A 552 1.37 5.20 37.49
C SER A 552 1.12 4.49 38.81
N ASN A 553 -0.15 4.27 39.09
CA ASN A 553 -0.57 3.51 40.25
C ASN A 553 -0.87 2.05 39.93
N LYS A 554 -0.56 1.60 38.71
CA LYS A 554 -0.87 0.23 38.34
C LYS A 554 0.03 -0.76 39.08
N LYS A 555 -0.42 -2.01 39.13
CA LYS A 555 0.29 -3.10 39.82
C LYS A 555 0.47 -4.26 38.84
N PHE A 556 1.55 -4.21 38.07
CA PHE A 556 1.86 -5.29 37.15
C PHE A 556 2.23 -6.57 37.88
N LEU A 557 1.89 -7.70 37.27
CA LEU A 557 2.46 -8.96 37.72
C LEU A 557 3.94 -8.99 37.39
N PRO A 558 4.74 -9.75 38.16
CA PRO A 558 6.20 -9.70 37.98
C PRO A 558 6.68 -10.08 36.59
N PHE A 559 5.94 -10.93 35.86
CA PHE A 559 6.35 -11.31 34.52
C PHE A 559 5.79 -10.41 33.43
N GLN A 560 4.89 -9.49 33.77
CA GLN A 560 4.26 -8.64 32.76
C GLN A 560 5.13 -7.41 32.52
N GLN A 561 5.34 -7.10 31.23
CA GLN A 561 6.22 -6.00 30.84
C GLN A 561 5.44 -4.72 30.57
N PHE A 562 4.50 -4.74 29.63
CA PHE A 562 3.73 -3.57 29.26
C PHE A 562 2.26 -3.92 29.22
N GLY A 563 1.43 -2.88 29.10
CA GLY A 563 -0.01 -3.03 29.15
C GLY A 563 -0.69 -2.33 27.99
N ARG A 564 -2.00 -2.58 27.89
CA ARG A 564 -2.82 -2.06 26.81
C ARG A 564 -4.13 -1.54 27.40
N ASP A 565 -4.76 -0.61 26.70
CA ASP A 565 -6.07 -0.12 27.10
C ASP A 565 -7.15 -0.96 26.41
N ILE A 566 -8.41 -0.52 26.51
CA ILE A 566 -9.52 -1.24 25.92
C ILE A 566 -9.48 -1.18 24.40
N ALA A 567 -8.92 -0.11 23.83
CA ALA A 567 -8.78 0.03 22.39
C ALA A 567 -7.46 -0.53 21.87
N ASP A 568 -6.72 -1.26 22.71
CA ASP A 568 -5.50 -1.97 22.32
C ASP A 568 -4.39 -1.01 21.87
N THR A 569 -4.11 0.01 22.69
CA THR A 569 -2.98 0.89 22.47
C THR A 569 -2.08 0.80 23.69
N THR A 570 -0.77 0.72 23.45
CA THR A 570 0.16 0.59 24.56
C THR A 570 0.10 1.83 25.45
N ASP A 571 -0.44 1.66 26.65
CA ASP A 571 -0.58 2.76 27.60
C ASP A 571 0.20 2.51 28.88
N ALA A 572 1.17 1.60 28.85
CA ALA A 572 2.06 1.37 29.97
C ALA A 572 3.33 0.68 29.47
N VAL A 573 4.39 0.78 30.27
CA VAL A 573 5.64 0.10 29.95
C VAL A 573 6.45 0.02 31.23
N ARG A 574 7.32 -0.98 31.31
CA ARG A 574 8.18 -1.16 32.47
C ARG A 574 9.63 -0.94 32.05
N ASP A 575 10.32 -0.07 32.79
CA ASP A 575 11.69 0.28 32.41
C ASP A 575 12.60 -0.90 32.69
N PRO A 576 13.42 -1.32 31.71
CA PRO A 576 14.31 -2.47 31.93
C PRO A 576 15.29 -2.30 33.08
N GLN A 577 15.77 -1.09 33.35
CA GLN A 577 16.78 -0.89 34.38
C GLN A 577 16.15 -0.76 35.77
N THR A 578 15.26 0.19 35.94
CA THR A 578 14.50 0.36 37.17
C THR A 578 13.10 -0.20 36.92
N LEU A 579 12.66 -1.11 37.79
CA LEU A 579 11.45 -1.89 37.53
C LEU A 579 10.24 -1.20 38.16
N GLU A 580 9.90 -0.03 37.62
CA GLU A 580 8.69 0.68 38.00
C GLU A 580 7.69 0.64 36.84
N ILE A 581 6.47 1.09 37.13
CA ILE A 581 5.39 1.12 36.15
C ILE A 581 5.23 2.56 35.68
N LEU A 582 5.44 2.78 34.39
CA LEU A 582 5.33 4.10 33.77
C LEU A 582 4.00 4.21 33.00
N ASP A 583 3.54 5.44 32.83
CA ASP A 583 2.30 5.70 32.13
C ASP A 583 2.57 6.52 30.87
N ILE A 584 2.09 6.03 29.73
CA ILE A 584 2.30 6.65 28.43
C ILE A 584 1.06 7.43 28.04
N THR A 585 1.23 8.71 27.72
CA THR A 585 0.15 9.59 27.30
C THR A 585 0.58 10.27 26.00
N PRO A 586 -0.23 10.21 24.95
CA PRO A 586 0.17 10.88 23.70
C PRO A 586 0.27 12.39 23.88
N CYS A 587 1.13 12.98 23.05
CA CYS A 587 1.27 14.43 23.04
C CYS A 587 -0.02 15.08 22.58
N SER A 588 -0.29 16.26 23.13
CA SER A 588 -1.58 16.91 22.97
C SER A 588 -1.86 17.23 21.51
N PHE A 589 -3.12 17.04 21.11
CA PHE A 589 -3.56 17.31 19.76
C PHE A 589 -5.03 17.64 19.78
N GLY A 590 -5.53 18.16 18.66
CA GLY A 590 -6.93 18.52 18.57
C GLY A 590 -7.24 19.14 17.22
N GLY A 591 -8.41 19.78 17.15
CA GLY A 591 -8.85 20.46 15.95
C GLY A 591 -8.91 21.97 16.11
N VAL A 592 -8.84 22.69 15.00
CA VAL A 592 -8.79 24.15 14.99
C VAL A 592 -9.92 24.65 14.11
N SER A 593 -10.70 25.60 14.63
CA SER A 593 -11.82 26.20 13.93
C SER A 593 -11.67 27.71 13.96
N VAL A 594 -12.10 28.37 12.89
CA VAL A 594 -11.91 29.80 12.72
C VAL A 594 -13.28 30.46 12.65
N ILE A 595 -13.65 31.17 13.70
CA ILE A 595 -14.92 31.88 13.75
C ILE A 595 -14.74 33.24 13.10
N THR A 596 -15.40 33.47 11.97
CA THR A 596 -15.19 34.69 11.22
C THR A 596 -16.50 35.32 10.80
N PRO A 597 -16.57 36.64 10.77
CA PRO A 597 -17.64 37.34 10.05
C PRO A 597 -17.32 37.35 8.56
N GLY A 598 -18.15 38.03 7.79
CA GLY A 598 -17.91 38.10 6.36
C GLY A 598 -16.68 38.93 6.04
N THR A 599 -15.93 38.47 5.03
CA THR A 599 -14.83 39.27 4.51
C THR A 599 -15.34 40.57 3.89
N ASN A 600 -16.61 40.60 3.48
CA ASN A 600 -17.22 41.85 3.05
C ASN A 600 -17.45 42.80 4.21
N THR A 601 -17.36 42.31 5.45
CA THR A 601 -17.59 43.14 6.63
C THR A 601 -16.32 43.49 7.37
N SER A 602 -15.49 42.50 7.72
CA SER A 602 -14.25 42.75 8.43
C SER A 602 -13.30 41.58 8.19
N ASN A 603 -12.12 41.66 8.80
CA ASN A 603 -11.08 40.64 8.63
C ASN A 603 -10.60 40.07 9.96
N GLN A 604 -11.21 40.46 11.08
CA GLN A 604 -10.82 39.92 12.37
C GLN A 604 -11.45 38.55 12.55
N VAL A 605 -10.70 37.62 13.14
CA VAL A 605 -11.16 36.25 13.34
C VAL A 605 -10.87 35.80 14.76
N ALA A 606 -11.61 34.78 15.19
CA ALA A 606 -11.37 34.08 16.45
C ALA A 606 -10.99 32.64 16.14
N VAL A 607 -10.27 32.01 17.07
CA VAL A 607 -9.77 30.64 16.87
C VAL A 607 -10.22 29.79 18.06
N LEU A 608 -10.76 28.62 17.76
CA LEU A 608 -11.20 27.68 18.78
C LEU A 608 -10.33 26.43 18.75
N TYR A 609 -9.80 26.05 19.90
CA TYR A 609 -9.09 24.79 20.08
C TYR A 609 -10.02 23.83 20.80
N GLN A 610 -10.46 22.78 20.09
CA GLN A 610 -11.52 21.90 20.56
C GLN A 610 -10.99 20.86 21.53
N GLY A 611 -11.58 20.81 22.73
CA GLY A 611 -11.23 19.80 23.70
C GLY A 611 -9.90 19.99 24.39
N VAL A 612 -9.22 21.11 24.14
CA VAL A 612 -7.87 21.36 24.65
C VAL A 612 -7.96 22.45 25.71
N ASN A 613 -7.33 22.22 26.86
CA ASN A 613 -7.27 23.24 27.92
C ASN A 613 -6.52 24.48 27.44
N CYS A 614 -6.86 25.61 28.07
CA CYS A 614 -6.29 26.89 27.70
C CYS A 614 -4.85 27.05 28.16
N THR A 615 -4.41 26.22 29.10
CA THR A 615 -3.04 26.29 29.58
C THR A 615 -2.06 25.71 28.56
N GLU A 616 -2.44 24.61 27.93
CA GLU A 616 -1.61 23.94 26.93
C GLU A 616 -1.88 24.42 25.51
N VAL A 617 -2.40 25.65 25.34
CA VAL A 617 -2.60 26.22 24.02
C VAL A 617 -1.24 26.40 23.36
N PRO A 618 -1.13 26.19 22.04
CA PRO A 618 0.16 26.41 21.35
C PRO A 618 0.74 27.80 21.54
N VAL A 619 1.92 27.88 22.15
CA VAL A 619 2.62 29.15 22.29
C VAL A 619 3.49 29.44 21.08
N ALA A 620 3.91 28.39 20.36
CA ALA A 620 4.66 28.51 19.11
C ALA A 620 5.95 29.31 19.31
N ILE A 621 6.72 28.93 20.33
CA ILE A 621 7.98 29.62 20.59
C ILE A 621 8.97 29.35 19.48
N HIS A 622 9.12 28.08 19.09
CA HIS A 622 10.14 27.68 18.13
C HIS A 622 9.55 26.77 17.07
N ALA A 623 8.29 27.01 16.70
CA ALA A 623 7.61 26.22 15.66
C ALA A 623 7.69 24.73 15.96
N ASP A 624 7.41 24.37 17.23
CA ASP A 624 7.48 22.99 17.68
C ASP A 624 6.18 22.22 17.40
N GLN A 625 5.23 22.83 16.70
CA GLN A 625 3.92 22.23 16.48
C GLN A 625 3.66 22.07 14.99
N LEU A 626 2.79 21.09 14.67
CA LEU A 626 2.49 20.81 13.27
C LEU A 626 1.83 21.99 12.59
N THR A 627 0.98 22.70 13.32
CA THR A 627 0.26 23.83 12.77
C THR A 627 1.23 24.91 12.31
N PRO A 628 1.04 25.50 11.13
CA PRO A 628 1.93 26.57 10.70
C PRO A 628 1.89 27.75 11.67
N THR A 629 3.04 28.39 11.85
CA THR A 629 3.10 29.53 12.75
C THR A 629 2.19 30.65 12.26
N TRP A 630 1.02 30.76 12.88
CA TRP A 630 0.15 31.92 12.70
C TRP A 630 -0.46 32.35 14.01
N ARG A 631 0.34 32.33 15.08
CA ARG A 631 -0.16 32.52 16.44
C ARG A 631 -0.99 33.79 16.54
N VAL A 632 -2.25 33.63 16.93
CA VAL A 632 -3.15 34.77 17.02
C VAL A 632 -3.05 35.36 18.42
N TYR A 633 -2.00 36.16 18.63
CA TYR A 633 -1.71 36.85 19.89
C TYR A 633 -2.08 36.00 21.10
N SER A 634 -1.53 34.78 21.14
CA SER A 634 -1.95 33.79 22.13
C SER A 634 -1.81 34.29 23.56
N THR A 635 -0.90 35.23 23.81
CA THR A 635 -0.70 35.79 25.15
C THR A 635 -1.76 36.86 25.41
N GLY A 636 -2.75 36.52 26.22
CA GLY A 636 -3.75 37.48 26.68
C GLY A 636 -4.58 38.15 25.62
N SER A 637 -4.94 37.42 24.55
CA SER A 637 -5.90 37.95 23.58
C SER A 637 -7.31 37.47 23.92
N ASN A 638 -7.78 37.90 25.09
CA ASN A 638 -9.11 37.56 25.59
C ASN A 638 -9.31 36.05 25.60
N VAL A 639 -8.31 35.32 26.08
CA VAL A 639 -8.38 33.86 26.14
C VAL A 639 -9.50 33.42 27.07
N PHE A 640 -10.50 32.74 26.51
CA PHE A 640 -11.67 32.33 27.26
C PHE A 640 -11.85 30.83 27.16
N GLN A 641 -12.19 30.19 28.28
CA GLN A 641 -12.30 28.74 28.33
C GLN A 641 -13.77 28.35 28.25
N THR A 642 -14.09 27.46 27.30
CA THR A 642 -15.44 26.97 27.07
C THR A 642 -15.43 25.46 27.26
N ARG A 643 -16.63 24.87 27.30
CA ARG A 643 -16.69 23.42 27.34
C ARG A 643 -16.37 22.83 25.96
N ALA A 644 -16.66 23.57 24.90
CA ALA A 644 -16.24 23.15 23.56
C ALA A 644 -14.73 23.21 23.40
N GLY A 645 -14.09 24.20 24.02
CA GLY A 645 -12.63 24.26 23.98
C GLY A 645 -12.14 25.63 24.38
N CYS A 646 -10.88 25.92 24.04
CA CYS A 646 -10.27 27.21 24.36
C CYS A 646 -10.53 28.19 23.22
N LEU A 647 -11.12 29.33 23.55
CA LEU A 647 -11.47 30.35 22.58
C LEU A 647 -10.48 31.51 22.69
N ILE A 648 -9.91 31.92 21.56
CA ILE A 648 -8.93 33.00 21.50
C ILE A 648 -9.39 34.01 20.46
N GLY A 649 -9.31 35.29 20.81
CA GLY A 649 -9.72 36.37 19.94
C GLY A 649 -11.15 36.82 20.08
N ALA A 650 -11.92 36.20 20.97
CA ALA A 650 -13.29 36.62 21.25
C ALA A 650 -13.38 37.05 22.71
N GLU A 651 -14.02 38.19 22.94
CA GLU A 651 -14.14 38.78 24.27
C GLU A 651 -15.50 38.39 24.85
N TYR A 652 -15.48 37.73 26.00
CA TYR A 652 -16.72 37.30 26.62
C TYR A 652 -17.45 38.49 27.26
N VAL A 653 -18.78 38.48 27.16
CA VAL A 653 -19.61 39.50 27.77
C VAL A 653 -20.70 38.83 28.59
N ASN A 654 -21.35 39.63 29.44
CA ASN A 654 -22.38 39.11 30.34
C ASN A 654 -23.79 39.31 29.81
N ASN A 655 -23.95 39.90 28.63
CA ASN A 655 -25.26 40.09 28.03
C ASN A 655 -25.73 38.81 27.35
N SER A 656 -26.97 38.82 26.87
CA SER A 656 -27.58 37.69 26.19
C SER A 656 -28.23 38.19 24.92
N TYR A 657 -27.93 37.55 23.79
CA TYR A 657 -28.56 37.85 22.52
C TYR A 657 -28.94 36.54 21.83
N GLU A 658 -29.54 36.67 20.65
CA GLU A 658 -29.82 35.49 19.83
C GLU A 658 -28.51 34.96 19.24
N CYS A 659 -28.49 33.67 18.96
CA CYS A 659 -27.28 33.03 18.47
C CYS A 659 -26.99 33.45 17.03
N ASP A 660 -25.74 33.82 16.77
CA ASP A 660 -25.27 34.19 15.45
C ASP A 660 -24.33 33.14 14.88
N ILE A 661 -23.27 32.79 15.62
CA ILE A 661 -22.42 31.68 15.22
C ILE A 661 -22.32 30.73 16.41
N PRO A 662 -22.89 29.52 16.32
CA PRO A 662 -22.91 28.62 17.49
C PRO A 662 -21.55 28.00 17.73
N ILE A 663 -21.09 28.08 18.98
CA ILE A 663 -19.86 27.39 19.38
C ILE A 663 -20.17 26.04 19.99
N GLY A 664 -21.07 26.00 20.97
CA GLY A 664 -21.40 24.77 21.65
C GLY A 664 -21.58 24.98 23.14
N ALA A 665 -22.32 24.07 23.76
CA ALA A 665 -22.59 24.10 25.20
C ALA A 665 -23.25 25.40 25.62
N GLY A 666 -24.10 25.94 24.74
CA GLY A 666 -24.85 27.15 25.02
C GLY A 666 -24.14 28.44 24.73
N ILE A 667 -22.91 28.38 24.21
CA ILE A 667 -22.11 29.58 23.95
C ILE A 667 -22.17 29.90 22.47
N CYS A 668 -22.44 31.15 22.15
CA CYS A 668 -22.45 31.63 20.78
C CYS A 668 -21.42 32.73 20.62
N ALA A 669 -21.20 33.14 19.37
CA ALA A 669 -20.27 34.19 19.04
C ALA A 669 -20.85 35.08 17.96
N SER A 670 -20.45 36.35 17.98
CA SER A 670 -20.97 37.33 17.04
C SER A 670 -20.00 38.49 16.94
N TYR A 671 -20.20 39.30 15.91
CA TYR A 671 -19.37 40.45 15.60
C TYR A 671 -20.24 41.68 15.75
N GLN A 672 -20.01 42.46 16.80
CA GLN A 672 -20.91 43.55 17.16
C GLN A 672 -20.07 44.72 17.66
N THR A 673 -20.77 45.77 18.09
CA THR A 673 -20.16 46.99 18.61
C THR A 673 -19.16 47.57 17.61
N GLN A 687 -15.15 47.92 16.23
CA GLN A 687 -15.91 46.70 16.45
C GLN A 687 -15.01 45.51 16.82
N SER A 688 -15.60 44.49 17.45
CA SER A 688 -14.84 43.36 17.95
C SER A 688 -15.75 42.14 18.00
N ILE A 689 -15.15 40.97 18.18
CA ILE A 689 -15.88 39.71 18.24
C ILE A 689 -16.19 39.40 19.70
N ILE A 690 -17.45 39.16 20.01
CA ILE A 690 -17.91 38.93 21.38
C ILE A 690 -18.52 37.55 21.50
N ALA A 691 -18.24 36.89 22.62
CA ALA A 691 -18.83 35.59 22.94
C ALA A 691 -19.79 35.77 24.11
N TYR A 692 -20.95 35.14 24.02
CA TYR A 692 -21.98 35.30 25.04
C TYR A 692 -22.74 33.99 25.16
N THR A 693 -23.77 34.01 26.01
CA THR A 693 -24.69 32.89 26.17
C THR A 693 -25.99 33.24 25.45
N MET A 694 -26.45 32.34 24.60
CA MET A 694 -27.67 32.61 23.86
C MET A 694 -28.88 32.64 24.77
N SER A 695 -29.82 33.54 24.48
CA SER A 695 -31.05 33.68 25.23
C SER A 695 -32.16 32.91 24.54
N LEU A 696 -32.96 32.20 25.34
CA LEU A 696 -34.00 31.33 24.82
C LEU A 696 -35.26 32.10 24.43
N GLY A 697 -35.33 33.39 24.73
CA GLY A 697 -36.46 34.19 24.38
C GLY A 697 -36.80 35.17 25.47
N ALA A 698 -37.78 36.04 25.24
CA ALA A 698 -38.21 36.98 26.25
C ALA A 698 -38.81 36.23 27.44
N GLU A 699 -39.10 36.98 28.50
CA GLU A 699 -39.68 36.45 29.73
C GLU A 699 -41.13 36.91 29.84
N ASN A 700 -42.01 35.99 30.20
CA ASN A 700 -43.43 36.27 30.35
C ASN A 700 -44.01 35.48 31.52
N SER A 701 -45.15 35.97 32.03
CA SER A 701 -45.80 35.34 33.17
C SER A 701 -47.30 35.63 33.07
N VAL A 702 -48.07 34.60 32.68
CA VAL A 702 -49.51 34.75 32.51
C VAL A 702 -50.18 34.83 33.88
N ALA A 703 -51.04 35.83 34.06
CA ALA A 703 -51.66 36.12 35.35
C ALA A 703 -52.84 35.17 35.55
N TYR A 704 -52.54 33.96 36.02
CA TYR A 704 -53.55 32.96 36.26
C TYR A 704 -54.38 33.30 37.49
N SER A 705 -55.68 33.08 37.38
CA SER A 705 -56.60 33.19 38.50
C SER A 705 -57.82 32.32 38.19
N ASN A 706 -58.51 31.89 39.24
CA ASN A 706 -59.65 31.01 39.06
C ASN A 706 -60.94 31.75 38.79
N ASN A 707 -60.88 33.08 38.62
CA ASN A 707 -62.05 33.84 38.22
C ASN A 707 -61.67 34.96 37.25
N SER A 708 -60.65 34.75 36.44
CA SER A 708 -60.17 35.73 35.47
C SER A 708 -60.00 35.06 34.11
N ILE A 709 -60.43 35.76 33.06
CA ILE A 709 -60.36 35.30 31.67
C ILE A 709 -60.02 36.48 30.76
N ALA A 710 -59.48 36.17 29.59
CA ALA A 710 -59.21 37.18 28.58
C ALA A 710 -59.85 36.77 27.26
N ILE A 711 -60.64 37.67 26.70
CA ILE A 711 -61.34 37.45 25.43
C ILE A 711 -60.79 38.46 24.44
N PRO A 712 -60.32 38.03 23.27
CA PRO A 712 -59.82 39.00 22.29
C PRO A 712 -60.94 39.88 21.76
N THR A 713 -60.58 41.12 21.41
CA THR A 713 -61.58 42.07 20.94
C THR A 713 -61.34 42.53 19.52
N ASN A 714 -60.23 42.14 18.90
CA ASN A 714 -59.92 42.64 17.57
C ASN A 714 -58.95 41.64 16.97
N PHE A 715 -58.85 41.62 15.64
CA PHE A 715 -58.11 40.54 15.00
C PHE A 715 -57.13 41.10 13.98
N THR A 716 -56.33 40.19 13.42
CA THR A 716 -55.33 40.49 12.41
C THR A 716 -55.27 39.33 11.43
N ILE A 717 -55.06 39.65 10.15
CA ILE A 717 -54.94 38.66 9.10
C ILE A 717 -53.47 38.57 8.72
N SER A 718 -52.87 37.41 8.96
CA SER A 718 -51.45 37.19 8.71
C SER A 718 -51.28 36.36 7.45
N VAL A 719 -50.27 36.69 6.64
CA VAL A 719 -49.91 35.91 5.46
C VAL A 719 -48.42 35.58 5.56
N THR A 720 -48.10 34.29 5.55
CA THR A 720 -46.74 33.79 5.66
C THR A 720 -46.41 32.87 4.48
N THR A 721 -45.13 32.56 4.32
CA THR A 721 -44.69 31.71 3.21
C THR A 721 -43.99 30.48 3.76
N GLU A 722 -44.02 29.42 2.96
CA GLU A 722 -43.34 28.17 3.27
C GLU A 722 -42.78 27.60 1.98
N ILE A 723 -41.50 27.27 1.99
CA ILE A 723 -40.79 26.82 0.79
C ILE A 723 -40.40 25.36 0.97
N LEU A 724 -40.73 24.54 -0.02
CA LEU A 724 -40.44 23.12 0.04
C LEU A 724 -39.82 22.66 -1.28
N PRO A 725 -38.69 21.97 -1.26
CA PRO A 725 -38.17 21.37 -2.49
C PRO A 725 -39.06 20.23 -2.94
N VAL A 726 -39.09 20.00 -4.26
CA VAL A 726 -39.95 18.96 -4.79
C VAL A 726 -39.15 17.97 -5.63
N SER A 727 -38.05 18.42 -6.23
CA SER A 727 -37.26 17.55 -7.09
C SER A 727 -35.84 18.08 -7.16
N MET A 728 -34.97 17.27 -7.77
CA MET A 728 -33.57 17.64 -7.94
C MET A 728 -33.17 17.35 -9.38
N THR A 729 -31.94 17.72 -9.72
CA THR A 729 -31.45 17.55 -11.08
C THR A 729 -31.37 16.07 -11.44
N LYS A 730 -31.74 15.74 -12.68
CA LYS A 730 -31.65 14.37 -13.18
C LYS A 730 -30.36 14.25 -13.99
N THR A 731 -29.47 13.37 -13.57
CA THR A 731 -28.15 13.21 -14.16
C THR A 731 -27.99 11.84 -14.79
N SER A 732 -27.10 11.77 -15.78
CA SER A 732 -26.77 10.52 -16.46
C SER A 732 -25.26 10.41 -16.63
N VAL A 733 -24.72 9.23 -16.40
CA VAL A 733 -23.28 8.99 -16.39
C VAL A 733 -22.95 7.91 -17.41
N ASP A 734 -21.96 8.19 -18.25
CA ASP A 734 -21.41 7.23 -19.20
C ASP A 734 -20.28 6.48 -18.50
N CYS A 735 -20.54 5.22 -18.14
CA CYS A 735 -19.57 4.44 -17.37
C CYS A 735 -18.28 4.21 -18.16
N THR A 736 -18.42 3.81 -19.43
CA THR A 736 -17.24 3.47 -20.22
C THR A 736 -16.35 4.68 -20.46
N MET A 737 -16.94 5.82 -20.78
CA MET A 737 -16.13 6.97 -21.14
C MET A 737 -15.47 7.58 -19.91
N TYR A 738 -16.17 7.61 -18.78
CA TYR A 738 -15.59 8.20 -17.57
C TYR A 738 -14.37 7.43 -17.09
N ILE A 739 -14.43 6.10 -17.14
CA ILE A 739 -13.34 5.29 -16.60
C ILE A 739 -12.21 5.18 -17.61
N CYS A 740 -12.53 4.81 -18.86
CA CYS A 740 -11.50 4.47 -19.83
C CYS A 740 -11.17 5.62 -20.77
N GLY A 741 -11.95 6.70 -20.76
CA GLY A 741 -11.65 7.82 -21.65
C GLY A 741 -11.75 7.41 -23.11
N ASP A 742 -10.72 7.74 -23.87
CA ASP A 742 -10.64 7.41 -25.30
C ASP A 742 -9.75 6.20 -25.58
N SER A 743 -9.34 5.48 -24.54
CA SER A 743 -8.47 4.31 -24.72
C SER A 743 -9.30 3.10 -25.11
N THR A 744 -9.00 2.52 -26.27
CA THR A 744 -9.64 1.28 -26.68
C THR A 744 -9.10 0.07 -25.92
N GLU A 745 -7.85 0.16 -25.44
CA GLU A 745 -7.28 -0.90 -24.63
C GLU A 745 -8.02 -1.06 -23.31
N CYS A 746 -8.41 0.05 -22.69
CA CYS A 746 -9.16 -0.05 -21.43
C CYS A 746 -10.55 -0.64 -21.66
N SER A 747 -11.17 -0.36 -22.80
CA SER A 747 -12.53 -0.82 -23.06
C SER A 747 -12.61 -2.33 -23.11
N ASN A 748 -11.59 -2.98 -23.68
CA ASN A 748 -11.54 -4.44 -23.66
C ASN A 748 -11.46 -4.97 -22.24
N LEU A 749 -10.64 -4.33 -21.41
CA LEU A 749 -10.41 -4.80 -20.05
C LEU A 749 -11.58 -4.52 -19.12
N LEU A 750 -12.40 -3.52 -19.42
CA LEU A 750 -13.54 -3.22 -18.57
C LEU A 750 -14.64 -4.27 -18.67
N LEU A 751 -14.62 -5.11 -19.70
CA LEU A 751 -15.68 -6.10 -19.85
C LEU A 751 -15.61 -7.17 -18.78
N GLN A 752 -14.41 -7.53 -18.35
CA GLN A 752 -14.22 -8.62 -17.40
C GLN A 752 -14.28 -8.15 -15.95
N TYR A 753 -14.94 -7.03 -15.68
CA TYR A 753 -15.12 -6.56 -14.32
C TYR A 753 -16.55 -6.71 -13.83
N GLY A 754 -17.38 -7.47 -14.54
CA GLY A 754 -18.74 -7.69 -14.12
C GLY A 754 -19.70 -6.63 -14.60
N SER A 755 -20.94 -6.75 -14.11
CA SER A 755 -22.01 -5.83 -14.46
C SER A 755 -22.11 -4.73 -13.40
N PHE A 756 -21.11 -3.83 -13.42
CA PHE A 756 -21.14 -2.62 -12.62
C PHE A 756 -21.81 -1.47 -13.35
N CYS A 757 -21.41 -1.24 -14.60
CA CYS A 757 -22.00 -0.15 -15.36
C CYS A 757 -23.48 -0.40 -15.64
N THR A 758 -23.91 -1.66 -15.70
CA THR A 758 -25.33 -1.95 -15.84
C THR A 758 -26.09 -1.58 -14.56
N GLN A 759 -25.48 -1.80 -13.39
CA GLN A 759 -26.14 -1.44 -12.14
C GLN A 759 -26.23 0.08 -11.97
N LEU A 760 -25.16 0.79 -12.32
CA LEU A 760 -25.14 2.23 -12.12
C LEU A 760 -26.19 2.92 -12.97
N LYS A 761 -26.33 2.49 -14.23
CA LYS A 761 -27.37 3.05 -15.10
C LYS A 761 -28.76 2.77 -14.53
N ARG A 762 -28.99 1.54 -14.07
CA ARG A 762 -30.30 1.18 -13.54
C ARG A 762 -30.63 2.02 -12.33
N ALA A 763 -29.65 2.28 -11.46
CA ALA A 763 -29.91 3.08 -10.28
C ALA A 763 -30.19 4.53 -10.65
N LEU A 764 -29.38 5.11 -11.55
CA LEU A 764 -29.56 6.50 -11.94
C LEU A 764 -30.84 6.71 -12.73
N THR A 765 -31.23 5.72 -13.54
CA THR A 765 -32.50 5.81 -14.26
C THR A 765 -33.67 5.83 -13.29
N GLY A 766 -33.59 5.03 -12.22
CA GLY A 766 -34.64 5.03 -11.22
C GLY A 766 -34.79 6.38 -10.53
N ILE A 767 -33.68 7.05 -10.24
CA ILE A 767 -33.74 8.38 -9.67
C ILE A 767 -34.37 9.35 -10.66
N ALA A 768 -33.98 9.27 -11.94
CA ALA A 768 -34.48 10.21 -12.94
C ALA A 768 -35.99 10.06 -13.13
N VAL A 769 -36.50 8.85 -13.18
CA VAL A 769 -37.94 8.67 -13.33
C VAL A 769 -38.68 9.15 -12.08
N GLU A 770 -38.11 8.90 -10.89
CA GLU A 770 -38.77 9.31 -9.65
C GLU A 770 -38.93 10.83 -9.58
N GLN A 771 -37.99 11.58 -10.16
CA GLN A 771 -38.10 13.03 -10.15
C GLN A 771 -39.33 13.49 -10.92
N ASP A 772 -39.65 12.81 -12.02
CA ASP A 772 -40.84 13.14 -12.78
C ASP A 772 -42.10 12.89 -11.97
N LYS A 773 -42.12 11.80 -11.19
CA LYS A 773 -43.27 11.43 -10.39
C LYS A 773 -43.51 12.41 -9.24
N ASN A 774 -42.43 12.94 -8.66
CA ASN A 774 -42.58 13.88 -7.55
C ASN A 774 -43.33 15.12 -7.97
N THR A 775 -42.96 15.70 -9.11
CA THR A 775 -43.67 16.88 -9.61
C THR A 775 -45.10 16.54 -9.99
N GLN A 776 -45.32 15.40 -10.64
CA GLN A 776 -46.67 15.02 -11.03
C GLN A 776 -47.56 14.78 -9.81
N GLU A 777 -46.99 14.20 -8.75
CA GLU A 777 -47.76 13.93 -7.56
C GLU A 777 -48.18 15.22 -6.85
N VAL A 778 -47.31 16.22 -6.86
CA VAL A 778 -47.56 17.45 -6.11
C VAL A 778 -48.51 18.38 -6.86
N PHE A 779 -48.31 18.53 -8.17
CA PHE A 779 -48.99 19.58 -8.91
C PHE A 779 -50.22 19.11 -9.68
N ALA A 780 -50.26 17.85 -10.09
CA ALA A 780 -51.42 17.34 -10.82
C ALA A 780 -52.48 16.81 -9.86
N GLN A 781 -52.86 17.67 -8.91
CA GLN A 781 -53.89 17.36 -7.94
C GLN A 781 -55.30 17.51 -8.52
N VAL A 782 -55.45 18.21 -9.64
CA VAL A 782 -56.76 18.46 -10.24
C VAL A 782 -56.74 17.94 -11.67
N LYS A 783 -57.89 17.48 -12.14
CA LYS A 783 -58.00 16.87 -13.45
C LYS A 783 -58.54 17.82 -14.52
N GLN A 784 -59.05 18.98 -14.15
CA GLN A 784 -59.49 19.99 -15.11
C GLN A 784 -58.63 21.23 -14.99
N ILE A 785 -58.73 22.10 -15.98
CA ILE A 785 -57.96 23.33 -16.03
C ILE A 785 -58.96 24.49 -15.96
N TYR A 786 -59.11 25.08 -14.79
CA TYR A 786 -60.05 26.17 -14.59
C TYR A 786 -59.47 27.51 -15.00
N LYS A 787 -60.35 28.50 -15.18
CA LYS A 787 -59.97 29.86 -15.55
C LYS A 787 -60.80 30.88 -14.77
N THR A 788 -60.15 31.96 -14.34
CA THR A 788 -60.85 33.04 -13.67
C THR A 788 -61.65 33.86 -14.69
N PRO A 789 -62.83 34.35 -14.31
CA PRO A 789 -63.67 35.10 -15.26
C PRO A 789 -63.01 36.41 -15.64
N PRO A 790 -63.38 36.99 -16.79
CA PRO A 790 -62.68 38.20 -17.26
C PRO A 790 -62.72 39.36 -16.29
N ILE A 791 -63.79 39.49 -15.51
CA ILE A 791 -63.92 40.57 -14.54
C ILE A 791 -63.34 40.08 -13.21
N LYS A 792 -62.37 40.82 -12.68
CA LYS A 792 -61.69 40.44 -11.44
C LYS A 792 -62.18 41.35 -10.31
N TYR A 793 -63.31 40.99 -9.71
CA TYR A 793 -63.79 41.64 -8.50
C TYR A 793 -64.38 40.57 -7.61
N PHE A 794 -63.76 40.33 -6.47
CA PHE A 794 -64.13 39.25 -5.57
C PHE A 794 -64.49 39.77 -4.19
N GLY A 795 -65.31 40.81 -4.13
CA GLY A 795 -65.76 41.36 -2.86
C GLY A 795 -64.82 42.37 -2.23
N GLY A 796 -63.78 42.79 -2.93
CA GLY A 796 -62.79 43.71 -2.41
C GLY A 796 -61.40 43.13 -2.32
N PHE A 797 -61.25 41.82 -2.45
CA PHE A 797 -59.93 41.18 -2.42
C PHE A 797 -59.26 41.28 -3.78
N ASN A 798 -57.97 41.60 -3.77
CA ASN A 798 -57.28 41.94 -5.02
C ASN A 798 -56.91 40.68 -5.80
N PHE A 799 -56.01 39.87 -5.27
CA PHE A 799 -55.49 38.65 -5.88
C PHE A 799 -54.65 38.92 -7.12
N SER A 800 -54.36 40.19 -7.42
CA SER A 800 -53.64 40.52 -8.64
C SER A 800 -52.20 40.02 -8.60
N GLN A 801 -51.58 40.04 -7.42
CA GLN A 801 -50.19 39.64 -7.29
C GLN A 801 -49.97 38.14 -7.42
N ILE A 802 -51.04 37.33 -7.43
CA ILE A 802 -50.90 35.89 -7.56
C ILE A 802 -51.47 35.35 -8.86
N LEU A 803 -52.38 36.06 -9.51
CA LEU A 803 -52.93 35.60 -10.77
C LEU A 803 -51.93 35.81 -11.89
N PRO A 804 -52.02 35.02 -12.97
CA PRO A 804 -51.04 35.13 -14.05
C PRO A 804 -51.06 36.50 -14.68
N ASP A 805 -49.91 36.92 -15.20
CA ASP A 805 -49.81 38.21 -15.86
C ASP A 805 -49.86 38.03 -17.36
N PRO A 806 -50.94 38.47 -18.04
CA PRO A 806 -50.99 38.29 -19.50
C PRO A 806 -49.93 39.09 -20.24
N SER A 807 -49.45 40.20 -19.67
CA SER A 807 -48.49 41.03 -20.39
C SER A 807 -47.17 40.31 -20.59
N LYS A 808 -46.68 39.66 -19.56
CA LYS A 808 -45.44 38.90 -19.68
C LYS A 808 -45.66 37.69 -20.57
N PRO A 809 -44.77 37.44 -21.53
CA PRO A 809 -44.88 36.23 -22.36
C PRO A 809 -44.81 34.92 -21.57
N SER A 810 -44.11 34.91 -20.44
CA SER A 810 -43.94 33.71 -19.62
C SER A 810 -45.22 33.31 -18.90
N LYS A 811 -46.22 34.20 -18.85
CA LYS A 811 -47.51 33.95 -18.21
C LYS A 811 -47.32 33.55 -16.74
N ARG A 812 -46.35 34.18 -16.09
CA ARG A 812 -46.13 33.99 -14.66
C ARG A 812 -46.64 35.20 -13.88
N SER A 813 -47.09 34.95 -12.66
CA SER A 813 -47.54 36.02 -11.81
C SER A 813 -46.34 36.85 -11.38
N PRO A 814 -46.58 38.10 -10.93
CA PRO A 814 -45.45 38.92 -10.47
C PRO A 814 -44.66 38.26 -9.35
N ILE A 815 -45.33 37.57 -8.43
CA ILE A 815 -44.60 36.87 -7.38
C ILE A 815 -43.88 35.67 -7.97
N GLU A 816 -44.49 34.99 -8.94
CA GLU A 816 -43.81 33.86 -9.58
C GLU A 816 -42.58 34.33 -10.35
N ASP A 817 -42.69 35.42 -11.12
CA ASP A 817 -41.54 35.90 -11.87
C ASP A 817 -40.42 36.34 -10.94
N LEU A 818 -40.77 36.89 -9.78
CA LEU A 818 -39.76 37.28 -8.80
C LEU A 818 -39.03 36.05 -8.26
N LEU A 819 -39.75 34.96 -8.04
CA LEU A 819 -39.14 33.77 -7.46
C LEU A 819 -38.10 33.14 -8.40
N PHE A 820 -38.39 33.10 -9.70
CA PHE A 820 -37.48 32.49 -10.66
C PHE A 820 -36.18 33.27 -10.82
N ASN A 821 -36.17 34.56 -10.46
CA ASN A 821 -34.93 35.34 -10.47
C ASN A 821 -34.09 35.08 -9.22
N LYS A 822 -34.72 34.87 -8.08
CA LYS A 822 -33.96 34.68 -6.84
C LYS A 822 -33.17 33.38 -6.87
N VAL A 823 -33.71 32.33 -7.49
CA VAL A 823 -33.09 31.01 -7.49
C VAL A 823 -32.34 30.81 -8.80
N THR A 824 -31.06 30.47 -8.72
CA THR A 824 -30.24 30.24 -9.90
C THR A 824 -29.44 28.94 -9.79
N ASP A 845 -15.80 26.65 -19.97
CA ASP A 845 -17.09 26.54 -19.27
C ASP A 845 -17.11 25.30 -18.37
N LEU A 846 -17.90 25.36 -17.30
CA LEU A 846 -17.97 24.23 -16.38
C LEU A 846 -18.88 23.12 -16.89
N ILE A 847 -20.00 23.49 -17.52
CA ILE A 847 -20.94 22.49 -18.03
C ILE A 847 -20.32 21.71 -19.17
N CYS A 848 -19.69 22.41 -20.11
CA CYS A 848 -19.08 21.77 -21.27
C CYS A 848 -17.91 20.89 -20.85
N ALA A 849 -17.17 21.29 -19.81
CA ALA A 849 -16.09 20.46 -19.30
C ALA A 849 -16.62 19.15 -18.73
N GLN A 850 -17.73 19.20 -18.01
CA GLN A 850 -18.32 17.99 -17.43
C GLN A 850 -18.87 17.08 -18.51
N LYS A 851 -19.47 17.64 -19.55
CA LYS A 851 -20.06 16.83 -20.61
C LYS A 851 -19.02 15.95 -21.29
N PHE A 852 -17.80 16.46 -21.43
CA PHE A 852 -16.72 15.70 -22.07
C PHE A 852 -16.20 14.54 -21.24
N LYS A 853 -16.53 14.48 -19.95
CA LYS A 853 -16.15 13.35 -19.12
C LYS A 853 -17.23 12.28 -19.03
N GLY A 854 -18.37 12.49 -19.69
CA GLY A 854 -19.48 11.56 -19.62
C GLY A 854 -20.58 11.94 -18.65
N LEU A 855 -20.57 13.15 -18.12
CA LEU A 855 -21.58 13.61 -17.19
C LEU A 855 -22.53 14.54 -17.93
N THR A 856 -23.79 14.15 -18.02
CA THR A 856 -24.80 14.90 -18.74
C THR A 856 -26.06 15.00 -17.90
N VAL A 857 -26.97 15.87 -18.32
CA VAL A 857 -28.15 16.23 -17.55
C VAL A 857 -29.37 16.12 -18.45
N LEU A 858 -30.37 15.39 -17.99
CA LEU A 858 -31.63 15.21 -18.71
C LEU A 858 -32.62 16.29 -18.31
N PRO A 859 -33.42 16.78 -19.26
CA PRO A 859 -34.38 17.84 -18.95
C PRO A 859 -35.64 17.26 -18.33
N PRO A 860 -36.35 18.03 -17.51
CA PRO A 860 -37.58 17.51 -16.90
C PRO A 860 -38.69 17.33 -17.92
N LEU A 861 -39.62 16.42 -17.61
CA LEU A 861 -40.72 16.17 -18.53
C LEU A 861 -41.71 17.32 -18.56
N LEU A 862 -41.99 17.93 -17.42
CA LEU A 862 -42.91 19.06 -17.31
C LEU A 862 -42.11 20.36 -17.36
N THR A 863 -42.33 21.14 -18.42
CA THR A 863 -41.65 22.43 -18.55
C THR A 863 -42.21 23.44 -17.54
N ASP A 864 -41.53 24.57 -17.42
CA ASP A 864 -41.99 25.58 -16.48
C ASP A 864 -43.35 26.14 -16.87
N GLU A 865 -43.66 26.15 -18.17
CA GLU A 865 -44.96 26.63 -18.61
C GLU A 865 -46.08 25.72 -18.14
N MET A 866 -45.87 24.40 -18.20
CA MET A 866 -46.90 23.46 -17.74
C MET A 866 -47.14 23.56 -16.24
N ILE A 867 -46.06 23.72 -15.46
CA ILE A 867 -46.22 23.77 -14.01
C ILE A 867 -46.90 25.06 -13.58
N ALA A 868 -46.65 26.16 -14.29
CA ALA A 868 -47.33 27.41 -14.00
C ALA A 868 -48.82 27.31 -14.29
N GLN A 869 -49.21 26.50 -15.28
CA GLN A 869 -50.62 26.34 -15.60
C GLN A 869 -51.35 25.52 -14.53
N TYR A 870 -50.70 24.51 -13.96
CA TYR A 870 -51.25 23.82 -12.81
C TYR A 870 -51.53 24.77 -11.65
N THR A 871 -50.58 25.64 -11.34
CA THR A 871 -50.77 26.57 -10.23
C THR A 871 -51.91 27.54 -10.49
N SER A 872 -52.04 28.02 -11.73
CA SER A 872 -53.14 28.93 -12.07
C SER A 872 -54.49 28.20 -12.08
N ALA A 873 -54.52 26.96 -12.54
CA ALA A 873 -55.75 26.19 -12.47
C ALA A 873 -56.17 25.94 -11.02
N LEU A 874 -55.22 25.58 -10.16
CA LEU A 874 -55.51 25.41 -8.73
C LEU A 874 -55.96 26.72 -8.10
N LEU A 875 -55.30 27.82 -8.45
CA LEU A 875 -55.66 29.12 -7.90
C LEU A 875 -57.04 29.56 -8.33
N ALA A 876 -57.39 29.33 -9.59
CA ALA A 876 -58.69 29.74 -10.09
C ALA A 876 -59.80 28.89 -9.49
N GLY A 877 -59.54 27.60 -9.30
CA GLY A 877 -60.55 26.74 -8.70
C GLY A 877 -60.89 27.17 -7.29
N THR A 878 -59.88 27.45 -6.47
CA THR A 878 -60.10 27.75 -5.05
C THR A 878 -60.72 29.12 -4.84
N ILE A 879 -60.69 29.99 -5.86
CA ILE A 879 -61.31 31.30 -5.73
C ILE A 879 -62.78 31.24 -6.10
N THR A 880 -63.12 30.55 -7.20
CA THR A 880 -64.50 30.53 -7.69
C THR A 880 -65.34 29.44 -7.05
N SER A 881 -64.72 28.46 -6.39
CA SER A 881 -65.43 27.34 -5.79
C SER A 881 -65.25 27.21 -4.30
N GLY A 882 -64.01 27.29 -3.80
CA GLY A 882 -63.78 26.95 -2.40
C GLY A 882 -63.11 25.60 -2.25
N TRP A 883 -63.64 24.75 -1.38
CA TRP A 883 -63.11 23.40 -1.26
C TRP A 883 -63.96 22.37 -1.99
N THR A 884 -64.97 22.82 -2.74
CA THR A 884 -65.87 21.88 -3.39
C THR A 884 -65.26 21.23 -4.65
N PHE A 885 -64.34 21.91 -5.32
CA PHE A 885 -63.72 21.34 -6.52
C PHE A 885 -62.71 20.24 -6.18
N GLY A 886 -62.37 20.08 -4.91
CA GLY A 886 -61.50 19.02 -4.48
C GLY A 886 -62.20 17.76 -4.01
N ALA A 887 -63.53 17.71 -4.10
CA ALA A 887 -64.27 16.54 -3.66
C ALA A 887 -65.38 16.16 -4.64
N GLY A 888 -65.39 16.72 -5.85
CA GLY A 888 -66.40 16.42 -6.83
C GLY A 888 -66.50 17.51 -7.88
N PRO A 889 -67.69 17.69 -8.45
CA PRO A 889 -67.89 18.83 -9.36
C PRO A 889 -67.71 20.16 -8.64
N ALA A 890 -67.14 21.12 -9.36
CA ALA A 890 -66.87 22.44 -8.80
C ALA A 890 -68.14 23.28 -8.81
N LEU A 891 -68.60 23.69 -7.63
CA LEU A 891 -69.81 24.47 -7.46
C LEU A 891 -69.42 25.88 -7.04
N GLN A 892 -69.83 26.86 -7.83
CA GLN A 892 -69.46 28.25 -7.61
C GLN A 892 -70.12 28.80 -6.35
N ILE A 893 -69.48 29.83 -5.80
CA ILE A 893 -69.99 30.51 -4.61
C ILE A 893 -69.32 31.89 -4.56
N PRO A 894 -70.05 32.95 -4.17
CA PRO A 894 -69.40 34.25 -4.01
C PRO A 894 -68.31 34.19 -2.96
N PHE A 895 -67.23 34.92 -3.22
CA PHE A 895 -66.08 34.89 -2.31
C PHE A 895 -66.42 35.37 -0.91
N PRO A 896 -67.13 36.49 -0.70
CA PRO A 896 -67.49 36.86 0.67
C PRO A 896 -68.28 35.79 1.39
N MET A 897 -69.18 35.08 0.69
CA MET A 897 -69.88 33.99 1.33
C MET A 897 -68.97 32.80 1.61
N GLN A 898 -67.94 32.62 0.78
CA GLN A 898 -66.96 31.57 1.07
C GLN A 898 -66.18 31.88 2.33
N MET A 899 -65.79 33.14 2.52
CA MET A 899 -65.03 33.49 3.72
C MET A 899 -65.90 33.40 4.98
N ALA A 900 -67.21 33.62 4.85
CA ALA A 900 -68.09 33.42 5.99
C ALA A 900 -68.10 31.95 6.42
N TYR A 901 -68.00 31.04 5.45
CA TYR A 901 -67.89 29.61 5.74
C TYR A 901 -66.60 29.30 6.47
N ARG A 902 -65.50 29.94 6.08
CA ARG A 902 -64.20 29.64 6.65
C ARG A 902 -64.03 30.20 8.06
N PHE A 903 -64.76 31.26 8.42
CA PHE A 903 -64.76 31.68 9.82
C PHE A 903 -65.52 30.70 10.69
N ASN A 904 -66.59 30.11 10.15
CA ASN A 904 -67.34 29.12 10.91
C ASN A 904 -66.46 27.93 11.28
N GLY A 905 -65.47 27.63 10.47
CA GLY A 905 -64.59 26.52 10.76
C GLY A 905 -63.57 26.76 11.85
N ILE A 906 -63.45 28.00 12.37
CA ILE A 906 -62.51 28.31 13.43
C ILE A 906 -63.19 28.88 14.67
N GLY A 907 -64.51 28.85 14.72
CA GLY A 907 -65.22 29.26 15.92
C GLY A 907 -65.64 30.72 15.97
N VAL A 908 -65.62 31.41 14.84
CA VAL A 908 -66.12 32.78 14.72
C VAL A 908 -67.40 32.73 13.89
N THR A 909 -68.45 33.38 14.38
CA THR A 909 -69.72 33.38 13.69
C THR A 909 -69.65 34.22 12.41
N GLN A 910 -70.66 34.05 11.56
CA GLN A 910 -70.66 34.67 10.23
C GLN A 910 -70.72 36.19 10.31
N ASN A 911 -71.52 36.72 11.25
CA ASN A 911 -71.75 38.17 11.28
C ASN A 911 -70.47 38.97 11.42
N VAL A 912 -69.42 38.39 12.00
CA VAL A 912 -68.16 39.09 12.20
C VAL A 912 -67.52 39.46 10.87
N LEU A 913 -67.60 38.57 9.88
CA LEU A 913 -67.06 38.89 8.57
C LEU A 913 -67.87 39.97 7.87
N TYR A 914 -69.19 39.83 7.89
CA TYR A 914 -70.04 40.73 7.12
C TYR A 914 -70.00 42.14 7.67
N GLU A 915 -69.87 42.31 8.97
CA GLU A 915 -69.80 43.62 9.58
C GLU A 915 -68.39 44.18 9.62
N ASN A 916 -67.40 43.46 9.11
CA ASN A 916 -66.03 43.94 9.00
C ASN A 916 -65.42 43.61 7.65
N GLN A 917 -66.24 43.61 6.59
CA GLN A 917 -65.74 43.17 5.29
C GLN A 917 -64.70 44.12 4.71
N LYS A 918 -64.93 45.44 4.82
CA LYS A 918 -63.97 46.37 4.27
C LYS A 918 -62.65 46.34 5.04
N LEU A 919 -62.73 46.19 6.37
CA LEU A 919 -61.51 46.13 7.16
C LEU A 919 -60.70 44.88 6.83
N ILE A 920 -61.38 43.74 6.68
CA ILE A 920 -60.69 42.48 6.42
C ILE A 920 -60.02 42.50 5.05
N ALA A 921 -60.68 43.11 4.06
CA ALA A 921 -60.11 43.17 2.71
C ALA A 921 -58.81 43.96 2.69
N ASN A 922 -58.79 45.10 3.39
CA ASN A 922 -57.59 45.94 3.39
C ASN A 922 -56.43 45.26 4.09
N GLN A 923 -56.71 44.54 5.18
CA GLN A 923 -55.64 43.81 5.88
C GLN A 923 -55.03 42.73 5.01
N PHE A 924 -55.87 42.03 4.24
CA PHE A 924 -55.36 41.02 3.33
C PHE A 924 -54.53 41.62 2.21
N ASN A 925 -55.01 42.72 1.62
CA ASN A 925 -54.25 43.36 0.54
C ASN A 925 -52.90 43.84 1.04
N SER A 926 -52.87 44.45 2.22
CA SER A 926 -51.60 44.92 2.77
C SER A 926 -50.65 43.76 3.05
N ALA A 927 -51.17 42.65 3.54
CA ALA A 927 -50.32 41.50 3.86
C ALA A 927 -49.73 40.89 2.59
N ILE A 928 -50.52 40.82 1.52
CA ILE A 928 -50.03 40.31 0.25
C ILE A 928 -48.93 41.22 -0.30
N GLY A 929 -49.13 42.54 -0.20
CA GLY A 929 -48.14 43.46 -0.73
C GLY A 929 -46.81 43.39 -0.01
N LYS A 930 -46.85 43.25 1.32
CA LYS A 930 -45.61 43.14 2.09
C LYS A 930 -44.85 41.86 1.79
N ILE A 931 -45.53 40.81 1.36
CA ILE A 931 -44.84 39.55 1.03
C ILE A 931 -43.94 39.75 -0.18
N GLN A 932 -44.43 40.49 -1.18
CA GLN A 932 -43.60 40.74 -2.36
C GLN A 932 -42.35 41.55 -2.01
N ASP A 933 -42.50 42.61 -1.23
CA ASP A 933 -41.35 43.47 -0.94
C ASP A 933 -40.32 42.74 -0.07
N SER A 934 -40.79 42.07 0.98
CA SER A 934 -39.88 41.39 1.89
C SER A 934 -39.12 40.27 1.19
N LEU A 935 -39.75 39.62 0.19
CA LEU A 935 -39.09 38.52 -0.50
C LEU A 935 -38.00 39.03 -1.44
N SER A 936 -38.27 40.13 -2.13
CA SER A 936 -37.30 40.65 -3.10
C SER A 936 -36.03 41.13 -2.42
N SER A 937 -36.17 41.78 -1.25
CA SER A 937 -35.01 42.40 -0.61
C SER A 937 -34.02 41.37 -0.11
N THR A 938 -34.51 40.26 0.45
CA THR A 938 -33.62 39.27 1.04
C THR A 938 -33.26 38.22 -0.01
N PRO A 939 -31.96 38.01 -0.29
CA PRO A 939 -31.58 36.98 -1.26
C PRO A 939 -31.48 35.57 -0.67
N SER A 940 -31.35 35.42 0.65
CA SER A 940 -31.28 34.12 1.28
C SER A 940 -32.63 33.57 1.69
N ALA A 941 -33.72 34.28 1.35
CA ALA A 941 -35.06 33.78 1.66
C ALA A 941 -35.34 32.48 0.93
N LEU A 942 -34.92 32.39 -0.33
CA LEU A 942 -35.04 31.16 -1.12
C LEU A 942 -33.79 30.30 -0.97
N GLY A 943 -33.43 29.99 0.27
CA GLY A 943 -32.23 29.24 0.52
C GLY A 943 -32.39 27.74 0.47
N LYS A 944 -33.60 27.24 0.74
CA LYS A 944 -33.80 25.80 0.80
C LYS A 944 -33.72 25.15 -0.58
N LEU A 945 -33.97 25.91 -1.65
CA LEU A 945 -33.84 25.37 -2.99
C LEU A 945 -32.47 25.62 -3.61
N GLN A 946 -31.77 26.68 -3.18
CA GLN A 946 -30.40 26.86 -3.63
C GLN A 946 -29.49 25.74 -3.14
N ASP A 947 -29.75 25.23 -1.92
CA ASP A 947 -28.96 24.11 -1.41
C ASP A 947 -29.17 22.85 -2.24
N VAL A 948 -30.39 22.65 -2.73
CA VAL A 948 -30.63 21.54 -3.66
C VAL A 948 -29.79 21.69 -4.91
N VAL A 949 -29.76 22.90 -5.47
CA VAL A 949 -28.99 23.17 -6.69
C VAL A 949 -27.49 23.07 -6.43
N ASN A 950 -27.04 23.59 -5.28
CA ASN A 950 -25.61 23.61 -4.98
C ASN A 950 -25.05 22.22 -4.77
N HIS A 951 -25.77 21.38 -4.01
CA HIS A 951 -25.28 20.06 -3.66
C HIS A 951 -25.07 19.20 -4.90
N ASN A 952 -26.04 19.23 -5.82
CA ASN A 952 -25.92 18.43 -7.04
C ASN A 952 -24.76 18.90 -7.90
N ALA A 953 -24.58 20.21 -8.02
CA ALA A 953 -23.46 20.72 -8.81
C ALA A 953 -22.13 20.48 -8.11
N GLN A 954 -22.10 20.58 -6.78
CA GLN A 954 -20.86 20.37 -6.04
C GLN A 954 -20.43 18.91 -6.06
N ALA A 955 -21.38 17.97 -5.96
CA ALA A 955 -21.01 16.56 -5.99
C ALA A 955 -20.45 16.16 -7.36
N LEU A 956 -21.00 16.71 -8.43
CA LEU A 956 -20.49 16.42 -9.77
C LEU A 956 -19.06 16.94 -9.94
N ASN A 957 -18.78 18.13 -9.39
CA ASN A 957 -17.45 18.70 -9.52
C ASN A 957 -16.41 17.83 -8.82
N THR A 958 -16.74 17.31 -7.63
CA THR A 958 -15.81 16.41 -6.94
C THR A 958 -15.57 15.15 -7.74
N LEU A 959 -16.60 14.64 -8.41
CA LEU A 959 -16.44 13.46 -9.24
C LEU A 959 -15.51 13.74 -10.42
N VAL A 960 -15.57 14.95 -10.96
CA VAL A 960 -14.66 15.31 -12.04
C VAL A 960 -13.23 15.42 -11.51
N LYS A 961 -13.04 16.08 -10.38
CA LYS A 961 -11.71 16.24 -9.80
C LYS A 961 -11.11 14.92 -9.34
N GLN A 962 -11.91 13.87 -9.24
CA GLN A 962 -11.37 12.58 -8.83
C GLN A 962 -10.57 11.91 -9.94
N LEU A 963 -10.59 12.44 -11.15
CA LEU A 963 -9.89 11.81 -12.27
C LEU A 963 -8.40 12.10 -12.29
N SER A 964 -7.92 13.02 -11.44
CA SER A 964 -6.51 13.34 -11.37
C SER A 964 -5.79 12.54 -10.30
N SER A 965 -6.47 11.65 -9.60
CA SER A 965 -5.81 10.82 -8.62
C SER A 965 -5.08 9.66 -9.30
N LYS A 966 -4.13 9.09 -8.59
CA LYS A 966 -3.28 8.04 -9.13
C LYS A 966 -3.56 6.67 -8.55
N PHE A 967 -4.02 6.60 -7.29
CA PHE A 967 -4.38 5.34 -6.64
C PHE A 967 -3.21 4.37 -6.57
N GLY A 968 -2.00 4.90 -6.43
CA GLY A 968 -0.80 4.10 -6.37
C GLY A 968 -0.18 3.79 -7.72
N ALA A 969 -0.83 4.16 -8.82
CA ALA A 969 -0.27 3.93 -10.13
C ALA A 969 0.87 4.91 -10.42
N ILE A 970 1.63 4.61 -11.46
CA ILE A 970 2.73 5.49 -11.84
C ILE A 970 2.21 6.82 -12.35
N SER A 971 1.08 6.81 -13.05
CA SER A 971 0.52 8.01 -13.64
C SER A 971 -1.00 7.94 -13.58
N SER A 972 -1.63 9.10 -13.78
CA SER A 972 -3.08 9.22 -13.78
C SER A 972 -3.64 9.31 -15.18
N VAL A 973 -2.83 9.03 -16.20
CA VAL A 973 -3.25 9.05 -17.60
C VAL A 973 -3.23 7.62 -18.11
N LEU A 974 -4.33 7.17 -18.71
CA LEU A 974 -4.37 5.82 -19.26
C LEU A 974 -3.45 5.70 -20.47
N ASN A 975 -3.40 6.73 -21.31
CA ASN A 975 -2.59 6.65 -22.52
C ASN A 975 -1.10 6.58 -22.19
N ASP A 976 -0.66 7.27 -21.14
CA ASP A 976 0.74 7.25 -20.78
C ASP A 976 1.19 5.86 -20.33
N ILE A 977 0.39 5.19 -19.50
CA ILE A 977 0.78 3.88 -18.99
C ILE A 977 0.86 2.86 -20.12
N PHE A 978 -0.07 2.91 -21.07
CA PHE A 978 -0.09 1.93 -22.15
C PHE A 978 1.00 2.17 -23.18
N SER A 979 1.51 3.39 -23.29
CA SER A 979 2.55 3.72 -24.25
C SER A 979 3.94 3.66 -23.64
N ARG A 980 4.06 3.18 -22.40
CA ARG A 980 5.32 3.16 -21.68
C ARG A 980 5.70 1.79 -21.12
N LEU A 981 4.76 0.88 -20.94
CA LEU A 981 5.01 -0.40 -20.31
C LEU A 981 4.47 -1.54 -21.17
N ASP A 982 5.07 -2.71 -21.01
CA ASP A 982 4.65 -3.90 -21.73
C ASP A 982 3.32 -4.43 -21.20
N PRO A 983 2.52 -5.06 -22.06
CA PRO A 983 1.17 -5.49 -21.65
C PRO A 983 1.24 -6.52 -20.52
N PRO A 984 2.27 -7.36 -20.46
CA PRO A 984 2.44 -8.19 -19.27
C PRO A 984 2.31 -7.41 -17.97
N GLU A 985 3.13 -6.37 -17.79
CA GLU A 985 3.24 -5.67 -16.52
C GLU A 985 2.29 -4.48 -16.42
N ALA A 986 1.67 -4.07 -17.53
CA ALA A 986 0.75 -2.95 -17.49
C ALA A 986 -0.57 -3.30 -16.82
N GLU A 987 -0.88 -4.59 -16.69
CA GLU A 987 -2.15 -5.00 -16.09
C GLU A 987 -2.21 -4.64 -14.61
N VAL A 988 -1.10 -4.84 -13.88
CA VAL A 988 -1.11 -4.52 -12.46
C VAL A 988 -1.22 -3.02 -12.22
N GLN A 989 -1.01 -2.19 -13.25
CA GLN A 989 -1.15 -0.75 -13.10
C GLN A 989 -2.55 -0.27 -13.47
N ILE A 990 -3.09 -0.75 -14.59
CA ILE A 990 -4.41 -0.33 -15.05
C ILE A 990 -5.48 -0.81 -14.09
N ASP A 991 -5.27 -1.97 -13.46
CA ASP A 991 -6.24 -2.49 -12.50
C ASP A 991 -6.46 -1.52 -11.35
N ARG A 992 -5.39 -0.89 -10.84
CA ARG A 992 -5.58 0.06 -9.75
C ARG A 992 -6.43 1.25 -10.18
N LEU A 993 -6.18 1.77 -11.39
CA LEU A 993 -6.95 2.92 -11.86
C LEU A 993 -8.41 2.54 -12.13
N ILE A 994 -8.66 1.37 -12.72
CA ILE A 994 -10.03 0.99 -13.03
C ILE A 994 -10.81 0.74 -11.75
N THR A 995 -10.22 0.00 -10.80
CA THR A 995 -10.90 -0.23 -9.52
C THR A 995 -11.07 1.08 -8.77
N GLY A 996 -10.05 1.93 -8.78
CA GLY A 996 -10.15 3.20 -8.07
C GLY A 996 -11.24 4.11 -8.62
N ARG A 997 -11.36 4.17 -9.95
CA ARG A 997 -12.42 4.97 -10.55
C ARG A 997 -13.79 4.31 -10.42
N LEU A 998 -13.83 2.98 -10.32
CA LEU A 998 -15.10 2.31 -10.04
C LEU A 998 -15.62 2.64 -8.65
N GLN A 999 -14.70 2.76 -7.68
CA GLN A 999 -15.10 3.19 -6.34
C GLN A 999 -15.66 4.61 -6.35
N SER A 1000 -15.06 5.50 -7.15
CA SER A 1000 -15.54 6.88 -7.19
C SER A 1000 -16.95 6.95 -7.76
N LEU A 1001 -17.21 6.17 -8.81
CA LEU A 1001 -18.56 6.13 -9.39
C LEU A 1001 -19.56 5.53 -8.41
N GLN A 1002 -19.18 4.44 -7.73
CA GLN A 1002 -20.11 3.78 -6.82
C GLN A 1002 -20.46 4.68 -5.63
N THR A 1003 -19.48 5.41 -5.12
CA THR A 1003 -19.73 6.32 -4.00
C THR A 1003 -20.73 7.40 -4.40
N TYR A 1004 -20.58 7.96 -5.60
CA TYR A 1004 -21.46 9.03 -6.03
C TYR A 1004 -22.91 8.57 -6.13
N VAL A 1005 -23.13 7.38 -6.70
CA VAL A 1005 -24.48 6.82 -6.82
C VAL A 1005 -25.09 6.57 -5.44
N THR A 1006 -24.31 6.05 -4.51
CA THR A 1006 -24.82 5.79 -3.17
C THR A 1006 -25.29 7.06 -2.49
N GLN A 1007 -24.51 8.14 -2.60
CA GLN A 1007 -24.91 9.42 -2.03
C GLN A 1007 -26.13 9.99 -2.74
N GLN A 1008 -26.18 9.82 -4.06
CA GLN A 1008 -27.34 10.29 -4.84
C GLN A 1008 -28.61 9.56 -4.40
N LEU A 1009 -28.52 8.26 -4.15
CA LEU A 1009 -29.68 7.50 -3.71
C LEU A 1009 -30.20 8.01 -2.36
N ILE A 1010 -29.29 8.38 -1.46
CA ILE A 1010 -29.70 8.87 -0.15
C ILE A 1010 -30.40 10.23 -0.27
N ARG A 1011 -29.86 11.09 -1.14
CA ARG A 1011 -30.46 12.41 -1.33
C ARG A 1011 -31.84 12.31 -1.95
N ALA A 1012 -32.03 11.40 -2.91
CA ALA A 1012 -33.33 11.23 -3.52
C ALA A 1012 -34.37 10.78 -2.49
N ALA A 1013 -33.93 10.00 -1.50
CA ALA A 1013 -34.82 9.58 -0.43
C ALA A 1013 -35.29 10.78 0.40
N GLU A 1014 -34.37 11.70 0.69
CA GLU A 1014 -34.75 12.89 1.43
C GLU A 1014 -35.66 13.79 0.60
N ILE A 1015 -35.35 13.94 -0.68
CA ILE A 1015 -36.18 14.78 -1.54
C ILE A 1015 -37.57 14.18 -1.67
N ARG A 1016 -37.67 12.85 -1.78
CA ARG A 1016 -38.95 12.20 -1.90
C ARG A 1016 -39.82 12.43 -0.67
N ALA A 1017 -39.22 12.38 0.52
CA ALA A 1017 -39.96 12.73 1.74
C ALA A 1017 -40.47 14.16 1.69
N SER A 1018 -39.63 15.09 1.21
CA SER A 1018 -40.07 16.48 1.11
C SER A 1018 -41.19 16.63 0.09
N ALA A 1019 -41.11 15.92 -1.04
CA ALA A 1019 -42.17 15.99 -2.03
C ALA A 1019 -43.46 15.35 -1.52
N ASN A 1020 -43.35 14.32 -0.69
CA ASN A 1020 -44.54 13.71 -0.09
C ASN A 1020 -45.25 14.70 0.84
N LEU A 1021 -44.49 15.47 1.61
CA LEU A 1021 -45.08 16.47 2.49
C LEU A 1021 -45.71 17.61 1.71
N ALA A 1022 -45.06 18.05 0.63
CA ALA A 1022 -45.62 19.11 -0.19
C ALA A 1022 -46.95 18.70 -0.81
N ALA A 1023 -47.04 17.44 -1.25
CA ALA A 1023 -48.29 16.95 -1.82
C ALA A 1023 -49.40 16.89 -0.78
N THR A 1024 -49.07 16.53 0.46
CA THR A 1024 -50.08 16.49 1.52
C THR A 1024 -50.56 17.89 1.88
N LYS A 1025 -49.64 18.85 1.95
CA LYS A 1025 -50.03 20.23 2.26
C LYS A 1025 -50.93 20.82 1.17
N MET A 1026 -50.67 20.49 -0.10
CA MET A 1026 -51.57 20.94 -1.16
C MET A 1026 -52.97 20.38 -0.99
N SER A 1027 -53.07 19.11 -0.61
CA SER A 1027 -54.37 18.47 -0.43
C SER A 1027 -55.15 19.10 0.73
N GLU A 1028 -54.45 19.46 1.82
CA GLU A 1028 -55.12 19.83 3.06
C GLU A 1028 -55.15 21.32 3.34
N CYS A 1029 -54.11 22.07 2.95
CA CYS A 1029 -54.16 23.52 3.10
C CYS A 1029 -54.84 24.19 1.92
N VAL A 1030 -54.56 23.74 0.70
CA VAL A 1030 -55.01 24.44 -0.50
C VAL A 1030 -56.39 23.96 -0.94
N LEU A 1031 -56.65 22.66 -0.86
CA LEU A 1031 -57.92 22.08 -1.30
C LEU A 1031 -58.95 21.99 -0.18
N GLY A 1032 -58.65 22.52 0.99
CA GLY A 1032 -59.61 22.54 2.07
C GLY A 1032 -59.10 23.40 3.21
N GLN A 1033 -59.79 23.33 4.34
CA GLN A 1033 -59.41 24.03 5.55
C GLN A 1033 -58.96 23.02 6.59
N SER A 1034 -57.79 23.25 7.17
CA SER A 1034 -57.17 22.29 8.07
C SER A 1034 -57.36 22.72 9.51
N LYS A 1035 -57.73 21.76 10.36
CA LYS A 1035 -57.87 21.98 11.80
C LYS A 1035 -56.66 21.51 12.58
N ARG A 1036 -55.63 21.02 11.90
CA ARG A 1036 -54.41 20.60 12.56
C ARG A 1036 -53.58 21.81 12.93
N VAL A 1037 -53.03 21.79 14.13
CA VAL A 1037 -52.36 22.97 14.67
C VAL A 1037 -51.00 23.11 14.01
N ASP A 1038 -50.69 24.33 13.56
CA ASP A 1038 -49.39 24.67 13.00
C ASP A 1038 -49.03 23.83 11.79
N PHE A 1039 -50.01 23.21 11.13
CA PHE A 1039 -49.74 22.53 9.88
C PHE A 1039 -49.76 23.50 8.70
N CYS A 1040 -50.79 24.32 8.60
CA CYS A 1040 -50.90 25.32 7.54
C CYS A 1040 -50.73 26.70 8.17
N GLY A 1041 -49.48 27.11 8.31
CA GLY A 1041 -49.17 28.40 8.90
C GLY A 1041 -49.38 28.42 10.40
N LYS A 1042 -49.02 29.54 11.00
CA LYS A 1042 -49.14 29.75 12.44
C LYS A 1042 -50.34 30.63 12.73
N GLY A 1043 -51.24 30.14 13.57
CA GLY A 1043 -52.49 30.81 13.87
C GLY A 1043 -53.65 29.87 13.62
N TYR A 1044 -54.79 30.46 13.27
CA TYR A 1044 -55.97 29.71 12.86
C TYR A 1044 -56.05 29.77 11.34
N HIS A 1045 -55.96 28.61 10.69
CA HIS A 1045 -55.88 28.56 9.23
C HIS A 1045 -57.18 28.98 8.57
N LEU A 1046 -57.08 29.80 7.53
CA LEU A 1046 -58.23 30.22 6.72
C LEU A 1046 -58.18 29.62 5.32
N MET A 1047 -57.10 29.87 4.57
CA MET A 1047 -56.92 29.30 3.24
C MET A 1047 -55.47 29.47 2.84
N SER A 1048 -55.13 28.94 1.66
CA SER A 1048 -53.75 28.96 1.18
C SER A 1048 -53.74 29.10 -0.33
N PHE A 1049 -52.60 29.53 -0.85
CA PHE A 1049 -52.41 29.76 -2.27
C PHE A 1049 -51.04 29.20 -2.68
N PRO A 1050 -50.96 28.35 -3.70
CA PRO A 1050 -49.66 27.85 -4.14
C PRO A 1050 -49.03 28.74 -5.20
N GLN A 1051 -47.70 28.71 -5.21
CA GLN A 1051 -46.90 29.31 -6.26
C GLN A 1051 -45.83 28.34 -6.69
N SER A 1052 -45.45 28.40 -7.95
CA SER A 1052 -44.42 27.55 -8.52
C SER A 1052 -43.07 28.22 -8.37
N ALA A 1053 -42.04 27.42 -8.08
CA ALA A 1053 -40.67 27.90 -7.98
C ALA A 1053 -39.76 26.84 -8.57
N PRO A 1054 -38.53 27.21 -8.96
CA PRO A 1054 -37.61 26.23 -9.54
C PRO A 1054 -37.33 25.08 -8.58
N HIS A 1055 -37.71 23.87 -8.99
CA HIS A 1055 -37.43 22.66 -8.24
C HIS A 1055 -38.09 22.67 -6.86
N GLY A 1056 -39.21 23.36 -6.73
CA GLY A 1056 -39.90 23.41 -5.46
C GLY A 1056 -41.19 24.20 -5.58
N VAL A 1057 -41.86 24.34 -4.44
CA VAL A 1057 -43.15 25.02 -4.36
C VAL A 1057 -43.12 25.99 -3.18
N VAL A 1058 -43.97 27.02 -3.26
CA VAL A 1058 -44.11 28.03 -2.21
C VAL A 1058 -45.59 28.17 -1.87
N PHE A 1059 -45.92 28.03 -0.59
CA PHE A 1059 -47.29 28.19 -0.12
C PHE A 1059 -47.45 29.52 0.59
N LEU A 1060 -48.53 30.24 0.29
CA LEU A 1060 -48.89 31.43 1.05
C LEU A 1060 -50.07 31.08 1.95
N HIS A 1061 -49.80 30.95 3.24
CA HIS A 1061 -50.81 30.55 4.21
C HIS A 1061 -51.47 31.79 4.80
N VAL A 1062 -52.79 31.84 4.73
CA VAL A 1062 -53.57 32.97 5.28
C VAL A 1062 -54.17 32.51 6.60
N THR A 1063 -53.89 33.23 7.68
CA THR A 1063 -54.29 32.82 9.02
C THR A 1063 -54.88 34.00 9.80
N TYR A 1064 -55.55 33.66 10.89
CA TYR A 1064 -56.27 34.61 11.74
C TYR A 1064 -55.62 34.63 13.11
N VAL A 1065 -55.27 35.82 13.59
CA VAL A 1065 -54.58 35.98 14.86
C VAL A 1065 -55.36 36.96 15.73
N PRO A 1066 -55.79 36.55 16.92
CA PRO A 1066 -56.49 37.48 17.81
C PRO A 1066 -55.55 38.55 18.35
N ALA A 1067 -56.16 39.64 18.82
CA ALA A 1067 -55.41 40.80 19.29
C ALA A 1067 -56.24 41.64 20.24
N GLN A 1068 -55.53 42.42 21.05
CA GLN A 1068 -56.11 43.36 22.00
C GLN A 1068 -57.11 42.67 22.93
N GLU A 1069 -56.58 41.78 23.76
CA GLU A 1069 -57.42 41.09 24.72
C GLU A 1069 -57.81 42.01 25.87
N LYS A 1070 -58.75 41.54 26.69
CA LYS A 1070 -59.26 42.29 27.82
C LYS A 1070 -59.65 41.32 28.92
N ASN A 1071 -59.45 41.76 30.17
CA ASN A 1071 -59.74 40.96 31.35
C ASN A 1071 -61.23 40.96 31.66
N PHE A 1072 -61.72 39.83 32.17
CA PHE A 1072 -63.12 39.74 32.60
C PHE A 1072 -63.23 38.78 33.78
N THR A 1073 -64.35 38.87 34.48
CA THR A 1073 -64.69 37.96 35.57
C THR A 1073 -65.61 36.88 35.01
N THR A 1074 -65.28 35.62 35.28
CA THR A 1074 -65.98 34.50 34.67
C THR A 1074 -66.47 33.53 35.73
N ALA A 1075 -67.63 32.92 35.47
CA ALA A 1075 -68.21 31.91 36.33
C ALA A 1075 -68.65 30.73 35.48
N PRO A 1076 -68.55 29.51 35.99
CA PRO A 1076 -68.80 28.33 35.15
C PRO A 1076 -70.27 28.05 34.94
N ALA A 1077 -71.13 28.60 35.80
CA ALA A 1077 -72.55 28.32 35.70
C ALA A 1077 -73.32 29.42 36.40
N ILE A 1078 -74.62 29.49 36.12
CA ILE A 1078 -75.49 30.53 36.64
C ILE A 1078 -76.65 29.87 37.38
N CYS A 1079 -76.87 30.31 38.61
CA CYS A 1079 -77.92 29.74 39.45
C CYS A 1079 -79.16 30.61 39.31
N HIS A 1080 -80.26 30.01 38.86
CA HIS A 1080 -81.53 30.72 38.75
C HIS A 1080 -82.65 29.73 39.06
N ASP A 1081 -83.58 30.13 39.93
CA ASP A 1081 -84.72 29.31 40.33
C ASP A 1081 -84.29 27.96 40.87
N GLY A 1082 -83.16 27.94 41.59
CA GLY A 1082 -82.63 26.70 42.12
C GLY A 1082 -82.17 25.73 41.05
N LYS A 1083 -81.65 26.24 39.94
CA LYS A 1083 -81.15 25.41 38.87
C LYS A 1083 -79.88 26.05 38.32
N ALA A 1084 -78.98 25.20 37.84
CA ALA A 1084 -77.74 25.65 37.23
C ALA A 1084 -77.92 25.71 35.72
N HIS A 1085 -77.32 26.72 35.10
CA HIS A 1085 -77.39 26.94 33.66
C HIS A 1085 -75.99 26.99 33.08
N PHE A 1086 -75.77 26.26 32.01
CA PHE A 1086 -74.47 26.29 31.37
C PHE A 1086 -74.57 26.88 29.98
N PRO A 1087 -73.55 27.61 29.53
CA PRO A 1087 -73.61 28.26 28.23
C PRO A 1087 -73.59 27.24 27.11
N ARG A 1088 -74.52 27.38 26.16
CA ARG A 1088 -74.63 26.43 25.07
C ARG A 1088 -73.39 26.48 24.17
N GLU A 1089 -73.04 27.69 23.69
CA GLU A 1089 -71.87 27.89 22.84
C GLU A 1089 -71.30 29.25 23.21
N GLY A 1090 -70.39 29.28 24.18
CA GLY A 1090 -69.83 30.53 24.68
C GLY A 1090 -69.32 30.36 26.10
N VAL A 1091 -69.14 31.49 26.78
CA VAL A 1091 -68.61 31.50 28.14
C VAL A 1091 -69.22 32.70 28.86
N PHE A 1092 -69.45 32.56 30.17
CA PHE A 1092 -69.97 33.65 30.96
C PHE A 1092 -68.86 34.62 31.34
N VAL A 1093 -69.10 35.92 31.12
CA VAL A 1093 -68.16 36.96 31.54
C VAL A 1093 -68.95 38.09 32.19
N SER A 1094 -68.24 38.91 32.97
CA SER A 1094 -68.84 40.02 33.67
C SER A 1094 -67.89 41.20 33.61
N ASN A 1095 -68.42 42.40 33.38
CA ASN A 1095 -67.61 43.60 33.30
C ASN A 1095 -67.69 44.44 34.58
N GLY A 1096 -68.00 43.81 35.70
CA GLY A 1096 -68.01 44.47 36.99
C GLY A 1096 -69.34 44.36 37.71
N THR A 1097 -70.45 44.51 36.98
CA THR A 1097 -71.77 44.54 37.60
C THR A 1097 -72.75 43.61 36.90
N HIS A 1098 -72.59 43.48 35.58
CA HIS A 1098 -73.54 42.74 34.75
C HIS A 1098 -72.86 41.52 34.15
N TRP A 1099 -73.64 40.48 33.86
CA TRP A 1099 -73.15 39.25 33.28
C TRP A 1099 -73.69 39.07 31.86
N PHE A 1100 -72.83 38.59 30.97
CA PHE A 1100 -73.20 38.29 29.61
C PHE A 1100 -72.59 36.96 29.20
N VAL A 1101 -73.06 36.42 28.08
CA VAL A 1101 -72.49 35.23 27.45
C VAL A 1101 -71.95 35.64 26.09
N THR A 1102 -70.70 35.25 25.81
CA THR A 1102 -70.04 35.66 24.57
C THR A 1102 -69.28 34.48 23.98
N GLN A 1103 -69.07 34.53 22.67
CA GLN A 1103 -68.27 33.52 22.01
C GLN A 1103 -66.80 33.65 22.42
N ARG A 1104 -66.07 32.56 22.28
CA ARG A 1104 -64.78 32.43 22.95
C ARG A 1104 -63.62 33.06 22.19
N ASN A 1105 -63.81 33.44 20.93
CA ASN A 1105 -62.72 33.94 20.10
C ASN A 1105 -62.86 35.40 19.70
N PHE A 1106 -64.00 36.03 19.98
CA PHE A 1106 -64.22 37.43 19.64
C PHE A 1106 -65.22 38.00 20.64
N TYR A 1107 -64.90 39.15 21.23
CA TYR A 1107 -65.76 39.71 22.26
C TYR A 1107 -67.02 40.27 21.63
N GLU A 1108 -68.16 39.68 21.98
CA GLU A 1108 -69.46 40.16 21.52
C GLU A 1108 -70.51 39.73 22.53
N PRO A 1109 -70.81 40.57 23.51
CA PRO A 1109 -71.68 40.15 24.62
C PRO A 1109 -73.15 40.07 24.22
N GLN A 1110 -73.88 39.16 24.88
CA GLN A 1110 -75.32 39.04 24.75
C GLN A 1110 -75.95 38.79 26.11
N ILE A 1111 -77.21 39.21 26.26
CA ILE A 1111 -77.95 39.01 27.50
C ILE A 1111 -78.26 37.52 27.66
N ILE A 1112 -78.13 37.03 28.89
CA ILE A 1112 -78.39 35.62 29.16
C ILE A 1112 -79.89 35.37 29.06
N THR A 1113 -80.29 34.50 28.13
CA THR A 1113 -81.68 34.06 27.99
C THR A 1113 -81.71 32.53 27.99
N THR A 1114 -82.92 31.99 27.83
CA THR A 1114 -83.07 30.54 27.80
C THR A 1114 -82.77 29.94 26.44
N ASP A 1115 -82.51 30.77 25.43
CA ASP A 1115 -82.24 30.26 24.09
C ASP A 1115 -80.76 29.96 23.86
N ASN A 1116 -79.88 30.48 24.70
CA ASN A 1116 -78.45 30.24 24.59
C ASN A 1116 -77.89 29.60 25.86
N THR A 1117 -78.75 29.03 26.71
CA THR A 1117 -78.30 28.29 27.87
C THR A 1117 -79.14 27.03 27.99
N PHE A 1118 -78.60 26.02 28.68
CA PHE A 1118 -79.35 24.81 28.99
C PHE A 1118 -79.21 24.50 30.47
N VAL A 1119 -80.22 23.86 31.03
CA VAL A 1119 -80.31 23.60 32.47
C VAL A 1119 -79.91 22.15 32.73
N SER A 1120 -79.23 21.93 33.86
CA SER A 1120 -78.91 20.56 34.29
C SER A 1120 -78.64 20.58 35.79
N GLY A 1121 -79.56 20.06 36.59
CA GLY A 1121 -79.31 19.88 38.01
C GLY A 1121 -79.60 21.11 38.85
N ASN A 1122 -79.19 21.03 40.12
CA ASN A 1122 -79.41 22.07 41.12
C ASN A 1122 -78.15 22.89 41.33
N CYS A 1123 -78.23 23.81 42.29
CA CYS A 1123 -77.14 24.73 42.59
C CYS A 1123 -76.31 24.28 43.79
N ASP A 1124 -76.04 22.99 43.91
CA ASP A 1124 -75.29 22.47 45.04
C ASP A 1124 -74.01 21.71 44.67
N VAL A 1125 -73.88 21.21 43.45
CA VAL A 1125 -72.76 20.34 43.11
C VAL A 1125 -71.68 21.13 42.40
N VAL A 1126 -72.05 22.22 41.77
CA VAL A 1126 -71.09 22.99 40.98
C VAL A 1126 -70.29 23.89 41.90
N ILE A 1127 -68.99 23.96 41.67
CA ILE A 1127 -68.09 24.85 42.40
C ILE A 1127 -67.93 26.13 41.59
N GLY A 1128 -68.21 27.27 42.23
CA GLY A 1128 -68.07 28.56 41.62
C GLY A 1128 -69.33 29.17 41.02
N ILE A 1129 -70.50 28.59 41.28
CA ILE A 1129 -71.72 29.08 40.64
C ILE A 1129 -72.11 30.42 41.28
N VAL A 1130 -72.80 31.24 40.51
CA VAL A 1130 -73.19 32.58 40.97
C VAL A 1130 -74.68 32.82 40.78
N ASN A 1131 -75.20 33.75 41.57
CA ASN A 1131 -76.58 34.20 41.46
C ASN A 1131 -76.71 35.18 40.29
N ASN A 1132 -77.79 35.04 39.52
CA ASN A 1132 -78.06 35.94 38.40
C ASN A 1132 -79.51 35.75 37.96
N THR A 1133 -79.89 36.45 36.89
CA THR A 1133 -81.24 36.38 36.33
C THR A 1133 -81.15 35.82 34.92
N VAL A 1134 -82.02 34.86 34.61
CA VAL A 1134 -82.14 34.30 33.27
C VAL A 1134 -83.46 34.77 32.68
N TYR A 1135 -83.36 35.50 31.58
CA TYR A 1135 -84.52 36.15 30.99
C TYR A 1135 -85.26 35.18 30.07
N ASP A 1136 -86.58 35.15 30.22
CA ASP A 1136 -87.44 34.25 29.45
C ASP A 1136 -88.08 35.02 28.31
N PRO A 1137 -87.80 34.69 27.06
CA PRO A 1137 -88.32 35.50 25.94
C PRO A 1137 -89.83 35.42 25.79
N LEU A 1138 -90.44 34.29 26.19
CA LEU A 1138 -91.86 34.07 25.96
C LEU A 1138 -92.74 34.88 26.90
N GLN A 1139 -92.27 35.15 28.12
CA GLN A 1139 -93.15 35.73 29.14
C GLN A 1139 -93.69 37.11 28.75
N PRO A 1140 -92.90 38.06 28.21
CA PRO A 1140 -93.49 39.35 27.82
C PRO A 1140 -94.58 39.24 26.76
N GLU A 1141 -94.40 38.37 25.76
CA GLU A 1141 -95.42 38.24 24.72
C GLU A 1141 -96.62 37.45 25.23
N LEU A 1142 -96.41 36.60 26.23
CA LEU A 1142 -97.53 35.86 26.81
C LEU A 1142 -98.50 36.79 27.52
N ASP A 1143 -97.99 37.81 28.21
CA ASP A 1143 -98.83 38.73 28.98
C ASP A 1143 -99.20 39.97 28.17
N SER A 1144 -98.21 40.72 27.71
CA SER A 1144 -98.46 41.91 26.93
C SER A 1144 -98.70 41.55 25.47
N GLN B 14 25.80 -47.50 32.77
CA GLN B 14 25.96 -47.88 34.17
C GLN B 14 24.60 -48.07 34.84
N CYS B 15 23.72 -48.80 34.16
CA CYS B 15 22.36 -49.00 34.64
C CYS B 15 21.98 -50.46 34.51
N VAL B 16 21.10 -50.91 35.39
CA VAL B 16 20.66 -52.30 35.47
C VAL B 16 19.20 -52.35 35.05
N ASN B 17 18.77 -53.52 34.57
CA ASN B 17 17.39 -53.71 34.16
C ASN B 17 16.45 -53.63 35.36
N LEU B 18 15.16 -53.41 35.10
CA LEU B 18 14.17 -53.33 36.17
C LEU B 18 12.83 -53.78 35.61
N THR B 19 12.46 -55.04 35.86
CA THR B 19 11.27 -55.63 35.28
C THR B 19 10.10 -55.68 36.25
N THR B 20 10.24 -55.10 37.45
CA THR B 20 9.16 -55.21 38.42
C THR B 20 7.95 -54.38 38.03
N ARG B 21 8.05 -53.55 37.01
CA ARG B 21 6.92 -52.75 36.57
C ARG B 21 5.85 -53.64 35.95
N THR B 22 4.60 -53.19 36.05
CA THR B 22 3.43 -53.95 35.62
C THR B 22 2.90 -53.34 34.33
N GLN B 23 2.65 -54.20 33.34
CA GLN B 23 2.09 -53.77 32.05
C GLN B 23 0.57 -53.77 32.19
N LEU B 24 0.03 -52.60 32.51
CA LEU B 24 -1.39 -52.44 32.75
C LEU B 24 -1.97 -51.38 31.81
N PRO B 25 -3.25 -51.48 31.48
CA PRO B 25 -3.91 -50.42 30.73
C PRO B 25 -4.06 -49.19 31.57
N PRO B 26 -3.50 -48.06 31.14
CA PRO B 26 -3.57 -46.84 31.94
C PRO B 26 -4.99 -46.31 32.09
N ALA B 27 -5.24 -45.70 33.24
CA ALA B 27 -6.55 -45.15 33.55
C ALA B 27 -6.73 -43.78 32.91
N TYR B 28 -7.98 -43.30 32.98
CA TYR B 28 -8.40 -42.04 32.38
C TYR B 28 -9.18 -41.24 33.42
N THR B 29 -9.11 -39.93 33.29
CA THR B 29 -9.77 -39.03 34.22
C THR B 29 -10.36 -37.89 33.39
N ASN B 30 -11.22 -37.09 34.02
CA ASN B 30 -11.83 -35.94 33.35
C ASN B 30 -11.23 -34.66 33.93
N SER B 31 -10.48 -33.93 33.12
CA SER B 31 -9.91 -32.65 33.53
C SER B 31 -10.92 -31.55 33.27
N PHE B 32 -11.33 -30.86 34.33
CA PHE B 32 -12.51 -30.00 34.21
C PHE B 32 -12.16 -28.67 33.54
N THR B 33 -11.30 -27.87 34.16
CA THR B 33 -10.94 -26.55 33.63
C THR B 33 -9.47 -26.22 33.86
N ARG B 34 -8.64 -27.20 34.20
CA ARG B 34 -7.22 -26.95 34.44
C ARG B 34 -6.48 -26.95 33.10
N GLY B 35 -5.53 -26.03 32.96
CA GLY B 35 -4.77 -25.95 31.73
C GLY B 35 -4.81 -24.61 31.04
N VAL B 36 -5.09 -23.53 31.78
CA VAL B 36 -5.14 -22.20 31.22
C VAL B 36 -3.89 -21.44 31.65
N TYR B 37 -3.18 -20.87 30.69
CA TYR B 37 -1.96 -20.13 30.95
C TYR B 37 -2.07 -18.75 30.31
N TYR B 38 -1.20 -17.85 30.77
CA TYR B 38 -1.13 -16.52 30.19
C TYR B 38 -0.44 -16.58 28.84
N PRO B 39 -1.09 -16.17 27.74
CA PRO B 39 -0.46 -16.37 26.42
C PRO B 39 0.68 -15.40 26.16
N ASP B 40 0.53 -14.13 26.52
CA ASP B 40 1.54 -13.11 26.26
C ASP B 40 1.78 -12.31 27.52
N LYS B 41 2.93 -11.64 27.56
CA LYS B 41 3.34 -10.84 28.73
C LYS B 41 2.75 -9.44 28.61
N VAL B 42 1.43 -9.35 28.68
CA VAL B 42 0.73 -8.08 28.59
C VAL B 42 -0.24 -7.97 29.76
N PHE B 43 -0.26 -6.80 30.38
CA PHE B 43 -1.14 -6.53 31.50
C PHE B 43 -2.47 -5.95 31.01
N ARG B 44 -3.56 -6.51 31.50
CA ARG B 44 -4.90 -6.03 31.20
C ARG B 44 -5.73 -6.03 32.48
N SER B 45 -6.71 -5.13 32.54
CA SER B 45 -7.54 -4.99 33.72
C SER B 45 -8.99 -4.76 33.31
N SER B 46 -9.88 -5.59 33.83
CA SER B 46 -11.33 -5.50 33.59
C SER B 46 -11.65 -5.58 32.09
N VAL B 47 -11.01 -6.51 31.42
CA VAL B 47 -11.15 -6.69 29.98
C VAL B 47 -11.33 -8.17 29.67
N LEU B 48 -12.30 -8.49 28.82
CA LEU B 48 -12.51 -9.83 28.30
C LEU B 48 -11.85 -9.93 26.94
N HIS B 49 -10.78 -10.71 26.86
CA HIS B 49 -9.98 -10.83 25.66
C HIS B 49 -10.13 -12.23 25.07
N SER B 50 -10.35 -12.30 23.76
CA SER B 50 -10.49 -13.58 23.07
C SER B 50 -9.22 -13.89 22.30
N THR B 51 -8.62 -15.05 22.56
CA THR B 51 -7.37 -15.42 21.94
C THR B 51 -7.42 -16.86 21.45
N GLN B 52 -6.67 -17.13 20.39
CA GLN B 52 -6.61 -18.46 19.78
C GLN B 52 -5.18 -18.96 19.84
N ASP B 53 -5.00 -20.14 20.43
CA ASP B 53 -3.67 -20.68 20.64
C ASP B 53 -3.79 -22.16 20.97
N LEU B 54 -2.67 -22.79 21.31
CA LEU B 54 -2.69 -24.19 21.69
C LEU B 54 -3.14 -24.31 23.14
N PHE B 55 -4.30 -24.91 23.34
CA PHE B 55 -4.91 -25.01 24.66
C PHE B 55 -5.36 -26.44 24.91
N LEU B 56 -5.73 -26.70 26.16
CA LEU B 56 -6.34 -27.97 26.54
C LEU B 56 -7.86 -27.83 26.54
N PRO B 57 -8.58 -28.60 25.72
CA PRO B 57 -10.04 -28.48 25.70
C PRO B 57 -10.62 -28.79 27.07
N PHE B 58 -11.69 -28.07 27.42
CA PHE B 58 -12.38 -28.28 28.68
C PHE B 58 -13.06 -29.64 28.75
N PHE B 59 -13.09 -30.22 29.96
CA PHE B 59 -13.72 -31.52 30.22
C PHE B 59 -13.19 -32.57 29.23
N SER B 60 -11.88 -32.80 29.27
CA SER B 60 -11.19 -33.72 28.38
C SER B 60 -10.72 -34.95 29.15
N ASN B 61 -10.41 -35.99 28.39
CA ASN B 61 -9.92 -37.22 28.96
C ASN B 61 -8.41 -37.10 29.11
N VAL B 62 -7.90 -37.22 30.34
CA VAL B 62 -6.47 -37.21 30.66
C VAL B 62 -6.08 -38.57 31.23
N THR B 63 -4.91 -39.05 30.84
CA THR B 63 -4.44 -40.37 31.19
C THR B 63 -3.85 -40.33 32.59
N TRP B 64 -4.08 -41.40 33.36
CA TRP B 64 -3.72 -41.44 34.77
C TRP B 64 -2.65 -42.51 34.99
N PHE B 65 -1.53 -42.12 35.64
CA PHE B 65 -0.44 -43.04 35.91
C PHE B 65 -0.10 -42.99 37.40
N HIS B 66 0.18 -44.16 37.97
CA HIS B 66 0.46 -44.29 39.38
C HIS B 66 1.88 -44.79 39.59
N VAL B 67 2.38 -44.59 40.80
CA VAL B 67 3.61 -45.20 41.27
C VAL B 67 3.35 -45.83 42.63
N ILE B 68 3.83 -47.06 42.83
CA ILE B 68 3.64 -47.75 44.10
C ILE B 68 4.98 -48.11 44.72
N LYS B 75 5.56 -51.73 43.79
CA LYS B 75 5.28 -52.86 42.92
C LYS B 75 4.66 -52.40 41.61
N ARG B 76 4.23 -51.14 41.57
CA ARG B 76 3.57 -50.59 40.38
C ARG B 76 4.16 -49.21 40.09
N PHE B 77 4.92 -49.10 39.00
CA PHE B 77 5.38 -47.82 38.49
C PHE B 77 5.78 -48.00 37.03
N ASP B 78 5.48 -46.99 36.21
CA ASP B 78 5.73 -47.05 34.77
C ASP B 78 6.28 -45.73 34.26
N ASN B 79 7.28 -45.82 33.39
CA ASN B 79 7.89 -44.66 32.73
C ASN B 79 7.92 -44.89 31.23
N PRO B 80 6.76 -44.96 30.59
CA PRO B 80 6.73 -45.19 29.15
C PRO B 80 7.17 -43.95 28.40
N VAL B 81 7.58 -44.18 27.16
CA VAL B 81 7.98 -43.11 26.26
C VAL B 81 6.72 -42.64 25.53
N LEU B 82 6.29 -41.43 25.84
CA LEU B 82 5.02 -40.87 25.40
C LEU B 82 5.25 -39.86 24.28
N PRO B 83 4.28 -39.70 23.39
CA PRO B 83 4.44 -38.78 22.26
C PRO B 83 4.28 -37.33 22.70
N PHE B 84 4.81 -36.45 21.85
CA PHE B 84 4.79 -35.00 22.08
C PHE B 84 4.32 -34.38 20.77
N ASN B 85 3.00 -34.26 20.60
CA ASN B 85 2.45 -33.85 19.31
C ASN B 85 2.50 -32.34 19.12
N ASP B 86 1.79 -31.61 19.97
CA ASP B 86 1.80 -30.16 19.97
C ASP B 86 2.21 -29.57 21.30
N GLY B 87 1.87 -30.23 22.40
CA GLY B 87 2.30 -29.81 23.71
C GLY B 87 1.79 -30.83 24.72
N VAL B 88 2.26 -30.70 25.95
CA VAL B 88 1.86 -31.63 27.00
C VAL B 88 1.50 -30.83 28.25
N TYR B 89 0.29 -31.05 28.76
CA TYR B 89 -0.13 -30.55 30.06
C TYR B 89 0.22 -31.61 31.09
N PHE B 90 1.18 -31.32 31.96
CA PHE B 90 1.73 -32.32 32.86
C PHE B 90 1.41 -31.91 34.30
N ALA B 91 0.44 -32.59 34.90
CA ALA B 91 0.07 -32.34 36.29
C ALA B 91 0.48 -33.54 37.14
N SER B 92 0.81 -33.27 38.41
CA SER B 92 1.28 -34.32 39.30
C SER B 92 0.79 -34.08 40.71
N ILE B 93 0.29 -35.12 41.35
CA ILE B 93 -0.10 -35.09 42.75
C ILE B 93 0.78 -36.07 43.50
N GLU B 94 1.53 -35.58 44.47
CA GLU B 94 2.53 -36.40 45.15
C GLU B 94 2.86 -35.75 46.49
N LYS B 95 3.74 -36.40 47.22
CA LYS B 95 4.32 -35.82 48.43
C LYS B 95 5.78 -36.24 48.48
N SER B 96 6.63 -35.34 48.97
CA SER B 96 8.07 -35.54 49.03
C SER B 96 8.70 -35.66 47.64
N ASN B 97 8.06 -35.02 46.66
CA ASN B 97 8.60 -34.77 45.31
C ASN B 97 9.38 -35.95 44.74
N ILE B 98 8.66 -37.05 44.51
CA ILE B 98 9.25 -38.19 43.83
C ILE B 98 9.64 -37.82 42.40
N ILE B 99 8.84 -36.95 41.76
CA ILE B 99 9.12 -36.52 40.39
C ILE B 99 10.38 -35.67 40.37
N ARG B 100 11.22 -35.92 39.37
CA ARG B 100 12.53 -35.29 39.31
C ARG B 100 12.77 -34.47 38.05
N GLY B 101 12.33 -34.93 36.88
CA GLY B 101 12.65 -34.23 35.66
C GLY B 101 12.07 -34.91 34.45
N TRP B 102 12.50 -34.44 33.27
CA TRP B 102 11.94 -34.89 32.01
C TRP B 102 13.05 -34.99 30.97
N ILE B 103 12.78 -35.75 29.91
CA ILE B 103 13.67 -35.82 28.76
C ILE B 103 12.85 -35.56 27.50
N PHE B 104 13.37 -34.70 26.63
CA PHE B 104 12.71 -34.39 25.38
C PHE B 104 13.66 -34.62 24.23
N GLY B 105 13.18 -35.27 23.17
CA GLY B 105 14.03 -35.56 22.04
C GLY B 105 13.32 -36.47 21.06
N THR B 106 14.02 -36.72 19.95
CA THR B 106 13.47 -37.52 18.85
C THR B 106 13.80 -39.01 19.00
N THR B 107 15.08 -39.36 18.94
CA THR B 107 15.47 -40.75 19.01
C THR B 107 16.02 -41.16 20.36
N LEU B 108 16.40 -40.18 21.19
CA LEU B 108 16.87 -40.43 22.56
C LEU B 108 18.14 -41.27 22.58
N ASP B 109 19.03 -41.03 21.62
CA ASP B 109 20.31 -41.74 21.57
C ASP B 109 21.39 -40.76 21.11
N SER B 110 22.56 -41.31 20.77
CA SER B 110 23.68 -40.50 20.34
C SER B 110 23.50 -39.90 18.95
N LYS B 111 22.52 -40.39 18.18
CA LYS B 111 22.33 -39.90 16.81
C LYS B 111 21.76 -38.49 16.77
N THR B 112 20.91 -38.14 17.74
CA THR B 112 20.24 -36.85 17.74
C THR B 112 20.43 -36.16 19.08
N GLN B 113 20.31 -34.83 19.04
CA GLN B 113 20.38 -34.05 20.25
C GLN B 113 19.13 -34.26 21.10
N SER B 114 19.30 -34.08 22.41
CA SER B 114 18.24 -34.27 23.38
C SER B 114 18.39 -33.25 24.51
N LEU B 115 17.26 -32.95 25.14
CA LEU B 115 17.18 -32.00 26.24
C LEU B 115 16.91 -32.73 27.53
N LEU B 116 17.66 -32.39 28.57
CA LEU B 116 17.57 -33.06 29.87
C LEU B 116 17.35 -32.01 30.96
N ILE B 117 16.34 -32.25 31.80
CA ILE B 117 16.07 -31.41 32.97
C ILE B 117 16.04 -32.30 34.20
N VAL B 118 16.89 -31.99 35.18
CA VAL B 118 16.90 -32.70 36.46
C VAL B 118 17.10 -31.69 37.59
N ASN B 119 16.35 -31.85 38.67
CA ASN B 119 16.53 -31.10 39.90
C ASN B 119 17.28 -31.92 40.93
N ASN B 120 18.24 -31.30 41.61
CA ASN B 120 19.00 -32.03 42.62
C ASN B 120 18.85 -31.38 43.99
N ALA B 121 17.64 -30.88 44.29
CA ALA B 121 17.24 -30.40 45.61
C ALA B 121 17.93 -29.09 46.01
N THR B 122 18.84 -28.59 45.18
CA THR B 122 19.44 -27.28 45.42
C THR B 122 19.12 -26.29 44.30
N ASN B 123 19.21 -26.74 43.05
CA ASN B 123 19.05 -25.91 41.88
C ASN B 123 18.67 -26.81 40.71
N VAL B 124 18.08 -26.22 39.68
CA VAL B 124 17.66 -26.97 38.51
C VAL B 124 18.84 -27.07 37.55
N VAL B 125 18.79 -28.07 36.66
CA VAL B 125 19.88 -28.36 35.74
C VAL B 125 19.27 -28.65 34.37
N ILE B 126 19.59 -27.82 33.38
CA ILE B 126 19.08 -28.00 32.03
C ILE B 126 20.29 -28.15 31.11
N LYS B 127 20.32 -29.24 30.34
CA LYS B 127 21.43 -29.51 29.43
C LYS B 127 20.88 -29.93 28.08
N VAL B 128 21.67 -29.68 27.04
CA VAL B 128 21.34 -30.07 25.67
C VAL B 128 22.59 -30.70 25.08
N CYS B 129 22.71 -32.02 25.16
CA CYS B 129 23.83 -32.74 24.58
C CYS B 129 23.30 -33.97 23.86
N GLU B 130 24.20 -34.69 23.18
CA GLU B 130 23.85 -35.95 22.54
C GLU B 130 23.95 -37.08 23.56
N PHE B 131 22.96 -37.10 24.47
CA PHE B 131 22.94 -38.09 25.52
C PHE B 131 22.73 -39.49 24.95
N GLN B 132 23.31 -40.47 25.62
CA GLN B 132 23.05 -41.88 25.37
C GLN B 132 22.27 -42.41 26.56
N PHE B 133 20.99 -42.69 26.37
CA PHE B 133 20.08 -42.97 27.47
C PHE B 133 19.94 -44.47 27.73
N CYS B 134 19.54 -44.79 28.96
CA CYS B 134 19.29 -46.15 29.37
C CYS B 134 17.89 -46.58 28.95
N ASN B 135 17.66 -47.89 28.98
CA ASN B 135 16.33 -48.38 28.62
C ASN B 135 15.31 -48.05 29.71
N ASP B 136 15.76 -47.96 30.96
CA ASP B 136 14.91 -47.56 32.09
C ASP B 136 15.61 -46.45 32.85
N PRO B 137 15.60 -45.23 32.32
CA PRO B 137 16.22 -44.11 33.03
C PRO B 137 15.57 -43.89 34.38
N PHE B 138 16.39 -43.56 35.38
CA PHE B 138 15.87 -43.32 36.71
C PHE B 138 16.89 -42.55 37.53
N LEU B 139 16.41 -41.98 38.63
CA LEU B 139 17.25 -41.31 39.62
C LEU B 139 17.11 -42.02 40.95
N ASP B 140 18.21 -42.12 41.67
CA ASP B 140 18.21 -42.75 42.98
C ASP B 140 17.48 -41.89 44.01
N MET B 148 20.69 -38.97 51.55
CA MET B 148 20.37 -39.97 50.53
C MET B 148 21.58 -40.14 49.61
N GLU B 149 21.81 -41.38 49.17
CA GLU B 149 22.91 -41.66 48.26
C GLU B 149 22.67 -40.95 46.93
N SER B 150 23.73 -40.42 46.35
CA SER B 150 23.64 -39.63 45.13
C SER B 150 24.36 -40.37 44.00
N GLU B 151 23.70 -40.41 42.84
CA GLU B 151 24.20 -41.14 41.69
C GLU B 151 23.36 -40.76 40.50
N PHE B 152 23.99 -40.72 39.33
CA PHE B 152 23.33 -40.35 38.08
C PHE B 152 23.39 -41.54 37.13
N ARG B 153 22.24 -42.20 36.91
CA ARG B 153 22.17 -43.36 36.02
C ARG B 153 21.18 -43.14 34.88
N VAL B 154 20.79 -41.89 34.60
CA VAL B 154 19.84 -41.66 33.52
C VAL B 154 20.50 -41.80 32.15
N TYR B 155 21.80 -41.52 32.05
CA TYR B 155 22.47 -41.50 30.76
C TYR B 155 23.81 -42.22 30.84
N SER B 156 24.32 -42.56 29.65
CA SER B 156 25.62 -43.20 29.53
C SER B 156 26.74 -42.16 29.52
N SER B 157 26.74 -41.27 28.53
CA SER B 157 27.78 -40.26 28.39
C SER B 157 27.35 -39.24 27.36
N ALA B 158 27.55 -37.97 27.68
CA ALA B 158 27.30 -36.90 26.71
C ALA B 158 28.38 -36.90 25.63
N ASN B 159 28.01 -36.44 24.45
CA ASN B 159 28.90 -36.41 23.29
C ASN B 159 29.13 -35.03 22.72
N ASN B 160 28.08 -34.20 22.65
CA ASN B 160 28.14 -32.94 21.91
C ASN B 160 27.18 -31.97 22.59
N CYS B 161 27.72 -31.13 23.47
CA CYS B 161 26.93 -30.21 24.27
C CYS B 161 26.90 -28.84 23.60
N THR B 162 25.71 -28.28 23.47
CA THR B 162 25.51 -26.99 22.82
C THR B 162 24.81 -25.98 23.72
N PHE B 163 24.45 -26.35 24.94
CA PHE B 163 23.67 -25.44 25.77
C PHE B 163 23.82 -25.86 27.23
N GLU B 164 23.55 -24.90 28.12
CA GLU B 164 23.60 -25.09 29.56
C GLU B 164 22.79 -23.98 30.21
N TYR B 165 22.20 -24.30 31.36
CA TYR B 165 21.35 -23.36 32.10
C TYR B 165 21.10 -23.90 33.50
N VAL B 166 21.35 -23.07 34.52
CA VAL B 166 21.16 -23.43 35.91
C VAL B 166 20.46 -22.28 36.62
N SER B 167 19.40 -22.59 37.36
CA SER B 167 18.57 -21.57 38.01
C SER B 167 17.79 -22.23 39.14
N GLN B 168 16.79 -21.52 39.67
CA GLN B 168 16.07 -21.97 40.86
C GLN B 168 15.33 -23.29 40.56
N PRO B 169 15.17 -24.15 41.56
CA PRO B 169 14.48 -25.42 41.33
C PRO B 169 13.04 -25.21 40.88
N PHE B 170 12.59 -26.03 39.94
CA PHE B 170 11.22 -25.93 39.46
C PHE B 170 10.21 -26.32 40.53
N LEU B 171 10.52 -27.33 41.33
CA LEU B 171 9.54 -27.89 42.27
C LEU B 171 9.76 -27.36 43.68
N ASN B 180 -0.15 -38.81 52.42
CA ASN B 180 -0.89 -37.55 52.35
C ASN B 180 -0.47 -36.75 51.11
N PHE B 181 -1.24 -36.90 50.03
CA PHE B 181 -1.03 -36.12 48.82
C PHE B 181 -1.41 -34.67 49.08
N LYS B 182 -0.43 -33.78 49.10
CA LYS B 182 -0.72 -32.37 49.33
C LYS B 182 0.07 -31.45 48.39
N ASN B 183 0.54 -31.96 47.26
CA ASN B 183 1.31 -31.16 46.30
C ASN B 183 0.72 -31.38 44.92
N LEU B 184 0.29 -30.29 44.29
CA LEU B 184 -0.27 -30.32 42.94
C LEU B 184 0.54 -29.38 42.07
N ARG B 185 1.40 -29.95 41.22
CA ARG B 185 2.28 -29.19 40.33
C ARG B 185 1.81 -29.37 38.90
N GLU B 186 1.50 -28.26 38.24
CA GLU B 186 1.00 -28.29 36.87
C GLU B 186 2.00 -27.60 35.96
N PHE B 187 2.29 -28.23 34.82
CA PHE B 187 3.27 -27.70 33.89
C PHE B 187 2.72 -27.76 32.47
N VAL B 188 3.08 -26.76 31.67
CA VAL B 188 2.79 -26.77 30.24
C VAL B 188 4.11 -26.61 29.49
N PHE B 189 4.39 -27.53 28.58
CA PHE B 189 5.60 -27.51 27.76
C PHE B 189 5.23 -27.27 26.31
N LYS B 190 5.84 -26.26 25.70
CA LYS B 190 5.63 -25.93 24.31
C LYS B 190 6.97 -25.74 23.62
N ASN B 191 6.99 -26.01 22.32
CA ASN B 191 8.22 -25.90 21.54
C ASN B 191 7.84 -25.32 20.18
N ILE B 192 8.06 -24.01 20.03
CA ILE B 192 7.74 -23.30 18.79
C ILE B 192 8.91 -22.37 18.46
N ASP B 193 9.23 -22.29 17.16
CA ASP B 193 10.22 -21.37 16.62
C ASP B 193 11.59 -21.56 17.26
N GLY B 194 11.92 -22.82 17.57
CA GLY B 194 13.15 -23.15 18.24
C GLY B 194 13.19 -22.80 19.71
N TYR B 195 12.08 -22.34 20.28
CA TYR B 195 12.02 -21.93 21.68
C TYR B 195 11.22 -22.95 22.48
N PHE B 196 11.76 -23.36 23.61
CA PHE B 196 11.06 -24.23 24.53
C PHE B 196 10.54 -23.38 25.68
N LYS B 197 9.23 -23.36 25.85
CA LYS B 197 8.55 -22.51 26.82
C LYS B 197 7.90 -23.38 27.88
N ILE B 198 8.05 -22.98 29.14
CA ILE B 198 7.56 -23.75 30.28
C ILE B 198 6.75 -22.83 31.17
N TYR B 199 5.48 -23.19 31.39
CA TYR B 199 4.62 -22.50 32.34
C TYR B 199 4.34 -23.42 33.52
N SER B 200 4.26 -22.84 34.71
CA SER B 200 4.19 -23.61 35.94
C SER B 200 3.20 -22.97 36.91
N LYS B 201 2.62 -23.82 37.77
CA LYS B 201 1.77 -23.39 38.88
C LYS B 201 1.82 -24.45 39.97
N HIS B 202 1.89 -24.01 41.23
CA HIS B 202 1.95 -24.90 42.38
C HIS B 202 0.79 -24.59 43.31
N THR B 203 0.07 -25.62 43.74
CA THR B 203 -1.10 -25.45 44.59
C THR B 203 -1.13 -26.55 45.65
N PRO B 204 -1.31 -26.20 46.92
CA PRO B 204 -1.47 -27.24 47.96
C PRO B 204 -2.91 -27.74 47.99
N ILE B 205 -3.10 -29.01 47.66
CA ILE B 205 -4.44 -29.58 47.50
C ILE B 205 -5.07 -29.86 48.87
N ASP B 212 -8.12 -38.06 40.72
CA ASP B 212 -9.16 -37.15 41.16
C ASP B 212 -8.69 -35.69 41.17
N LEU B 213 -8.57 -35.11 39.98
CA LEU B 213 -8.12 -33.72 39.87
C LEU B 213 -9.17 -32.78 40.48
N PRO B 214 -8.75 -31.79 41.25
CA PRO B 214 -9.72 -30.87 41.86
C PRO B 214 -10.44 -30.02 40.81
N GLN B 215 -11.67 -29.64 41.14
CA GLN B 215 -12.48 -28.77 40.29
C GLN B 215 -12.21 -27.32 40.70
N GLY B 216 -11.47 -26.59 39.86
CA GLY B 216 -11.15 -25.21 40.17
C GLY B 216 -10.44 -24.58 39.01
N PHE B 217 -10.24 -23.27 39.12
CA PHE B 217 -9.56 -22.51 38.08
C PHE B 217 -8.28 -21.92 38.66
N SER B 218 -7.16 -22.17 38.00
CA SER B 218 -5.89 -21.55 38.34
C SER B 218 -5.11 -21.29 37.07
N ALA B 219 -4.55 -20.09 36.94
CA ALA B 219 -3.85 -19.69 35.73
C ALA B 219 -2.36 -19.94 35.87
N LEU B 220 -1.76 -20.49 34.81
CA LEU B 220 -0.36 -20.92 34.82
C LEU B 220 0.50 -19.77 34.29
N GLU B 221 1.33 -19.22 35.17
CA GLU B 221 2.22 -18.14 34.79
C GLU B 221 3.47 -18.71 34.11
N PRO B 222 4.10 -17.95 33.22
CA PRO B 222 5.34 -18.41 32.59
C PRO B 222 6.49 -18.51 33.59
N LEU B 223 7.36 -19.49 33.35
CA LEU B 223 8.46 -19.82 34.24
C LEU B 223 9.82 -19.62 33.59
N VAL B 224 10.08 -20.27 32.46
CA VAL B 224 11.33 -20.11 31.71
C VAL B 224 11.00 -20.15 30.22
N ASP B 225 11.83 -19.46 29.44
CA ASP B 225 11.73 -19.48 27.98
C ASP B 225 13.15 -19.64 27.45
N LEU B 226 13.40 -20.75 26.74
CA LEU B 226 14.76 -21.08 26.34
C LEU B 226 14.88 -21.29 24.83
N PRO B 227 15.92 -20.75 24.22
CA PRO B 227 16.19 -21.01 22.79
C PRO B 227 17.05 -22.24 22.54
N ILE B 228 16.55 -23.41 22.97
CA ILE B 228 17.28 -24.67 22.81
C ILE B 228 17.36 -25.09 21.35
N GLY B 229 16.25 -25.01 20.61
CA GLY B 229 16.28 -25.11 19.16
C GLY B 229 16.33 -26.50 18.56
N ILE B 230 16.43 -27.57 19.36
CA ILE B 230 16.43 -28.92 18.80
C ILE B 230 14.99 -29.34 18.51
N ASN B 231 14.85 -30.43 17.76
CA ASN B 231 13.56 -31.03 17.40
C ASN B 231 13.12 -32.03 18.47
N ILE B 232 11.84 -31.96 18.87
CA ILE B 232 11.30 -32.78 19.94
C ILE B 232 10.08 -33.53 19.43
N THR B 233 10.03 -34.83 19.66
CA THR B 233 8.96 -35.70 19.19
C THR B 233 8.32 -36.53 20.30
N ARG B 234 9.09 -37.02 21.26
CA ARG B 234 8.59 -37.82 22.37
C ARG B 234 9.22 -37.35 23.67
N PHE B 235 8.74 -37.91 24.78
CA PHE B 235 9.26 -37.49 26.07
C PHE B 235 9.07 -38.60 27.10
N GLN B 236 9.77 -38.45 28.23
CA GLN B 236 9.73 -39.42 29.32
C GLN B 236 9.97 -38.69 30.64
N THR B 237 9.59 -39.34 31.73
CA THR B 237 9.64 -38.80 33.08
C THR B 237 10.62 -39.62 33.93
N LEU B 238 11.11 -38.98 34.99
CA LEU B 238 12.05 -39.58 35.93
C LEU B 238 11.50 -39.55 37.34
N LEU B 239 11.70 -40.63 38.08
CA LEU B 239 11.29 -40.71 39.47
C LEU B 239 12.52 -41.00 40.32
N ALA B 240 12.44 -40.64 41.59
CA ALA B 240 13.52 -40.86 42.55
C ALA B 240 13.12 -42.02 43.44
N LEU B 241 13.85 -43.13 43.35
CA LEU B 241 13.49 -44.30 44.13
C LEU B 241 14.75 -45.09 44.51
N HIS B 242 14.66 -45.77 45.65
CA HIS B 242 15.70 -46.66 46.14
C HIS B 242 15.05 -47.99 46.54
N ARG B 243 15.60 -49.09 46.01
CA ARG B 243 15.07 -50.42 46.29
C ARG B 243 15.48 -50.83 47.70
N SER B 244 14.50 -50.94 48.59
CA SER B 244 14.72 -51.38 49.97
C SER B 244 13.97 -52.66 50.24
N GLY B 258 7.37 -43.13 47.77
CA GLY B 258 6.20 -43.69 48.41
C GLY B 258 5.02 -43.89 47.48
N ALA B 259 4.13 -42.90 47.44
CA ALA B 259 2.92 -42.96 46.62
C ALA B 259 2.73 -41.64 45.89
N ALA B 260 2.46 -41.73 44.59
CA ALA B 260 2.32 -40.53 43.77
C ALA B 260 1.57 -40.87 42.49
N ALA B 261 1.12 -39.84 41.81
CA ALA B 261 0.39 -39.98 40.57
C ALA B 261 0.68 -38.76 39.70
N TYR B 262 0.79 -39.01 38.40
CA TYR B 262 1.00 -37.95 37.43
C TYR B 262 0.10 -38.16 36.23
N TYR B 263 -0.39 -37.06 35.67
CA TYR B 263 -1.37 -37.06 34.59
C TYR B 263 -0.77 -36.38 33.37
N VAL B 264 -1.20 -36.81 32.19
CA VAL B 264 -0.73 -36.28 30.91
C VAL B 264 -1.92 -35.85 30.09
N GLY B 265 -1.86 -34.63 29.54
CA GLY B 265 -2.86 -34.16 28.61
C GLY B 265 -2.21 -33.37 27.49
N TYR B 266 -2.91 -33.36 26.35
CA TYR B 266 -2.36 -32.83 25.11
C TYR B 266 -3.07 -31.56 24.69
N LEU B 267 -2.32 -30.62 24.11
CA LEU B 267 -2.86 -29.34 23.73
C LEU B 267 -3.39 -29.41 22.30
N GLN B 268 -4.44 -28.62 22.04
CA GLN B 268 -5.03 -28.50 20.72
C GLN B 268 -5.20 -27.03 20.37
N PRO B 269 -5.14 -26.68 19.08
CA PRO B 269 -5.38 -25.29 18.69
C PRO B 269 -6.84 -24.92 18.85
N ARG B 270 -7.15 -24.04 19.81
CA ARG B 270 -8.53 -23.70 20.11
C ARG B 270 -8.64 -22.22 20.43
N THR B 271 -9.87 -21.74 20.48
CA THR B 271 -10.18 -20.34 20.75
C THR B 271 -10.80 -20.22 22.14
N PHE B 272 -10.22 -19.36 22.97
CA PHE B 272 -10.66 -19.19 24.35
C PHE B 272 -11.07 -17.74 24.57
N LEU B 273 -11.87 -17.53 25.62
CA LEU B 273 -12.25 -16.20 26.08
C LEU B 273 -11.84 -16.09 27.54
N LEU B 274 -10.85 -15.23 27.82
CA LEU B 274 -10.30 -15.09 29.16
C LEU B 274 -10.78 -13.78 29.77
N LYS B 275 -11.02 -13.81 31.08
CA LYS B 275 -11.45 -12.63 31.82
C LYS B 275 -10.33 -12.18 32.73
N TYR B 276 -10.03 -10.88 32.69
CA TYR B 276 -8.98 -10.31 33.52
C TYR B 276 -9.60 -9.45 34.62
N ASN B 277 -9.10 -9.63 35.85
CA ASN B 277 -9.57 -8.82 36.97
C ASN B 277 -8.83 -7.48 36.97
N GLU B 278 -9.11 -6.66 37.99
CA GLU B 278 -8.46 -5.35 38.10
C GLU B 278 -6.97 -5.45 38.38
N ASN B 279 -6.51 -6.57 38.91
CA ASN B 279 -5.11 -6.75 39.26
C ASN B 279 -4.33 -7.46 38.17
N GLY B 280 -4.94 -7.69 37.01
CA GLY B 280 -4.25 -8.30 35.88
C GLY B 280 -4.13 -9.80 35.93
N THR B 281 -4.99 -10.46 36.69
CA THR B 281 -4.96 -11.90 36.83
C THR B 281 -6.16 -12.51 36.13
N ILE B 282 -5.89 -13.53 35.30
CA ILE B 282 -6.96 -14.30 34.66
C ILE B 282 -7.75 -15.02 35.74
N THR B 283 -9.07 -14.86 35.73
CA THR B 283 -9.92 -15.47 36.72
C THR B 283 -10.94 -16.47 36.19
N ASP B 284 -11.26 -16.45 34.90
CA ASP B 284 -12.18 -17.43 34.36
C ASP B 284 -11.98 -17.47 32.85
N ALA B 285 -12.42 -18.57 32.24
CA ALA B 285 -12.22 -18.77 30.82
C ALA B 285 -13.41 -19.51 30.24
N VAL B 286 -13.63 -19.34 28.94
CA VAL B 286 -14.72 -20.00 28.22
C VAL B 286 -14.14 -20.67 26.97
N ASP B 287 -14.48 -21.94 26.76
CA ASP B 287 -14.09 -22.65 25.55
C ASP B 287 -15.20 -22.48 24.51
N CYS B 288 -14.88 -21.79 23.43
CA CYS B 288 -15.87 -21.42 22.41
C CYS B 288 -16.37 -22.60 21.60
N ALA B 289 -15.75 -23.79 21.72
CA ALA B 289 -16.15 -24.93 20.91
C ALA B 289 -16.58 -26.13 21.75
N LEU B 290 -17.18 -25.90 22.91
CA LEU B 290 -17.58 -26.99 23.79
C LEU B 290 -19.06 -27.32 23.66
N ASP B 291 -19.92 -26.33 23.83
CA ASP B 291 -21.36 -26.53 23.80
C ASP B 291 -22.00 -25.25 23.26
N PRO B 292 -23.27 -25.33 22.82
CA PRO B 292 -23.89 -24.14 22.20
C PRO B 292 -23.96 -22.94 23.13
N LEU B 293 -24.11 -23.14 24.44
CA LEU B 293 -24.15 -21.99 25.34
C LEU B 293 -22.82 -21.25 25.33
N SER B 294 -21.70 -21.97 25.24
CA SER B 294 -20.40 -21.30 25.20
C SER B 294 -20.21 -20.55 23.88
N GLU B 295 -20.64 -21.14 22.77
CA GLU B 295 -20.50 -20.45 21.48
C GLU B 295 -21.32 -19.16 21.44
N THR B 296 -22.50 -19.17 22.06
CA THR B 296 -23.26 -17.93 22.18
C THR B 296 -22.51 -16.92 23.03
N LYS B 297 -21.89 -17.37 24.12
CA LYS B 297 -21.10 -16.48 24.96
C LYS B 297 -19.95 -15.86 24.19
N CYS B 298 -19.23 -16.66 23.41
CA CYS B 298 -18.10 -16.15 22.64
C CYS B 298 -18.57 -15.16 21.56
N THR B 299 -19.75 -15.41 20.98
CA THR B 299 -20.30 -14.47 20.00
C THR B 299 -20.65 -13.13 20.62
N LEU B 300 -21.29 -13.14 21.79
CA LEU B 300 -21.70 -11.92 22.45
C LEU B 300 -20.56 -11.21 23.15
N LYS B 301 -19.39 -11.85 23.23
CA LYS B 301 -18.22 -11.28 23.90
C LYS B 301 -18.57 -10.92 25.36
N SER B 302 -19.20 -11.87 26.04
CA SER B 302 -19.70 -11.63 27.38
C SER B 302 -19.92 -12.97 28.08
N PHE B 303 -19.91 -12.93 29.41
CA PHE B 303 -20.16 -14.13 30.21
C PHE B 303 -21.65 -14.31 30.53
N THR B 304 -22.50 -13.37 30.16
CA THR B 304 -23.93 -13.49 30.43
C THR B 304 -24.70 -13.34 29.13
N VAL B 305 -25.78 -14.10 29.00
CA VAL B 305 -26.57 -14.13 27.78
C VAL B 305 -28.01 -13.79 28.15
N GLU B 306 -28.60 -12.86 27.42
CA GLU B 306 -29.97 -12.48 27.67
C GLU B 306 -30.94 -13.38 26.91
N LYS B 307 -32.19 -13.39 27.35
CA LYS B 307 -33.20 -14.24 26.73
C LYS B 307 -33.43 -13.81 25.29
N GLY B 308 -33.47 -14.77 24.38
CA GLY B 308 -33.66 -14.48 22.97
C GLY B 308 -33.13 -15.60 22.11
N ILE B 309 -33.09 -15.34 20.80
CA ILE B 309 -32.56 -16.28 19.82
C ILE B 309 -31.37 -15.62 19.11
N TYR B 310 -30.22 -16.31 19.13
CA TYR B 310 -28.98 -15.77 18.58
C TYR B 310 -28.42 -16.69 17.50
N GLN B 311 -27.75 -16.10 16.52
CA GLN B 311 -27.13 -16.83 15.43
C GLN B 311 -25.63 -16.97 15.69
N THR B 312 -25.13 -18.21 15.66
CA THR B 312 -23.77 -18.49 16.09
C THR B 312 -22.83 -18.84 14.94
N SER B 313 -23.18 -19.82 14.12
CA SER B 313 -22.27 -20.27 13.06
C SER B 313 -23.08 -21.05 12.03
N ASN B 314 -22.38 -21.77 11.15
CA ASN B 314 -23.02 -22.54 10.09
C ASN B 314 -22.43 -23.95 10.08
N PHE B 315 -23.27 -24.92 9.73
CA PHE B 315 -22.88 -26.33 9.70
C PHE B 315 -22.88 -26.86 8.27
N ARG B 316 -21.94 -27.75 7.99
CA ARG B 316 -21.86 -28.42 6.71
C ARG B 316 -21.55 -29.89 6.94
N VAL B 317 -22.05 -30.74 6.05
CA VAL B 317 -21.79 -32.18 6.15
C VAL B 317 -20.42 -32.45 5.52
N GLN B 318 -19.54 -33.05 6.30
CA GLN B 318 -18.18 -33.31 5.86
C GLN B 318 -18.15 -34.51 4.92
N PRO B 319 -17.21 -34.53 3.97
CA PRO B 319 -17.13 -35.65 3.03
C PRO B 319 -16.72 -36.95 3.70
N THR B 320 -17.11 -38.06 3.08
CA THR B 320 -16.79 -39.38 3.59
C THR B 320 -15.45 -39.89 3.09
N GLU B 321 -15.27 -39.94 1.77
CA GLU B 321 -14.07 -40.50 1.16
C GLU B 321 -13.70 -39.63 -0.05
N SER B 322 -12.75 -40.11 -0.84
CA SER B 322 -12.31 -39.40 -2.03
C SER B 322 -12.50 -40.28 -3.25
N ILE B 323 -12.72 -39.63 -4.40
CA ILE B 323 -12.94 -40.32 -5.67
C ILE B 323 -12.04 -39.67 -6.71
N VAL B 324 -11.37 -40.51 -7.50
CA VAL B 324 -10.57 -40.05 -8.63
C VAL B 324 -10.93 -40.90 -9.85
N ARG B 325 -11.31 -40.23 -10.93
CA ARG B 325 -11.72 -40.88 -12.18
C ARG B 325 -10.89 -40.34 -13.32
N PHE B 326 -10.06 -41.20 -13.90
CA PHE B 326 -9.15 -40.88 -14.98
C PHE B 326 -9.28 -41.93 -16.08
N PRO B 327 -8.93 -41.58 -17.31
CA PRO B 327 -8.98 -42.57 -18.41
C PRO B 327 -8.02 -43.71 -18.13
N ASN B 328 -8.38 -44.90 -18.59
CA ASN B 328 -7.67 -46.14 -18.25
C ASN B 328 -6.68 -46.60 -19.32
N ILE B 329 -6.02 -45.69 -20.02
CA ILE B 329 -5.00 -46.02 -20.99
C ILE B 329 -3.65 -45.95 -20.29
N THR B 330 -2.72 -46.82 -20.73
CA THR B 330 -1.35 -46.81 -20.23
C THR B 330 -0.32 -46.52 -21.33
N ASN B 331 -0.76 -46.18 -22.53
CA ASN B 331 0.17 -45.84 -23.61
C ASN B 331 1.04 -44.66 -23.21
N LEU B 332 2.34 -44.78 -23.48
CA LEU B 332 3.28 -43.70 -23.18
C LEU B 332 3.26 -42.66 -24.30
N CYS B 333 3.47 -41.41 -23.92
CA CYS B 333 3.60 -40.36 -24.92
C CYS B 333 5.02 -40.32 -25.48
N PRO B 334 5.17 -39.86 -26.73
CA PRO B 334 6.50 -39.89 -27.36
C PRO B 334 7.36 -38.71 -26.95
N PHE B 335 8.41 -38.98 -26.18
CA PHE B 335 9.38 -37.95 -25.79
C PHE B 335 10.81 -38.25 -26.24
N ASP B 336 11.14 -39.51 -26.52
CA ASP B 336 12.48 -39.84 -27.01
C ASP B 336 12.73 -39.17 -28.36
N GLU B 337 11.73 -39.23 -29.25
CA GLU B 337 11.90 -38.63 -30.57
C GLU B 337 12.02 -37.11 -30.50
N VAL B 338 11.28 -36.47 -29.59
CA VAL B 338 11.30 -35.02 -29.48
C VAL B 338 12.65 -34.53 -28.93
N PHE B 339 13.20 -35.22 -27.93
CA PHE B 339 14.41 -34.76 -27.23
C PHE B 339 15.68 -35.52 -27.58
N ASN B 340 15.59 -36.80 -27.95
CA ASN B 340 16.78 -37.56 -28.31
C ASN B 340 16.99 -37.66 -29.81
N ALA B 341 16.32 -36.81 -30.59
CA ALA B 341 16.44 -36.86 -32.05
C ALA B 341 17.89 -36.63 -32.47
N THR B 342 18.34 -37.44 -33.44
CA THR B 342 19.70 -37.29 -33.93
C THR B 342 19.89 -35.94 -34.58
N ARG B 343 18.93 -35.53 -35.43
CA ARG B 343 18.98 -34.25 -36.13
C ARG B 343 17.67 -33.52 -35.92
N PHE B 344 17.71 -32.19 -36.05
CA PHE B 344 16.56 -31.35 -35.86
C PHE B 344 16.35 -30.47 -37.09
N ALA B 345 15.08 -30.22 -37.42
CA ALA B 345 14.74 -29.48 -38.62
C ALA B 345 15.21 -28.03 -38.53
N SER B 346 15.35 -27.39 -39.70
CA SER B 346 15.73 -25.98 -39.75
C SER B 346 14.66 -25.12 -39.09
N VAL B 347 15.11 -24.02 -38.45
CA VAL B 347 14.22 -23.20 -37.61
C VAL B 347 13.10 -22.57 -38.44
N TYR B 348 13.41 -22.13 -39.66
CA TYR B 348 12.36 -21.51 -40.47
C TYR B 348 11.28 -22.52 -40.82
N ALA B 349 11.66 -23.76 -41.12
CA ALA B 349 10.70 -24.84 -41.38
C ALA B 349 10.68 -25.82 -40.20
N TRP B 350 10.03 -25.40 -39.12
CA TRP B 350 9.85 -26.26 -37.97
C TRP B 350 8.83 -27.37 -38.25
N ASN B 351 8.85 -28.39 -37.40
CA ASN B 351 8.01 -29.58 -37.55
C ASN B 351 7.05 -29.68 -36.38
N ARG B 352 5.77 -29.86 -36.69
CA ARG B 352 4.74 -30.06 -35.67
C ARG B 352 4.56 -31.56 -35.42
N LYS B 353 4.61 -31.96 -34.16
CA LYS B 353 4.44 -33.36 -33.75
C LYS B 353 3.21 -33.49 -32.87
N ARG B 354 2.31 -34.39 -33.23
CA ARG B 354 1.06 -34.55 -32.49
C ARG B 354 1.26 -35.58 -31.38
N ILE B 355 1.00 -35.17 -30.14
CA ILE B 355 1.05 -36.05 -28.97
C ILE B 355 -0.37 -36.16 -28.43
N SER B 356 -0.92 -37.37 -28.49
CA SER B 356 -2.31 -37.57 -28.11
C SER B 356 -2.55 -39.04 -27.82
N ASN B 357 -3.64 -39.30 -27.10
CA ASN B 357 -4.06 -40.65 -26.74
C ASN B 357 -2.92 -41.41 -26.06
N CYS B 358 -2.30 -40.78 -25.07
CA CYS B 358 -1.22 -41.41 -24.32
C CYS B 358 -1.12 -40.76 -22.95
N VAL B 359 -0.43 -41.45 -22.03
CA VAL B 359 -0.11 -40.92 -20.71
C VAL B 359 1.33 -40.45 -20.72
N ALA B 360 1.56 -39.25 -20.20
CA ALA B 360 2.88 -38.61 -20.24
C ALA B 360 3.42 -38.52 -18.81
N ASP B 361 4.27 -39.48 -18.44
CA ASP B 361 4.89 -39.49 -17.12
C ASP B 361 6.21 -38.73 -17.18
N TYR B 362 6.19 -37.50 -16.65
CA TYR B 362 7.39 -36.67 -16.63
C TYR B 362 8.38 -37.10 -15.56
N SER B 363 8.02 -38.04 -14.68
CA SER B 363 8.94 -38.46 -13.63
C SER B 363 10.22 -39.08 -14.19
N VAL B 364 10.14 -39.72 -15.35
CA VAL B 364 11.34 -40.29 -15.96
C VAL B 364 12.33 -39.19 -16.34
N LEU B 365 11.82 -38.11 -16.95
CA LEU B 365 12.67 -36.98 -17.30
C LEU B 365 13.27 -36.30 -16.09
N TYR B 366 12.68 -36.48 -14.91
CA TYR B 366 13.24 -35.88 -13.70
C TYR B 366 14.57 -36.52 -13.33
N ASN B 367 14.69 -37.85 -13.48
CA ASN B 367 15.91 -38.54 -13.10
C ASN B 367 17.09 -38.17 -13.97
N LEU B 368 16.85 -37.52 -15.11
CA LEU B 368 17.90 -37.06 -15.99
C LEU B 368 18.50 -35.77 -15.43
N ALA B 369 19.63 -35.36 -16.01
CA ALA B 369 20.29 -34.14 -15.58
C ALA B 369 19.34 -32.95 -15.73
N PRO B 370 19.43 -31.95 -14.86
CA PRO B 370 18.49 -30.83 -14.93
C PRO B 370 18.56 -30.13 -16.28
N PHE B 371 17.41 -29.61 -16.71
CA PHE B 371 17.29 -28.90 -17.98
C PHE B 371 17.68 -27.45 -17.78
N PHE B 372 18.50 -26.93 -18.70
CA PHE B 372 18.99 -25.55 -18.58
C PHE B 372 17.85 -24.55 -18.60
N THR B 373 16.85 -24.75 -19.46
CA THR B 373 15.67 -23.90 -19.51
C THR B 373 14.45 -24.71 -19.08
N PHE B 374 13.75 -24.22 -18.06
CA PHE B 374 12.52 -24.84 -17.59
C PHE B 374 11.47 -23.79 -17.23
N LYS B 375 11.45 -22.69 -17.98
CA LYS B 375 10.47 -21.62 -17.78
C LYS B 375 9.15 -22.00 -18.43
N CYS B 376 8.12 -22.18 -17.62
CA CYS B 376 6.78 -22.52 -18.09
C CYS B 376 5.88 -21.30 -17.93
N TYR B 377 5.14 -20.96 -18.98
CA TYR B 377 4.27 -19.79 -18.98
C TYR B 377 2.82 -20.23 -18.85
N GLY B 378 2.12 -19.60 -17.90
CA GLY B 378 0.72 -19.87 -17.67
C GLY B 378 0.45 -21.05 -16.76
N VAL B 379 1.47 -21.79 -16.35
CA VAL B 379 1.30 -22.95 -15.49
C VAL B 379 2.53 -23.07 -14.62
N SER B 380 2.36 -23.72 -13.47
CA SER B 380 3.47 -23.97 -12.58
C SER B 380 4.44 -24.96 -13.24
N PRO B 381 5.73 -24.87 -12.89
CA PRO B 381 6.69 -25.87 -13.38
C PRO B 381 6.40 -27.29 -12.92
N THR B 382 5.72 -27.45 -11.79
CA THR B 382 5.37 -28.75 -11.23
C THR B 382 3.86 -28.97 -11.33
N LYS B 383 3.42 -30.12 -10.80
CA LYS B 383 2.03 -30.57 -10.81
C LYS B 383 1.52 -30.93 -12.19
N LEU B 384 2.36 -30.92 -13.23
CA LEU B 384 1.90 -31.25 -14.58
C LEU B 384 1.49 -32.71 -14.70
N ASN B 385 2.05 -33.59 -13.87
CA ASN B 385 1.68 -34.99 -13.89
C ASN B 385 0.23 -35.19 -13.45
N ASP B 386 -0.34 -34.25 -12.72
CA ASP B 386 -1.72 -34.35 -12.24
C ASP B 386 -2.63 -33.32 -12.89
N LEU B 387 -2.45 -33.11 -14.20
CA LEU B 387 -3.25 -32.17 -14.96
C LEU B 387 -3.45 -32.74 -16.36
N CYS B 388 -4.69 -32.78 -16.83
CA CYS B 388 -4.99 -33.36 -18.14
C CYS B 388 -5.20 -32.26 -19.17
N PHE B 389 -4.57 -32.43 -20.33
CA PHE B 389 -4.57 -31.47 -21.42
C PHE B 389 -5.39 -32.01 -22.58
N THR B 390 -5.98 -31.10 -23.37
CA THR B 390 -6.75 -31.52 -24.53
C THR B 390 -5.86 -32.20 -25.57
N ASN B 391 -4.70 -31.62 -25.83
CA ASN B 391 -3.72 -32.21 -26.74
C ASN B 391 -2.39 -31.54 -26.50
N VAL B 392 -1.32 -32.27 -26.81
CA VAL B 392 0.04 -31.75 -26.70
C VAL B 392 0.66 -31.74 -28.08
N TYR B 393 1.30 -30.62 -28.42
CA TYR B 393 2.02 -30.44 -29.67
C TYR B 393 3.40 -29.89 -29.38
N ALA B 394 4.43 -30.60 -29.86
CA ALA B 394 5.82 -30.28 -29.60
C ALA B 394 6.46 -29.64 -30.82
N ASP B 395 7.10 -28.49 -30.62
CA ASP B 395 7.82 -27.80 -31.68
C ASP B 395 9.30 -27.80 -31.35
N SER B 396 10.11 -28.30 -32.28
CA SER B 396 11.54 -28.44 -32.07
C SER B 396 12.30 -27.78 -33.22
N PHE B 397 13.31 -26.99 -32.87
CA PHE B 397 14.20 -26.42 -33.87
C PHE B 397 15.55 -26.18 -33.20
N VAL B 398 16.52 -25.73 -33.99
CA VAL B 398 17.86 -25.47 -33.51
C VAL B 398 18.23 -24.04 -33.86
N ILE B 399 18.64 -23.28 -32.85
CA ILE B 399 19.22 -21.96 -33.00
C ILE B 399 20.43 -21.88 -32.08
N ARG B 400 21.10 -20.72 -32.11
CA ARG B 400 22.28 -20.50 -31.30
C ARG B 400 21.89 -20.07 -29.89
N GLY B 401 22.89 -20.00 -29.02
CA GLY B 401 22.63 -19.65 -27.63
C GLY B 401 22.10 -18.25 -27.43
N ASP B 402 22.61 -17.29 -28.21
CA ASP B 402 22.20 -15.90 -28.05
C ASP B 402 20.72 -15.71 -28.41
N GLU B 403 20.25 -16.36 -29.47
CA GLU B 403 18.88 -16.22 -29.93
C GLU B 403 17.87 -17.00 -29.08
N VAL B 404 18.32 -17.84 -28.15
CA VAL B 404 17.37 -18.62 -27.36
C VAL B 404 16.50 -17.69 -26.52
N ARG B 405 17.12 -16.68 -25.91
CA ARG B 405 16.41 -15.81 -24.98
C ARG B 405 15.39 -14.91 -25.67
N GLN B 406 15.45 -14.79 -27.00
CA GLN B 406 14.46 -13.99 -27.72
C GLN B 406 13.13 -14.71 -27.86
N ILE B 407 13.08 -16.01 -27.59
CA ILE B 407 11.85 -16.79 -27.77
C ILE B 407 11.06 -16.67 -26.47
N ALA B 408 10.23 -15.64 -26.39
CA ALA B 408 9.34 -15.38 -25.27
C ALA B 408 8.00 -14.95 -25.82
N PRO B 409 6.89 -15.26 -25.12
CA PRO B 409 5.57 -14.91 -25.66
C PRO B 409 5.41 -13.42 -25.94
N GLY B 410 5.28 -13.09 -27.23
CA GLY B 410 5.06 -11.74 -27.67
C GLY B 410 6.31 -10.89 -27.75
N GLN B 411 7.47 -11.39 -27.33
CA GLN B 411 8.68 -10.62 -27.39
C GLN B 411 9.15 -10.45 -28.83
N THR B 412 9.70 -9.28 -29.14
CA THR B 412 10.13 -8.93 -30.47
C THR B 412 11.61 -9.29 -30.66
N GLY B 413 11.94 -9.71 -31.89
CA GLY B 413 13.32 -10.03 -32.20
C GLY B 413 13.46 -10.40 -33.66
N ASN B 414 14.71 -10.62 -34.07
CA ASN B 414 14.97 -10.95 -35.47
C ASN B 414 14.35 -12.29 -35.85
N ILE B 415 14.49 -13.29 -34.97
CA ILE B 415 13.83 -14.57 -35.21
C ILE B 415 12.32 -14.44 -35.07
N ALA B 416 11.87 -13.73 -34.03
CA ALA B 416 10.44 -13.66 -33.73
C ALA B 416 9.65 -13.09 -34.90
N ASP B 417 10.18 -12.07 -35.56
CA ASP B 417 9.51 -11.50 -36.72
C ASP B 417 9.67 -12.37 -37.96
N TYR B 418 10.74 -13.16 -38.05
CA TYR B 418 11.07 -13.85 -39.28
C TYR B 418 10.98 -15.37 -39.22
N ASN B 419 11.16 -15.98 -38.04
CA ASN B 419 11.17 -17.44 -37.95
C ASN B 419 10.00 -18.00 -37.16
N TYR B 420 9.83 -17.58 -35.91
CA TYR B 420 8.89 -18.25 -35.00
C TYR B 420 8.34 -17.25 -33.99
N LYS B 421 7.01 -17.08 -33.97
CA LYS B 421 6.36 -16.14 -33.08
C LYS B 421 5.34 -16.86 -32.21
N LEU B 422 5.20 -16.37 -30.97
CA LEU B 422 4.27 -16.92 -30.01
C LEU B 422 3.17 -15.93 -29.69
N PRO B 423 1.96 -16.40 -29.43
CA PRO B 423 0.89 -15.50 -29.01
C PRO B 423 1.07 -15.03 -27.57
N ASP B 424 0.42 -13.92 -27.25
CA ASP B 424 0.52 -13.34 -25.92
C ASP B 424 -0.06 -14.24 -24.84
N ASP B 425 -0.98 -15.14 -25.20
CA ASP B 425 -1.63 -16.04 -24.23
C ASP B 425 -1.02 -17.44 -24.27
N PHE B 426 0.30 -17.53 -24.44
CA PHE B 426 0.95 -18.84 -24.54
C PHE B 426 0.80 -19.62 -23.26
N THR B 427 0.54 -20.92 -23.39
CA THR B 427 0.35 -21.80 -22.25
C THR B 427 1.12 -23.10 -22.49
N GLY B 428 2.24 -23.25 -21.80
CA GLY B 428 3.05 -24.44 -21.99
C GLY B 428 4.42 -24.27 -21.35
N CYS B 429 5.33 -25.14 -21.75
CA CYS B 429 6.68 -25.15 -21.22
C CYS B 429 7.68 -25.17 -22.36
N VAL B 430 8.84 -24.58 -22.12
CA VAL B 430 9.95 -24.53 -23.08
C VAL B 430 11.18 -25.15 -22.43
N ILE B 431 11.81 -26.08 -23.13
CA ILE B 431 13.01 -26.75 -22.63
C ILE B 431 14.10 -26.60 -23.68
N ALA B 432 15.26 -26.10 -23.27
CA ALA B 432 16.41 -25.92 -24.15
C ALA B 432 17.60 -26.69 -23.59
N TRP B 433 18.32 -27.39 -24.46
CA TRP B 433 19.50 -28.15 -24.07
C TRP B 433 20.74 -27.56 -24.73
N ASN B 434 21.89 -27.77 -24.09
CA ASN B 434 23.17 -27.27 -24.56
C ASN B 434 24.11 -28.44 -24.80
N SER B 435 24.43 -28.70 -26.08
CA SER B 435 25.40 -29.71 -26.46
C SER B 435 26.36 -29.11 -27.50
N ASN B 436 27.43 -28.47 -27.01
CA ASN B 436 28.40 -27.85 -27.90
C ASN B 436 29.20 -28.87 -28.70
N LYS B 437 29.51 -30.02 -28.09
CA LYS B 437 30.37 -31.00 -28.74
C LYS B 437 29.59 -31.94 -29.66
N LEU B 438 28.39 -32.35 -29.24
CA LEU B 438 27.63 -33.37 -29.95
C LEU B 438 26.87 -32.83 -31.14
N ASP B 439 26.83 -31.53 -31.34
CA ASP B 439 26.22 -30.98 -32.55
C ASP B 439 27.17 -30.04 -33.27
N SER B 440 28.43 -30.43 -33.38
CA SER B 440 29.40 -29.61 -34.10
C SER B 440 30.50 -30.51 -34.66
N LYS B 441 31.25 -29.96 -35.62
CA LYS B 441 32.38 -30.64 -36.22
C LYS B 441 33.36 -29.59 -36.73
N VAL B 442 34.59 -30.03 -37.03
CA VAL B 442 35.61 -29.12 -37.51
C VAL B 442 35.19 -28.49 -38.82
N SER B 443 34.56 -29.27 -39.70
CA SER B 443 34.07 -28.71 -40.96
C SER B 443 32.89 -27.77 -40.70
N GLY B 444 31.97 -28.17 -39.84
CA GLY B 444 30.82 -27.38 -39.50
C GLY B 444 29.53 -27.99 -40.05
N ASN B 445 28.42 -27.33 -39.70
CA ASN B 445 27.08 -27.79 -40.05
C ASN B 445 26.45 -26.78 -41.00
N TYR B 446 26.26 -27.18 -42.26
CA TYR B 446 25.55 -26.38 -43.24
C TYR B 446 24.09 -26.76 -43.36
N ASN B 447 23.62 -27.71 -42.53
CA ASN B 447 22.25 -28.18 -42.65
C ASN B 447 21.25 -27.12 -42.17
N TYR B 448 21.53 -26.48 -41.05
CA TYR B 448 20.57 -25.54 -40.48
C TYR B 448 20.44 -24.30 -41.35
N LEU B 449 19.22 -23.84 -41.52
CA LEU B 449 18.89 -22.71 -42.37
C LEU B 449 18.06 -21.70 -41.59
N TYR B 450 18.44 -20.42 -41.71
CA TYR B 450 17.69 -19.32 -41.13
C TYR B 450 17.60 -18.20 -42.15
N ARG B 451 16.83 -17.18 -41.82
CA ARG B 451 16.50 -16.10 -42.75
C ARG B 451 17.21 -14.82 -42.32
N LEU B 452 17.94 -14.21 -43.26
CA LEU B 452 18.59 -12.94 -42.97
C LEU B 452 17.57 -11.82 -42.86
N PHE B 453 16.61 -11.78 -43.79
CA PHE B 453 15.57 -10.77 -43.80
C PHE B 453 14.37 -11.31 -44.56
N ARG B 454 13.22 -10.68 -44.35
CA ARG B 454 12.00 -11.10 -45.01
C ARG B 454 11.07 -9.90 -45.20
N LYS B 455 10.06 -10.10 -46.04
CA LYS B 455 9.15 -9.03 -46.42
C LYS B 455 8.34 -8.53 -45.24
N SER B 456 7.69 -9.45 -44.52
CA SER B 456 6.74 -9.08 -43.47
C SER B 456 6.88 -10.07 -42.32
N ASN B 457 6.37 -9.66 -41.17
CA ASN B 457 6.44 -10.49 -39.97
C ASN B 457 5.55 -11.72 -40.13
N LEU B 458 5.86 -12.76 -39.37
CA LEU B 458 5.07 -13.99 -39.36
C LEU B 458 4.06 -13.96 -38.22
N LYS B 459 2.82 -14.33 -38.52
CA LYS B 459 1.80 -14.43 -37.49
C LYS B 459 2.11 -15.60 -36.55
N PRO B 460 1.62 -15.55 -35.31
CA PRO B 460 1.90 -16.65 -34.37
C PRO B 460 1.42 -17.99 -34.90
N PHE B 461 2.28 -18.99 -34.75
CA PHE B 461 2.06 -20.34 -35.27
C PHE B 461 1.73 -20.32 -36.76
N GLU B 462 2.68 -19.80 -37.53
CA GLU B 462 2.57 -19.82 -38.98
C GLU B 462 3.94 -20.15 -39.55
N ARG B 463 3.94 -20.89 -40.65
CA ARG B 463 5.16 -21.37 -41.29
C ARG B 463 5.18 -20.90 -42.74
N ASP B 464 6.36 -20.52 -43.22
CA ASP B 464 6.53 -20.06 -44.60
C ASP B 464 7.87 -20.55 -45.11
N ILE B 465 7.86 -21.28 -46.22
CA ILE B 465 9.08 -21.79 -46.82
C ILE B 465 9.36 -21.13 -48.17
N SER B 466 8.62 -20.08 -48.52
CA SER B 466 8.79 -19.42 -49.81
C SER B 466 10.15 -18.73 -49.88
N THR B 467 10.75 -18.75 -51.08
CA THR B 467 12.07 -18.20 -51.30
C THR B 467 12.05 -16.83 -51.96
N GLU B 468 10.91 -16.14 -51.93
CA GLU B 468 10.78 -14.87 -52.64
C GLU B 468 11.66 -13.81 -51.98
N ILE B 469 12.39 -13.07 -52.80
CA ILE B 469 13.28 -12.03 -52.30
C ILE B 469 12.51 -10.72 -52.15
N TYR B 470 12.66 -10.09 -50.98
CA TYR B 470 12.09 -8.77 -50.75
C TYR B 470 12.75 -7.76 -51.67
N GLN B 471 11.97 -6.75 -52.08
CA GLN B 471 12.42 -5.80 -53.09
C GLN B 471 13.09 -4.62 -52.40
N ALA B 472 14.37 -4.78 -52.09
CA ALA B 472 15.12 -3.69 -51.46
C ALA B 472 15.49 -2.60 -52.46
N GLY B 473 15.64 -2.95 -53.75
CA GLY B 473 15.96 -1.96 -54.75
C GLY B 473 14.73 -1.21 -55.25
N ASN B 474 14.98 -0.30 -56.18
CA ASN B 474 13.89 0.51 -56.72
C ASN B 474 12.97 -0.31 -57.61
N LYS B 475 13.54 -1.23 -58.38
CA LYS B 475 12.82 -2.07 -59.32
C LYS B 475 13.06 -3.52 -58.99
N PRO B 476 12.11 -4.40 -59.29
CA PRO B 476 12.30 -5.83 -58.98
C PRO B 476 13.36 -6.44 -59.88
N CYS B 477 13.85 -7.61 -59.46
CA CYS B 477 14.89 -8.29 -60.21
C CYS B 477 14.38 -9.50 -60.98
N ASN B 478 13.15 -9.93 -60.76
CA ASN B 478 12.49 -10.94 -61.59
C ASN B 478 13.23 -12.29 -61.55
N GLY B 479 13.48 -12.77 -60.34
CA GLY B 479 13.97 -14.13 -60.14
C GLY B 479 15.46 -14.35 -60.32
N VAL B 480 16.25 -13.29 -60.42
CA VAL B 480 17.71 -13.41 -60.54
C VAL B 480 18.34 -12.60 -59.43
N ALA B 481 19.33 -13.19 -58.76
CA ALA B 481 20.02 -12.51 -57.67
C ALA B 481 20.94 -11.42 -58.21
N GLY B 482 20.41 -10.20 -58.30
CA GLY B 482 21.16 -9.05 -58.73
C GLY B 482 21.46 -8.10 -57.60
N PHE B 483 21.74 -6.85 -57.96
CA PHE B 483 21.91 -5.79 -56.98
C PHE B 483 20.60 -5.60 -56.20
N ASN B 484 20.73 -5.51 -54.87
CA ASN B 484 19.59 -5.38 -53.97
C ASN B 484 18.62 -6.55 -54.15
N CYS B 485 19.16 -7.74 -54.40
CA CYS B 485 18.37 -8.97 -54.45
C CYS B 485 19.26 -10.09 -53.91
N TYR B 486 19.11 -10.40 -52.62
CA TYR B 486 19.96 -11.34 -51.90
C TYR B 486 19.14 -12.52 -51.44
N PHE B 487 19.74 -13.71 -51.50
CA PHE B 487 19.03 -14.94 -51.11
C PHE B 487 18.75 -14.95 -49.61
N PRO B 488 17.49 -15.08 -49.20
CA PRO B 488 17.18 -14.98 -47.76
C PRO B 488 17.75 -16.11 -46.90
N LEU B 489 17.87 -17.32 -47.43
CA LEU B 489 18.28 -18.48 -46.64
C LEU B 489 19.80 -18.51 -46.50
N ARG B 490 20.27 -18.47 -45.25
CA ARG B 490 21.68 -18.63 -44.90
C ARG B 490 21.81 -19.72 -43.84
N SER B 491 23.06 -20.02 -43.47
CA SER B 491 23.36 -21.13 -42.58
C SER B 491 24.12 -20.63 -41.35
N TYR B 492 23.83 -21.22 -40.19
CA TYR B 492 24.50 -20.81 -38.96
C TYR B 492 25.96 -21.22 -38.96
N SER B 493 26.27 -22.44 -39.41
CA SER B 493 27.63 -22.95 -39.50
C SER B 493 28.32 -22.93 -38.14
N PHE B 494 27.74 -23.69 -37.20
CA PHE B 494 28.31 -23.84 -35.87
C PHE B 494 29.64 -24.60 -35.93
N ARG B 495 30.58 -24.18 -35.07
CA ARG B 495 31.85 -24.87 -34.92
C ARG B 495 32.17 -25.01 -33.44
N PRO B 496 32.92 -26.04 -33.06
CA PRO B 496 33.28 -26.22 -31.65
C PRO B 496 34.46 -25.39 -31.18
N THR B 497 35.08 -24.61 -32.06
CA THR B 497 36.16 -23.72 -31.65
C THR B 497 35.67 -22.37 -31.15
N TYR B 498 34.37 -22.12 -31.17
CA TYR B 498 33.82 -20.82 -30.81
C TYR B 498 33.75 -20.69 -29.29
N GLY B 499 33.14 -19.60 -28.81
CA GLY B 499 32.99 -19.38 -27.38
C GLY B 499 31.75 -20.08 -26.83
N VAL B 500 31.60 -19.97 -25.50
CA VAL B 500 30.43 -20.55 -24.83
C VAL B 500 29.15 -19.87 -25.28
N GLY B 501 29.19 -18.54 -25.43
CA GLY B 501 28.00 -17.82 -25.88
C GLY B 501 27.56 -18.22 -27.27
N HIS B 502 28.52 -18.52 -28.15
CA HIS B 502 28.21 -18.92 -29.52
C HIS B 502 27.98 -20.41 -29.68
N GLN B 503 27.92 -21.17 -28.59
CA GLN B 503 27.70 -22.59 -28.71
C GLN B 503 26.27 -22.87 -29.21
N PRO B 504 26.10 -23.91 -30.01
CA PRO B 504 24.75 -24.26 -30.49
C PRO B 504 23.86 -24.80 -29.38
N TYR B 505 22.56 -24.58 -29.56
CA TYR B 505 21.54 -25.00 -28.61
C TYR B 505 20.41 -25.71 -29.34
N ARG B 506 19.77 -26.64 -28.65
CA ARG B 506 18.56 -27.30 -29.12
C ARG B 506 17.37 -26.80 -28.30
N VAL B 507 16.31 -26.39 -28.98
CA VAL B 507 15.13 -25.81 -28.36
C VAL B 507 13.94 -26.75 -28.56
N VAL B 508 13.24 -27.05 -27.48
CA VAL B 508 12.01 -27.85 -27.51
C VAL B 508 10.91 -27.06 -26.82
N VAL B 509 9.78 -26.90 -27.51
CA VAL B 509 8.67 -26.09 -27.02
C VAL B 509 7.45 -26.98 -26.86
N LEU B 510 6.84 -26.96 -25.67
CA LEU B 510 5.65 -27.74 -25.37
C LEU B 510 4.43 -26.83 -25.32
N SER B 511 3.37 -27.26 -25.99
CA SER B 511 2.11 -26.51 -26.08
C SER B 511 0.98 -27.36 -25.50
N PHE B 512 0.20 -26.76 -24.60
CA PHE B 512 -0.99 -27.38 -24.05
C PHE B 512 -2.23 -26.61 -24.50
N GLU B 513 -3.37 -27.27 -24.40
CA GLU B 513 -4.68 -26.68 -24.65
C GLU B 513 -5.51 -26.85 -23.37
N LEU B 514 -5.50 -25.81 -22.53
CA LEU B 514 -6.22 -25.86 -21.26
C LEU B 514 -7.73 -25.81 -21.43
N LEU B 515 -8.23 -25.59 -22.63
CA LEU B 515 -9.66 -25.64 -22.88
C LEU B 515 -10.20 -27.02 -22.55
N HIS B 516 -11.36 -27.05 -21.89
CA HIS B 516 -11.96 -28.32 -21.50
C HIS B 516 -12.59 -28.99 -22.72
N ALA B 517 -12.21 -30.25 -22.93
CA ALA B 517 -12.69 -31.09 -24.01
C ALA B 517 -12.32 -32.52 -23.65
N PRO B 518 -12.78 -33.54 -24.44
CA PRO B 518 -12.28 -34.90 -24.22
C PRO B 518 -10.77 -34.96 -24.15
N ALA B 519 -10.26 -35.35 -22.98
CA ALA B 519 -8.83 -35.35 -22.73
C ALA B 519 -8.15 -36.54 -23.40
N THR B 520 -6.88 -36.34 -23.72
CA THR B 520 -6.07 -37.36 -24.36
C THR B 520 -4.75 -37.64 -23.66
N VAL B 521 -4.13 -36.64 -23.03
CA VAL B 521 -2.78 -36.76 -22.50
C VAL B 521 -2.75 -36.26 -21.07
N CYS B 522 -2.38 -37.15 -20.15
CA CYS B 522 -2.03 -36.80 -18.78
C CYS B 522 -1.55 -38.05 -18.06
N GLY B 523 -0.99 -37.83 -16.87
CA GLY B 523 -0.31 -38.87 -16.15
C GLY B 523 -1.25 -39.93 -15.63
N PRO B 524 -0.67 -41.02 -15.12
CA PRO B 524 -1.50 -42.17 -14.70
C PRO B 524 -2.46 -41.85 -13.57
N LYS B 525 -2.02 -41.09 -12.57
CA LYS B 525 -2.80 -40.80 -11.37
C LYS B 525 -3.26 -42.10 -10.71
N LYS B 526 -4.57 -42.34 -10.69
CA LYS B 526 -5.16 -43.52 -10.06
C LYS B 526 -6.65 -43.52 -10.37
N SER B 527 -7.29 -44.65 -10.10
CA SER B 527 -8.71 -44.80 -10.35
C SER B 527 -9.37 -45.45 -9.13
N THR B 528 -10.65 -45.11 -8.92
CA THR B 528 -11.39 -45.59 -7.76
C THR B 528 -12.82 -45.90 -8.18
N ASN B 529 -13.46 -46.79 -7.42
CA ASN B 529 -14.85 -47.16 -7.69
C ASN B 529 -15.79 -45.97 -7.51
N LEU B 530 -16.94 -46.04 -8.17
CA LEU B 530 -17.88 -44.93 -8.21
C LEU B 530 -18.93 -45.11 -7.13
N VAL B 531 -19.17 -44.06 -6.36
CA VAL B 531 -20.15 -44.08 -5.29
C VAL B 531 -21.15 -42.97 -5.52
N LYS B 532 -22.37 -43.17 -5.02
CA LYS B 532 -23.46 -42.25 -5.28
C LYS B 532 -24.23 -41.99 -3.99
N ASN B 533 -24.87 -40.83 -3.93
CA ASN B 533 -25.70 -40.43 -2.79
C ASN B 533 -24.90 -40.32 -1.49
N LYS B 534 -23.74 -39.69 -1.55
CA LYS B 534 -22.93 -39.46 -0.36
C LYS B 534 -21.92 -38.36 -0.65
N CYS B 535 -21.73 -37.47 0.33
CA CYS B 535 -20.83 -36.33 0.18
C CYS B 535 -19.39 -36.84 0.13
N VAL B 536 -18.75 -36.70 -1.03
CA VAL B 536 -17.39 -37.18 -1.24
C VAL B 536 -16.62 -36.15 -2.06
N ASN B 537 -15.32 -36.38 -2.16
CA ASN B 537 -14.46 -35.62 -3.07
C ASN B 537 -14.38 -36.33 -4.40
N PHE B 538 -14.71 -35.64 -5.47
CA PHE B 538 -14.61 -36.17 -6.81
C PHE B 538 -13.48 -35.47 -7.55
N ASN B 539 -12.90 -36.19 -8.52
CA ASN B 539 -11.79 -35.65 -9.32
C ASN B 539 -11.88 -36.29 -10.70
N PHE B 540 -12.53 -35.58 -11.63
CA PHE B 540 -12.75 -36.04 -12.99
C PHE B 540 -11.80 -35.28 -13.89
N ASN B 541 -10.70 -35.94 -14.29
CA ASN B 541 -9.71 -35.36 -15.19
C ASN B 541 -9.20 -34.02 -14.66
N GLY B 542 -9.22 -33.85 -13.35
CA GLY B 542 -8.67 -32.60 -12.81
C GLY B 542 -9.72 -31.57 -12.49
N LEU B 543 -11.00 -31.94 -12.42
CA LEU B 543 -12.04 -31.00 -11.99
C LEU B 543 -12.22 -31.21 -10.48
N LYS B 544 -11.23 -30.85 -9.68
CA LYS B 544 -11.38 -31.12 -8.26
C LYS B 544 -12.64 -30.44 -7.72
N GLY B 545 -13.29 -31.09 -6.77
CA GLY B 545 -14.48 -30.51 -6.18
C GLY B 545 -15.02 -31.38 -5.06
N THR B 546 -16.08 -30.86 -4.42
CA THR B 546 -16.77 -31.57 -3.34
C THR B 546 -18.27 -31.46 -3.57
N GLY B 547 -18.96 -32.60 -3.46
CA GLY B 547 -20.40 -32.61 -3.63
C GLY B 547 -20.93 -34.04 -3.66
N VAL B 548 -22.22 -34.15 -3.96
CA VAL B 548 -22.91 -35.43 -4.02
C VAL B 548 -23.17 -35.75 -5.49
N LEU B 549 -22.77 -36.95 -5.92
CA LEU B 549 -22.93 -37.37 -7.30
C LEU B 549 -24.17 -38.26 -7.41
N THR B 550 -25.12 -37.84 -8.24
CA THR B 550 -26.32 -38.62 -8.50
C THR B 550 -26.48 -38.86 -9.99
N GLU B 551 -27.38 -39.78 -10.33
CA GLU B 551 -27.65 -40.12 -11.72
C GLU B 551 -28.42 -39.00 -12.41
N SER B 552 -28.00 -38.64 -13.62
CA SER B 552 -28.55 -37.50 -14.34
C SER B 552 -29.22 -37.96 -15.63
N ASN B 553 -30.41 -37.43 -15.90
CA ASN B 553 -31.13 -37.68 -17.15
C ASN B 553 -30.98 -36.53 -18.14
N LYS B 554 -30.06 -35.61 -17.90
CA LYS B 554 -29.83 -34.49 -18.81
C LYS B 554 -29.30 -35.03 -20.13
N LYS B 555 -30.06 -34.83 -21.20
CA LYS B 555 -29.56 -35.23 -22.51
C LYS B 555 -28.32 -34.44 -22.87
N PHE B 556 -27.28 -35.15 -23.28
CA PHE B 556 -26.03 -34.53 -23.73
C PHE B 556 -25.79 -34.89 -25.18
N LEU B 557 -25.50 -33.88 -25.98
CA LEU B 557 -25.05 -34.15 -27.34
C LEU B 557 -23.68 -34.81 -27.29
N PRO B 558 -23.41 -35.77 -28.19
CA PRO B 558 -22.16 -36.55 -28.12
C PRO B 558 -20.90 -35.71 -28.08
N PHE B 559 -21.00 -34.43 -28.49
CA PHE B 559 -19.86 -33.53 -28.39
C PHE B 559 -19.79 -32.86 -27.02
N GLN B 560 -20.91 -32.70 -26.34
CA GLN B 560 -20.93 -31.99 -25.07
C GLN B 560 -20.36 -32.89 -23.98
N GLN B 561 -19.39 -32.38 -23.22
CA GLN B 561 -18.74 -33.15 -22.19
C GLN B 561 -19.23 -32.82 -20.78
N PHE B 562 -19.34 -31.53 -20.44
CA PHE B 562 -19.79 -31.12 -19.11
C PHE B 562 -20.82 -30.00 -19.23
N GLY B 563 -21.81 -30.01 -18.32
CA GLY B 563 -22.78 -28.93 -18.26
C GLY B 563 -22.29 -27.76 -17.43
N ARG B 564 -23.09 -26.70 -17.42
CA ARG B 564 -22.81 -25.54 -16.57
C ARG B 564 -24.11 -24.85 -16.19
N ASP B 565 -24.05 -24.06 -15.13
CA ASP B 565 -25.17 -23.27 -14.65
C ASP B 565 -24.88 -21.79 -14.88
N ILE B 566 -25.75 -20.93 -14.35
CA ILE B 566 -25.65 -19.49 -14.61
C ILE B 566 -24.34 -18.93 -14.09
N ALA B 567 -23.87 -19.40 -12.93
CA ALA B 567 -22.65 -18.88 -12.32
C ALA B 567 -21.38 -19.49 -12.90
N ASP B 568 -21.48 -20.14 -14.06
CA ASP B 568 -20.34 -20.77 -14.72
C ASP B 568 -19.63 -21.77 -13.81
N THR B 569 -20.42 -22.59 -13.12
CA THR B 569 -19.89 -23.66 -12.30
C THR B 569 -20.43 -25.01 -12.79
N THR B 570 -19.59 -26.04 -12.71
CA THR B 570 -19.91 -27.34 -13.25
C THR B 570 -20.94 -28.04 -12.39
N ASP B 571 -22.09 -28.39 -12.99
CA ASP B 571 -23.15 -29.10 -12.28
C ASP B 571 -23.58 -30.36 -13.02
N ALA B 572 -22.77 -30.83 -13.97
CA ALA B 572 -23.06 -32.04 -14.72
C ALA B 572 -21.78 -32.53 -15.39
N VAL B 573 -21.39 -33.77 -15.13
CA VAL B 573 -20.11 -34.28 -15.58
C VAL B 573 -20.33 -35.63 -16.27
N ARG B 574 -19.42 -35.94 -17.18
CA ARG B 574 -19.41 -37.21 -17.91
C ARG B 574 -18.21 -38.01 -17.44
N ASP B 575 -18.47 -39.22 -16.96
CA ASP B 575 -17.39 -40.04 -16.43
C ASP B 575 -16.48 -40.47 -17.56
N PRO B 576 -15.16 -40.26 -17.44
CA PRO B 576 -14.27 -40.54 -18.58
C PRO B 576 -14.24 -42.00 -19.02
N GLN B 577 -14.39 -42.95 -18.09
CA GLN B 577 -14.32 -44.38 -18.41
C GLN B 577 -15.71 -44.94 -18.72
N THR B 578 -16.63 -44.85 -17.75
CA THR B 578 -17.98 -45.35 -17.94
C THR B 578 -18.85 -44.21 -18.44
N LEU B 579 -19.31 -44.30 -19.68
CA LEU B 579 -20.01 -43.20 -20.32
C LEU B 579 -21.36 -42.98 -19.63
N GLU B 580 -21.42 -42.02 -18.72
CA GLU B 580 -22.66 -41.66 -18.06
C GLU B 580 -22.59 -40.18 -17.68
N ILE B 581 -23.77 -39.58 -17.53
CA ILE B 581 -23.89 -38.19 -17.13
C ILE B 581 -24.27 -38.16 -15.66
N LEU B 582 -23.52 -37.39 -14.87
CA LEU B 582 -23.72 -37.31 -13.44
C LEU B 582 -24.16 -35.90 -13.04
N ASP B 583 -24.90 -35.82 -11.93
CA ASP B 583 -25.37 -34.57 -11.37
C ASP B 583 -24.58 -34.23 -10.11
N ILE B 584 -24.16 -32.99 -9.99
CA ILE B 584 -23.35 -32.52 -8.86
C ILE B 584 -24.20 -31.59 -8.00
N THR B 585 -24.30 -31.91 -6.71
CA THR B 585 -25.04 -31.09 -5.77
C THR B 585 -24.17 -30.85 -4.55
N PRO B 586 -24.14 -29.61 -4.04
CA PRO B 586 -23.34 -29.36 -2.83
C PRO B 586 -23.88 -30.11 -1.61
N CYS B 587 -22.96 -30.51 -0.74
CA CYS B 587 -23.35 -31.19 0.48
C CYS B 587 -24.18 -30.28 1.37
N SER B 588 -25.08 -30.90 2.14
CA SER B 588 -26.09 -30.17 2.89
C SER B 588 -25.44 -29.19 3.86
N PHE B 589 -26.06 -28.01 3.98
CA PHE B 589 -25.56 -26.95 4.82
C PHE B 589 -26.73 -26.14 5.36
N GLY B 590 -26.41 -25.20 6.23
CA GLY B 590 -27.44 -24.32 6.78
C GLY B 590 -26.85 -23.47 7.88
N GLY B 591 -27.73 -22.68 8.49
CA GLY B 591 -27.38 -21.84 9.61
C GLY B 591 -27.81 -22.45 10.94
N VAL B 592 -27.19 -21.97 12.01
CA VAL B 592 -27.41 -22.48 13.36
C VAL B 592 -27.83 -21.33 14.26
N SER B 593 -28.94 -21.49 14.97
CA SER B 593 -29.43 -20.50 15.91
C SER B 593 -29.64 -21.17 17.26
N VAL B 594 -29.30 -20.44 18.33
CA VAL B 594 -29.34 -20.98 19.69
C VAL B 594 -30.43 -20.25 20.45
N ILE B 595 -31.49 -20.98 20.79
CA ILE B 595 -32.57 -20.45 21.62
C ILE B 595 -32.22 -20.69 23.07
N THR B 596 -32.15 -19.62 23.86
CA THR B 596 -31.82 -19.73 25.28
C THR B 596 -32.58 -18.71 26.09
N PRO B 597 -32.93 -19.04 27.32
CA PRO B 597 -33.36 -18.04 28.29
C PRO B 597 -32.13 -17.33 28.85
N GLY B 598 -32.35 -16.52 29.88
CA GLY B 598 -31.23 -15.84 30.51
C GLY B 598 -30.31 -16.80 31.22
N THR B 599 -29.03 -16.43 31.29
CA THR B 599 -28.12 -17.21 32.13
C THR B 599 -28.49 -17.12 33.60
N ASN B 600 -29.19 -16.07 34.01
CA ASN B 600 -29.63 -15.96 35.40
C ASN B 600 -30.61 -17.07 35.74
N THR B 601 -31.53 -17.39 34.83
CA THR B 601 -32.58 -18.36 35.09
C THR B 601 -32.11 -19.80 34.92
N SER B 602 -31.55 -20.12 33.77
CA SER B 602 -31.12 -21.50 33.52
C SER B 602 -30.03 -21.51 32.44
N ASN B 603 -29.38 -22.66 32.31
CA ASN B 603 -28.35 -22.89 31.31
C ASN B 603 -28.79 -23.85 30.21
N GLN B 604 -30.07 -24.21 30.16
CA GLN B 604 -30.59 -25.09 29.12
C GLN B 604 -30.79 -24.31 27.82
N VAL B 605 -30.51 -24.96 26.70
CA VAL B 605 -30.59 -24.32 25.39
C VAL B 605 -31.33 -25.22 24.41
N ALA B 606 -31.80 -24.61 23.32
CA ALA B 606 -32.36 -25.34 22.19
C ALA B 606 -31.67 -24.84 20.93
N VAL B 607 -31.54 -25.74 19.95
CA VAL B 607 -30.80 -25.45 18.73
C VAL B 607 -31.74 -25.59 17.55
N LEU B 608 -31.72 -24.59 16.68
CA LEU B 608 -32.53 -24.57 15.45
C LEU B 608 -31.63 -24.60 14.24
N TYR B 609 -31.72 -25.67 13.46
CA TYR B 609 -31.00 -25.80 12.20
C TYR B 609 -31.91 -25.29 11.08
N GLN B 610 -31.53 -24.17 10.48
CA GLN B 610 -32.44 -23.44 9.62
C GLN B 610 -32.45 -24.00 8.20
N GLY B 611 -33.64 -24.19 7.65
CA GLY B 611 -33.79 -24.63 6.27
C GLY B 611 -33.21 -25.99 5.98
N VAL B 612 -33.38 -26.93 6.91
CA VAL B 612 -32.86 -28.28 6.80
C VAL B 612 -33.92 -29.24 7.34
N ASN B 613 -34.21 -30.30 6.59
CA ASN B 613 -35.04 -31.38 7.10
C ASN B 613 -34.33 -32.11 8.23
N CYS B 614 -35.10 -32.54 9.22
CA CYS B 614 -34.48 -33.11 10.42
C CYS B 614 -33.70 -34.38 10.11
N THR B 615 -34.08 -35.10 9.05
CA THR B 615 -33.40 -36.34 8.69
C THR B 615 -32.02 -36.12 8.10
N GLU B 616 -31.82 -34.99 7.39
CA GLU B 616 -30.50 -34.67 6.88
C GLU B 616 -29.51 -34.30 7.97
N VAL B 617 -29.97 -34.05 9.19
CA VAL B 617 -29.06 -33.75 10.29
C VAL B 617 -28.35 -35.04 10.69
N PRO B 618 -27.03 -35.11 10.56
CA PRO B 618 -26.33 -36.37 10.78
C PRO B 618 -25.86 -36.54 12.22
N VAL B 619 -25.82 -37.81 12.65
CA VAL B 619 -25.30 -38.15 13.97
C VAL B 619 -23.80 -38.32 13.78
N ALA B 620 -23.07 -37.22 13.90
CA ALA B 620 -21.64 -37.22 13.62
C ALA B 620 -20.90 -38.10 14.60
N ILE B 621 -19.96 -38.87 14.07
CA ILE B 621 -19.11 -39.75 14.86
C ILE B 621 -17.63 -39.43 14.65
N HIS B 622 -17.20 -39.40 13.38
CA HIS B 622 -15.81 -39.10 13.07
C HIS B 622 -15.65 -37.75 12.39
N ALA B 623 -16.38 -37.50 11.29
CA ALA B 623 -16.41 -36.17 10.68
C ALA B 623 -17.69 -36.12 9.84
N ASP B 624 -18.74 -35.49 10.39
CA ASP B 624 -19.99 -35.36 9.66
C ASP B 624 -20.64 -33.99 9.78
N GLN B 625 -20.11 -33.09 10.61
CA GLN B 625 -20.66 -31.76 10.77
C GLN B 625 -19.53 -30.77 10.99
N LEU B 626 -19.74 -29.54 10.53
CA LEU B 626 -18.74 -28.50 10.71
C LEU B 626 -18.85 -27.83 12.07
N THR B 627 -19.95 -28.09 12.80
CA THR B 627 -20.03 -27.65 14.18
C THR B 627 -18.93 -28.34 14.98
N PRO B 628 -18.17 -27.60 15.80
CA PRO B 628 -16.99 -28.21 16.42
C PRO B 628 -17.38 -29.21 17.50
N THR B 629 -17.90 -30.35 17.05
CA THR B 629 -18.11 -31.53 17.88
C THR B 629 -18.93 -31.23 19.13
N TRP B 630 -19.84 -30.27 19.06
CA TRP B 630 -20.75 -30.00 20.18
C TRP B 630 -22.15 -30.52 19.93
N ARG B 631 -22.32 -31.35 18.89
CA ARG B 631 -23.61 -31.90 18.51
C ARG B 631 -24.36 -32.52 19.69
N VAL B 632 -25.65 -32.18 19.79
CA VAL B 632 -26.52 -32.67 20.84
C VAL B 632 -27.69 -33.40 20.20
N TYR B 633 -28.02 -34.58 20.74
CA TYR B 633 -29.05 -35.42 20.16
C TYR B 633 -29.49 -36.47 21.17
N SER B 634 -30.79 -36.53 21.44
CA SER B 634 -31.33 -37.49 22.39
C SER B 634 -32.84 -37.59 22.17
N THR B 635 -33.42 -38.67 22.68
CA THR B 635 -34.86 -38.83 22.61
C THR B 635 -35.58 -37.92 23.60
N GLY B 636 -34.98 -37.71 24.78
CA GLY B 636 -35.59 -36.83 25.77
C GLY B 636 -35.64 -35.39 25.30
N SER B 637 -34.63 -34.97 24.54
CA SER B 637 -34.67 -33.68 23.84
C SER B 637 -35.40 -33.91 22.52
N ASN B 638 -36.70 -33.64 22.53
CA ASN B 638 -37.54 -33.94 21.39
C ASN B 638 -37.08 -33.20 20.14
N VAL B 639 -37.15 -33.89 19.01
CA VAL B 639 -36.87 -33.29 17.71
C VAL B 639 -38.18 -32.87 17.09
N PHE B 640 -38.27 -31.60 16.70
CA PHE B 640 -39.48 -31.04 16.11
C PHE B 640 -39.14 -30.47 14.73
N GLN B 641 -40.04 -30.69 13.77
CA GLN B 641 -39.89 -30.19 12.41
C GLN B 641 -40.89 -29.07 12.14
N THR B 642 -40.39 -27.92 11.72
CA THR B 642 -41.20 -26.76 11.39
C THR B 642 -40.79 -26.25 10.01
N ARG B 643 -41.59 -25.33 9.48
CA ARG B 643 -41.26 -24.67 8.22
C ARG B 643 -39.97 -23.89 8.31
N ALA B 644 -39.56 -23.51 9.52
CA ALA B 644 -38.28 -22.83 9.70
C ALA B 644 -37.11 -23.80 9.64
N GLY B 645 -37.27 -25.02 10.12
CA GLY B 645 -36.22 -26.01 10.06
C GLY B 645 -36.38 -27.05 11.16
N CYS B 646 -35.25 -27.64 11.54
CA CYS B 646 -35.22 -28.66 12.57
C CYS B 646 -35.00 -27.98 13.92
N LEU B 647 -35.92 -28.22 14.85
CA LEU B 647 -35.78 -27.73 16.21
C LEU B 647 -35.45 -28.91 17.11
N ILE B 648 -34.35 -28.79 17.85
CA ILE B 648 -33.84 -29.87 18.69
C ILE B 648 -33.65 -29.33 20.10
N GLY B 649 -34.23 -30.03 21.08
CA GLY B 649 -34.16 -29.62 22.46
C GLY B 649 -35.42 -28.99 23.02
N ALA B 650 -36.49 -28.90 22.22
CA ALA B 650 -37.73 -28.25 22.64
C ALA B 650 -38.91 -29.18 22.37
N GLU B 651 -39.87 -29.16 23.28
CA GLU B 651 -41.00 -30.06 23.23
C GLU B 651 -42.27 -29.31 22.84
N TYR B 652 -42.91 -29.76 21.77
CA TYR B 652 -44.10 -29.10 21.25
C TYR B 652 -45.30 -29.39 22.14
N VAL B 653 -46.17 -28.39 22.24
CA VAL B 653 -47.36 -28.47 23.08
C VAL B 653 -48.56 -28.02 22.25
N ASN B 654 -49.74 -28.46 22.68
CA ASN B 654 -50.98 -28.13 22.00
C ASN B 654 -51.66 -26.89 22.58
N ASN B 655 -51.06 -26.24 23.57
CA ASN B 655 -51.61 -25.02 24.11
C ASN B 655 -51.12 -23.83 23.30
N SER B 656 -51.52 -22.63 23.71
CA SER B 656 -51.19 -21.40 23.00
C SER B 656 -51.05 -20.27 24.01
N TYR B 657 -49.87 -19.66 24.05
CA TYR B 657 -49.61 -18.50 24.87
C TYR B 657 -49.10 -17.37 23.98
N GLU B 658 -48.95 -16.19 24.57
CA GLU B 658 -48.37 -15.07 23.86
C GLU B 658 -46.91 -15.37 23.51
N CYS B 659 -46.45 -14.78 22.41
CA CYS B 659 -45.12 -15.09 21.91
C CYS B 659 -44.04 -14.60 22.86
N ASP B 660 -43.05 -15.45 23.09
CA ASP B 660 -41.93 -15.15 23.97
C ASP B 660 -40.61 -15.03 23.20
N ILE B 661 -40.26 -16.05 22.44
CA ILE B 661 -39.08 -16.01 21.58
C ILE B 661 -39.53 -16.44 20.19
N PRO B 662 -39.59 -15.53 19.22
CA PRO B 662 -40.13 -15.89 17.90
C PRO B 662 -39.20 -16.81 17.14
N ILE B 663 -39.72 -17.98 16.76
CA ILE B 663 -38.96 -18.90 15.92
C ILE B 663 -39.19 -18.61 14.44
N GLY B 664 -40.44 -18.50 14.04
CA GLY B 664 -40.81 -18.29 12.64
C GLY B 664 -41.99 -19.16 12.27
N ALA B 665 -42.66 -18.77 11.18
CA ALA B 665 -43.79 -19.50 10.62
C ALA B 665 -44.89 -19.73 11.65
N GLY B 666 -45.08 -18.74 12.53
CA GLY B 666 -46.11 -18.81 13.56
C GLY B 666 -45.74 -19.58 14.81
N ILE B 667 -44.49 -19.99 14.96
CA ILE B 667 -44.06 -20.82 16.09
C ILE B 667 -43.25 -19.94 17.04
N CYS B 668 -43.57 -19.99 18.33
CA CYS B 668 -42.79 -19.31 19.35
C CYS B 668 -42.29 -20.33 20.35
N ALA B 669 -41.29 -19.92 21.14
CA ALA B 669 -40.66 -20.79 22.13
C ALA B 669 -40.55 -20.04 23.45
N SER B 670 -40.59 -20.78 24.56
CA SER B 670 -40.55 -20.16 25.87
C SER B 670 -40.03 -21.18 26.88
N TYR B 671 -39.73 -20.70 28.09
CA TYR B 671 -39.21 -21.53 29.17
C TYR B 671 -40.24 -21.55 30.29
N GLN B 672 -40.93 -22.68 30.42
CA GLN B 672 -42.02 -22.77 31.40
C GLN B 672 -42.15 -24.20 31.89
N THR B 673 -42.80 -24.41 33.05
CA THR B 673 -43.03 -25.77 33.60
C THR B 673 -44.26 -26.40 32.92
N GLN B 687 -39.16 -25.36 34.34
CA GLN B 687 -38.43 -26.65 34.32
C GLN B 687 -38.05 -27.04 32.89
N SER B 688 -38.75 -26.56 31.87
CA SER B 688 -38.43 -27.03 30.50
C SER B 688 -38.64 -25.98 29.43
N ILE B 689 -37.98 -26.15 28.30
CA ILE B 689 -38.13 -25.28 27.13
C ILE B 689 -39.16 -25.90 26.19
N ILE B 690 -40.17 -25.13 25.82
CA ILE B 690 -41.28 -25.63 25.04
C ILE B 690 -41.45 -24.78 23.79
N ALA B 691 -42.13 -25.36 22.80
CA ALA B 691 -42.45 -24.67 21.57
C ALA B 691 -43.92 -24.84 21.26
N TYR B 692 -44.53 -23.81 20.69
CA TYR B 692 -45.97 -23.78 20.51
C TYR B 692 -46.30 -22.81 19.38
N THR B 693 -47.60 -22.68 19.11
CA THR B 693 -48.12 -21.71 18.16
C THR B 693 -48.70 -20.53 18.93
N MET B 694 -48.25 -19.33 18.61
CA MET B 694 -48.71 -18.14 19.33
C MET B 694 -50.19 -17.89 19.09
N SER B 695 -50.83 -17.29 20.10
CA SER B 695 -52.23 -16.92 20.06
C SER B 695 -52.35 -15.42 19.81
N LEU B 696 -53.27 -15.05 18.93
CA LEU B 696 -53.41 -13.64 18.54
C LEU B 696 -54.11 -12.82 19.61
N GLY B 697 -55.08 -13.41 20.32
CA GLY B 697 -55.78 -12.66 21.35
C GLY B 697 -56.99 -13.43 21.84
N ALA B 698 -57.73 -12.77 22.73
CA ALA B 698 -58.90 -13.36 23.35
C ALA B 698 -60.10 -13.30 22.43
N GLU B 699 -60.81 -14.42 22.31
CA GLU B 699 -62.01 -14.46 21.48
C GLU B 699 -63.09 -13.56 22.08
N ASN B 700 -63.87 -12.94 21.20
CA ASN B 700 -64.95 -12.06 21.63
C ASN B 700 -66.00 -12.04 20.53
N SER B 701 -67.26 -11.82 20.92
CA SER B 701 -68.38 -11.81 19.98
C SER B 701 -69.35 -10.74 20.41
N VAL B 702 -69.45 -9.66 19.64
CA VAL B 702 -70.36 -8.58 19.98
C VAL B 702 -71.78 -9.01 19.66
N ALA B 703 -72.72 -8.70 20.55
CA ALA B 703 -74.12 -9.06 20.35
C ALA B 703 -74.78 -8.03 19.43
N TYR B 704 -74.56 -8.21 18.13
CA TYR B 704 -75.23 -7.39 17.13
C TYR B 704 -76.70 -7.75 17.06
N SER B 705 -77.52 -6.74 16.80
CA SER B 705 -78.95 -6.96 16.77
C SER B 705 -79.54 -5.90 15.87
N ASN B 706 -80.78 -6.14 15.45
CA ASN B 706 -81.47 -5.18 14.58
C ASN B 706 -81.62 -3.83 15.25
N ASN B 707 -81.91 -3.81 16.55
CA ASN B 707 -82.31 -2.60 17.24
C ASN B 707 -81.72 -2.53 18.65
N SER B 708 -80.53 -3.09 18.86
CA SER B 708 -79.87 -3.11 20.17
C SER B 708 -78.63 -2.23 20.14
N ILE B 709 -78.51 -1.34 21.13
CA ILE B 709 -77.40 -0.42 21.24
C ILE B 709 -76.86 -0.41 22.66
N ALA B 710 -75.58 -0.05 22.81
CA ALA B 710 -74.91 -0.02 24.09
C ALA B 710 -74.26 1.34 24.32
N ILE B 711 -74.51 1.92 25.50
CA ILE B 711 -74.06 3.28 25.80
C ILE B 711 -73.30 3.26 27.12
N PRO B 712 -72.10 3.85 27.19
CA PRO B 712 -71.34 3.86 28.44
C PRO B 712 -72.02 4.69 29.51
N THR B 713 -71.84 4.27 30.75
CA THR B 713 -72.47 4.91 31.88
C THR B 713 -71.49 5.61 32.81
N ASN B 714 -70.19 5.51 32.54
CA ASN B 714 -69.18 6.03 33.45
C ASN B 714 -67.85 6.00 32.71
N PHE B 715 -66.91 6.82 33.15
CA PHE B 715 -65.69 7.04 32.39
C PHE B 715 -64.46 6.71 33.24
N THR B 716 -63.29 6.89 32.61
CA THR B 716 -62.00 6.61 33.23
C THR B 716 -60.95 7.47 32.57
N ILE B 717 -60.16 8.17 33.37
CA ILE B 717 -59.10 9.04 32.87
C ILE B 717 -57.79 8.26 32.88
N SER B 718 -57.18 8.11 31.71
CA SER B 718 -55.96 7.33 31.54
C SER B 718 -54.81 8.22 31.10
N VAL B 719 -53.62 7.95 31.65
CA VAL B 719 -52.38 8.62 31.27
C VAL B 719 -51.40 7.55 30.79
N THR B 720 -50.89 7.72 29.57
CA THR B 720 -49.92 6.84 28.94
C THR B 720 -48.70 7.65 28.54
N THR B 721 -47.65 6.94 28.12
CA THR B 721 -46.39 7.56 27.74
C THR B 721 -46.00 7.15 26.32
N GLU B 722 -45.19 8.01 25.69
CA GLU B 722 -44.63 7.71 24.39
C GLU B 722 -43.22 8.28 24.33
N ILE B 723 -42.28 7.48 23.86
CA ILE B 723 -40.86 7.86 23.80
C ILE B 723 -40.44 7.92 22.33
N LEU B 724 -39.84 9.05 21.93
CA LEU B 724 -39.33 9.23 20.57
C LEU B 724 -37.93 9.82 20.62
N PRO B 725 -36.93 9.17 20.03
CA PRO B 725 -35.60 9.79 19.90
C PRO B 725 -35.64 11.01 18.99
N VAL B 726 -34.75 11.97 19.26
CA VAL B 726 -34.79 13.24 18.55
C VAL B 726 -33.44 13.53 17.88
N SER B 727 -32.36 12.98 18.43
CA SER B 727 -31.03 13.23 17.92
C SER B 727 -30.07 12.18 18.45
N MET B 728 -28.89 12.14 17.86
CA MET B 728 -27.80 11.26 18.20
C MET B 728 -26.52 12.08 18.36
N THR B 729 -25.41 11.40 18.62
CA THR B 729 -24.16 12.05 18.96
C THR B 729 -23.44 12.55 17.70
N LYS B 730 -22.92 13.77 17.78
CA LYS B 730 -22.14 14.34 16.68
C LYS B 730 -20.70 13.87 16.83
N THR B 731 -20.14 13.26 15.79
CA THR B 731 -18.79 12.77 15.86
C THR B 731 -17.94 13.40 14.76
N SER B 732 -16.65 13.52 15.06
CA SER B 732 -15.68 14.05 14.11
C SER B 732 -14.50 13.08 14.05
N VAL B 733 -13.96 12.89 12.85
CA VAL B 733 -12.95 11.88 12.61
C VAL B 733 -11.74 12.54 11.94
N ASP B 734 -10.56 12.27 12.50
CA ASP B 734 -9.29 12.81 12.00
C ASP B 734 -8.65 11.77 11.07
N CYS B 735 -8.53 12.11 9.79
CA CYS B 735 -8.00 11.16 8.83
C CYS B 735 -6.58 10.72 9.14
N THR B 736 -5.68 11.69 9.36
CA THR B 736 -4.26 11.35 9.43
C THR B 736 -3.96 10.47 10.63
N MET B 737 -4.57 10.77 11.78
CA MET B 737 -4.29 9.98 12.98
C MET B 737 -4.88 8.58 12.87
N TYR B 738 -6.05 8.47 12.24
CA TYR B 738 -6.70 7.16 12.13
C TYR B 738 -5.95 6.26 11.15
N ILE B 739 -5.73 6.75 9.94
CA ILE B 739 -5.15 5.92 8.88
C ILE B 739 -3.67 5.64 9.14
N CYS B 740 -2.91 6.68 9.51
CA CYS B 740 -1.45 6.56 9.67
C CYS B 740 -1.01 6.58 11.13
N GLY B 741 -1.51 7.53 11.91
CA GLY B 741 -1.10 7.65 13.29
C GLY B 741 0.10 8.57 13.49
N ASP B 742 1.27 7.96 13.68
CA ASP B 742 2.48 8.70 13.98
C ASP B 742 3.62 8.35 13.03
N SER B 743 3.29 7.95 11.79
CA SER B 743 4.29 7.65 10.78
C SER B 743 4.32 8.77 9.76
N THR B 744 5.50 9.37 9.57
CA THR B 744 5.61 10.47 8.60
C THR B 744 5.56 9.95 7.17
N GLU B 745 6.23 8.84 6.88
CA GLU B 745 6.21 8.33 5.51
C GLU B 745 4.82 7.87 5.10
N CYS B 746 4.00 7.43 6.06
CA CYS B 746 2.61 7.12 5.75
C CYS B 746 1.86 8.36 5.30
N SER B 747 2.17 9.52 5.89
CA SER B 747 1.46 10.74 5.53
C SER B 747 1.70 11.13 4.08
N ASN B 748 2.92 10.98 3.59
CA ASN B 748 3.22 11.37 2.21
C ASN B 748 2.44 10.51 1.22
N LEU B 749 2.35 9.20 1.48
CA LEU B 749 1.64 8.31 0.59
C LEU B 749 0.15 8.62 0.51
N LEU B 750 -0.45 9.18 1.56
CA LEU B 750 -1.89 9.40 1.58
C LEU B 750 -2.30 10.51 0.62
N LEU B 751 -1.46 11.54 0.46
CA LEU B 751 -1.77 12.63 -0.45
C LEU B 751 -1.86 12.18 -1.90
N GLN B 752 -1.28 11.04 -2.26
CA GLN B 752 -1.32 10.60 -3.64
C GLN B 752 -2.67 10.04 -4.03
N TYR B 753 -3.42 9.48 -3.08
CA TYR B 753 -4.70 8.86 -3.38
C TYR B 753 -5.78 9.87 -3.69
N GLY B 754 -5.53 11.15 -3.48
CA GLY B 754 -6.50 12.18 -3.76
C GLY B 754 -7.10 12.77 -2.50
N SER B 755 -8.26 13.39 -2.67
CA SER B 755 -8.95 14.11 -1.60
C SER B 755 -10.19 13.30 -1.25
N PHE B 756 -10.05 12.42 -0.25
CA PHE B 756 -11.20 11.74 0.33
C PHE B 756 -11.70 12.39 1.60
N CYS B 757 -10.77 12.88 2.42
CA CYS B 757 -11.13 13.49 3.70
C CYS B 757 -11.87 14.80 3.53
N THR B 758 -11.71 15.47 2.39
CA THR B 758 -12.58 16.61 2.12
C THR B 758 -14.03 16.15 2.01
N GLN B 759 -14.24 14.94 1.50
CA GLN B 759 -15.59 14.37 1.43
C GLN B 759 -16.05 13.89 2.81
N LEU B 760 -15.21 13.10 3.48
CA LEU B 760 -15.64 12.48 4.74
C LEU B 760 -15.88 13.51 5.85
N LYS B 761 -15.03 14.53 5.94
CA LYS B 761 -15.26 15.58 6.94
C LYS B 761 -16.49 16.40 6.62
N ARG B 762 -16.71 16.67 5.33
CA ARG B 762 -17.90 17.41 4.91
C ARG B 762 -19.17 16.59 5.16
N ALA B 763 -19.12 15.29 4.88
CA ALA B 763 -20.27 14.42 5.15
C ALA B 763 -20.57 14.36 6.64
N LEU B 764 -19.54 14.21 7.47
CA LEU B 764 -19.76 14.15 8.91
C LEU B 764 -20.21 15.49 9.46
N THR B 765 -19.71 16.59 8.91
CA THR B 765 -20.13 17.92 9.35
C THR B 765 -21.61 18.15 9.07
N GLY B 766 -22.06 17.74 7.89
CA GLY B 766 -23.48 17.90 7.57
C GLY B 766 -24.38 17.15 8.52
N ILE B 767 -23.93 15.98 8.99
CA ILE B 767 -24.68 15.22 9.97
C ILE B 767 -24.73 15.95 11.30
N ALA B 768 -23.62 16.59 11.68
CA ALA B 768 -23.55 17.22 13.00
C ALA B 768 -24.45 18.44 13.10
N VAL B 769 -24.42 19.31 12.09
CA VAL B 769 -25.26 20.50 12.15
C VAL B 769 -26.73 20.13 12.06
N GLU B 770 -27.05 19.02 11.39
CA GLU B 770 -28.43 18.55 11.35
C GLU B 770 -28.89 18.13 12.74
N GLN B 771 -27.98 17.59 13.55
CA GLN B 771 -28.36 17.14 14.89
C GLN B 771 -28.78 18.31 15.76
N ASP B 772 -28.16 19.48 15.60
CA ASP B 772 -28.58 20.68 16.32
C ASP B 772 -29.92 21.19 15.81
N LYS B 773 -30.18 21.03 14.50
CA LYS B 773 -31.43 21.50 13.93
C LYS B 773 -32.62 20.68 14.41
N ASN B 774 -32.43 19.38 14.62
CA ASN B 774 -33.52 18.52 15.07
C ASN B 774 -34.00 18.96 16.44
N THR B 775 -33.07 19.20 17.36
CA THR B 775 -33.45 19.61 18.71
C THR B 775 -34.13 20.98 18.70
N GLN B 776 -33.65 21.88 17.83
CA GLN B 776 -34.21 23.22 17.78
C GLN B 776 -35.67 23.21 17.33
N GLU B 777 -35.99 22.42 16.31
CA GLU B 777 -37.34 22.44 15.76
C GLU B 777 -38.33 21.65 16.60
N VAL B 778 -37.87 20.82 17.52
CA VAL B 778 -38.78 20.03 18.35
C VAL B 778 -39.17 20.79 19.61
N PHE B 779 -38.21 21.44 20.26
CA PHE B 779 -38.43 22.04 21.57
C PHE B 779 -38.72 23.54 21.50
N ALA B 780 -38.05 24.27 20.61
CA ALA B 780 -38.23 25.72 20.57
C ALA B 780 -39.50 26.10 19.83
N GLN B 781 -40.63 25.54 20.24
CA GLN B 781 -41.91 25.77 19.57
C GLN B 781 -42.48 27.15 19.92
N VAL B 782 -42.26 27.60 21.14
CA VAL B 782 -42.83 28.84 21.64
C VAL B 782 -41.71 29.87 21.81
N LYS B 783 -41.97 31.08 21.36
CA LYS B 783 -40.95 32.13 21.43
C LYS B 783 -40.73 32.61 22.87
N GLN B 784 -41.80 32.78 23.64
CA GLN B 784 -41.69 33.36 24.96
C GLN B 784 -41.57 32.29 26.03
N ILE B 785 -40.81 32.59 27.08
CA ILE B 785 -40.57 31.65 28.19
C ILE B 785 -41.58 32.00 29.27
N TYR B 786 -42.71 31.30 29.26
CA TYR B 786 -43.73 31.54 30.25
C TYR B 786 -43.34 30.96 31.61
N LYS B 787 -43.95 31.50 32.66
CA LYS B 787 -43.66 31.10 34.02
C LYS B 787 -44.96 30.86 34.77
N THR B 788 -44.97 29.84 35.62
CA THR B 788 -46.14 29.49 36.40
C THR B 788 -46.29 30.44 37.59
N PRO B 789 -47.52 30.68 38.06
CA PRO B 789 -47.68 31.51 39.26
C PRO B 789 -47.10 30.83 40.48
N PRO B 790 -46.77 31.59 41.54
CA PRO B 790 -46.19 30.99 42.75
C PRO B 790 -47.06 29.93 43.40
N ILE B 791 -48.28 30.31 43.79
CA ILE B 791 -49.20 29.38 44.44
C ILE B 791 -49.77 28.44 43.39
N LYS B 792 -49.79 27.15 43.71
CA LYS B 792 -50.20 26.12 42.77
C LYS B 792 -51.50 25.48 43.25
N TYR B 793 -52.63 26.06 42.85
CA TYR B 793 -53.93 25.42 43.00
C TYR B 793 -54.65 25.50 41.67
N PHE B 794 -54.87 24.36 41.04
CA PHE B 794 -55.49 24.26 39.73
C PHE B 794 -56.79 23.46 39.78
N GLY B 795 -57.58 23.65 40.84
CA GLY B 795 -58.87 23.00 40.95
C GLY B 795 -58.86 21.59 41.47
N GLY B 796 -57.69 21.05 41.81
CA GLY B 796 -57.61 19.69 42.32
C GLY B 796 -56.52 18.91 41.63
N PHE B 797 -56.27 19.21 40.37
CA PHE B 797 -55.16 18.60 39.65
C PHE B 797 -53.85 19.06 40.26
N ASN B 798 -52.89 18.15 40.35
CA ASN B 798 -51.82 18.27 41.34
C ASN B 798 -50.46 18.62 40.73
N PHE B 799 -50.13 18.03 39.58
CA PHE B 799 -49.08 18.52 38.68
C PHE B 799 -47.70 18.60 39.31
N SER B 800 -47.49 18.08 40.52
CA SER B 800 -46.20 18.27 41.16
C SER B 800 -45.12 17.45 40.47
N GLN B 801 -45.48 16.30 39.91
CA GLN B 801 -44.54 15.38 39.30
C GLN B 801 -43.98 15.87 37.97
N ILE B 802 -44.59 16.88 37.37
CA ILE B 802 -44.19 17.34 36.04
C ILE B 802 -43.69 18.78 36.03
N LEU B 803 -44.08 19.59 37.01
CA LEU B 803 -43.54 20.94 37.16
C LEU B 803 -42.13 20.87 37.78
N PRO B 804 -41.27 21.83 37.46
CA PRO B 804 -39.89 21.75 37.95
C PRO B 804 -39.80 21.84 39.46
N ASP B 805 -38.81 21.16 40.00
CA ASP B 805 -38.54 21.18 41.43
C ASP B 805 -37.54 22.26 41.73
N PRO B 806 -37.90 23.31 42.48
CA PRO B 806 -36.98 24.43 42.66
C PRO B 806 -35.77 24.09 43.49
N SER B 807 -35.90 23.14 44.43
CA SER B 807 -34.82 22.88 45.38
C SER B 807 -33.59 22.30 44.71
N LYS B 808 -33.76 21.33 43.82
CA LYS B 808 -32.61 20.66 43.21
C LYS B 808 -31.83 21.63 42.34
N PRO B 809 -30.50 21.54 42.33
CA PRO B 809 -29.72 22.46 41.48
C PRO B 809 -29.98 22.25 40.00
N SER B 810 -30.30 21.03 39.59
CA SER B 810 -30.61 20.77 38.19
C SER B 810 -31.93 21.39 37.77
N LYS B 811 -32.84 21.67 38.71
CA LYS B 811 -34.14 22.29 38.41
C LYS B 811 -34.95 21.46 37.40
N ARG B 812 -35.10 20.16 37.70
CA ARG B 812 -35.88 19.24 36.88
C ARG B 812 -37.04 18.68 37.68
N SER B 813 -38.11 18.30 36.97
CA SER B 813 -39.28 17.73 37.62
C SER B 813 -38.98 16.32 38.13
N PRO B 814 -39.71 15.84 39.13
CA PRO B 814 -39.43 14.50 39.68
C PRO B 814 -39.46 13.39 38.65
N ILE B 815 -40.37 13.45 37.67
CA ILE B 815 -40.40 12.44 36.64
C ILE B 815 -39.20 12.57 35.72
N GLU B 816 -38.82 13.80 35.35
CA GLU B 816 -37.65 14.00 34.49
C GLU B 816 -36.38 13.49 35.14
N ASP B 817 -36.27 13.60 36.48
CA ASP B 817 -35.10 13.09 37.18
C ASP B 817 -34.97 11.58 37.02
N LEU B 818 -36.08 10.86 37.08
CA LEU B 818 -36.05 9.41 36.89
C LEU B 818 -35.58 9.06 35.50
N LEU B 819 -36.04 9.80 34.49
CA LEU B 819 -35.69 9.48 33.12
C LEU B 819 -34.18 9.62 32.87
N PHE B 820 -33.58 10.69 33.40
CA PHE B 820 -32.15 10.94 33.16
C PHE B 820 -31.28 9.91 33.84
N ASN B 821 -31.71 9.38 34.99
CA ASN B 821 -30.93 8.37 35.70
C ASN B 821 -31.04 7.00 35.02
N LYS B 822 -32.17 6.69 34.40
CA LYS B 822 -32.34 5.38 33.77
C LYS B 822 -31.46 5.20 32.55
N VAL B 823 -31.36 6.22 31.69
CA VAL B 823 -30.60 6.11 30.45
C VAL B 823 -29.13 6.43 30.73
N THR B 824 -28.24 5.52 30.35
CA THR B 824 -26.80 5.72 30.55
C THR B 824 -26.14 6.38 29.34
N ASP B 845 -10.68 5.47 30.72
CA ASP B 845 -11.93 4.84 30.29
C ASP B 845 -11.99 4.73 28.79
N LEU B 846 -13.17 4.36 28.27
CA LEU B 846 -13.27 4.12 26.83
C LEU B 846 -13.21 5.40 26.02
N ILE B 847 -13.74 6.51 26.55
CA ILE B 847 -13.75 7.77 25.81
C ILE B 847 -12.32 8.21 25.52
N CYS B 848 -11.44 8.12 26.51
CA CYS B 848 -10.04 8.45 26.28
C CYS B 848 -9.40 7.47 25.30
N ALA B 849 -9.72 6.18 25.43
CA ALA B 849 -9.13 5.15 24.57
C ALA B 849 -9.49 5.38 23.11
N GLN B 850 -10.73 5.80 22.84
CA GLN B 850 -11.13 6.05 21.47
C GLN B 850 -10.58 7.35 20.93
N LYS B 851 -10.41 8.36 21.78
CA LYS B 851 -9.93 9.66 21.29
C LYS B 851 -8.53 9.55 20.70
N PHE B 852 -7.68 8.74 21.31
CA PHE B 852 -6.32 8.60 20.85
C PHE B 852 -6.22 7.85 19.53
N LYS B 853 -7.33 7.47 18.90
CA LYS B 853 -7.30 6.87 17.58
C LYS B 853 -7.97 7.75 16.54
N GLY B 854 -8.24 9.00 16.88
CA GLY B 854 -8.83 9.94 15.95
C GLY B 854 -10.33 10.09 16.02
N LEU B 855 -10.96 9.63 17.09
CA LEU B 855 -12.42 9.67 17.23
C LEU B 855 -12.78 10.67 18.30
N THR B 856 -13.61 11.65 17.94
CA THR B 856 -13.94 12.75 18.83
C THR B 856 -15.45 13.01 18.77
N VAL B 857 -16.01 13.41 19.91
CA VAL B 857 -17.44 13.68 20.04
C VAL B 857 -17.65 15.15 20.37
N LEU B 858 -18.33 15.85 19.47
CA LEU B 858 -18.62 17.26 19.68
C LEU B 858 -19.81 17.44 20.62
N PRO B 859 -19.85 18.52 21.39
CA PRO B 859 -20.96 18.76 22.31
C PRO B 859 -22.15 19.40 21.62
N PRO B 860 -23.37 19.09 22.05
CA PRO B 860 -24.55 19.70 21.46
C PRO B 860 -24.65 21.19 21.82
N LEU B 861 -25.28 21.95 20.92
CA LEU B 861 -25.41 23.39 21.12
C LEU B 861 -26.31 23.73 22.31
N LEU B 862 -27.44 23.06 22.44
CA LEU B 862 -28.35 23.31 23.55
C LEU B 862 -28.05 22.32 24.67
N THR B 863 -27.71 22.84 25.85
CA THR B 863 -27.40 21.99 26.99
C THR B 863 -28.68 21.45 27.63
N ASP B 864 -28.50 20.61 28.65
CA ASP B 864 -29.66 20.02 29.32
C ASP B 864 -30.48 21.07 30.06
N GLU B 865 -29.83 22.09 30.63
CA GLU B 865 -30.56 23.14 31.33
C GLU B 865 -31.46 23.92 30.38
N MET B 866 -30.97 24.25 29.19
CA MET B 866 -31.77 25.05 28.27
C MET B 866 -32.97 24.28 27.76
N ILE B 867 -32.80 22.98 27.52
CA ILE B 867 -33.90 22.15 27.06
C ILE B 867 -34.98 22.06 28.14
N ALA B 868 -34.57 21.96 29.40
CA ALA B 868 -35.53 21.92 30.50
C ALA B 868 -36.33 23.22 30.60
N GLN B 869 -35.69 24.35 30.28
CA GLN B 869 -36.41 25.63 30.27
C GLN B 869 -37.48 25.64 29.19
N TYR B 870 -37.18 25.10 28.01
CA TYR B 870 -38.16 25.04 26.93
C TYR B 870 -39.39 24.24 27.34
N THR B 871 -39.19 23.06 27.93
CA THR B 871 -40.33 22.27 28.37
C THR B 871 -41.07 22.93 29.52
N SER B 872 -40.36 23.67 30.37
CA SER B 872 -41.04 24.40 31.44
C SER B 872 -41.93 25.50 30.86
N ALA B 873 -41.46 26.21 29.83
CA ALA B 873 -42.30 27.22 29.19
C ALA B 873 -43.53 26.59 28.55
N LEU B 874 -43.35 25.43 27.92
CA LEU B 874 -44.47 24.74 27.29
C LEU B 874 -45.48 24.29 28.33
N LEU B 875 -45.01 23.74 29.45
CA LEU B 875 -45.91 23.24 30.49
C LEU B 875 -46.63 24.37 31.21
N ALA B 876 -45.92 25.46 31.51
CA ALA B 876 -46.57 26.58 32.18
C ALA B 876 -47.61 27.25 31.30
N GLY B 877 -47.33 27.37 30.00
CA GLY B 877 -48.29 27.98 29.10
C GLY B 877 -49.52 27.13 28.87
N THR B 878 -49.35 25.82 28.71
CA THR B 878 -50.47 24.94 28.43
C THR B 878 -51.36 24.73 29.64
N ILE B 879 -50.89 25.08 30.83
CA ILE B 879 -51.69 25.00 32.05
C ILE B 879 -52.49 26.27 32.28
N THR B 880 -51.86 27.43 32.11
CA THR B 880 -52.53 28.69 32.40
C THR B 880 -53.26 29.29 31.21
N SER B 881 -53.00 28.80 30.01
CA SER B 881 -53.66 29.35 28.83
C SER B 881 -54.52 28.32 28.11
N GLY B 882 -53.94 27.17 27.77
CA GLY B 882 -54.62 26.18 26.96
C GLY B 882 -53.96 26.00 25.62
N TRP B 883 -54.72 26.16 24.54
CA TRP B 883 -54.18 26.14 23.18
C TRP B 883 -54.05 27.53 22.59
N THR B 884 -54.30 28.57 23.36
CA THR B 884 -54.28 29.91 22.82
C THR B 884 -52.89 30.50 22.71
N PHE B 885 -51.90 29.92 23.38
CA PHE B 885 -50.55 30.46 23.33
C PHE B 885 -49.77 29.97 22.13
N GLY B 886 -50.27 28.98 21.41
CA GLY B 886 -49.72 28.55 20.14
C GLY B 886 -50.39 29.14 18.92
N ALA B 887 -51.28 30.13 19.10
CA ALA B 887 -51.98 30.69 17.97
C ALA B 887 -52.14 32.20 18.06
N GLY B 888 -51.30 32.87 18.85
CA GLY B 888 -51.40 34.29 19.06
C GLY B 888 -50.96 34.66 20.46
N PRO B 889 -51.54 35.72 21.01
CA PRO B 889 -51.25 36.07 22.41
C PRO B 889 -51.82 35.04 23.36
N ALA B 890 -51.12 34.85 24.48
CA ALA B 890 -51.55 33.91 25.50
C ALA B 890 -52.64 34.53 26.36
N LEU B 891 -53.75 33.80 26.54
CA LEU B 891 -54.92 34.25 27.27
C LEU B 891 -55.11 33.39 28.50
N GLN B 892 -55.22 34.00 29.66
CA GLN B 892 -55.45 33.24 30.90
C GLN B 892 -56.85 32.68 30.94
N ILE B 893 -57.00 31.53 31.60
CA ILE B 893 -58.29 30.87 31.79
C ILE B 893 -58.18 29.89 32.95
N PRO B 894 -59.19 29.80 33.82
CA PRO B 894 -59.13 28.82 34.92
C PRO B 894 -59.07 27.40 34.39
N PHE B 895 -58.24 26.56 35.02
CA PHE B 895 -58.04 25.21 34.53
C PHE B 895 -59.30 24.35 34.50
N PRO B 896 -60.14 24.32 35.54
CA PRO B 896 -61.39 23.54 35.42
C PRO B 896 -62.26 23.97 34.26
N MET B 897 -62.27 25.26 33.92
CA MET B 897 -63.00 25.71 32.74
C MET B 897 -62.28 25.34 31.46
N GLN B 898 -60.95 25.26 31.50
CA GLN B 898 -60.19 24.78 30.36
C GLN B 898 -60.48 23.32 30.07
N MET B 899 -60.70 22.52 31.11
CA MET B 899 -61.01 21.10 30.94
C MET B 899 -62.45 20.85 30.54
N ALA B 900 -63.33 21.83 30.72
CA ALA B 900 -64.70 21.72 30.27
C ALA B 900 -64.82 21.96 28.78
N TYR B 901 -63.95 22.80 28.22
CA TYR B 901 -63.89 22.95 26.77
C TYR B 901 -63.41 21.67 26.09
N ARG B 902 -62.48 20.96 26.72
CA ARG B 902 -61.88 19.78 26.10
C ARG B 902 -62.83 18.58 26.08
N PHE B 903 -63.77 18.49 27.01
CA PHE B 903 -64.81 17.47 26.87
C PHE B 903 -65.72 17.77 25.69
N ASN B 904 -65.98 19.05 25.41
CA ASN B 904 -66.76 19.38 24.22
C ASN B 904 -66.05 18.93 22.95
N GLY B 905 -64.71 18.93 22.95
CA GLY B 905 -63.98 18.47 21.78
C GLY B 905 -64.24 17.02 21.44
N ILE B 906 -64.50 16.19 22.46
CA ILE B 906 -64.72 14.77 22.25
C ILE B 906 -66.20 14.41 22.27
N GLY B 907 -67.08 15.39 22.41
CA GLY B 907 -68.51 15.14 22.30
C GLY B 907 -69.23 14.91 23.61
N VAL B 908 -68.76 15.50 24.71
CA VAL B 908 -69.37 15.37 26.02
C VAL B 908 -69.71 16.76 26.52
N THR B 909 -70.93 16.94 27.01
CA THR B 909 -71.38 18.26 27.42
C THR B 909 -70.57 18.76 28.61
N GLN B 910 -70.68 20.07 28.85
CA GLN B 910 -69.91 20.72 29.91
C GLN B 910 -70.29 20.19 31.29
N ASN B 911 -71.58 19.97 31.54
CA ASN B 911 -72.03 19.69 32.89
C ASN B 911 -71.51 18.36 33.43
N VAL B 912 -70.96 17.52 32.56
CA VAL B 912 -70.46 16.22 33.01
C VAL B 912 -69.23 16.41 33.89
N LEU B 913 -68.40 17.40 33.56
CA LEU B 913 -67.20 17.65 34.36
C LEU B 913 -67.53 18.34 35.68
N TYR B 914 -68.28 19.45 35.62
CA TYR B 914 -68.51 20.26 36.81
C TYR B 914 -69.21 19.46 37.90
N GLU B 915 -70.11 18.57 37.54
CA GLU B 915 -70.81 17.72 38.49
C GLU B 915 -69.94 16.55 38.95
N ASN B 916 -68.76 16.37 38.37
CA ASN B 916 -67.87 15.28 38.75
C ASN B 916 -66.44 15.77 38.82
N GLN B 917 -66.26 17.03 39.25
CA GLN B 917 -64.92 17.61 39.25
C GLN B 917 -64.00 16.91 40.24
N LYS B 918 -64.51 16.62 41.44
CA LYS B 918 -63.67 15.96 42.44
C LYS B 918 -63.27 14.56 41.99
N LEU B 919 -64.20 13.83 41.38
CA LEU B 919 -63.90 12.47 40.92
C LEU B 919 -62.84 12.47 39.83
N ILE B 920 -62.98 13.37 38.85
CA ILE B 920 -62.04 13.44 37.74
C ILE B 920 -60.67 13.87 38.23
N ALA B 921 -60.64 14.78 39.21
CA ALA B 921 -59.36 15.26 39.74
C ALA B 921 -58.59 14.13 40.42
N ASN B 922 -59.29 13.30 41.20
CA ASN B 922 -58.62 12.19 41.87
C ASN B 922 -58.05 11.19 40.88
N GLN B 923 -58.79 10.89 39.81
CA GLN B 923 -58.31 9.92 38.83
C GLN B 923 -57.10 10.42 38.08
N PHE B 924 -57.04 11.70 37.75
CA PHE B 924 -55.86 12.23 37.08
C PHE B 924 -54.65 12.15 37.99
N ASN B 925 -54.83 12.48 39.28
CA ASN B 925 -53.72 12.44 40.22
C ASN B 925 -53.22 11.02 40.42
N SER B 926 -54.14 10.04 40.46
CA SER B 926 -53.74 8.65 40.64
C SER B 926 -52.97 8.13 39.43
N ALA B 927 -53.42 8.47 38.22
CA ALA B 927 -52.75 8.00 37.02
C ALA B 927 -51.36 8.62 36.88
N ILE B 928 -51.21 9.88 37.29
CA ILE B 928 -49.89 10.51 37.29
C ILE B 928 -48.95 9.78 38.23
N GLY B 929 -49.42 9.47 39.44
CA GLY B 929 -48.57 8.77 40.41
C GLY B 929 -48.16 7.39 39.94
N LYS B 930 -49.04 6.70 39.22
CA LYS B 930 -48.72 5.37 38.73
C LYS B 930 -47.68 5.39 37.62
N ILE B 931 -47.52 6.52 36.92
CA ILE B 931 -46.53 6.61 35.85
C ILE B 931 -45.13 6.52 36.42
N GLN B 932 -44.90 7.19 37.55
CA GLN B 932 -43.60 7.16 38.20
C GLN B 932 -43.21 5.73 38.56
N ASP B 933 -44.13 4.99 39.19
CA ASP B 933 -43.83 3.63 39.62
C ASP B 933 -43.62 2.69 38.44
N SER B 934 -44.44 2.83 37.39
CA SER B 934 -44.34 1.93 36.25
C SER B 934 -43.01 2.13 35.52
N LEU B 935 -42.59 3.38 35.35
CA LEU B 935 -41.32 3.64 34.67
C LEU B 935 -40.16 3.03 35.45
N SER B 936 -40.12 3.24 36.76
CA SER B 936 -38.99 2.76 37.55
C SER B 936 -38.94 1.24 37.58
N SER B 937 -40.09 0.58 37.73
CA SER B 937 -40.08 -0.87 37.90
C SER B 937 -39.67 -1.57 36.61
N THR B 938 -40.24 -1.18 35.48
CA THR B 938 -39.97 -1.86 34.22
C THR B 938 -38.60 -1.46 33.68
N PRO B 939 -37.71 -2.42 33.39
CA PRO B 939 -36.38 -2.06 32.90
C PRO B 939 -36.34 -1.67 31.44
N SER B 940 -37.19 -2.27 30.60
CA SER B 940 -37.24 -2.00 29.18
C SER B 940 -38.25 -0.92 28.81
N ALA B 941 -38.53 0.00 29.72
CA ALA B 941 -39.46 1.09 29.43
C ALA B 941 -38.88 2.04 28.40
N LEU B 942 -37.62 2.45 28.58
CA LEU B 942 -36.93 3.41 27.70
C LEU B 942 -36.01 2.71 26.70
N GLY B 943 -36.44 1.57 26.17
CA GLY B 943 -35.60 0.84 25.24
C GLY B 943 -35.30 1.62 23.97
N LYS B 944 -36.28 2.38 23.48
CA LYS B 944 -36.12 3.07 22.19
C LYS B 944 -34.97 4.06 22.23
N LEU B 945 -34.83 4.79 23.34
CA LEU B 945 -33.72 5.73 23.48
C LEU B 945 -32.39 5.02 23.74
N GLN B 946 -32.44 3.79 24.25
CA GLN B 946 -31.21 3.06 24.53
C GLN B 946 -30.59 2.50 23.26
N ASP B 947 -31.41 2.12 22.28
CA ASP B 947 -30.86 1.63 21.01
C ASP B 947 -30.03 2.69 20.31
N VAL B 948 -30.48 3.95 20.34
CA VAL B 948 -29.71 5.02 19.73
C VAL B 948 -28.33 5.15 20.39
N VAL B 949 -28.30 5.09 21.72
CA VAL B 949 -27.03 5.13 22.44
C VAL B 949 -26.16 3.93 22.08
N ASN B 950 -26.76 2.74 22.03
CA ASN B 950 -26.00 1.52 21.76
C ASN B 950 -25.54 1.45 20.30
N HIS B 951 -26.37 1.90 19.36
CA HIS B 951 -26.02 1.75 17.94
C HIS B 951 -24.77 2.56 17.61
N ASN B 952 -24.66 3.78 18.13
CA ASN B 952 -23.51 4.61 17.84
C ASN B 952 -22.25 4.10 18.53
N ALA B 953 -22.38 3.66 19.79
CA ALA B 953 -21.21 3.13 20.49
C ALA B 953 -20.70 1.85 19.83
N GLN B 954 -21.61 0.98 19.42
CA GLN B 954 -21.21 -0.25 18.74
C GLN B 954 -20.55 0.03 17.39
N ALA B 955 -21.08 1.00 16.64
CA ALA B 955 -20.47 1.36 15.37
C ALA B 955 -19.03 1.83 15.56
N LEU B 956 -18.79 2.66 16.58
CA LEU B 956 -17.43 3.12 16.84
C LEU B 956 -16.52 1.96 17.22
N ASN B 957 -17.06 0.99 17.96
CA ASN B 957 -16.29 -0.19 18.33
C ASN B 957 -15.80 -0.96 17.10
N THR B 958 -16.68 -1.12 16.10
CA THR B 958 -16.29 -1.79 14.87
C THR B 958 -15.19 -1.01 14.15
N LEU B 959 -15.27 0.33 14.17
CA LEU B 959 -14.27 1.13 13.48
C LEU B 959 -12.90 0.94 14.09
N VAL B 960 -12.83 0.87 15.42
CA VAL B 960 -11.56 0.61 16.10
C VAL B 960 -11.04 -0.78 15.76
N LYS B 961 -11.95 -1.78 15.73
CA LYS B 961 -11.54 -3.15 15.44
C LYS B 961 -10.95 -3.27 14.05
N GLN B 962 -11.38 -2.43 13.11
CA GLN B 962 -10.86 -2.48 11.76
C GLN B 962 -9.41 -2.01 11.65
N LEU B 963 -8.85 -1.45 12.72
CA LEU B 963 -7.44 -1.06 12.72
C LEU B 963 -6.50 -2.21 13.01
N SER B 964 -7.01 -3.39 13.32
CA SER B 964 -6.19 -4.56 13.62
C SER B 964 -6.46 -5.67 12.61
N SER B 965 -6.67 -5.30 11.36
CA SER B 965 -6.90 -6.25 10.28
C SER B 965 -5.78 -6.12 9.26
N LYS B 966 -5.14 -7.24 8.94
CA LYS B 966 -4.01 -7.22 8.02
C LYS B 966 -4.42 -7.07 6.56
N PHE B 967 -5.66 -7.43 6.22
CA PHE B 967 -6.13 -7.38 4.84
C PHE B 967 -5.25 -8.21 3.90
N GLY B 968 -4.72 -9.33 4.41
CA GLY B 968 -3.86 -10.19 3.63
C GLY B 968 -2.39 -9.89 3.68
N ALA B 969 -1.99 -8.81 4.36
CA ALA B 969 -0.58 -8.49 4.49
C ALA B 969 0.07 -9.34 5.58
N ILE B 970 1.37 -9.10 5.80
CA ILE B 970 2.14 -9.87 6.77
C ILE B 970 1.75 -9.50 8.19
N SER B 971 1.61 -8.21 8.45
CA SER B 971 1.31 -7.73 9.80
C SER B 971 0.47 -6.47 9.70
N SER B 972 -0.19 -6.13 10.80
CA SER B 972 -0.96 -4.89 10.87
C SER B 972 -0.14 -3.71 11.34
N VAL B 973 0.90 -3.95 12.15
CA VAL B 973 1.71 -2.86 12.69
C VAL B 973 2.58 -2.35 11.55
N LEU B 974 2.30 -1.13 11.07
CA LEU B 974 2.96 -0.62 9.87
C LEU B 974 4.45 -0.35 10.10
N ASN B 975 4.91 -0.30 11.35
CA ASN B 975 6.35 -0.22 11.59
C ASN B 975 7.06 -1.50 11.16
N ASP B 976 6.42 -2.66 11.38
CA ASP B 976 7.05 -3.93 11.04
C ASP B 976 7.26 -4.07 9.54
N ILE B 977 6.30 -3.57 8.75
CA ILE B 977 6.42 -3.63 7.30
C ILE B 977 7.61 -2.80 6.83
N PHE B 978 7.80 -1.63 7.42
CA PHE B 978 8.88 -0.73 7.02
C PHE B 978 10.26 -1.25 7.45
N SER B 979 10.32 -2.16 8.42
CA SER B 979 11.60 -2.71 8.86
C SER B 979 11.96 -3.99 8.12
N ARG B 980 11.09 -5.00 8.22
CA ARG B 980 11.44 -6.32 7.70
C ARG B 980 11.58 -6.31 6.19
N LEU B 981 10.74 -5.55 5.49
CA LEU B 981 10.73 -5.56 4.05
C LEU B 981 11.53 -4.40 3.48
N ASP B 982 11.92 -4.54 2.23
CA ASP B 982 12.65 -3.49 1.56
C ASP B 982 11.70 -2.40 1.07
N PRO B 983 12.18 -1.17 0.94
CA PRO B 983 11.30 -0.05 0.56
C PRO B 983 10.58 -0.27 -0.77
N PRO B 984 11.22 -0.87 -1.79
CA PRO B 984 10.42 -1.22 -2.99
C PRO B 984 9.26 -2.15 -2.72
N GLU B 985 9.41 -3.12 -1.81
CA GLU B 985 8.34 -4.08 -1.59
C GLU B 985 7.38 -3.63 -0.49
N ALA B 986 7.87 -2.83 0.47
CA ALA B 986 7.02 -2.34 1.55
C ALA B 986 5.86 -1.50 1.01
N GLU B 987 6.14 -0.67 0.01
CA GLU B 987 5.13 0.27 -0.48
C GLU B 987 3.90 -0.46 -1.00
N VAL B 988 4.10 -1.62 -1.64
CA VAL B 988 2.98 -2.44 -2.10
C VAL B 988 2.14 -2.94 -0.93
N GLN B 989 2.80 -3.42 0.12
CA GLN B 989 2.07 -3.92 1.29
C GLN B 989 1.38 -2.78 2.02
N ILE B 990 2.04 -1.63 2.13
CA ILE B 990 1.44 -0.46 2.80
C ILE B 990 0.22 0.03 2.01
N ASP B 991 0.29 0.01 0.68
CA ASP B 991 -0.83 0.46 -0.15
C ASP B 991 -2.09 -0.34 0.16
N ARG B 992 -1.93 -1.62 0.49
CA ARG B 992 -3.09 -2.44 0.83
C ARG B 992 -3.74 -1.97 2.13
N LEU B 993 -2.93 -1.55 3.11
CA LEU B 993 -3.48 -1.13 4.40
C LEU B 993 -4.30 0.15 4.25
N ILE B 994 -3.78 1.14 3.51
CA ILE B 994 -4.53 2.38 3.35
C ILE B 994 -5.83 2.14 2.60
N THR B 995 -5.78 1.36 1.52
CA THR B 995 -6.98 1.12 0.73
C THR B 995 -8.06 0.44 1.55
N GLY B 996 -7.68 -0.53 2.38
CA GLY B 996 -8.64 -1.16 3.27
C GLY B 996 -9.18 -0.20 4.32
N ARG B 997 -8.29 0.59 4.94
CA ARG B 997 -8.74 1.51 5.98
C ARG B 997 -9.59 2.64 5.42
N LEU B 998 -9.29 3.11 4.21
CA LEU B 998 -10.13 4.11 3.57
C LEU B 998 -11.52 3.57 3.34
N GLN B 999 -11.63 2.30 2.93
CA GLN B 999 -12.95 1.71 2.74
C GLN B 999 -13.68 1.58 4.07
N SER B 1000 -12.97 1.20 5.13
CA SER B 1000 -13.61 1.05 6.44
C SER B 1000 -14.18 2.37 6.92
N LEU B 1001 -13.46 3.47 6.72
CA LEU B 1001 -14.01 4.78 7.06
C LEU B 1001 -15.17 5.13 6.15
N GLN B 1002 -15.05 4.81 4.86
CA GLN B 1002 -16.09 5.15 3.90
C GLN B 1002 -17.38 4.38 4.20
N THR B 1003 -17.26 3.12 4.60
CA THR B 1003 -18.44 2.36 5.00
C THR B 1003 -19.11 2.97 6.23
N TYR B 1004 -18.31 3.45 7.19
CA TYR B 1004 -18.87 4.02 8.41
C TYR B 1004 -19.66 5.29 8.12
N VAL B 1005 -19.15 6.16 7.25
CA VAL B 1005 -19.87 7.38 6.91
C VAL B 1005 -21.21 7.05 6.25
N THR B 1006 -21.21 6.07 5.35
CA THR B 1006 -22.46 5.69 4.68
C THR B 1006 -23.49 5.18 5.68
N GLN B 1007 -23.06 4.34 6.62
CA GLN B 1007 -23.96 3.87 7.66
C GLN B 1007 -24.51 5.02 8.49
N GLN B 1008 -23.68 6.03 8.76
CA GLN B 1008 -24.11 7.15 9.60
C GLN B 1008 -25.15 8.00 8.88
N LEU B 1009 -24.97 8.22 7.58
CA LEU B 1009 -25.93 8.98 6.80
C LEU B 1009 -27.29 8.31 6.77
N ILE B 1010 -27.31 6.98 6.71
CA ILE B 1010 -28.58 6.25 6.70
C ILE B 1010 -29.27 6.36 8.05
N ARG B 1011 -28.52 6.23 9.14
CA ARG B 1011 -29.07 6.38 10.48
C ARG B 1011 -29.58 7.80 10.71
N ALA B 1012 -28.82 8.80 10.28
CA ALA B 1012 -29.21 10.20 10.48
C ALA B 1012 -30.53 10.51 9.82
N ALA B 1013 -30.80 9.90 8.67
CA ALA B 1013 -32.08 10.09 8.01
C ALA B 1013 -33.22 9.53 8.83
N GLU B 1014 -33.02 8.34 9.41
CA GLU B 1014 -34.07 7.72 10.20
C GLU B 1014 -34.34 8.50 11.48
N ILE B 1015 -33.29 9.03 12.11
CA ILE B 1015 -33.43 9.84 13.31
C ILE B 1015 -34.18 11.14 12.99
N ARG B 1016 -33.92 11.69 11.80
CA ARG B 1016 -34.63 12.89 11.37
C ARG B 1016 -36.12 12.62 11.17
N ALA B 1017 -36.48 11.41 10.76
CA ALA B 1017 -37.89 11.06 10.61
C ALA B 1017 -38.60 11.06 11.96
N SER B 1018 -37.93 10.59 13.01
CA SER B 1018 -38.51 10.65 14.35
C SER B 1018 -38.61 12.10 14.83
N ALA B 1019 -37.63 12.93 14.49
CA ALA B 1019 -37.64 14.32 14.91
C ALA B 1019 -38.77 15.09 14.25
N ASN B 1020 -39.04 14.81 12.97
CA ASN B 1020 -40.20 15.42 12.32
C ASN B 1020 -41.50 14.91 12.93
N LEU B 1021 -41.56 13.60 13.22
CA LEU B 1021 -42.71 13.06 13.92
C LEU B 1021 -42.81 13.60 15.34
N ALA B 1022 -41.68 13.75 16.03
CA ALA B 1022 -41.72 14.31 17.38
C ALA B 1022 -42.15 15.76 17.37
N ALA B 1023 -41.70 16.52 16.37
CA ALA B 1023 -42.11 17.91 16.25
C ALA B 1023 -43.60 18.03 15.96
N THR B 1024 -44.14 17.14 15.13
CA THR B 1024 -45.56 17.20 14.79
C THR B 1024 -46.43 16.92 16.01
N LYS B 1025 -46.03 15.94 16.82
CA LYS B 1025 -46.85 15.57 17.98
C LYS B 1025 -46.93 16.71 18.98
N MET B 1026 -45.85 17.47 19.14
CA MET B 1026 -45.85 18.57 20.11
C MET B 1026 -46.64 19.76 19.59
N SER B 1027 -46.71 19.95 18.28
CA SER B 1027 -47.54 21.01 17.71
C SER B 1027 -49.02 20.67 17.85
N GLU B 1028 -49.38 19.39 17.71
CA GLU B 1028 -50.77 19.00 17.57
C GLU B 1028 -51.36 18.34 18.81
N CYS B 1029 -50.55 17.64 19.61
CA CYS B 1029 -51.06 17.04 20.85
C CYS B 1029 -50.85 17.96 22.06
N VAL B 1030 -49.76 18.73 22.08
CA VAL B 1030 -49.46 19.60 23.21
C VAL B 1030 -50.05 20.98 23.03
N LEU B 1031 -49.87 21.59 21.86
CA LEU B 1031 -50.36 22.93 21.59
C LEU B 1031 -51.81 22.94 21.12
N GLY B 1032 -52.48 21.79 21.13
CA GLY B 1032 -53.85 21.75 20.72
C GLY B 1032 -54.51 20.46 21.18
N GLN B 1033 -55.66 20.18 20.58
CA GLN B 1033 -56.40 18.94 20.79
C GLN B 1033 -56.60 18.29 19.43
N SER B 1034 -56.31 16.98 19.35
CA SER B 1034 -56.22 16.28 18.07
C SER B 1034 -57.39 15.31 17.92
N LYS B 1035 -58.02 15.34 16.75
CA LYS B 1035 -59.08 14.39 16.42
C LYS B 1035 -58.55 13.17 15.70
N ARG B 1036 -57.26 13.13 15.35
CA ARG B 1036 -56.70 11.97 14.69
C ARG B 1036 -56.66 10.80 15.65
N VAL B 1037 -57.15 9.65 15.20
CA VAL B 1037 -57.29 8.49 16.07
C VAL B 1037 -55.94 7.83 16.30
N ASP B 1038 -55.67 7.48 17.55
CA ASP B 1038 -54.44 6.80 17.95
C ASP B 1038 -53.18 7.63 17.68
N PHE B 1039 -53.33 8.95 17.57
CA PHE B 1039 -52.17 9.80 17.37
C PHE B 1039 -51.60 10.33 18.68
N CYS B 1040 -52.46 10.76 19.60
CA CYS B 1040 -52.03 11.27 20.90
C CYS B 1040 -52.60 10.44 22.04
N GLY B 1041 -52.57 9.12 21.89
CA GLY B 1041 -52.99 8.20 22.94
C GLY B 1041 -54.05 7.23 22.48
N LYS B 1042 -54.34 6.29 23.36
CA LYS B 1042 -55.37 5.26 23.13
C LYS B 1042 -56.65 5.71 23.82
N GLY B 1043 -57.57 6.26 23.05
CA GLY B 1043 -58.81 6.78 23.58
C GLY B 1043 -59.14 8.11 22.93
N TYR B 1044 -59.96 8.89 23.62
CA TYR B 1044 -60.29 10.24 23.16
C TYR B 1044 -59.34 11.22 23.82
N HIS B 1045 -58.53 11.90 23.02
CA HIS B 1045 -57.48 12.77 23.54
C HIS B 1045 -58.05 13.97 24.29
N LEU B 1046 -57.39 14.35 25.37
CA LEU B 1046 -57.74 15.53 26.15
C LEU B 1046 -56.63 16.57 26.15
N MET B 1047 -55.45 16.21 26.64
CA MET B 1047 -54.29 17.11 26.65
C MET B 1047 -53.05 16.24 26.75
N SER B 1048 -51.89 16.88 26.63
CA SER B 1048 -50.61 16.18 26.68
C SER B 1048 -49.58 17.07 27.35
N PHE B 1049 -48.56 16.42 27.92
CA PHE B 1049 -47.51 17.11 28.64
C PHE B 1049 -46.14 16.61 28.17
N PRO B 1050 -45.23 17.49 27.78
CA PRO B 1050 -43.92 17.05 27.32
C PRO B 1050 -42.89 16.99 28.43
N GLN B 1051 -41.99 16.03 28.29
CA GLN B 1051 -40.86 15.86 29.21
C GLN B 1051 -39.61 15.61 28.40
N SER B 1052 -38.49 16.09 28.92
CA SER B 1052 -37.19 15.98 28.25
C SER B 1052 -36.44 14.77 28.76
N ALA B 1053 -35.82 14.04 27.83
CA ALA B 1053 -35.06 12.83 28.12
C ALA B 1053 -33.78 12.87 27.31
N PRO B 1054 -32.75 12.11 27.73
CA PRO B 1054 -31.49 12.13 26.97
C PRO B 1054 -31.63 11.75 25.50
N HIS B 1055 -31.37 12.72 24.62
CA HIS B 1055 -31.45 12.53 23.17
C HIS B 1055 -32.86 12.17 22.72
N GLY B 1056 -33.88 12.65 23.43
CA GLY B 1056 -35.24 12.26 23.13
C GLY B 1056 -36.24 13.07 23.91
N VAL B 1057 -37.52 12.77 23.67
CA VAL B 1057 -38.63 13.44 24.33
C VAL B 1057 -39.66 12.39 24.74
N VAL B 1058 -40.41 12.71 25.80
CA VAL B 1058 -41.43 11.83 26.36
C VAL B 1058 -42.74 12.60 26.50
N PHE B 1059 -43.82 12.03 25.96
CA PHE B 1059 -45.15 12.61 26.04
C PHE B 1059 -46.02 11.82 27.00
N LEU B 1060 -46.73 12.52 27.87
CA LEU B 1060 -47.74 11.92 28.73
C LEU B 1060 -49.09 12.29 28.15
N HIS B 1061 -49.75 11.34 27.49
CA HIS B 1061 -51.04 11.58 26.85
C HIS B 1061 -52.18 11.28 27.81
N VAL B 1062 -53.06 12.24 27.98
CA VAL B 1062 -54.26 12.08 28.79
C VAL B 1062 -55.44 11.89 27.86
N THR B 1063 -56.11 10.75 27.98
CA THR B 1063 -57.24 10.42 27.14
C THR B 1063 -58.43 10.06 28.00
N TYR B 1064 -59.60 10.00 27.36
CA TYR B 1064 -60.87 9.72 28.02
C TYR B 1064 -61.36 8.37 27.51
N VAL B 1065 -61.65 7.45 28.43
CA VAL B 1065 -61.98 6.08 28.11
C VAL B 1065 -63.34 5.75 28.71
N PRO B 1066 -64.30 5.28 27.92
CA PRO B 1066 -65.59 4.90 28.47
C PRO B 1066 -65.48 3.59 29.26
N ALA B 1067 -66.52 3.34 30.06
CA ALA B 1067 -66.54 2.18 30.93
C ALA B 1067 -67.98 1.91 31.37
N GLN B 1068 -68.21 0.69 31.85
CA GLN B 1068 -69.50 0.29 32.43
C GLN B 1068 -70.66 0.57 31.48
N GLU B 1069 -70.63 -0.11 30.34
CA GLU B 1069 -71.66 0.04 29.34
C GLU B 1069 -72.97 -0.62 29.77
N LYS B 1070 -74.05 -0.24 29.10
CA LYS B 1070 -75.37 -0.75 29.44
C LYS B 1070 -76.15 -0.98 28.15
N ASN B 1071 -76.97 -2.04 28.16
CA ASN B 1071 -77.74 -2.42 27.00
C ASN B 1071 -79.01 -1.59 26.89
N PHE B 1072 -79.38 -1.25 25.66
CA PHE B 1072 -80.60 -0.47 25.45
C PHE B 1072 -81.16 -0.79 24.08
N THR B 1073 -82.46 -0.56 23.94
CA THR B 1073 -83.19 -0.73 22.69
C THR B 1073 -83.40 0.62 22.03
N THR B 1074 -83.17 0.67 20.73
CA THR B 1074 -83.07 1.92 19.99
C THR B 1074 -83.99 1.90 18.78
N ALA B 1075 -84.32 3.10 18.32
CA ALA B 1075 -85.19 3.31 17.17
C ALA B 1075 -84.65 4.46 16.34
N PRO B 1076 -84.77 4.37 15.01
CA PRO B 1076 -84.22 5.44 14.16
C PRO B 1076 -85.03 6.73 14.21
N ALA B 1077 -86.34 6.65 14.40
CA ALA B 1077 -87.20 7.82 14.44
C ALA B 1077 -88.38 7.52 15.36
N ILE B 1078 -89.16 8.55 15.68
CA ILE B 1078 -90.37 8.43 16.48
C ILE B 1078 -91.51 9.15 15.78
N CYS B 1079 -92.64 8.45 15.66
CA CYS B 1079 -93.80 9.01 14.97
C CYS B 1079 -94.69 9.71 15.99
N HIS B 1080 -95.09 10.94 15.68
CA HIS B 1080 -96.02 11.70 16.51
C HIS B 1080 -96.78 12.67 15.63
N ASP B 1081 -98.11 12.61 15.71
CA ASP B 1081 -98.98 13.39 14.84
C ASP B 1081 -98.73 13.12 13.36
N GLY B 1082 -98.37 11.88 13.04
CA GLY B 1082 -98.08 11.55 11.66
C GLY B 1082 -96.82 12.19 11.13
N LYS B 1083 -95.90 12.57 12.01
CA LYS B 1083 -94.66 13.21 11.61
C LYS B 1083 -93.50 12.41 12.19
N ALA B 1084 -92.41 12.33 11.43
CA ALA B 1084 -91.23 11.59 11.85
C ALA B 1084 -90.24 12.54 12.49
N HIS B 1085 -89.87 12.26 13.75
CA HIS B 1085 -88.95 13.08 14.51
C HIS B 1085 -87.61 12.38 14.63
N PHE B 1086 -86.53 13.14 14.45
CA PHE B 1086 -85.18 12.62 14.57
C PHE B 1086 -84.42 13.36 15.66
N PRO B 1087 -83.46 12.72 16.32
CA PRO B 1087 -82.73 13.40 17.41
C PRO B 1087 -81.83 14.52 16.88
N ARG B 1088 -81.88 15.66 17.57
CA ARG B 1088 -81.08 16.81 17.15
C ARG B 1088 -79.59 16.54 17.32
N GLU B 1089 -79.17 16.13 18.51
CA GLU B 1089 -77.78 15.83 18.78
C GLU B 1089 -77.64 14.61 19.67
N GLY B 1090 -78.62 13.71 19.63
CA GLY B 1090 -78.61 12.56 20.50
C GLY B 1090 -79.01 11.26 19.86
N VAL B 1091 -79.48 10.31 20.67
CA VAL B 1091 -79.94 9.01 20.21
C VAL B 1091 -81.10 8.58 21.09
N PHE B 1092 -82.06 7.87 20.48
CA PHE B 1092 -83.25 7.41 21.18
C PHE B 1092 -82.97 6.06 21.81
N VAL B 1093 -83.23 5.93 23.11
CA VAL B 1093 -83.04 4.69 23.86
C VAL B 1093 -84.26 4.46 24.72
N SER B 1094 -84.40 3.24 25.22
CA SER B 1094 -85.58 2.83 25.98
C SER B 1094 -85.17 1.99 27.18
N ASN B 1095 -85.87 2.16 28.30
CA ASN B 1095 -85.70 1.22 29.39
C ASN B 1095 -86.36 -0.12 29.12
N GLY B 1096 -87.35 -0.16 28.23
CA GLY B 1096 -88.19 -1.32 28.04
C GLY B 1096 -89.66 -0.94 27.92
N THR B 1097 -90.03 0.17 28.57
CA THR B 1097 -91.42 0.62 28.55
C THR B 1097 -91.52 2.08 28.13
N HIS B 1098 -90.49 2.87 28.42
CA HIS B 1098 -90.47 4.30 28.14
C HIS B 1098 -89.29 4.62 27.24
N TRP B 1099 -89.40 5.73 26.51
CA TRP B 1099 -88.37 6.19 25.58
C TRP B 1099 -87.75 7.51 26.06
N PHE B 1100 -86.43 7.64 25.87
CA PHE B 1100 -85.71 8.87 26.19
C PHE B 1100 -84.79 9.22 25.04
N VAL B 1101 -84.21 10.42 25.11
CA VAL B 1101 -83.15 10.84 24.18
C VAL B 1101 -81.92 11.19 24.99
N THR B 1102 -80.77 10.65 24.59
CA THR B 1102 -79.55 10.82 25.36
C THR B 1102 -78.38 11.12 24.42
N GLN B 1103 -77.33 11.71 24.98
CA GLN B 1103 -76.08 11.91 24.24
C GLN B 1103 -75.37 10.57 24.05
N ARG B 1104 -74.51 10.52 23.03
CA ARG B 1104 -74.00 9.25 22.55
C ARG B 1104 -72.90 8.66 23.42
N ASN B 1105 -72.10 9.50 24.08
CA ASN B 1105 -70.91 9.05 24.78
C ASN B 1105 -71.07 8.97 26.29
N PHE B 1106 -72.26 9.29 26.81
CA PHE B 1106 -72.47 9.26 28.26
C PHE B 1106 -73.97 9.14 28.50
N TYR B 1107 -74.39 8.09 29.18
CA TYR B 1107 -75.81 7.86 29.41
C TYR B 1107 -76.38 8.94 30.32
N GLU B 1108 -77.35 9.71 29.79
CA GLU B 1108 -78.05 10.73 30.56
C GLU B 1108 -79.40 10.96 29.91
N PRO B 1109 -80.40 10.15 30.26
CA PRO B 1109 -81.67 10.20 29.53
C PRO B 1109 -82.43 11.50 29.81
N GLN B 1110 -83.15 11.95 28.80
CA GLN B 1110 -83.99 13.15 28.89
C GLN B 1110 -85.30 12.88 28.17
N ILE B 1111 -86.35 13.60 28.60
CA ILE B 1111 -87.67 13.42 28.02
C ILE B 1111 -87.69 13.98 26.61
N ILE B 1112 -88.29 13.23 25.68
CA ILE B 1112 -88.38 13.67 24.30
C ILE B 1112 -89.36 14.83 24.20
N THR B 1113 -88.84 15.99 23.82
CA THR B 1113 -89.63 17.20 23.63
C THR B 1113 -89.38 17.72 22.22
N THR B 1114 -90.07 18.80 21.85
CA THR B 1114 -89.83 19.43 20.56
C THR B 1114 -88.59 20.31 20.57
N ASP B 1115 -87.95 20.48 21.73
CA ASP B 1115 -86.75 21.29 21.79
C ASP B 1115 -85.57 20.54 21.18
N ASN B 1116 -85.47 19.23 21.40
CA ASN B 1116 -84.33 18.44 20.97
C ASN B 1116 -84.65 17.49 19.81
N THR B 1117 -85.74 17.72 19.08
CA THR B 1117 -86.07 16.91 17.93
C THR B 1117 -86.53 17.81 16.79
N PHE B 1118 -86.35 17.32 15.56
CA PHE B 1118 -86.78 18.05 14.37
C PHE B 1118 -87.55 17.13 13.45
N VAL B 1119 -88.41 17.73 12.62
CA VAL B 1119 -89.37 16.98 11.82
C VAL B 1119 -88.84 16.87 10.39
N SER B 1120 -89.16 15.75 9.75
CA SER B 1120 -88.75 15.53 8.36
C SER B 1120 -89.71 14.52 7.74
N GLY B 1121 -90.65 15.02 6.94
CA GLY B 1121 -91.59 14.16 6.27
C GLY B 1121 -92.59 13.54 7.24
N ASN B 1122 -93.09 12.37 6.88
CA ASN B 1122 -94.05 11.62 7.66
C ASN B 1122 -93.47 10.26 8.05
N CYS B 1123 -94.34 9.41 8.61
CA CYS B 1123 -93.95 8.17 9.27
C CYS B 1123 -94.00 6.97 8.34
N ASP B 1124 -93.81 7.16 7.03
CA ASP B 1124 -93.93 6.07 6.06
C ASP B 1124 -92.60 5.60 5.49
N VAL B 1125 -91.68 6.52 5.20
CA VAL B 1125 -90.46 6.15 4.50
C VAL B 1125 -89.51 5.39 5.42
N VAL B 1126 -89.38 5.82 6.68
CA VAL B 1126 -88.34 5.29 7.54
C VAL B 1126 -88.64 3.86 7.95
N ILE B 1127 -87.60 3.01 7.95
CA ILE B 1127 -87.73 1.61 8.34
C ILE B 1127 -87.32 1.49 9.81
N GLY B 1128 -88.26 1.09 10.66
CA GLY B 1128 -88.02 0.97 12.09
C GLY B 1128 -88.58 2.10 12.94
N ILE B 1129 -89.26 3.07 12.35
CA ILE B 1129 -89.85 4.15 13.12
C ILE B 1129 -90.90 3.60 14.08
N VAL B 1130 -90.88 4.07 15.33
CA VAL B 1130 -91.75 3.54 16.37
C VAL B 1130 -92.75 4.60 16.82
N ASN B 1131 -93.81 4.11 17.46
CA ASN B 1131 -94.83 4.96 18.03
C ASN B 1131 -94.28 5.60 19.29
N ASN B 1132 -94.60 6.87 19.50
CA ASN B 1132 -94.43 7.49 20.81
C ASN B 1132 -95.04 8.88 20.76
N THR B 1133 -94.93 9.57 21.89
CA THR B 1133 -95.44 10.92 22.08
C THR B 1133 -94.27 11.88 22.30
N VAL B 1134 -94.46 13.12 21.87
CA VAL B 1134 -93.44 14.16 21.98
C VAL B 1134 -94.04 15.29 22.80
N TYR B 1135 -93.30 15.74 23.80
CA TYR B 1135 -93.78 16.77 24.70
C TYR B 1135 -93.58 18.16 24.10
N ASP B 1136 -94.59 19.01 24.29
CA ASP B 1136 -94.55 20.40 23.81
C ASP B 1136 -94.44 21.34 25.01
N PRO B 1137 -93.33 22.06 25.18
CA PRO B 1137 -93.16 22.90 26.37
C PRO B 1137 -94.05 24.13 26.38
N LEU B 1138 -94.53 24.57 25.22
CA LEU B 1138 -95.32 25.80 25.18
C LEU B 1138 -96.70 25.60 25.80
N GLN B 1139 -97.39 24.54 25.39
CA GLN B 1139 -98.84 24.47 25.60
C GLN B 1139 -99.25 24.46 27.07
N PRO B 1140 -98.54 23.79 28.00
CA PRO B 1140 -98.99 23.85 29.41
C PRO B 1140 -99.05 25.27 29.96
N GLU B 1141 -98.12 26.13 29.54
CA GLU B 1141 -98.14 27.52 29.97
C GLU B 1141 -99.24 28.31 29.27
N LEU B 1142 -99.53 27.96 28.01
CA LEU B 1142 -100.51 28.71 27.23
C LEU B 1142 -101.89 28.66 27.83
N ASP B 1143 -102.26 27.53 28.45
CA ASP B 1143 -103.61 27.39 28.99
C ASP B 1143 -103.88 28.42 30.08
N SER B 1144 -102.97 28.55 31.04
CA SER B 1144 -103.13 29.54 32.10
C SER B 1144 -101.90 30.41 32.19
N GLN C 14 -3.79 -36.08 -63.95
CA GLN C 14 -4.06 -35.61 -65.31
C GLN C 14 -4.60 -34.18 -65.31
N CYS C 15 -4.24 -33.44 -66.35
CA CYS C 15 -4.69 -32.07 -66.55
C CYS C 15 -5.40 -31.96 -67.89
N VAL C 16 -6.66 -31.57 -67.87
CA VAL C 16 -7.46 -31.35 -69.07
C VAL C 16 -8.10 -29.97 -68.97
N ASN C 17 -8.46 -29.42 -70.13
CA ASN C 17 -8.96 -28.06 -70.23
C ASN C 17 -10.43 -28.05 -70.64
N LEU C 18 -11.08 -26.92 -70.36
CA LEU C 18 -12.48 -26.73 -70.66
C LEU C 18 -12.73 -25.27 -70.99
N THR C 19 -13.75 -25.03 -71.83
CA THR C 19 -14.10 -23.68 -72.23
C THR C 19 -15.58 -23.36 -72.05
N THR C 20 -16.29 -24.10 -71.20
CA THR C 20 -17.73 -23.93 -71.03
C THR C 20 -18.08 -22.99 -69.87
N ARG C 21 -17.10 -22.27 -69.33
CA ARG C 21 -17.33 -21.32 -68.22
C ARG C 21 -17.37 -19.91 -68.79
N THR C 22 -18.56 -19.52 -69.24
CA THR C 22 -18.77 -18.14 -69.67
C THR C 22 -18.68 -17.21 -68.47
N GLN C 23 -17.97 -16.10 -68.65
CA GLN C 23 -17.78 -15.12 -67.58
C GLN C 23 -19.08 -14.35 -67.39
N LEU C 24 -19.81 -14.67 -66.34
CA LEU C 24 -21.09 -14.04 -66.10
C LEU C 24 -21.22 -13.72 -64.62
N PRO C 25 -21.96 -12.67 -64.28
CA PRO C 25 -22.05 -12.25 -62.89
C PRO C 25 -23.08 -13.08 -62.14
N PRO C 26 -22.66 -13.78 -61.10
CA PRO C 26 -23.61 -14.60 -60.33
C PRO C 26 -24.62 -13.72 -59.61
N ALA C 27 -25.82 -14.26 -59.44
CA ALA C 27 -26.91 -13.53 -58.80
C ALA C 27 -26.75 -13.55 -57.28
N TYR C 28 -27.62 -12.80 -56.60
CA TYR C 28 -27.62 -12.72 -55.16
C TYR C 28 -28.96 -13.15 -54.60
N THR C 29 -28.95 -13.56 -53.34
CA THR C 29 -30.16 -13.84 -52.59
C THR C 29 -29.93 -13.43 -51.14
N ASN C 30 -30.95 -13.61 -50.33
CA ASN C 30 -30.94 -13.15 -48.95
C ASN C 30 -30.98 -14.36 -48.02
N SER C 31 -29.99 -14.46 -47.13
CA SER C 31 -29.94 -15.51 -46.12
C SER C 31 -30.57 -14.96 -44.84
N PHE C 32 -31.82 -15.36 -44.60
CA PHE C 32 -32.64 -14.76 -43.56
C PHE C 32 -32.05 -14.97 -42.17
N THR C 33 -32.07 -16.21 -41.67
CA THR C 33 -31.54 -16.54 -40.34
C THR C 33 -30.90 -17.92 -40.48
N ARG C 34 -29.61 -17.92 -40.83
CA ARG C 34 -28.87 -19.15 -41.05
C ARG C 34 -27.44 -18.94 -40.57
N GLY C 35 -26.71 -20.04 -40.48
CA GLY C 35 -25.31 -19.98 -40.15
C GLY C 35 -25.00 -19.77 -38.69
N VAL C 36 -25.84 -20.27 -37.78
CA VAL C 36 -25.58 -20.23 -36.35
C VAL C 36 -25.13 -21.62 -35.91
N TYR C 37 -24.11 -21.66 -35.04
CA TYR C 37 -23.53 -22.92 -34.57
C TYR C 37 -23.27 -22.85 -33.08
N TYR C 38 -23.23 -24.03 -32.44
CA TYR C 38 -22.93 -24.09 -31.01
C TYR C 38 -21.51 -23.59 -30.79
N PRO C 39 -21.33 -22.48 -30.09
CA PRO C 39 -19.97 -21.92 -29.94
C PRO C 39 -19.06 -22.70 -29.01
N ASP C 40 -19.60 -23.50 -28.09
CA ASP C 40 -18.80 -24.07 -27.02
C ASP C 40 -19.14 -25.55 -26.84
N LYS C 41 -18.16 -26.29 -26.28
CA LYS C 41 -18.37 -27.67 -25.87
C LYS C 41 -19.36 -27.78 -24.71
N VAL C 42 -19.52 -26.71 -23.94
CA VAL C 42 -20.33 -26.76 -22.74
C VAL C 42 -21.81 -27.02 -23.08
N PHE C 43 -22.49 -27.65 -22.14
CA PHE C 43 -23.93 -27.88 -22.18
C PHE C 43 -24.66 -26.87 -21.30
N ARG C 44 -25.73 -26.27 -21.84
CA ARG C 44 -26.56 -25.33 -21.09
C ARG C 44 -28.02 -25.65 -21.36
N SER C 45 -28.87 -25.26 -20.40
CA SER C 45 -30.29 -25.55 -20.50
C SER C 45 -31.07 -24.36 -19.95
N SER C 46 -32.18 -24.04 -20.62
CA SER C 46 -33.19 -23.13 -20.10
C SER C 46 -32.61 -21.77 -19.70
N VAL C 47 -31.62 -21.32 -20.46
CA VAL C 47 -30.95 -20.05 -20.19
C VAL C 47 -30.75 -19.32 -21.50
N LEU C 48 -30.62 -18.00 -21.41
CA LEU C 48 -30.36 -17.14 -22.55
C LEU C 48 -28.91 -16.69 -22.42
N HIS C 49 -28.03 -17.27 -23.22
CA HIS C 49 -26.60 -17.04 -23.10
C HIS C 49 -26.15 -16.09 -24.20
N SER C 50 -25.31 -15.14 -23.84
CA SER C 50 -24.81 -14.15 -24.78
C SER C 50 -23.38 -14.51 -25.18
N THR C 51 -23.18 -14.75 -26.48
CA THR C 51 -21.89 -15.15 -27.01
C THR C 51 -21.38 -14.07 -27.96
N GLN C 52 -20.06 -13.99 -28.07
CA GLN C 52 -19.39 -13.06 -28.96
C GLN C 52 -18.31 -13.83 -29.70
N ASP C 53 -18.54 -14.10 -30.98
CA ASP C 53 -17.65 -14.94 -31.79
C ASP C 53 -17.93 -14.59 -33.25
N LEU C 54 -17.38 -15.37 -34.17
CA LEU C 54 -17.56 -15.16 -35.60
C LEU C 54 -18.84 -15.85 -36.04
N PHE C 55 -19.85 -15.05 -36.41
CA PHE C 55 -21.13 -15.56 -36.88
C PHE C 55 -21.42 -14.95 -38.24
N LEU C 56 -22.49 -15.43 -38.86
CA LEU C 56 -22.97 -14.84 -40.11
C LEU C 56 -24.07 -13.85 -39.78
N PRO C 57 -23.93 -12.56 -40.14
CA PRO C 57 -24.94 -11.57 -39.78
C PRO C 57 -26.30 -11.91 -40.35
N PHE C 58 -27.36 -11.58 -39.61
CA PHE C 58 -28.71 -11.85 -40.10
C PHE C 58 -29.01 -10.98 -41.31
N PHE C 59 -29.82 -11.52 -42.23
CA PHE C 59 -30.14 -10.86 -43.49
C PHE C 59 -28.87 -10.36 -44.18
N SER C 60 -27.86 -11.22 -44.23
CA SER C 60 -26.63 -10.92 -44.93
C SER C 60 -26.85 -11.05 -46.44
N ASN C 61 -25.88 -10.57 -47.21
CA ASN C 61 -26.03 -10.49 -48.66
C ASN C 61 -25.10 -11.55 -49.26
N VAL C 62 -25.68 -12.69 -49.66
CA VAL C 62 -24.90 -13.87 -50.02
C VAL C 62 -24.99 -14.09 -51.53
N THR C 63 -23.93 -14.66 -52.10
CA THR C 63 -23.84 -14.89 -53.53
C THR C 63 -24.34 -16.30 -53.87
N TRP C 64 -25.26 -16.38 -54.84
CA TRP C 64 -25.92 -17.62 -55.21
C TRP C 64 -25.33 -18.08 -56.54
N PHE C 65 -24.85 -19.32 -56.58
CA PHE C 65 -24.36 -19.94 -57.80
C PHE C 65 -25.32 -21.04 -58.25
N HIS C 66 -25.65 -21.03 -59.54
CA HIS C 66 -26.59 -21.98 -60.10
C HIS C 66 -25.85 -22.83 -61.13
N VAL C 67 -26.01 -24.15 -61.05
CA VAL C 67 -25.51 -25.09 -62.05
C VAL C 67 -26.66 -25.99 -62.48
N ILE C 68 -26.82 -26.15 -63.79
CA ILE C 68 -27.94 -26.89 -64.35
C ILE C 68 -27.45 -28.11 -65.11
N LYS C 75 -22.37 -27.07 -70.21
CA LYS C 75 -23.47 -26.21 -69.77
C LYS C 75 -22.93 -24.96 -69.11
N ARG C 76 -23.05 -24.91 -67.79
CA ARG C 76 -22.60 -23.76 -67.01
C ARG C 76 -21.66 -24.26 -65.93
N PHE C 77 -20.48 -23.63 -65.84
CA PHE C 77 -19.45 -23.99 -64.88
C PHE C 77 -19.12 -22.79 -64.00
N ASP C 78 -19.74 -22.75 -62.83
CA ASP C 78 -19.46 -21.71 -61.85
C ASP C 78 -18.55 -22.28 -60.76
N ASN C 79 -17.26 -22.33 -61.08
CA ASN C 79 -16.23 -22.77 -60.14
C ASN C 79 -15.13 -21.72 -60.07
N PRO C 80 -15.39 -20.59 -59.43
CA PRO C 80 -14.35 -19.57 -59.27
C PRO C 80 -13.54 -19.79 -58.00
N VAL C 81 -12.37 -19.16 -57.96
CA VAL C 81 -11.48 -19.28 -56.81
C VAL C 81 -11.91 -18.17 -55.86
N LEU C 82 -12.89 -18.48 -55.02
CA LEU C 82 -13.47 -17.49 -54.14
C LEU C 82 -12.54 -17.17 -52.97
N PRO C 83 -12.63 -15.96 -52.44
CA PRO C 83 -11.76 -15.56 -51.33
C PRO C 83 -12.19 -16.21 -50.02
N PHE C 84 -11.33 -16.08 -49.00
CA PHE C 84 -11.53 -16.67 -47.66
C PHE C 84 -11.07 -15.64 -46.63
N ASN C 85 -11.99 -14.79 -46.20
CA ASN C 85 -11.68 -13.70 -45.27
C ASN C 85 -12.36 -14.01 -43.94
N ASP C 86 -11.60 -14.58 -43.02
CA ASP C 86 -12.00 -14.91 -41.65
C ASP C 86 -13.02 -16.04 -41.55
N GLY C 87 -13.52 -16.57 -42.66
CA GLY C 87 -14.47 -17.66 -42.58
C GLY C 87 -15.45 -17.62 -43.73
N VAL C 88 -16.03 -18.77 -44.03
CA VAL C 88 -17.01 -18.90 -45.10
C VAL C 88 -18.15 -19.77 -44.61
N TYR C 89 -19.38 -19.37 -44.90
CA TYR C 89 -20.54 -20.22 -44.68
C TYR C 89 -20.97 -20.80 -46.04
N PHE C 90 -21.00 -22.13 -46.11
CA PHE C 90 -21.19 -22.83 -47.38
C PHE C 90 -22.43 -23.71 -47.26
N ALA C 91 -23.37 -23.53 -48.18
CA ALA C 91 -24.59 -24.30 -48.20
C ALA C 91 -24.78 -24.89 -49.60
N SER C 92 -25.43 -26.05 -49.65
CA SER C 92 -25.67 -26.73 -50.92
C SER C 92 -27.07 -27.34 -50.93
N ILE C 93 -27.80 -27.10 -52.03
CA ILE C 93 -29.09 -27.73 -52.27
C ILE C 93 -28.96 -28.56 -53.54
N GLU C 94 -29.25 -29.86 -53.43
CA GLU C 94 -29.14 -30.79 -54.54
C GLU C 94 -29.90 -32.06 -54.18
N LYS C 95 -29.88 -33.04 -55.08
CA LYS C 95 -30.59 -34.29 -54.84
C LYS C 95 -29.72 -35.53 -55.02
N SER C 96 -28.82 -35.52 -55.99
CA SER C 96 -28.05 -36.71 -56.35
C SER C 96 -26.57 -36.57 -56.02
N ASN C 97 -26.22 -35.61 -55.17
CA ASN C 97 -24.85 -35.42 -54.67
C ASN C 97 -23.93 -35.18 -55.87
N ILE C 98 -24.04 -33.97 -56.40
CA ILE C 98 -23.16 -33.56 -57.49
C ILE C 98 -21.89 -32.94 -56.93
N ILE C 99 -21.99 -32.19 -55.85
CA ILE C 99 -20.89 -31.40 -55.33
C ILE C 99 -20.28 -32.15 -54.15
N ARG C 100 -18.95 -32.22 -54.13
CA ARG C 100 -18.27 -33.00 -53.09
C ARG C 100 -16.86 -32.46 -52.92
N GLY C 101 -16.62 -31.81 -51.79
CA GLY C 101 -15.27 -31.48 -51.39
C GLY C 101 -14.85 -30.07 -51.79
N TRP C 102 -13.81 -29.59 -51.13
CA TRP C 102 -13.27 -28.25 -51.38
C TRP C 102 -11.75 -28.29 -51.33
N ILE C 103 -11.13 -27.29 -51.94
CA ILE C 103 -9.68 -27.11 -51.90
C ILE C 103 -9.40 -25.71 -51.39
N PHE C 104 -8.29 -25.58 -50.67
CA PHE C 104 -7.91 -24.36 -49.98
C PHE C 104 -6.44 -24.07 -50.23
N GLY C 105 -6.06 -22.80 -50.11
CA GLY C 105 -4.67 -22.41 -50.28
C GLY C 105 -4.56 -20.92 -50.58
N THR C 106 -3.37 -20.54 -51.06
CA THR C 106 -3.08 -19.18 -51.50
C THR C 106 -2.82 -19.10 -53.00
N THR C 107 -1.83 -19.85 -53.50
CA THR C 107 -1.57 -19.90 -54.94
C THR C 107 -2.18 -21.12 -55.60
N LEU C 108 -2.49 -22.16 -54.83
CA LEU C 108 -3.20 -23.35 -55.30
C LEU C 108 -2.38 -24.05 -56.39
N ASP C 109 -1.15 -24.38 -56.03
CA ASP C 109 -0.23 -25.07 -56.92
C ASP C 109 0.84 -25.76 -56.07
N SER C 110 1.90 -26.21 -56.73
CA SER C 110 3.01 -26.83 -56.03
C SER C 110 3.95 -25.81 -55.42
N LYS C 111 3.87 -24.55 -55.85
CA LYS C 111 4.81 -23.53 -55.37
C LYS C 111 4.69 -23.31 -53.87
N THR C 112 3.47 -23.27 -53.35
CA THR C 112 3.21 -23.09 -51.93
C THR C 112 2.23 -24.14 -51.44
N GLN C 113 2.12 -24.24 -50.11
CA GLN C 113 1.30 -25.27 -49.49
C GLN C 113 -0.18 -25.02 -49.78
N SER C 114 -0.94 -26.12 -49.84
CA SER C 114 -2.35 -26.06 -50.16
C SER C 114 -3.07 -27.19 -49.45
N LEU C 115 -4.37 -27.01 -49.26
CA LEU C 115 -5.23 -27.98 -48.60
C LEU C 115 -6.20 -28.58 -49.61
N LEU C 116 -6.66 -29.80 -49.32
CA LEU C 116 -7.57 -30.50 -50.23
C LEU C 116 -8.40 -31.48 -49.42
N ILE C 117 -9.72 -31.28 -49.43
CA ILE C 117 -10.68 -32.16 -48.77
C ILE C 117 -11.62 -32.69 -49.84
N VAL C 118 -11.78 -34.01 -49.92
CA VAL C 118 -12.61 -34.62 -50.95
C VAL C 118 -13.44 -35.74 -50.36
N ASN C 119 -14.71 -35.82 -50.76
CA ASN C 119 -15.60 -36.93 -50.42
C ASN C 119 -15.92 -37.72 -51.69
N ASN C 120 -16.05 -39.03 -51.55
CA ASN C 120 -16.44 -39.88 -52.67
C ASN C 120 -17.44 -40.95 -52.24
N ALA C 121 -18.48 -40.52 -51.52
CA ALA C 121 -19.69 -41.27 -51.22
C ALA C 121 -19.45 -42.51 -50.36
N THR C 122 -18.24 -42.69 -49.83
CA THR C 122 -17.99 -43.78 -48.88
C THR C 122 -17.17 -43.36 -47.68
N ASN C 123 -16.46 -42.24 -47.73
CA ASN C 123 -15.63 -41.74 -46.63
C ASN C 123 -15.22 -40.32 -46.98
N VAL C 124 -14.40 -39.72 -46.11
CA VAL C 124 -13.85 -38.38 -46.30
C VAL C 124 -12.34 -38.47 -46.29
N VAL C 125 -11.69 -37.90 -47.31
CA VAL C 125 -10.23 -37.81 -47.38
C VAL C 125 -9.83 -36.36 -47.17
N ILE C 126 -9.03 -36.12 -46.15
CA ILE C 126 -8.47 -34.80 -45.86
C ILE C 126 -6.96 -34.89 -46.00
N LYS C 127 -6.38 -33.89 -46.65
CA LYS C 127 -4.98 -33.97 -47.02
C LYS C 127 -4.46 -32.58 -47.32
N VAL C 128 -3.32 -32.23 -46.72
CA VAL C 128 -2.71 -30.93 -46.95
C VAL C 128 -1.42 -31.12 -47.72
N CYS C 129 -1.50 -31.11 -49.05
CA CYS C 129 -0.32 -31.26 -49.90
C CYS C 129 -0.43 -30.34 -51.10
N GLU C 130 0.74 -30.00 -51.66
CA GLU C 130 0.87 -29.08 -52.79
C GLU C 130 0.61 -29.82 -54.10
N PHE C 131 -0.63 -30.28 -54.25
CA PHE C 131 -1.03 -30.98 -55.46
C PHE C 131 -1.23 -30.00 -56.61
N GLN C 132 -1.28 -30.54 -57.82
CA GLN C 132 -1.23 -29.76 -59.05
C GLN C 132 -2.65 -29.44 -59.49
N PHE C 133 -3.10 -28.20 -59.26
CA PHE C 133 -4.43 -27.74 -59.64
C PHE C 133 -4.35 -26.95 -60.93
N CYS C 134 -5.08 -27.41 -61.95
CA CYS C 134 -5.10 -26.69 -63.22
C CYS C 134 -6.22 -25.66 -63.20
N ASN C 135 -6.58 -25.14 -64.38
CA ASN C 135 -7.50 -24.02 -64.48
C ASN C 135 -8.84 -24.31 -63.82
N ASP C 136 -9.34 -25.55 -63.89
CA ASP C 136 -10.59 -25.93 -63.25
C ASP C 136 -10.64 -27.44 -63.05
N PRO C 137 -10.27 -27.92 -61.86
CA PRO C 137 -10.32 -29.36 -61.60
C PRO C 137 -11.74 -29.89 -61.52
N PHE C 138 -11.89 -31.16 -61.88
CA PHE C 138 -13.21 -31.77 -61.96
C PHE C 138 -13.02 -33.29 -61.94
N LEU C 139 -14.13 -34.00 -61.78
CA LEU C 139 -14.12 -35.45 -61.71
C LEU C 139 -15.03 -36.03 -62.79
N ASP C 140 -14.57 -37.13 -63.41
CA ASP C 140 -15.37 -37.87 -64.37
C ASP C 140 -16.51 -38.61 -63.71
N MET C 148 -19.48 -44.51 -63.63
CA MET C 148 -18.37 -44.80 -62.73
C MET C 148 -17.36 -43.66 -62.79
N GLU C 149 -16.84 -43.27 -61.62
CA GLU C 149 -15.83 -42.23 -61.52
C GLU C 149 -14.48 -42.84 -61.87
N SER C 150 -13.93 -42.50 -63.04
CA SER C 150 -12.75 -43.16 -63.57
C SER C 150 -11.47 -42.36 -63.37
N GLU C 151 -11.43 -41.12 -63.83
CA GLU C 151 -10.21 -40.31 -63.77
C GLU C 151 -10.30 -39.31 -62.64
N PHE C 152 -9.25 -39.26 -61.82
CA PHE C 152 -9.13 -38.27 -60.74
C PHE C 152 -8.29 -37.11 -61.26
N ARG C 153 -8.93 -36.24 -62.05
CA ARG C 153 -8.21 -35.16 -62.70
C ARG C 153 -7.73 -34.11 -61.72
N VAL C 154 -8.36 -34.01 -60.56
CA VAL C 154 -8.10 -32.90 -59.64
C VAL C 154 -6.66 -32.94 -59.15
N TYR C 155 -6.13 -34.13 -58.87
CA TYR C 155 -4.78 -34.28 -58.35
C TYR C 155 -3.99 -35.28 -59.18
N SER C 156 -2.74 -34.93 -59.46
CA SER C 156 -1.84 -35.80 -60.19
C SER C 156 -0.63 -36.13 -59.32
N SER C 157 -0.03 -35.11 -58.72
CA SER C 157 1.15 -35.29 -57.91
C SER C 157 1.31 -34.12 -56.95
N ALA C 158 2.01 -34.37 -55.84
CA ALA C 158 2.24 -33.37 -54.82
C ALA C 158 3.66 -33.50 -54.30
N ASN C 159 4.04 -32.55 -53.46
CA ASN C 159 5.35 -32.56 -52.82
C ASN C 159 5.30 -33.54 -51.64
N ASN C 160 6.32 -33.47 -50.78
CA ASN C 160 6.37 -34.26 -49.55
C ASN C 160 5.21 -33.90 -48.64
N CYS C 161 4.28 -34.84 -48.46
CA CYS C 161 3.08 -34.59 -47.68
C CYS C 161 3.39 -34.51 -46.19
N THR C 162 2.52 -33.82 -45.46
CA THR C 162 2.71 -33.56 -44.04
C THR C 162 1.61 -34.16 -43.17
N PHE C 163 0.35 -33.95 -43.51
CA PHE C 163 -0.75 -34.37 -42.65
C PHE C 163 -1.86 -34.88 -43.55
N GLU C 164 -2.39 -36.07 -43.23
CA GLU C 164 -3.50 -36.66 -43.95
C GLU C 164 -4.49 -37.26 -42.96
N TYR C 165 -5.77 -37.23 -43.32
CA TYR C 165 -6.82 -37.60 -42.38
C TYR C 165 -7.98 -38.22 -43.16
N VAL C 166 -8.53 -39.32 -42.63
CA VAL C 166 -9.66 -40.03 -43.21
C VAL C 166 -10.65 -40.36 -42.10
N SER C 167 -11.94 -40.27 -42.41
CA SER C 167 -12.98 -40.57 -41.42
C SER C 167 -14.26 -40.96 -42.15
N GLN C 168 -15.37 -40.97 -41.42
CA GLN C 168 -16.66 -41.33 -41.99
C GLN C 168 -17.17 -40.23 -42.92
N PRO C 169 -18.06 -40.56 -43.86
CA PRO C 169 -18.53 -39.53 -44.82
C PRO C 169 -19.29 -38.41 -44.12
N PHE C 170 -19.17 -37.20 -44.67
CA PHE C 170 -19.87 -36.05 -44.09
C PHE C 170 -21.38 -36.17 -44.24
N LEU C 171 -21.84 -36.55 -45.42
CA LEU C 171 -23.27 -36.62 -45.72
C LEU C 171 -23.85 -38.02 -45.55
N ASN C 180 -38.22 -29.01 -53.97
CA ASN C 180 -37.46 -29.48 -55.13
C ASN C 180 -36.43 -30.50 -54.68
N PHE C 181 -35.23 -30.01 -54.35
CA PHE C 181 -34.16 -30.86 -53.86
C PHE C 181 -34.39 -31.11 -52.37
N LYS C 182 -34.62 -32.37 -52.00
CA LYS C 182 -34.89 -32.72 -50.62
C LYS C 182 -33.64 -32.74 -49.76
N ASN C 183 -32.46 -32.74 -50.36
CA ASN C 183 -31.19 -32.79 -49.63
C ASN C 183 -30.64 -31.36 -49.51
N LEU C 184 -30.57 -30.86 -48.29
CA LEU C 184 -29.94 -29.59 -47.99
C LEU C 184 -28.78 -29.82 -47.02
N ARG C 185 -27.62 -29.28 -47.36
CA ARG C 185 -26.42 -29.41 -46.53
C ARG C 185 -25.86 -28.04 -46.21
N GLU C 186 -25.59 -27.80 -44.94
CA GLU C 186 -25.04 -26.55 -44.46
C GLU C 186 -23.71 -26.83 -43.78
N PHE C 187 -22.69 -26.04 -44.09
CA PHE C 187 -21.36 -26.22 -43.55
C PHE C 187 -20.75 -24.86 -43.24
N VAL C 188 -19.88 -24.83 -42.23
CA VAL C 188 -19.19 -23.63 -41.77
C VAL C 188 -17.73 -23.95 -41.54
N PHE C 189 -16.85 -23.23 -42.23
CA PHE C 189 -15.41 -23.49 -42.17
C PHE C 189 -14.71 -22.28 -41.59
N LYS C 190 -13.90 -22.52 -40.56
CA LYS C 190 -13.21 -21.48 -39.84
C LYS C 190 -11.76 -21.88 -39.63
N ASN C 191 -10.85 -20.93 -39.85
CA ASN C 191 -9.41 -21.14 -39.63
C ASN C 191 -8.96 -20.02 -38.71
N ILE C 192 -8.67 -20.37 -37.44
CA ILE C 192 -8.21 -19.40 -36.45
C ILE C 192 -7.29 -20.11 -35.46
N ASP C 193 -6.36 -19.34 -34.90
CA ASP C 193 -5.43 -19.83 -33.89
C ASP C 193 -4.58 -20.98 -34.42
N GLY C 194 -4.31 -20.98 -35.73
CA GLY C 194 -3.61 -22.08 -36.35
C GLY C 194 -4.38 -23.39 -36.30
N TYR C 195 -5.69 -23.33 -36.50
CA TYR C 195 -6.54 -24.53 -36.50
C TYR C 195 -7.45 -24.54 -37.71
N PHE C 196 -8.39 -25.48 -37.73
CA PHE C 196 -9.42 -25.52 -38.76
C PHE C 196 -10.61 -26.27 -38.21
N LYS C 197 -11.77 -25.63 -38.14
CA LYS C 197 -12.96 -26.20 -37.55
C LYS C 197 -14.07 -26.26 -38.59
N ILE C 198 -14.83 -27.37 -38.57
CA ILE C 198 -15.88 -27.63 -39.56
C ILE C 198 -17.16 -28.00 -38.82
N TYR C 199 -18.25 -27.33 -39.18
CA TYR C 199 -19.59 -27.58 -38.63
C TYR C 199 -20.52 -28.05 -39.74
N SER C 200 -21.44 -28.95 -39.42
CA SER C 200 -22.36 -29.50 -40.41
C SER C 200 -23.76 -29.56 -39.86
N LYS C 201 -24.74 -29.57 -40.77
CA LYS C 201 -26.13 -29.82 -40.42
C LYS C 201 -26.86 -30.25 -41.68
N HIS C 202 -27.85 -31.13 -41.50
CA HIS C 202 -28.67 -31.63 -42.60
C HIS C 202 -30.14 -31.41 -42.26
N THR C 203 -30.93 -31.11 -43.29
CA THR C 203 -32.36 -30.94 -43.12
C THR C 203 -33.04 -31.34 -44.42
N PRO C 204 -34.06 -32.19 -44.38
CA PRO C 204 -34.87 -32.44 -45.57
C PRO C 204 -35.58 -31.19 -46.05
N ILE C 205 -35.74 -31.09 -47.37
CA ILE C 205 -36.43 -30.02 -48.07
C ILE C 205 -36.15 -28.65 -47.46
N ASP C 212 -33.14 -18.59 -52.64
CA ASP C 212 -34.37 -19.12 -52.04
C ASP C 212 -34.07 -20.05 -50.87
N LEU C 213 -33.30 -19.55 -49.89
CA LEU C 213 -33.07 -20.31 -48.67
C LEU C 213 -34.37 -20.42 -47.88
N PRO C 214 -34.62 -21.55 -47.24
CA PRO C 214 -35.92 -21.77 -46.59
C PRO C 214 -36.11 -20.91 -45.35
N GLN C 215 -37.38 -20.72 -44.99
CA GLN C 215 -37.75 -19.98 -43.80
C GLN C 215 -37.69 -20.90 -42.59
N GLY C 216 -36.72 -20.67 -41.71
CA GLY C 216 -36.65 -21.47 -40.50
C GLY C 216 -35.41 -21.16 -39.71
N PHE C 217 -35.29 -21.84 -38.57
CA PHE C 217 -34.11 -21.73 -37.72
C PHE C 217 -33.57 -23.13 -37.46
N SER C 218 -32.25 -23.29 -37.59
CA SER C 218 -31.59 -24.55 -37.30
C SER C 218 -30.18 -24.25 -36.82
N ALA C 219 -29.62 -25.19 -36.04
CA ALA C 219 -28.31 -25.04 -35.43
C ALA C 219 -27.34 -26.04 -36.03
N LEU C 220 -26.04 -25.78 -35.84
CA LEU C 220 -24.97 -26.54 -36.47
C LEU C 220 -24.02 -27.11 -35.43
N GLU C 221 -23.69 -28.40 -35.55
CA GLU C 221 -22.84 -29.15 -34.65
C GLU C 221 -21.44 -29.32 -35.23
N PRO C 222 -20.42 -29.34 -34.38
CA PRO C 222 -19.05 -29.55 -34.88
C PRO C 222 -18.84 -30.99 -35.34
N LEU C 223 -17.83 -31.16 -36.19
CA LEU C 223 -17.43 -32.47 -36.65
C LEU C 223 -15.98 -32.80 -36.29
N VAL C 224 -15.03 -31.92 -36.58
CA VAL C 224 -13.63 -32.24 -36.39
C VAL C 224 -12.82 -30.96 -36.44
N ASP C 225 -11.76 -30.90 -35.63
CA ASP C 225 -10.84 -29.78 -35.62
C ASP C 225 -9.48 -30.25 -36.12
N LEU C 226 -8.82 -29.40 -36.92
CA LEU C 226 -7.61 -29.80 -37.65
C LEU C 226 -6.50 -28.79 -37.38
N PRO C 227 -5.32 -29.26 -36.96
CA PRO C 227 -4.16 -28.35 -36.80
C PRO C 227 -3.51 -28.09 -38.14
N ILE C 228 -3.77 -26.92 -38.72
CA ILE C 228 -3.20 -26.53 -40.00
C ILE C 228 -2.39 -25.26 -39.76
N GLY C 229 -1.12 -25.28 -40.14
CA GLY C 229 -0.22 -24.17 -39.92
C GLY C 229 -0.09 -23.20 -41.08
N ILE C 230 -0.87 -23.36 -42.14
CA ILE C 230 -0.81 -22.50 -43.31
C ILE C 230 -2.11 -21.70 -43.39
N ASN C 231 -1.97 -20.38 -43.49
CA ASN C 231 -3.14 -19.52 -43.66
C ASN C 231 -3.79 -19.76 -45.02
N ILE C 232 -5.11 -19.61 -45.05
CA ILE C 232 -5.88 -19.80 -46.27
C ILE C 232 -6.54 -18.48 -46.65
N THR C 233 -6.33 -18.05 -47.90
CA THR C 233 -6.95 -16.85 -48.42
C THR C 233 -7.93 -17.11 -49.55
N ARG C 234 -7.77 -18.22 -50.28
CA ARG C 234 -8.62 -18.55 -51.41
C ARG C 234 -9.06 -20.00 -51.32
N PHE C 235 -10.27 -20.28 -51.79
CA PHE C 235 -10.79 -21.63 -51.75
C PHE C 235 -11.64 -21.88 -52.99
N GLN C 236 -11.68 -23.15 -53.39
CA GLN C 236 -12.41 -23.55 -54.59
C GLN C 236 -13.18 -24.83 -54.31
N THR C 237 -14.36 -24.95 -54.92
CA THR C 237 -15.20 -26.12 -54.72
C THR C 237 -14.97 -27.15 -55.83
N LEU C 238 -15.48 -28.36 -55.61
CA LEU C 238 -15.36 -29.46 -56.56
C LEU C 238 -16.70 -30.16 -56.69
N LEU C 239 -17.11 -30.44 -57.93
CA LEU C 239 -18.31 -31.21 -58.20
C LEU C 239 -18.05 -32.23 -59.28
N ALA C 240 -18.55 -33.44 -59.07
CA ALA C 240 -18.37 -34.53 -60.01
C ALA C 240 -19.54 -34.57 -60.96
N LEU C 241 -19.25 -34.63 -62.26
CA LEU C 241 -20.28 -34.65 -63.29
C LEU C 241 -20.48 -36.08 -63.79
N HIS C 242 -21.73 -36.52 -63.87
CA HIS C 242 -22.02 -37.81 -64.46
C HIS C 242 -21.88 -37.73 -65.97
N ARG C 243 -21.34 -38.80 -66.56
CA ARG C 243 -21.25 -38.89 -68.01
C ARG C 243 -22.51 -39.56 -68.57
N SER C 244 -22.65 -39.47 -69.88
CA SER C 244 -23.82 -40.05 -70.55
C SER C 244 -23.40 -40.98 -71.67
N GLY C 254 -21.64 -34.85 -74.60
CA GLY C 254 -20.59 -35.60 -73.94
C GLY C 254 -20.66 -35.51 -72.43
N TRP C 255 -20.13 -34.42 -71.90
CA TRP C 255 -20.21 -34.14 -70.47
C TRP C 255 -21.51 -33.39 -70.17
N THR C 256 -22.21 -33.83 -69.12
CA THR C 256 -23.48 -33.26 -68.70
C THR C 256 -23.41 -32.85 -67.24
N ALA C 257 -23.88 -31.63 -66.94
CA ALA C 257 -23.96 -31.14 -65.58
C ALA C 257 -25.39 -31.29 -65.07
N GLY C 258 -25.52 -31.59 -63.77
CA GLY C 258 -26.82 -31.76 -63.15
C GLY C 258 -27.36 -30.47 -62.53
N ALA C 259 -28.56 -30.58 -61.95
CA ALA C 259 -29.22 -29.46 -61.30
C ALA C 259 -28.84 -29.41 -59.83
N ALA C 260 -28.32 -28.25 -59.39
CA ALA C 260 -27.91 -28.05 -58.01
C ALA C 260 -27.59 -26.57 -57.82
N ALA C 261 -27.46 -26.16 -56.56
CA ALA C 261 -27.08 -24.80 -56.23
C ALA C 261 -26.21 -24.80 -54.98
N TYR C 262 -25.18 -23.94 -54.97
CA TYR C 262 -24.35 -23.78 -53.78
C TYR C 262 -24.13 -22.28 -53.53
N TYR C 263 -24.17 -21.92 -52.25
CA TYR C 263 -24.12 -20.52 -51.82
C TYR C 263 -22.92 -20.30 -50.92
N VAL C 264 -22.44 -19.05 -50.91
CA VAL C 264 -21.27 -18.65 -50.13
C VAL C 264 -21.64 -17.42 -49.33
N GLY C 265 -21.30 -17.44 -48.04
CA GLY C 265 -21.39 -16.26 -47.22
C GLY C 265 -20.13 -16.14 -46.37
N TYR C 266 -19.79 -14.91 -46.03
CA TYR C 266 -18.60 -14.62 -45.26
C TYR C 266 -18.96 -14.19 -43.84
N LEU C 267 -18.17 -14.67 -42.89
CA LEU C 267 -18.44 -14.44 -41.48
C LEU C 267 -17.80 -13.13 -41.02
N GLN C 268 -18.40 -12.54 -40.01
CA GLN C 268 -17.91 -11.33 -39.36
C GLN C 268 -18.05 -11.52 -37.85
N PRO C 269 -17.21 -10.85 -37.06
CA PRO C 269 -17.41 -10.86 -35.62
C PRO C 269 -18.69 -10.12 -35.24
N ARG C 270 -19.56 -10.81 -34.52
CA ARG C 270 -20.85 -10.26 -34.12
C ARG C 270 -21.13 -10.67 -32.68
N THR C 271 -22.25 -10.18 -32.16
CA THR C 271 -22.73 -10.53 -30.84
C THR C 271 -24.13 -11.10 -30.96
N PHE C 272 -24.36 -12.27 -30.38
CA PHE C 272 -25.66 -12.93 -30.44
C PHE C 272 -26.18 -13.20 -29.04
N LEU C 273 -27.50 -13.34 -28.96
CA LEU C 273 -28.20 -13.72 -27.74
C LEU C 273 -28.93 -15.02 -28.06
N LEU C 274 -28.32 -16.14 -27.68
CA LEU C 274 -28.83 -17.46 -28.04
C LEU C 274 -29.79 -17.95 -26.96
N LYS C 275 -30.91 -18.53 -27.38
CA LYS C 275 -31.94 -19.02 -26.47
C LYS C 275 -31.95 -20.54 -26.48
N TYR C 276 -31.76 -21.13 -25.32
CA TYR C 276 -31.86 -22.57 -25.18
C TYR C 276 -33.24 -22.93 -24.65
N ASN C 277 -33.71 -24.10 -25.05
CA ASN C 277 -34.98 -24.63 -24.56
C ASN C 277 -34.74 -25.49 -23.32
N GLU C 278 -35.78 -26.17 -22.85
CA GLU C 278 -35.63 -27.01 -21.65
C GLU C 278 -34.65 -28.14 -21.92
N ASN C 279 -34.49 -28.55 -23.18
CA ASN C 279 -33.39 -29.44 -23.55
C ASN C 279 -32.17 -28.59 -23.90
N GLY C 280 -31.16 -29.20 -24.51
CA GLY C 280 -29.96 -28.45 -24.84
C GLY C 280 -29.88 -27.90 -26.24
N THR C 281 -31.02 -27.83 -26.92
CA THR C 281 -31.06 -27.39 -28.32
C THR C 281 -31.23 -25.88 -28.35
N ILE C 282 -30.45 -25.23 -29.21
CA ILE C 282 -30.62 -23.80 -29.47
C ILE C 282 -31.83 -23.63 -30.39
N THR C 283 -32.79 -22.82 -29.95
CA THR C 283 -34.05 -22.70 -30.67
C THR C 283 -34.28 -21.36 -31.35
N ASP C 284 -33.64 -20.29 -30.87
CA ASP C 284 -33.77 -18.99 -31.49
C ASP C 284 -32.57 -18.14 -31.09
N ALA C 285 -32.38 -17.04 -31.83
CA ALA C 285 -31.24 -16.15 -31.64
C ALA C 285 -31.64 -14.73 -32.01
N VAL C 286 -30.89 -13.77 -31.47
CA VAL C 286 -31.08 -12.35 -31.75
C VAL C 286 -29.72 -11.78 -32.10
N ASP C 287 -29.65 -11.04 -33.20
CA ASP C 287 -28.39 -10.40 -33.62
C ASP C 287 -28.37 -8.98 -33.06
N CYS C 288 -27.41 -8.70 -32.17
CA CYS C 288 -27.41 -7.48 -31.35
C CYS C 288 -26.86 -6.25 -32.08
N ALA C 289 -26.72 -6.30 -33.41
CA ALA C 289 -26.25 -5.18 -34.20
C ALA C 289 -27.04 -5.00 -35.49
N LEU C 290 -28.24 -5.57 -35.59
CA LEU C 290 -28.96 -5.51 -36.86
C LEU C 290 -29.81 -4.25 -36.98
N ASP C 291 -30.56 -3.92 -35.93
CA ASP C 291 -31.48 -2.79 -35.95
C ASP C 291 -31.68 -2.32 -34.53
N PRO C 292 -32.29 -1.14 -34.35
CA PRO C 292 -32.45 -0.63 -32.97
C PRO C 292 -33.22 -1.57 -32.05
N LEU C 293 -34.24 -2.27 -32.55
CA LEU C 293 -35.04 -3.15 -31.70
C LEU C 293 -34.22 -4.30 -31.14
N SER C 294 -33.38 -4.92 -31.98
CA SER C 294 -32.56 -6.03 -31.52
C SER C 294 -31.53 -5.57 -30.49
N GLU C 295 -31.04 -4.34 -30.59
CA GLU C 295 -30.14 -3.83 -29.55
C GLU C 295 -30.87 -3.67 -28.22
N THR C 296 -32.14 -3.29 -28.26
CA THR C 296 -32.95 -3.25 -27.04
C THR C 296 -33.12 -4.63 -26.43
N LYS C 297 -33.39 -5.64 -27.25
CA LYS C 297 -33.56 -7.00 -26.74
C LYS C 297 -32.26 -7.52 -26.14
N CYS C 298 -31.13 -7.22 -26.79
CA CYS C 298 -29.85 -7.69 -26.30
C CYS C 298 -29.47 -6.99 -25.00
N THR C 299 -29.87 -5.73 -24.84
CA THR C 299 -29.63 -5.01 -23.58
C THR C 299 -30.55 -5.48 -22.47
N LEU C 300 -31.83 -5.70 -22.75
CA LEU C 300 -32.76 -6.17 -21.73
C LEU C 300 -32.61 -7.64 -21.42
N LYS C 301 -31.84 -8.39 -22.22
CA LYS C 301 -31.71 -9.84 -22.07
C LYS C 301 -33.08 -10.52 -22.08
N SER C 302 -33.90 -10.14 -23.05
CA SER C 302 -35.21 -10.74 -23.20
C SER C 302 -35.59 -10.74 -24.67
N PHE C 303 -36.53 -11.63 -25.01
CA PHE C 303 -37.00 -11.74 -26.38
C PHE C 303 -38.32 -11.01 -26.61
N THR C 304 -38.90 -10.42 -25.58
CA THR C 304 -40.08 -9.58 -25.72
C THR C 304 -39.84 -8.29 -24.97
N VAL C 305 -40.33 -7.18 -25.52
CA VAL C 305 -40.05 -5.85 -24.99
C VAL C 305 -41.37 -5.13 -24.74
N GLU C 306 -41.56 -4.66 -23.51
CA GLU C 306 -42.78 -3.95 -23.15
C GLU C 306 -42.73 -2.52 -23.67
N LYS C 307 -43.90 -1.87 -23.65
CA LYS C 307 -43.98 -0.49 -24.12
C LYS C 307 -43.17 0.43 -23.22
N GLY C 308 -42.40 1.32 -23.84
CA GLY C 308 -41.64 2.30 -23.09
C GLY C 308 -40.46 2.82 -23.89
N ILE C 309 -39.63 3.58 -23.18
CA ILE C 309 -38.39 4.13 -23.73
C ILE C 309 -37.21 3.51 -22.99
N TYR C 310 -36.24 3.02 -23.75
CA TYR C 310 -35.09 2.33 -23.21
C TYR C 310 -33.80 2.97 -23.70
N GLN C 311 -32.86 3.20 -22.79
CA GLN C 311 -31.58 3.84 -23.13
C GLN C 311 -30.60 2.72 -23.49
N THR C 312 -30.33 2.55 -24.79
CA THR C 312 -29.64 1.35 -25.25
C THR C 312 -28.13 1.46 -25.15
N SER C 313 -27.54 2.43 -25.86
CA SER C 313 -26.09 2.59 -25.86
C SER C 313 -25.76 4.04 -26.22
N ASN C 314 -24.50 4.28 -26.53
CA ASN C 314 -24.00 5.60 -26.88
C ASN C 314 -23.33 5.54 -28.25
N PHE C 315 -23.54 6.56 -29.05
CA PHE C 315 -22.90 6.64 -30.35
C PHE C 315 -21.68 7.55 -30.27
N ARG C 316 -20.73 7.31 -31.16
CA ARG C 316 -19.53 8.14 -31.21
C ARG C 316 -18.85 7.92 -32.56
N VAL C 317 -18.15 8.96 -33.02
CA VAL C 317 -17.51 8.93 -34.34
C VAL C 317 -16.13 8.30 -34.23
N GLN C 318 -15.85 7.35 -35.13
CA GLN C 318 -14.54 6.73 -35.15
C GLN C 318 -13.54 7.58 -35.95
N PRO C 319 -12.26 7.49 -35.60
CA PRO C 319 -11.23 8.24 -36.35
C PRO C 319 -11.07 7.70 -37.77
N THR C 320 -10.53 8.56 -38.63
CA THR C 320 -10.32 8.20 -40.02
C THR C 320 -8.85 7.90 -40.31
N GLU C 321 -7.95 8.80 -39.91
CA GLU C 321 -6.53 8.58 -40.17
C GLU C 321 -5.71 8.76 -38.89
N SER C 322 -4.39 8.79 -39.01
CA SER C 322 -3.50 8.96 -37.88
C SER C 322 -2.37 9.92 -38.25
N ILE C 323 -2.00 10.77 -37.29
CA ILE C 323 -0.93 11.75 -37.47
C ILE C 323 0.10 11.59 -36.36
N VAL C 324 1.34 11.98 -36.68
CA VAL C 324 2.46 12.00 -35.74
C VAL C 324 3.23 13.29 -35.98
N ARG C 325 3.58 13.99 -34.90
CA ARG C 325 4.35 15.23 -34.98
C ARG C 325 5.52 15.13 -34.01
N PHE C 326 6.73 15.26 -34.55
CA PHE C 326 7.97 15.14 -33.83
C PHE C 326 8.93 16.23 -34.29
N PRO C 327 9.92 16.57 -33.46
CA PRO C 327 10.95 17.53 -33.91
C PRO C 327 11.77 16.96 -35.06
N ASN C 328 12.21 17.88 -35.92
CA ASN C 328 12.83 17.55 -37.19
C ASN C 328 14.33 17.30 -37.09
N ILE C 329 14.90 17.32 -35.88
CA ILE C 329 16.35 17.19 -35.73
C ILE C 329 16.82 15.83 -36.25
N THR C 330 18.08 15.77 -36.67
CA THR C 330 18.65 14.55 -37.23
C THR C 330 19.96 14.10 -36.62
N ASN C 331 20.59 14.90 -35.74
CA ASN C 331 21.81 14.47 -35.07
C ASN C 331 21.52 13.41 -34.03
N LEU C 332 22.42 12.42 -33.93
CA LEU C 332 22.27 11.31 -33.00
C LEU C 332 22.99 11.57 -31.69
N CYS C 333 22.60 10.83 -30.66
CA CYS C 333 23.15 11.01 -29.33
C CYS C 333 24.51 10.31 -29.20
N PRO C 334 25.39 10.82 -28.36
CA PRO C 334 26.75 10.25 -28.25
C PRO C 334 26.80 9.02 -27.35
N PHE C 335 26.02 8.00 -27.70
CA PHE C 335 26.05 6.73 -26.98
C PHE C 335 27.33 5.97 -27.23
N ASP C 336 28.04 6.26 -28.32
CA ASP C 336 29.29 5.56 -28.63
C ASP C 336 30.31 5.73 -27.52
N GLU C 337 30.57 6.97 -27.11
CA GLU C 337 31.63 7.21 -26.13
C GLU C 337 31.30 6.61 -24.78
N VAL C 338 30.02 6.58 -24.40
CA VAL C 338 29.65 6.12 -23.07
C VAL C 338 29.94 4.64 -22.91
N PHE C 339 29.61 3.84 -23.92
CA PHE C 339 29.81 2.39 -23.85
C PHE C 339 31.14 1.92 -24.43
N ASN C 340 31.79 2.74 -25.26
CA ASN C 340 33.06 2.38 -25.89
C ASN C 340 34.24 3.10 -25.26
N ALA C 341 34.13 3.54 -24.01
CA ALA C 341 35.25 4.17 -23.34
C ALA C 341 36.34 3.15 -23.09
N THR C 342 37.60 3.57 -23.27
CA THR C 342 38.73 2.67 -23.10
C THR C 342 38.79 2.14 -21.67
N ARG C 343 38.75 3.04 -20.70
CA ARG C 343 38.80 2.68 -19.29
C ARG C 343 37.75 3.47 -18.54
N PHE C 344 37.03 2.81 -17.64
CA PHE C 344 35.93 3.41 -16.91
C PHE C 344 36.44 4.06 -15.62
N ALA C 345 35.57 4.85 -15.00
CA ALA C 345 35.92 5.56 -13.78
C ALA C 345 35.76 4.66 -12.56
N SER C 346 36.22 5.17 -11.42
CA SER C 346 36.05 4.44 -10.18
C SER C 346 34.59 4.53 -9.72
N VAL C 347 34.22 3.61 -8.84
CA VAL C 347 32.84 3.60 -8.35
C VAL C 347 32.60 4.73 -7.36
N TYR C 348 33.59 5.04 -6.51
CA TYR C 348 33.40 6.11 -5.53
C TYR C 348 33.39 7.48 -6.19
N ALA C 349 33.97 7.61 -7.38
CA ALA C 349 33.93 8.84 -8.17
C ALA C 349 33.46 8.44 -9.56
N TRP C 350 32.15 8.40 -9.76
CA TRP C 350 31.60 7.95 -11.02
C TRP C 350 31.50 9.12 -12.00
N ASN C 351 31.51 8.79 -13.28
CA ASN C 351 31.46 9.77 -14.35
C ASN C 351 30.03 10.08 -14.72
N ARG C 352 29.72 11.37 -14.87
CA ARG C 352 28.38 11.83 -15.21
C ARG C 352 28.38 12.58 -16.53
N LYS C 353 27.41 12.27 -17.39
CA LYS C 353 27.34 12.83 -18.72
C LYS C 353 25.94 13.39 -18.98
N ARG C 354 25.89 14.51 -19.69
CA ARG C 354 24.64 15.12 -20.11
C ARG C 354 24.36 14.81 -21.58
N ILE C 355 23.20 14.20 -21.84
CA ILE C 355 22.76 13.83 -23.17
C ILE C 355 21.55 14.67 -23.52
N SER C 356 21.63 15.41 -24.63
CA SER C 356 20.60 16.36 -24.97
C SER C 356 20.70 16.74 -26.44
N ASN C 357 19.58 17.25 -26.97
CA ASN C 357 19.46 17.80 -28.32
C ASN C 357 20.02 16.83 -29.37
N CYS C 358 19.51 15.61 -29.33
CA CYS C 358 19.92 14.56 -30.26
C CYS C 358 18.81 13.52 -30.34
N VAL C 359 19.01 12.50 -31.17
CA VAL C 359 18.07 11.41 -31.37
C VAL C 359 18.68 10.15 -30.75
N ALA C 360 17.93 9.51 -29.84
CA ALA C 360 18.46 8.37 -29.09
C ALA C 360 17.89 7.09 -29.68
N ASP C 361 18.62 6.51 -30.63
CA ASP C 361 18.25 5.23 -31.21
C ASP C 361 18.93 4.11 -30.43
N TYR C 362 18.13 3.18 -29.91
CA TYR C 362 18.61 2.12 -29.04
C TYR C 362 18.93 0.82 -29.79
N SER C 363 18.80 0.82 -31.12
CA SER C 363 19.24 -0.33 -31.92
C SER C 363 20.76 -0.42 -31.99
N VAL C 364 21.46 0.65 -31.64
CA VAL C 364 22.92 0.67 -31.67
C VAL C 364 23.48 -0.29 -30.62
N LEU C 365 22.80 -0.42 -29.48
CA LEU C 365 23.32 -1.21 -28.37
C LEU C 365 23.39 -2.70 -28.67
N TYR C 366 22.75 -3.17 -29.74
CA TYR C 366 22.90 -4.56 -30.17
C TYR C 366 24.06 -4.71 -31.17
N ASN C 367 25.24 -4.21 -30.81
CA ASN C 367 26.41 -4.24 -31.69
C ASN C 367 27.62 -4.86 -30.99
N LEU C 368 27.74 -4.65 -29.68
CA LEU C 368 28.83 -5.20 -28.90
C LEU C 368 28.43 -6.57 -28.37
N ALA C 369 29.21 -7.09 -27.42
CA ALA C 369 28.89 -8.37 -26.81
C ALA C 369 27.53 -8.28 -26.11
N PRO C 370 26.79 -9.38 -26.04
CA PRO C 370 25.48 -9.36 -25.38
C PRO C 370 25.58 -8.84 -23.95
N PHE C 371 24.73 -7.87 -23.62
CA PHE C 371 24.67 -7.36 -22.25
C PHE C 371 23.90 -8.36 -21.40
N PHE C 372 24.60 -8.99 -20.44
CA PHE C 372 24.01 -10.06 -19.65
C PHE C 372 22.93 -9.58 -18.70
N THR C 373 22.79 -8.27 -18.49
CA THR C 373 21.78 -7.72 -17.59
C THR C 373 21.20 -6.47 -18.21
N PHE C 374 19.88 -6.46 -18.43
CA PHE C 374 19.18 -5.27 -18.92
C PHE C 374 17.92 -5.12 -18.07
N LYS C 375 18.02 -4.34 -17.01
CA LYS C 375 16.95 -4.12 -16.06
C LYS C 375 16.51 -2.67 -16.14
N CYS C 376 15.21 -2.47 -16.38
CA CYS C 376 14.63 -1.14 -16.51
C CYS C 376 13.54 -0.95 -15.47
N TYR C 377 13.42 0.27 -14.97
CA TYR C 377 12.40 0.63 -14.01
C TYR C 377 11.58 1.79 -14.56
N GLY C 378 10.26 1.66 -14.51
CA GLY C 378 9.37 2.70 -14.98
C GLY C 378 9.08 2.67 -16.46
N VAL C 379 9.73 1.77 -17.22
CA VAL C 379 9.54 1.71 -18.66
C VAL C 379 10.01 0.34 -19.12
N SER C 380 9.39 -0.17 -20.18
CA SER C 380 9.88 -1.46 -20.63
C SER C 380 10.87 -1.28 -21.77
N PRO C 381 11.97 -2.05 -21.75
CA PRO C 381 13.02 -1.86 -22.76
C PRO C 381 12.66 -2.43 -24.12
N THR C 382 11.69 -3.35 -24.21
CA THR C 382 11.43 -4.09 -25.43
C THR C 382 10.63 -3.23 -26.41
N LYS C 383 11.35 -2.37 -27.13
CA LYS C 383 10.84 -1.50 -28.19
C LYS C 383 9.86 -0.44 -27.68
N LEU C 384 9.74 -0.24 -26.38
CA LEU C 384 8.95 0.83 -25.83
C LEU C 384 9.78 2.03 -25.41
N ASN C 385 11.07 2.04 -25.77
CA ASN C 385 11.98 3.14 -25.47
C ASN C 385 12.02 4.20 -26.57
N ASP C 386 11.16 4.11 -27.59
CA ASP C 386 11.16 5.08 -28.67
C ASP C 386 10.10 6.14 -28.39
N LEU C 387 10.42 7.03 -27.45
CA LEU C 387 9.56 8.14 -27.05
C LEU C 387 10.46 9.31 -26.63
N CYS C 388 9.85 10.39 -26.17
CA CYS C 388 10.57 11.64 -25.92
C CYS C 388 10.87 11.80 -24.44
N PHE C 389 12.12 12.12 -24.13
CA PHE C 389 12.55 12.44 -22.78
C PHE C 389 12.99 13.90 -22.70
N THR C 390 13.13 14.40 -21.48
CA THR C 390 13.48 15.79 -21.26
C THR C 390 14.98 15.97 -21.09
N ASN C 391 15.58 15.25 -20.15
CA ASN C 391 17.02 15.23 -19.97
C ASN C 391 17.47 13.81 -19.65
N VAL C 392 18.70 13.50 -20.01
CA VAL C 392 19.26 12.16 -19.82
C VAL C 392 20.60 12.28 -19.10
N TYR C 393 20.75 11.56 -18.01
CA TYR C 393 22.01 11.49 -17.25
C TYR C 393 22.62 10.11 -17.41
N ALA C 394 23.90 10.08 -17.76
CA ALA C 394 24.63 8.84 -17.98
C ALA C 394 25.72 8.73 -16.93
N ASP C 395 25.63 7.71 -16.07
CA ASP C 395 26.61 7.44 -15.04
C ASP C 395 27.24 6.08 -15.30
N SER C 396 28.58 6.04 -15.32
CA SER C 396 29.33 4.84 -15.63
C SER C 396 30.37 4.57 -14.55
N PHE C 397 30.51 3.30 -14.17
CA PHE C 397 31.52 2.86 -13.20
C PHE C 397 31.74 1.37 -13.39
N VAL C 398 32.67 0.79 -12.62
CA VAL C 398 32.99 -0.63 -12.70
C VAL C 398 32.94 -1.23 -11.30
N ILE C 399 32.27 -2.38 -11.18
CA ILE C 399 32.10 -3.09 -9.91
C ILE C 399 32.28 -4.58 -10.15
N ARG C 400 32.11 -5.37 -9.09
CA ARG C 400 32.17 -6.82 -9.20
C ARG C 400 30.80 -7.42 -9.50
N GLY C 401 30.80 -8.65 -9.99
CA GLY C 401 29.55 -9.29 -10.40
C GLY C 401 28.60 -9.57 -9.26
N ASP C 402 29.12 -10.09 -8.14
CA ASP C 402 28.24 -10.48 -7.03
C ASP C 402 27.47 -9.29 -6.47
N GLU C 403 28.05 -8.09 -6.56
CA GLU C 403 27.43 -6.88 -6.03
C GLU C 403 26.75 -6.05 -7.12
N VAL C 404 26.49 -6.64 -8.29
CA VAL C 404 25.78 -5.92 -9.35
C VAL C 404 24.31 -5.72 -9.00
N ARG C 405 23.74 -6.64 -8.23
CA ARG C 405 22.36 -6.50 -7.78
C ARG C 405 22.19 -5.35 -6.79
N GLN C 406 23.27 -4.66 -6.40
CA GLN C 406 23.18 -3.51 -5.52
C GLN C 406 22.85 -2.22 -6.25
N ILE C 407 22.93 -2.20 -7.58
CA ILE C 407 22.52 -1.03 -8.37
C ILE C 407 21.03 -1.21 -8.63
N ALA C 408 20.23 -0.79 -7.65
CA ALA C 408 18.79 -0.96 -7.66
C ALA C 408 18.18 -0.14 -6.52
N PRO C 409 16.93 0.31 -6.65
CA PRO C 409 16.30 1.02 -5.53
C PRO C 409 16.10 0.11 -4.34
N GLY C 410 16.25 0.71 -3.15
CA GLY C 410 16.02 0.03 -1.89
C GLY C 410 16.95 -1.12 -1.59
N GLN C 411 18.25 -0.91 -1.83
CA GLN C 411 19.24 -1.94 -1.56
C GLN C 411 20.25 -1.43 -0.53
N THR C 412 20.93 -2.38 0.12
CA THR C 412 21.94 -2.09 1.12
C THR C 412 23.27 -2.73 0.74
N GLY C 413 24.34 -2.28 1.39
CA GLY C 413 25.66 -2.81 1.10
C GLY C 413 26.72 -1.74 1.00
N ASN C 414 27.96 -2.13 0.67
CA ASN C 414 29.02 -1.14 0.57
C ASN C 414 28.75 -0.16 -0.58
N ILE C 415 28.21 -0.66 -1.68
CA ILE C 415 27.95 0.19 -2.85
C ILE C 415 26.79 1.14 -2.60
N ALA C 416 25.71 0.65 -2.00
CA ALA C 416 24.44 1.38 -2.01
C ALA C 416 24.52 2.67 -1.22
N ASP C 417 25.14 2.64 -0.05
CA ASP C 417 25.14 3.81 0.83
C ASP C 417 26.50 4.48 0.98
N TYR C 418 27.56 3.90 0.42
CA TYR C 418 28.89 4.50 0.48
C TYR C 418 29.45 4.93 -0.87
N ASN C 419 28.92 4.40 -1.98
CA ASN C 419 29.46 4.70 -3.31
C ASN C 419 28.42 5.31 -4.25
N TYR C 420 27.28 4.66 -4.40
CA TYR C 420 26.27 5.05 -5.40
C TYR C 420 24.89 4.60 -4.92
N LYS C 421 23.99 5.57 -4.73
CA LYS C 421 22.64 5.33 -4.27
C LYS C 421 21.64 5.82 -5.31
N LEU C 422 20.55 5.06 -5.48
CA LEU C 422 19.51 5.38 -6.44
C LEU C 422 18.27 5.88 -5.70
N PRO C 423 17.54 6.84 -6.26
CA PRO C 423 16.31 7.32 -5.63
C PRO C 423 15.25 6.24 -5.56
N ASP C 424 14.33 6.40 -4.61
CA ASP C 424 13.28 5.41 -4.40
C ASP C 424 12.29 5.37 -5.56
N ASP C 425 12.11 6.49 -6.24
CA ASP C 425 11.21 6.63 -7.39
C ASP C 425 12.01 6.65 -8.70
N PHE C 426 13.06 5.83 -8.78
CA PHE C 426 13.93 5.85 -9.95
C PHE C 426 13.18 5.48 -11.23
N THR C 427 13.55 6.15 -12.32
CA THR C 427 12.98 5.88 -13.64
C THR C 427 14.14 5.81 -14.63
N GLY C 428 14.43 4.60 -15.11
CA GLY C 428 15.51 4.44 -16.08
C GLY C 428 15.86 2.99 -16.26
N CYS C 429 17.11 2.77 -16.70
CA CYS C 429 17.59 1.44 -17.03
C CYS C 429 19.04 1.30 -16.56
N VAL C 430 19.41 0.08 -16.16
CA VAL C 430 20.78 -0.25 -15.78
C VAL C 430 21.29 -1.38 -16.66
N ILE C 431 22.48 -1.20 -17.22
CA ILE C 431 23.06 -2.12 -18.18
C ILE C 431 24.37 -2.63 -17.59
N ALA C 432 24.43 -3.93 -17.32
CA ALA C 432 25.61 -4.57 -16.75
C ALA C 432 26.09 -5.65 -17.72
N TRP C 433 27.38 -5.64 -18.00
CA TRP C 433 28.01 -6.62 -18.85
C TRP C 433 29.36 -6.99 -18.26
N ASN C 434 29.96 -8.06 -18.78
CA ASN C 434 31.22 -8.56 -18.26
C ASN C 434 32.38 -7.99 -19.06
N SER C 435 33.39 -7.49 -18.34
CA SER C 435 34.63 -7.03 -18.96
C SER C 435 35.83 -7.67 -18.31
N ASN C 436 35.72 -8.96 -17.96
CA ASN C 436 36.82 -9.66 -17.32
C ASN C 436 38.05 -9.77 -18.20
N LYS C 437 37.87 -9.76 -19.53
CA LYS C 437 39.02 -9.89 -20.41
C LYS C 437 39.87 -8.63 -20.42
N LEU C 438 39.27 -7.47 -20.14
CA LEU C 438 39.97 -6.20 -20.29
C LEU C 438 40.47 -5.64 -18.97
N ASP C 439 39.58 -5.44 -17.99
CA ASP C 439 39.99 -4.77 -16.76
C ASP C 439 40.89 -5.66 -15.91
N SER C 440 40.51 -6.92 -15.71
CA SER C 440 41.24 -7.78 -14.79
C SER C 440 42.62 -8.14 -15.36
N LYS C 441 43.59 -8.27 -14.46
CA LYS C 441 44.97 -8.59 -14.84
C LYS C 441 45.49 -9.68 -13.92
N VAL C 442 46.57 -10.33 -14.35
CA VAL C 442 47.11 -11.46 -13.61
C VAL C 442 47.57 -11.01 -12.22
N SER C 443 48.29 -9.90 -12.16
CA SER C 443 48.89 -9.41 -10.92
C SER C 443 47.99 -8.45 -10.15
N GLY C 444 46.84 -8.08 -10.69
CA GLY C 444 45.97 -7.13 -10.04
C GLY C 444 46.30 -5.69 -10.38
N ASN C 445 45.30 -4.93 -10.78
CA ASN C 445 45.45 -3.51 -11.09
C ASN C 445 44.72 -2.67 -10.05
N TYR C 446 45.32 -1.55 -9.67
CA TYR C 446 44.72 -0.65 -8.69
C TYR C 446 44.02 0.53 -9.33
N ASN C 447 43.50 0.36 -10.54
CA ASN C 447 42.85 1.45 -11.26
C ASN C 447 41.48 1.76 -10.70
N TYR C 448 40.85 0.80 -10.01
CA TYR C 448 39.49 0.93 -9.50
C TYR C 448 39.47 0.74 -8.00
N LEU C 449 38.81 1.67 -7.29
CA LEU C 449 38.78 1.64 -5.85
C LEU C 449 37.36 1.95 -5.38
N TYR C 450 37.04 1.49 -4.16
CA TYR C 450 35.72 1.69 -3.60
C TYR C 450 35.83 2.13 -2.15
N ARG C 451 34.87 2.96 -1.72
CA ARG C 451 34.93 3.51 -0.38
C ARG C 451 34.30 2.52 0.60
N LEU C 452 35.02 2.20 1.66
CA LEU C 452 34.57 1.23 2.65
C LEU C 452 34.06 1.88 3.94
N PHE C 453 34.75 2.92 4.42
CA PHE C 453 34.38 3.58 5.68
C PHE C 453 33.85 4.98 5.42
N ARG C 454 32.70 5.28 5.99
CA ARG C 454 32.09 6.61 5.90
C ARG C 454 31.12 6.76 7.07
N LYS C 455 31.07 7.97 7.65
CA LYS C 455 30.26 8.17 8.85
C LYS C 455 28.78 7.97 8.57
N SER C 456 28.30 8.48 7.45
CA SER C 456 26.88 8.54 7.17
C SER C 456 26.60 8.08 5.75
N ASN C 457 25.38 7.58 5.54
CA ASN C 457 24.98 7.08 4.25
C ASN C 457 24.94 8.22 3.23
N LEU C 458 25.07 7.86 1.95
CA LEU C 458 25.04 8.83 0.86
C LEU C 458 23.62 9.04 0.37
N LYS C 459 23.26 10.30 0.16
CA LYS C 459 21.99 10.61 -0.48
C LYS C 459 22.05 10.19 -1.94
N PRO C 460 20.90 9.91 -2.55
CA PRO C 460 20.92 9.48 -3.96
C PRO C 460 21.58 10.51 -4.86
N PHE C 461 22.37 10.01 -5.81
CA PHE C 461 23.07 10.84 -6.81
C PHE C 461 24.00 11.86 -6.16
N GLU C 462 24.70 11.43 -5.11
CA GLU C 462 25.69 12.25 -4.43
C GLU C 462 27.06 11.61 -4.57
N ARG C 463 28.04 12.39 -4.98
CA ARG C 463 29.39 11.89 -5.22
C ARG C 463 30.31 12.37 -4.10
N ASP C 464 31.05 11.44 -3.52
CA ASP C 464 31.99 11.76 -2.45
C ASP C 464 33.38 11.32 -2.89
N ILE C 465 34.30 12.27 -2.95
CA ILE C 465 35.69 12.01 -3.31
C ILE C 465 36.65 12.34 -2.15
N SER C 466 36.11 12.47 -0.95
CA SER C 466 36.94 12.79 0.21
C SER C 466 37.85 11.63 0.57
N THR C 467 39.12 11.92 0.87
CA THR C 467 40.08 10.92 1.28
C THR C 467 40.56 11.13 2.71
N GLU C 468 39.78 11.85 3.52
CA GLU C 468 40.14 12.08 4.91
C GLU C 468 40.09 10.80 5.72
N ILE C 469 40.99 10.68 6.70
CA ILE C 469 41.07 9.48 7.52
C ILE C 469 39.78 9.33 8.32
N TYR C 470 39.28 8.10 8.42
CA TYR C 470 38.05 7.81 9.13
C TYR C 470 38.39 7.58 10.60
N GLN C 471 38.36 8.65 11.39
CA GLN C 471 38.59 8.52 12.82
C GLN C 471 37.37 7.95 13.51
N ALA C 472 37.58 7.02 14.44
CA ALA C 472 36.49 6.41 15.20
C ALA C 472 36.81 6.30 16.68
N GLY C 473 37.90 6.92 17.14
CA GLY C 473 38.27 6.86 18.54
C GLY C 473 38.60 8.24 19.07
N ASN C 474 38.84 8.29 20.39
CA ASN C 474 39.15 9.57 21.02
C ASN C 474 40.47 10.16 20.52
N LYS C 475 41.49 9.32 20.35
CA LYS C 475 42.80 9.83 19.95
C LYS C 475 42.75 10.39 18.53
N PRO C 476 43.46 11.49 18.25
CA PRO C 476 43.49 12.02 16.89
C PRO C 476 44.21 11.08 15.93
N CYS C 477 43.86 11.17 14.64
CA CYS C 477 44.50 10.35 13.61
C CYS C 477 45.68 11.04 12.95
N ASN C 478 45.65 12.36 12.87
CA ASN C 478 46.76 13.16 12.35
C ASN C 478 47.10 12.81 10.90
N GLY C 479 46.14 12.27 10.15
CA GLY C 479 46.35 11.90 8.77
C GLY C 479 46.97 10.53 8.55
N VAL C 480 47.26 9.78 9.61
CA VAL C 480 47.85 8.47 9.49
C VAL C 480 46.89 7.45 10.11
N ALA C 481 47.02 6.20 9.67
CA ALA C 481 46.19 5.14 10.20
C ALA C 481 46.64 4.74 11.60
N GLY C 482 45.99 3.73 12.14
CA GLY C 482 46.26 3.26 13.48
C GLY C 482 44.97 2.78 14.13
N PHE C 483 44.95 2.86 15.46
CA PHE C 483 43.80 2.44 16.23
C PHE C 483 42.60 3.33 15.92
N ASN C 484 41.52 2.72 15.44
CA ASN C 484 40.31 3.42 15.01
C ASN C 484 40.61 4.52 13.99
N CYS C 485 41.73 4.39 13.27
CA CYS C 485 42.10 5.28 12.18
C CYS C 485 42.18 4.43 10.92
N TYR C 486 41.42 4.81 9.90
CA TYR C 486 41.26 3.98 8.71
C TYR C 486 41.42 4.84 7.46
N PHE C 487 41.91 4.20 6.39
CA PHE C 487 41.87 4.79 5.06
C PHE C 487 40.67 4.24 4.32
N PRO C 488 39.74 5.08 3.87
CA PRO C 488 38.50 4.56 3.25
C PRO C 488 38.71 3.86 1.92
N LEU C 489 39.80 4.13 1.21
CA LEU C 489 39.99 3.61 -0.13
C LEU C 489 40.61 2.22 -0.09
N ARG C 490 40.00 1.27 -0.78
CA ARG C 490 40.52 -0.08 -0.93
C ARG C 490 40.41 -0.49 -2.40
N SER C 491 41.34 -1.32 -2.85
CA SER C 491 41.40 -1.72 -4.24
C SER C 491 40.85 -3.13 -4.44
N TYR C 492 40.21 -3.34 -5.58
CA TYR C 492 39.63 -4.64 -5.89
C TYR C 492 40.69 -5.67 -6.18
N SER C 493 41.71 -5.32 -6.96
CA SER C 493 42.75 -6.25 -7.40
C SER C 493 42.12 -7.43 -8.14
N PHE C 494 41.46 -7.11 -9.26
CA PHE C 494 40.80 -8.12 -10.07
C PHE C 494 41.82 -9.12 -10.60
N ARG C 495 41.44 -10.40 -10.62
CA ARG C 495 42.28 -11.44 -11.20
C ARG C 495 41.40 -12.37 -12.02
N PRO C 496 41.82 -12.74 -13.24
CA PRO C 496 40.99 -13.66 -14.04
C PRO C 496 40.77 -15.00 -13.38
N THR C 497 41.71 -15.43 -12.54
CA THR C 497 41.59 -16.72 -11.87
C THR C 497 40.45 -16.75 -10.86
N TYR C 498 39.89 -15.59 -10.51
CA TYR C 498 38.78 -15.54 -9.58
C TYR C 498 37.53 -16.19 -10.18
N GLY C 499 36.59 -16.53 -9.30
CA GLY C 499 35.37 -17.18 -9.69
C GLY C 499 34.39 -16.23 -10.34
N VAL C 500 33.14 -16.68 -10.42
CA VAL C 500 32.12 -15.89 -11.09
C VAL C 500 31.82 -14.63 -10.30
N GLY C 501 31.83 -14.72 -8.97
CA GLY C 501 31.45 -13.61 -8.10
C GLY C 501 32.47 -12.51 -7.97
N HIS C 502 33.63 -12.62 -8.61
CA HIS C 502 34.67 -11.62 -8.49
C HIS C 502 35.12 -11.03 -9.82
N GLN C 503 34.60 -11.50 -10.95
CA GLN C 503 34.98 -10.90 -12.22
C GLN C 503 34.46 -9.47 -12.30
N PRO C 504 35.25 -8.55 -12.85
CA PRO C 504 34.79 -7.16 -12.95
C PRO C 504 33.64 -7.03 -13.93
N TYR C 505 32.75 -6.07 -13.66
CA TYR C 505 31.61 -5.83 -14.52
C TYR C 505 31.45 -4.33 -14.73
N ARG C 506 31.11 -3.93 -15.95
CA ARG C 506 30.93 -2.52 -16.28
C ARG C 506 29.44 -2.19 -16.25
N VAL C 507 29.09 -1.10 -15.55
CA VAL C 507 27.71 -0.71 -15.35
C VAL C 507 27.52 0.72 -15.87
N VAL C 508 26.47 0.91 -16.67
CA VAL C 508 26.05 2.21 -17.16
C VAL C 508 24.60 2.41 -16.76
N VAL C 509 24.33 3.49 -16.01
CA VAL C 509 23.00 3.74 -15.45
C VAL C 509 22.41 4.92 -16.20
N LEU C 510 21.27 4.71 -16.86
CA LEU C 510 20.59 5.75 -17.62
C LEU C 510 19.41 6.25 -16.80
N SER C 511 19.30 7.57 -16.65
CA SER C 511 18.23 8.19 -15.90
C SER C 511 17.48 9.15 -16.81
N PHE C 512 16.17 8.96 -16.93
CA PHE C 512 15.30 9.82 -17.71
C PHE C 512 14.43 10.65 -16.77
N GLU C 513 13.71 11.62 -17.34
CA GLU C 513 12.81 12.44 -16.53
C GLU C 513 11.62 12.82 -17.41
N LEU C 514 10.55 12.04 -17.31
CA LEU C 514 9.31 12.29 -18.05
C LEU C 514 8.57 13.45 -17.40
N LEU C 515 8.59 14.61 -18.05
CA LEU C 515 8.07 15.83 -17.46
C LEU C 515 7.40 16.67 -18.53
N HIS C 516 6.56 17.61 -18.08
CA HIS C 516 5.81 18.51 -18.95
C HIS C 516 6.71 19.48 -19.73
N ALA C 517 7.96 19.63 -19.33
CA ALA C 517 8.87 20.52 -20.00
C ALA C 517 9.14 20.02 -21.42
N PRO C 518 9.47 20.93 -22.35
CA PRO C 518 9.73 20.50 -23.73
C PRO C 518 10.87 19.49 -23.80
N ALA C 519 10.71 18.51 -24.69
CA ALA C 519 11.64 17.41 -24.82
C ALA C 519 12.74 17.76 -25.81
N THR C 520 13.99 17.50 -25.41
CA THR C 520 15.16 17.68 -26.27
C THR C 520 15.45 16.40 -27.04
N VAL C 521 15.69 15.33 -26.31
CA VAL C 521 16.00 14.02 -26.89
C VAL C 521 14.70 13.28 -27.16
N CYS C 522 14.63 12.61 -28.31
CA CYS C 522 13.42 11.89 -28.69
C CYS C 522 13.81 10.64 -29.46
N GLY C 523 12.85 9.75 -29.60
CA GLY C 523 13.05 8.52 -30.33
C GLY C 523 13.11 8.75 -31.83
N PRO C 524 13.57 7.74 -32.56
CA PRO C 524 13.66 7.82 -34.03
C PRO C 524 12.35 7.49 -34.73
N LYS C 525 11.45 8.48 -34.80
CA LYS C 525 10.14 8.29 -35.40
C LYS C 525 9.90 9.33 -36.48
N LYS C 526 9.06 8.96 -37.45
CA LYS C 526 8.80 9.79 -38.61
C LYS C 526 7.57 10.65 -38.39
N SER C 527 7.65 11.93 -38.77
CA SER C 527 6.54 12.84 -38.60
C SER C 527 5.50 12.61 -39.70
N THR C 528 4.50 13.49 -39.75
CA THR C 528 3.39 13.39 -40.69
C THR C 528 2.79 14.78 -40.83
N ASN C 529 2.17 15.03 -41.98
CA ASN C 529 1.55 16.32 -42.22
C ASN C 529 0.42 16.59 -41.23
N LEU C 530 0.26 17.86 -40.90
CA LEU C 530 -0.76 18.26 -39.93
C LEU C 530 -2.15 18.15 -40.53
N VAL C 531 -3.07 17.56 -39.78
CA VAL C 531 -4.44 17.38 -40.21
C VAL C 531 -5.36 18.08 -39.21
N LYS C 532 -6.28 18.89 -39.72
CA LYS C 532 -7.18 19.66 -38.87
C LYS C 532 -8.61 19.47 -39.33
N ASN C 533 -9.54 19.66 -38.40
CA ASN C 533 -10.98 19.57 -38.66
C ASN C 533 -11.38 18.17 -39.12
N LYS C 534 -10.75 17.15 -38.54
CA LYS C 534 -11.11 15.76 -38.78
C LYS C 534 -10.81 14.95 -37.53
N CYS C 535 -11.75 14.08 -37.17
CA CYS C 535 -11.56 13.19 -36.01
C CYS C 535 -10.42 12.24 -36.34
N VAL C 536 -9.24 12.50 -35.77
CA VAL C 536 -8.03 11.76 -36.10
C VAL C 536 -7.31 11.37 -34.82
N ASN C 537 -6.40 10.40 -34.94
CA ASN C 537 -5.43 10.14 -33.88
C ASN C 537 -4.28 11.11 -33.98
N PHE C 538 -3.57 11.27 -32.87
CA PHE C 538 -2.43 12.19 -32.88
C PHE C 538 -1.42 11.72 -31.86
N ASN C 539 -0.15 12.07 -32.11
CA ASN C 539 0.96 11.76 -31.22
C ASN C 539 1.87 12.98 -31.24
N PHE C 540 1.67 13.89 -30.31
CA PHE C 540 2.46 15.11 -30.22
C PHE C 540 3.55 14.89 -29.18
N ASN C 541 4.72 14.46 -29.63
CA ASN C 541 5.86 14.22 -28.73
C ASN C 541 5.50 13.25 -27.61
N GLY C 542 4.86 12.15 -27.98
CA GLY C 542 4.48 11.10 -27.04
C GLY C 542 3.10 11.23 -26.44
N LEU C 543 2.43 12.36 -26.63
CA LEU C 543 1.07 12.57 -26.11
C LEU C 543 0.10 11.96 -27.11
N LYS C 544 -0.32 10.73 -26.85
CA LYS C 544 -1.24 10.01 -27.71
C LYS C 544 -2.68 10.32 -27.32
N GLY C 545 -3.53 10.47 -28.32
CA GLY C 545 -4.94 10.75 -28.07
C GLY C 545 -5.74 10.72 -29.35
N THR C 546 -7.04 10.94 -29.18
CA THR C 546 -8.01 10.92 -30.27
C THR C 546 -8.93 12.12 -30.11
N GLY C 547 -9.10 12.89 -31.18
CA GLY C 547 -9.91 14.10 -31.07
C GLY C 547 -9.82 14.92 -32.34
N VAL C 548 -10.16 16.19 -32.19
CA VAL C 548 -10.22 17.14 -33.30
C VAL C 548 -9.29 18.31 -32.99
N LEU C 549 -8.43 18.64 -33.95
CA LEU C 549 -7.47 19.73 -33.80
C LEU C 549 -7.93 20.92 -34.64
N THR C 550 -8.07 22.08 -33.99
CA THR C 550 -8.53 23.30 -34.65
C THR C 550 -7.70 24.49 -34.15
N GLU C 551 -7.91 25.64 -34.80
CA GLU C 551 -7.21 26.86 -34.44
C GLU C 551 -7.68 27.36 -33.07
N SER C 552 -6.78 28.05 -32.37
CA SER C 552 -7.06 28.48 -31.02
C SER C 552 -6.77 29.96 -30.86
N ASN C 553 -7.51 30.60 -29.96
CA ASN C 553 -7.30 31.99 -29.57
C ASN C 553 -6.62 32.09 -28.21
N LYS C 554 -5.98 31.01 -27.76
CA LYS C 554 -5.32 31.00 -26.48
C LYS C 554 -4.12 31.94 -26.48
N LYS C 555 -4.02 32.76 -25.44
CA LYS C 555 -2.95 33.75 -25.34
C LYS C 555 -1.73 33.08 -24.69
N PHE C 556 -1.19 32.10 -25.41
CA PHE C 556 -0.01 31.38 -24.95
C PHE C 556 1.19 32.30 -24.85
N LEU C 557 1.67 32.50 -23.63
CA LEU C 557 2.91 33.23 -23.44
C LEU C 557 4.08 32.41 -23.96
N PRO C 558 5.18 33.06 -24.36
CA PRO C 558 6.23 32.33 -25.09
C PRO C 558 6.82 31.15 -24.34
N PHE C 559 6.83 31.18 -23.02
CA PHE C 559 7.40 30.08 -22.26
C PHE C 559 6.42 28.93 -22.02
N GLN C 560 5.12 29.14 -22.28
CA GLN C 560 4.11 28.13 -21.99
C GLN C 560 3.96 27.16 -23.18
N GLN C 561 4.07 25.87 -22.89
CA GLN C 561 4.06 24.84 -23.94
C GLN C 561 2.64 24.40 -24.30
N PHE C 562 1.90 23.86 -23.33
CA PHE C 562 0.56 23.38 -23.57
C PHE C 562 -0.35 23.91 -22.47
N GLY C 563 -1.62 23.51 -22.51
CA GLY C 563 -2.61 23.99 -21.57
C GLY C 563 -3.38 22.84 -20.95
N ARG C 564 -4.21 23.20 -19.97
CA ARG C 564 -5.07 22.25 -19.26
C ARG C 564 -6.37 22.95 -18.89
N ASP C 565 -7.41 22.15 -18.71
CA ASP C 565 -8.71 22.64 -18.29
C ASP C 565 -8.88 22.43 -16.78
N ILE C 566 -10.11 22.62 -16.30
CA ILE C 566 -10.40 22.46 -14.87
C ILE C 566 -10.17 21.01 -14.42
N ALA C 567 -10.52 20.03 -15.26
CA ALA C 567 -10.41 18.63 -14.88
C ALA C 567 -8.97 18.11 -14.89
N ASP C 568 -7.97 18.98 -15.11
CA ASP C 568 -6.55 18.61 -15.10
C ASP C 568 -6.22 17.60 -16.19
N THR C 569 -6.73 17.85 -17.40
CA THR C 569 -6.42 17.06 -18.58
C THR C 569 -6.06 18.01 -19.71
N THR C 570 -5.31 17.49 -20.68
CA THR C 570 -4.82 18.35 -21.75
C THR C 570 -5.97 18.87 -22.60
N ASP C 571 -5.97 20.18 -22.83
CA ASP C 571 -6.95 20.83 -23.71
C ASP C 571 -6.31 21.50 -24.91
N ALA C 572 -5.05 21.90 -24.82
CA ALA C 572 -4.37 22.56 -25.92
C ALA C 572 -2.94 22.03 -25.99
N VAL C 573 -2.33 22.19 -27.16
CA VAL C 573 -0.98 21.70 -27.42
C VAL C 573 -0.28 22.69 -28.34
N ARG C 574 1.04 22.65 -28.30
CA ARG C 574 1.88 23.47 -29.19
C ARG C 574 2.53 22.55 -30.22
N ASP C 575 2.41 22.92 -31.48
CA ASP C 575 3.02 22.15 -32.56
C ASP C 575 4.54 22.19 -32.44
N PRO C 576 5.22 21.04 -32.35
CA PRO C 576 6.68 21.07 -32.16
C PRO C 576 7.45 21.63 -33.34
N GLN C 577 6.89 21.64 -34.55
CA GLN C 577 7.66 21.99 -35.72
C GLN C 577 7.38 23.39 -36.24
N THR C 578 6.30 24.03 -35.79
CA THR C 578 5.96 25.37 -36.28
C THR C 578 5.47 26.29 -35.16
N LEU C 579 5.56 25.88 -33.90
CA LEU C 579 5.14 26.70 -32.77
C LEU C 579 3.71 27.21 -32.97
N GLU C 580 2.82 26.29 -33.30
CA GLU C 580 1.42 26.59 -33.52
C GLU C 580 0.60 26.04 -32.35
N ILE C 581 -0.41 26.80 -31.96
CA ILE C 581 -1.29 26.43 -30.85
C ILE C 581 -2.54 25.78 -31.43
N LEU C 582 -2.83 24.57 -30.99
CA LEU C 582 -3.96 23.79 -31.49
C LEU C 582 -4.84 23.34 -30.34
N ASP C 583 -6.16 23.31 -30.57
CA ASP C 583 -7.12 22.85 -29.58
C ASP C 583 -7.44 21.38 -29.77
N ILE C 584 -7.67 20.69 -28.65
CA ILE C 584 -8.07 19.30 -28.67
C ILE C 584 -9.52 19.21 -28.21
N THR C 585 -10.38 18.63 -29.05
CA THR C 585 -11.79 18.43 -28.72
C THR C 585 -12.18 16.99 -29.06
N PRO C 586 -12.78 16.26 -28.13
CA PRO C 586 -13.21 14.89 -28.44
C PRO C 586 -14.23 14.88 -29.56
N CYS C 587 -14.21 13.81 -30.34
CA CYS C 587 -15.11 13.67 -31.47
C CYS C 587 -16.55 13.48 -30.98
N SER C 588 -17.50 13.66 -31.89
CA SER C 588 -18.91 13.74 -31.50
C SER C 588 -19.36 12.47 -30.79
N PHE C 589 -20.17 12.66 -29.75
CA PHE C 589 -20.67 11.53 -28.97
C PHE C 589 -22.01 11.93 -28.39
N GLY C 590 -22.74 10.92 -27.91
CA GLY C 590 -24.02 11.18 -27.29
C GLY C 590 -24.67 9.89 -26.84
N GLY C 591 -25.96 10.00 -26.51
CA GLY C 591 -26.75 8.86 -26.09
C GLY C 591 -27.86 8.59 -27.09
N VAL C 592 -28.30 7.33 -27.11
CA VAL C 592 -29.37 6.86 -27.99
C VAL C 592 -30.41 6.15 -27.15
N SER C 593 -31.69 6.50 -27.37
CA SER C 593 -32.81 5.81 -26.77
C SER C 593 -33.74 5.32 -27.86
N VAL C 594 -34.43 4.21 -27.60
CA VAL C 594 -35.33 3.60 -28.58
C VAL C 594 -36.74 3.59 -27.98
N ILE C 595 -37.67 4.23 -28.66
CA ILE C 595 -39.08 4.24 -28.25
C ILE C 595 -39.78 3.10 -28.95
N THR C 596 -40.23 2.12 -28.16
CA THR C 596 -40.86 0.93 -28.71
C THR C 596 -42.24 0.74 -28.12
N PRO C 597 -43.24 0.48 -28.95
CA PRO C 597 -44.46 -0.15 -28.44
C PRO C 597 -44.19 -1.61 -28.12
N GLY C 598 -45.15 -2.24 -27.45
CA GLY C 598 -44.97 -3.63 -27.10
C GLY C 598 -44.72 -4.47 -28.32
N THR C 599 -43.82 -5.45 -28.18
CA THR C 599 -43.54 -6.37 -29.29
C THR C 599 -44.75 -7.20 -29.67
N ASN C 600 -45.72 -7.33 -28.77
CA ASN C 600 -46.97 -7.99 -29.12
C ASN C 600 -47.84 -7.12 -30.02
N THR C 601 -47.52 -5.83 -30.13
CA THR C 601 -48.27 -4.91 -30.95
C THR C 601 -47.61 -4.64 -32.29
N SER C 602 -46.35 -4.19 -32.30
CA SER C 602 -45.71 -3.80 -33.55
C SER C 602 -44.20 -3.93 -33.39
N ASN C 603 -43.50 -3.93 -34.53
CA ASN C 603 -42.05 -4.01 -34.55
C ASN C 603 -41.40 -2.71 -35.02
N GLN C 604 -42.15 -1.63 -35.11
CA GLN C 604 -41.59 -0.34 -35.47
C GLN C 604 -40.99 0.34 -34.24
N VAL C 605 -39.91 1.10 -34.46
CA VAL C 605 -39.23 1.81 -33.39
C VAL C 605 -38.96 3.25 -33.83
N ALA C 606 -38.76 4.11 -32.83
CA ALA C 606 -38.26 5.46 -33.04
C ALA C 606 -36.98 5.63 -32.23
N VAL C 607 -36.09 6.48 -32.72
CA VAL C 607 -34.76 6.66 -32.15
C VAL C 607 -34.57 8.13 -31.76
N LEU C 608 -34.20 8.37 -30.51
CA LEU C 608 -33.99 9.71 -29.98
C LEU C 608 -32.51 9.90 -29.66
N TYR C 609 -31.86 10.80 -30.41
CA TYR C 609 -30.47 11.16 -30.14
C TYR C 609 -30.49 12.28 -29.12
N GLN C 610 -30.01 12.00 -27.91
CA GLN C 610 -30.13 12.96 -26.82
C GLN C 610 -29.02 14.00 -26.91
N GLY C 611 -29.40 15.27 -26.78
CA GLY C 611 -28.46 16.36 -26.84
C GLY C 611 -27.80 16.56 -28.19
N VAL C 612 -28.59 16.61 -29.26
CA VAL C 612 -28.10 16.82 -30.61
C VAL C 612 -28.99 17.84 -31.31
N ASN C 613 -28.37 18.78 -32.02
CA ASN C 613 -29.10 19.86 -32.68
C ASN C 613 -29.72 19.45 -34.02
N CYS C 614 -29.53 18.20 -34.47
CA CYS C 614 -30.08 17.60 -35.66
C CYS C 614 -29.35 18.06 -36.93
N THR C 615 -28.46 19.03 -36.83
CA THR C 615 -27.59 19.34 -37.96
C THR C 615 -26.27 18.58 -37.87
N GLU C 616 -25.87 18.18 -36.66
CA GLU C 616 -24.70 17.33 -36.49
C GLU C 616 -25.07 15.88 -36.17
N VAL C 617 -26.32 15.49 -36.36
CA VAL C 617 -26.66 14.07 -36.21
C VAL C 617 -25.82 13.26 -37.20
N PRO C 618 -25.14 12.19 -36.77
CA PRO C 618 -24.15 11.58 -37.67
C PRO C 618 -24.81 10.87 -38.83
N VAL C 619 -24.49 11.32 -40.05
CA VAL C 619 -25.08 10.79 -41.27
C VAL C 619 -24.10 9.94 -42.05
N ALA C 620 -22.82 9.91 -41.66
CA ALA C 620 -21.81 9.16 -42.39
C ALA C 620 -22.05 7.66 -42.27
N ILE C 621 -21.82 6.94 -43.37
CA ILE C 621 -22.14 5.52 -43.44
C ILE C 621 -20.90 4.64 -43.58
N HIS C 622 -19.76 5.18 -44.02
CA HIS C 622 -18.61 4.36 -44.42
C HIS C 622 -17.90 3.73 -43.22
N ALA C 623 -18.68 3.05 -42.39
CA ALA C 623 -18.18 2.25 -41.27
C ALA C 623 -17.24 3.04 -40.36
N ASP C 624 -17.73 4.20 -39.86
CA ASP C 624 -16.98 5.05 -38.93
C ASP C 624 -17.84 5.52 -37.76
N GLN C 625 -18.79 4.70 -37.31
CA GLN C 625 -19.66 5.02 -36.18
C GLN C 625 -19.72 3.83 -35.22
N LEU C 626 -19.59 4.09 -33.93
CA LEU C 626 -19.60 3.01 -32.94
C LEU C 626 -21.00 2.55 -32.58
N THR C 627 -22.02 3.29 -32.96
CA THR C 627 -23.36 2.73 -32.98
C THR C 627 -23.37 1.60 -34.02
N PRO C 628 -24.09 0.51 -33.77
CA PRO C 628 -24.01 -0.64 -34.68
C PRO C 628 -24.45 -0.28 -36.09
N THR C 629 -24.23 -1.24 -36.99
CA THR C 629 -24.39 -1.00 -38.42
C THR C 629 -25.73 -0.37 -38.78
N TRP C 630 -26.75 -0.54 -37.93
CA TRP C 630 -28.07 -0.02 -38.26
C TRP C 630 -28.02 1.49 -38.46
N ARG C 631 -28.83 1.98 -39.40
CA ARG C 631 -28.91 3.40 -39.69
C ARG C 631 -30.37 3.78 -39.86
N VAL C 632 -30.69 4.99 -39.46
CA VAL C 632 -31.98 5.59 -39.78
C VAL C 632 -31.82 6.41 -41.04
N TYR C 633 -32.89 6.49 -41.83
CA TYR C 633 -32.80 7.13 -43.14
C TYR C 633 -32.44 8.60 -43.03
N SER C 634 -32.96 9.28 -42.00
CA SER C 634 -32.79 10.71 -41.73
C SER C 634 -33.44 11.58 -42.78
N THR C 635 -33.95 11.01 -43.87
CA THR C 635 -34.60 11.79 -44.91
C THR C 635 -35.93 11.10 -45.24
N GLY C 636 -37.01 11.89 -45.28
CA GLY C 636 -38.32 11.31 -45.48
C GLY C 636 -38.82 10.44 -44.35
N SER C 637 -38.14 10.47 -43.21
CA SER C 637 -38.56 9.74 -42.01
C SER C 637 -39.20 10.64 -40.98
N ASN C 638 -39.52 11.88 -41.35
CA ASN C 638 -40.14 12.85 -40.45
C ASN C 638 -39.27 13.12 -39.22
N VAL C 639 -38.11 13.71 -39.47
CA VAL C 639 -37.22 14.10 -38.38
C VAL C 639 -37.82 15.29 -37.64
N PHE C 640 -37.87 15.19 -36.31
CA PHE C 640 -38.42 16.21 -35.45
C PHE C 640 -37.36 16.70 -34.47
N GLN C 641 -37.39 17.98 -34.16
CA GLN C 641 -36.40 18.62 -33.28
C GLN C 641 -37.07 18.95 -31.95
N THR C 642 -36.54 18.42 -30.86
CA THR C 642 -37.04 18.66 -29.52
C THR C 642 -35.92 19.23 -28.64
N ARG C 643 -36.31 19.76 -27.48
CA ARG C 643 -35.31 20.24 -26.53
C ARG C 643 -34.51 19.11 -25.91
N ALA C 644 -35.08 17.90 -25.87
CA ALA C 644 -34.35 16.75 -25.38
C ALA C 644 -33.35 16.23 -26.40
N GLY C 645 -33.68 16.32 -27.68
CA GLY C 645 -32.76 15.84 -28.71
C GLY C 645 -33.46 15.74 -30.04
N CYS C 646 -32.93 14.87 -30.89
CA CYS C 646 -33.45 14.64 -32.24
C CYS C 646 -34.21 13.32 -32.25
N LEU C 647 -35.48 13.39 -32.62
CA LEU C 647 -36.35 12.23 -32.66
C LEU C 647 -36.56 11.84 -34.12
N ILE C 648 -36.15 10.64 -34.47
CA ILE C 648 -36.21 10.14 -35.84
C ILE C 648 -37.14 8.95 -35.88
N GLY C 649 -38.08 8.98 -36.81
CA GLY C 649 -39.01 7.90 -37.00
C GLY C 649 -40.41 8.16 -36.50
N ALA C 650 -40.71 9.38 -36.06
CA ALA C 650 -42.03 9.75 -35.55
C ALA C 650 -42.46 11.07 -36.16
N GLU C 651 -43.73 11.14 -36.56
CA GLU C 651 -44.32 12.35 -37.09
C GLU C 651 -44.87 13.20 -35.97
N TYR C 652 -44.69 14.51 -36.07
CA TYR C 652 -45.18 15.44 -35.05
C TYR C 652 -46.55 15.98 -35.47
N VAL C 653 -47.59 15.55 -34.76
CA VAL C 653 -48.95 16.04 -34.99
C VAL C 653 -49.15 17.34 -34.23
N ASN C 654 -50.25 18.04 -34.50
CA ASN C 654 -50.62 19.25 -33.77
C ASN C 654 -51.74 19.03 -32.77
N ASN C 655 -52.22 17.80 -32.63
CA ASN C 655 -53.25 17.51 -31.65
C ASN C 655 -52.61 17.45 -30.26
N SER C 656 -53.40 17.07 -29.26
CA SER C 656 -52.89 16.88 -27.91
C SER C 656 -53.60 15.72 -27.26
N TYR C 657 -52.83 14.79 -26.70
CA TYR C 657 -53.35 13.59 -26.05
C TYR C 657 -52.72 13.47 -24.67
N GLU C 658 -53.26 12.53 -23.88
CA GLU C 658 -52.66 12.23 -22.60
C GLU C 658 -51.37 11.45 -22.80
N CYS C 659 -50.40 11.69 -21.92
CA CYS C 659 -49.07 11.13 -22.13
C CYS C 659 -49.09 9.61 -22.12
N ASP C 660 -48.40 9.03 -23.10
CA ASP C 660 -48.24 7.59 -23.22
C ASP C 660 -46.79 7.16 -23.01
N ILE C 661 -45.84 7.75 -23.74
CA ILE C 661 -44.43 7.43 -23.60
C ILE C 661 -43.67 8.76 -23.47
N PRO C 662 -43.10 9.07 -22.30
CA PRO C 662 -42.47 10.39 -22.11
C PRO C 662 -41.17 10.50 -22.87
N ILE C 663 -41.10 11.49 -23.76
CA ILE C 663 -39.85 11.84 -24.45
C ILE C 663 -39.07 12.88 -23.67
N GLY C 664 -39.72 13.94 -23.20
CA GLY C 664 -39.07 14.98 -22.45
C GLY C 664 -39.43 16.39 -22.88
N ALA C 665 -39.31 17.36 -21.96
CA ALA C 665 -39.62 18.76 -22.24
C ALA C 665 -41.04 18.94 -22.78
N GLY C 666 -42.00 18.25 -22.18
CA GLY C 666 -43.38 18.37 -22.57
C GLY C 666 -43.79 17.60 -23.81
N ILE C 667 -42.94 16.71 -24.31
CA ILE C 667 -43.22 15.92 -25.51
C ILE C 667 -43.45 14.47 -25.09
N CYS C 668 -44.52 13.87 -25.60
CA CYS C 668 -44.80 12.46 -25.38
C CYS C 668 -44.93 11.76 -26.72
N ALA C 669 -45.02 10.43 -26.67
CA ALA C 669 -45.11 9.63 -27.89
C ALA C 669 -46.10 8.50 -27.67
N SER C 670 -46.75 8.06 -28.75
CA SER C 670 -47.73 7.00 -28.65
C SER C 670 -47.90 6.32 -30.01
N TYR C 671 -48.37 5.08 -29.96
CA TYR C 671 -48.67 4.30 -31.15
C TYR C 671 -50.13 4.50 -31.51
N GLN C 672 -50.40 5.11 -32.66
CA GLN C 672 -51.76 5.44 -33.05
C GLN C 672 -51.94 5.17 -34.54
N THR C 673 -53.20 5.09 -34.96
CA THR C 673 -53.54 4.90 -36.36
C THR C 673 -53.17 6.13 -37.18
N GLN C 687 -51.10 2.68 -37.09
CA GLN C 687 -50.02 1.94 -37.72
C GLN C 687 -48.75 2.79 -37.80
N SER C 688 -48.60 3.73 -36.88
CA SER C 688 -47.44 4.61 -36.87
C SER C 688 -47.20 5.14 -35.47
N ILE C 689 -46.00 5.69 -35.27
CA ILE C 689 -45.63 6.33 -34.01
C ILE C 689 -45.69 7.82 -34.21
N ILE C 690 -46.49 8.50 -33.39
CA ILE C 690 -46.65 9.95 -33.50
C ILE C 690 -46.15 10.60 -32.21
N ALA C 691 -45.71 11.85 -32.34
CA ALA C 691 -45.24 12.64 -31.22
C ALA C 691 -46.07 13.91 -31.11
N TYR C 692 -46.38 14.30 -29.88
CA TYR C 692 -47.29 15.43 -29.64
C TYR C 692 -46.89 16.13 -28.36
N THR C 693 -47.62 17.20 -28.05
CA THR C 693 -47.46 17.93 -26.80
C THR C 693 -48.57 17.48 -25.86
N MET C 694 -48.19 16.98 -24.68
CA MET C 694 -49.16 16.43 -23.75
C MET C 694 -50.09 17.52 -23.22
N SER C 695 -51.35 17.15 -23.03
CA SER C 695 -52.38 18.08 -22.59
C SER C 695 -52.65 17.88 -21.10
N LEU C 696 -52.65 18.98 -20.36
CA LEU C 696 -52.80 18.92 -18.91
C LEU C 696 -54.17 18.40 -18.50
N GLY C 697 -55.22 18.84 -19.18
CA GLY C 697 -56.54 18.33 -18.92
C GLY C 697 -57.58 19.07 -19.72
N ALA C 698 -58.82 18.61 -19.58
CA ALA C 698 -59.94 19.23 -20.27
C ALA C 698 -60.16 20.65 -19.75
N GLU C 699 -60.32 21.60 -20.67
CA GLU C 699 -60.54 22.98 -20.28
C GLU C 699 -61.90 23.12 -19.59
N ASN C 700 -61.95 23.97 -18.56
CA ASN C 700 -63.18 24.22 -17.83
C ASN C 700 -63.19 25.67 -17.37
N SER C 701 -64.39 26.15 -17.05
CA SER C 701 -64.57 27.53 -16.64
C SER C 701 -65.75 27.59 -15.68
N VAL C 702 -65.46 27.74 -14.38
CA VAL C 702 -66.54 27.87 -13.41
C VAL C 702 -67.25 29.20 -13.64
N ALA C 703 -68.58 29.15 -13.74
CA ALA C 703 -69.37 30.33 -14.02
C ALA C 703 -69.51 31.15 -12.74
N TYR C 704 -68.39 31.77 -12.35
CA TYR C 704 -68.40 32.66 -11.21
C TYR C 704 -69.37 33.80 -11.44
N SER C 705 -70.13 34.15 -10.42
CA SER C 705 -71.08 35.24 -10.54
C SER C 705 -71.03 36.08 -9.27
N ASN C 706 -71.96 37.02 -9.16
CA ASN C 706 -71.94 38.00 -8.09
C ASN C 706 -72.81 37.58 -6.91
N ASN C 707 -73.95 36.94 -7.18
CA ASN C 707 -74.87 36.42 -6.19
C ASN C 707 -75.42 35.05 -6.60
N SER C 708 -74.57 34.16 -7.09
CA SER C 708 -75.03 32.88 -7.61
C SER C 708 -74.31 31.73 -6.89
N ILE C 709 -75.06 30.67 -6.60
CA ILE C 709 -74.53 29.50 -5.90
C ILE C 709 -75.03 28.24 -6.59
N ALA C 710 -74.30 27.15 -6.38
CA ALA C 710 -74.65 25.85 -6.95
C ALA C 710 -74.71 24.81 -5.84
N ILE C 711 -75.83 24.10 -5.74
CA ILE C 711 -76.08 23.15 -4.67
C ILE C 711 -76.46 21.79 -5.26
N PRO C 712 -75.89 20.68 -4.77
CA PRO C 712 -76.22 19.38 -5.35
C PRO C 712 -77.60 18.93 -4.95
N THR C 713 -78.19 18.08 -5.79
CA THR C 713 -79.49 17.48 -5.53
C THR C 713 -79.45 15.96 -5.50
N ASN C 714 -78.26 15.37 -5.56
CA ASN C 714 -78.08 13.93 -5.56
C ASN C 714 -76.64 13.66 -5.17
N PHE C 715 -76.34 12.39 -4.98
CA PHE C 715 -75.04 11.97 -4.52
C PHE C 715 -74.75 10.58 -5.07
N THR C 716 -73.51 10.13 -4.86
CA THR C 716 -73.09 8.79 -5.24
C THR C 716 -72.14 8.26 -4.18
N ILE C 717 -72.23 6.96 -3.94
CA ILE C 717 -71.33 6.24 -3.04
C ILE C 717 -70.27 5.59 -3.89
N SER C 718 -69.01 5.96 -3.66
CA SER C 718 -67.89 5.50 -4.46
C SER C 718 -66.91 4.73 -3.59
N VAL C 719 -66.46 3.58 -4.11
CA VAL C 719 -65.45 2.74 -3.45
C VAL C 719 -64.23 2.70 -4.35
N THR C 720 -63.07 3.10 -3.82
CA THR C 720 -61.80 3.07 -4.52
C THR C 720 -60.78 2.28 -3.71
N THR C 721 -59.71 1.84 -4.35
CA THR C 721 -58.71 1.01 -3.71
C THR C 721 -57.38 1.73 -3.63
N GLU C 722 -56.65 1.46 -2.55
CA GLU C 722 -55.31 1.97 -2.35
C GLU C 722 -54.41 0.82 -1.94
N ILE C 723 -53.27 0.67 -2.62
CA ILE C 723 -52.34 -0.42 -2.38
C ILE C 723 -51.07 0.14 -1.78
N LEU C 724 -50.60 -0.47 -0.69
CA LEU C 724 -49.42 0.00 -0.02
C LEU C 724 -48.55 -1.17 0.39
N PRO C 725 -47.27 -1.16 0.04
CA PRO C 725 -46.35 -2.21 0.50
C PRO C 725 -46.13 -2.11 2.01
N VAL C 726 -46.03 -3.25 2.68
CA VAL C 726 -45.91 -3.23 4.14
C VAL C 726 -44.63 -3.89 4.61
N SER C 727 -44.13 -4.86 3.84
CA SER C 727 -42.97 -5.62 4.26
C SER C 727 -42.18 -6.01 3.03
N MET C 728 -41.10 -6.75 3.26
CA MET C 728 -40.12 -7.08 2.24
C MET C 728 -39.46 -8.41 2.62
N THR C 729 -38.92 -9.08 1.61
CA THR C 729 -38.34 -10.40 1.80
C THR C 729 -37.12 -10.35 2.72
N LYS C 730 -37.06 -11.27 3.68
CA LYS C 730 -35.93 -11.37 4.60
C LYS C 730 -34.93 -12.38 4.06
N THR C 731 -33.68 -11.97 3.88
CA THR C 731 -32.65 -12.81 3.31
C THR C 731 -31.47 -12.97 4.26
N SER C 732 -30.72 -14.04 4.04
CA SER C 732 -29.49 -14.31 4.76
C SER C 732 -28.40 -14.73 3.79
N VAL C 733 -27.16 -14.36 4.12
CA VAL C 733 -26.00 -14.61 3.27
C VAL C 733 -24.92 -15.29 4.11
N ASP C 734 -24.36 -16.37 3.58
CA ASP C 734 -23.20 -17.06 4.15
C ASP C 734 -21.94 -16.60 3.42
N CYS C 735 -21.03 -15.94 4.15
CA CYS C 735 -19.86 -15.33 3.51
C CYS C 735 -19.01 -16.39 2.81
N THR C 736 -18.72 -17.49 3.52
CA THR C 736 -17.64 -18.38 3.11
C THR C 736 -17.95 -19.06 1.79
N MET C 737 -19.12 -19.66 1.66
CA MET C 737 -19.41 -20.43 0.45
C MET C 737 -19.67 -19.53 -0.74
N TYR C 738 -20.23 -18.34 -0.53
CA TYR C 738 -20.39 -17.40 -1.64
C TYR C 738 -19.02 -16.98 -2.17
N ILE C 739 -18.10 -16.62 -1.29
CA ILE C 739 -16.81 -16.13 -1.73
C ILE C 739 -15.89 -17.29 -2.13
N CYS C 740 -15.78 -18.30 -1.27
CA CYS C 740 -14.88 -19.43 -1.53
C CYS C 740 -15.61 -20.64 -2.11
N GLY C 741 -16.60 -21.16 -1.40
CA GLY C 741 -17.32 -22.33 -1.87
C GLY C 741 -16.94 -23.60 -1.15
N ASP C 742 -16.23 -24.50 -1.84
CA ASP C 742 -15.78 -25.75 -1.26
C ASP C 742 -14.26 -25.83 -1.20
N SER C 743 -13.58 -24.70 -1.39
CA SER C 743 -12.13 -24.64 -1.38
C SER C 743 -11.65 -24.49 0.07
N THR C 744 -10.98 -25.52 0.57
CA THR C 744 -10.41 -25.46 1.91
C THR C 744 -9.31 -24.41 1.99
N GLU C 745 -8.50 -24.28 0.94
CA GLU C 745 -7.43 -23.30 0.95
C GLU C 745 -7.96 -21.88 1.02
N CYS C 746 -9.03 -21.59 0.27
CA CYS C 746 -9.58 -20.23 0.26
C CYS C 746 -10.10 -19.83 1.64
N SER C 747 -10.79 -20.74 2.32
CA SER C 747 -11.32 -20.41 3.64
C SER C 747 -10.19 -20.10 4.62
N ASN C 748 -9.10 -20.87 4.56
CA ASN C 748 -8.02 -20.74 5.54
C ASN C 748 -7.36 -19.37 5.48
N LEU C 749 -7.08 -18.87 4.28
CA LEU C 749 -6.47 -17.54 4.12
C LEU C 749 -7.52 -16.43 4.10
N LEU C 750 -8.81 -16.77 4.18
CA LEU C 750 -9.83 -15.73 4.28
C LEU C 750 -9.92 -15.16 5.69
N LEU C 751 -9.45 -15.91 6.69
CA LEU C 751 -9.45 -15.43 8.07
C LEU C 751 -8.52 -14.25 8.28
N GLN C 752 -7.61 -13.99 7.34
CA GLN C 752 -6.66 -12.90 7.45
C GLN C 752 -7.15 -11.63 6.77
N TYR C 753 -8.46 -11.38 6.76
CA TYR C 753 -9.00 -10.19 6.13
C TYR C 753 -9.75 -9.27 7.08
N GLY C 754 -10.25 -9.77 8.21
CA GLY C 754 -10.93 -8.91 9.16
C GLY C 754 -12.18 -9.49 9.78
N SER C 755 -13.19 -8.63 10.00
CA SER C 755 -14.46 -9.02 10.59
C SER C 755 -15.56 -8.73 9.59
N PHE C 756 -15.35 -9.13 8.34
CA PHE C 756 -16.31 -8.83 7.28
C PHE C 756 -17.67 -9.47 7.56
N CYS C 757 -17.67 -10.73 8.01
CA CYS C 757 -18.95 -11.38 8.29
C CYS C 757 -19.71 -10.68 9.39
N THR C 758 -19.01 -10.24 10.44
CA THR C 758 -19.72 -9.67 11.59
C THR C 758 -20.48 -8.42 11.19
N GLN C 759 -19.89 -7.57 10.36
CA GLN C 759 -20.58 -6.37 9.90
C GLN C 759 -21.75 -6.70 8.99
N LEU C 760 -21.55 -7.65 8.06
CA LEU C 760 -22.60 -7.98 7.10
C LEU C 760 -23.75 -8.75 7.75
N LYS C 761 -23.45 -9.69 8.66
CA LYS C 761 -24.50 -10.46 9.31
C LYS C 761 -25.39 -9.57 10.17
N ARG C 762 -24.80 -8.61 10.89
CA ARG C 762 -25.61 -7.73 11.72
C ARG C 762 -26.56 -6.88 10.89
N ALA C 763 -26.07 -6.35 9.76
CA ALA C 763 -26.88 -5.46 8.94
C ALA C 763 -28.12 -6.17 8.41
N LEU C 764 -27.95 -7.40 7.95
CA LEU C 764 -29.09 -8.17 7.44
C LEU C 764 -30.02 -8.62 8.56
N THR C 765 -29.45 -8.92 9.74
CA THR C 765 -30.28 -9.33 10.86
C THR C 765 -31.16 -8.20 11.36
N GLY C 766 -30.64 -6.97 11.40
CA GLY C 766 -31.47 -5.83 11.72
C GLY C 766 -32.59 -5.63 10.73
N ILE C 767 -32.32 -5.87 9.45
CA ILE C 767 -33.34 -5.74 8.41
C ILE C 767 -34.41 -6.82 8.57
N ALA C 768 -33.99 -8.05 8.86
CA ALA C 768 -34.94 -9.15 8.97
C ALA C 768 -35.87 -8.96 10.16
N VAL C 769 -35.33 -8.60 11.32
CA VAL C 769 -36.14 -8.34 12.50
C VAL C 769 -37.09 -7.17 12.26
N GLU C 770 -36.62 -6.13 11.56
CA GLU C 770 -37.46 -4.97 11.32
C GLU C 770 -38.64 -5.30 10.42
N GLN C 771 -38.45 -6.17 9.44
CA GLN C 771 -39.55 -6.56 8.56
C GLN C 771 -40.67 -7.23 9.34
N ASP C 772 -40.36 -7.89 10.45
CA ASP C 772 -41.42 -8.47 11.27
C ASP C 772 -42.18 -7.40 12.04
N LYS C 773 -41.47 -6.36 12.51
CA LYS C 773 -42.12 -5.30 13.24
C LYS C 773 -43.07 -4.48 12.38
N ASN C 774 -42.76 -4.33 11.08
CA ASN C 774 -43.63 -3.56 10.21
C ASN C 774 -45.01 -4.20 10.10
N THR C 775 -45.05 -5.53 9.91
CA THR C 775 -46.33 -6.23 9.80
C THR C 775 -47.07 -6.21 11.12
N GLN C 776 -46.35 -6.27 12.24
CA GLN C 776 -46.98 -6.26 13.55
C GLN C 776 -47.65 -4.92 13.83
N GLU C 777 -47.05 -3.82 13.35
CA GLU C 777 -47.59 -2.49 13.62
C GLU C 777 -48.84 -2.22 12.81
N VAL C 778 -48.86 -2.66 11.56
CA VAL C 778 -49.99 -2.36 10.69
C VAL C 778 -51.22 -3.16 11.11
N PHE C 779 -51.04 -4.45 11.40
CA PHE C 779 -52.15 -5.38 11.52
C PHE C 779 -52.54 -5.68 12.96
N ALA C 780 -51.57 -5.84 13.87
CA ALA C 780 -51.86 -6.19 15.25
C ALA C 780 -52.21 -4.94 16.06
N GLN C 781 -53.25 -4.25 15.61
CA GLN C 781 -53.74 -3.04 16.28
C GLN C 781 -55.00 -3.29 17.09
N VAL C 782 -55.47 -4.53 17.17
CA VAL C 782 -56.71 -4.89 17.86
C VAL C 782 -56.38 -5.89 18.97
N LYS C 783 -56.93 -5.64 20.17
CA LYS C 783 -56.61 -6.49 21.32
C LYS C 783 -57.34 -7.82 21.25
N GLN C 784 -58.60 -7.83 20.80
CA GLN C 784 -59.43 -9.02 20.84
C GLN C 784 -59.89 -9.40 19.44
N ILE C 785 -60.11 -10.69 19.24
CA ILE C 785 -60.52 -11.22 17.94
C ILE C 785 -62.05 -11.27 17.93
N TYR C 786 -62.67 -10.27 17.32
CA TYR C 786 -64.11 -10.22 17.21
C TYR C 786 -64.60 -11.17 16.11
N LYS C 787 -65.82 -11.68 16.30
CA LYS C 787 -66.47 -12.57 15.35
C LYS C 787 -67.76 -11.95 14.84
N THR C 788 -68.05 -12.15 13.57
CA THR C 788 -69.27 -11.65 12.96
C THR C 788 -70.46 -12.53 13.33
N PRO C 789 -71.67 -11.95 13.44
CA PRO C 789 -72.82 -12.76 13.87
C PRO C 789 -73.19 -13.76 12.80
N PRO C 790 -73.80 -14.88 13.18
CA PRO C 790 -74.21 -15.87 12.17
C PRO C 790 -75.22 -15.33 11.17
N ILE C 791 -76.11 -14.45 11.59
CA ILE C 791 -77.15 -13.91 10.71
C ILE C 791 -76.60 -12.62 10.11
N LYS C 792 -76.43 -12.60 8.79
CA LYS C 792 -75.81 -11.48 8.10
C LYS C 792 -76.89 -10.63 7.43
N TYR C 793 -77.58 -9.83 8.23
CA TYR C 793 -78.47 -8.79 7.71
C TYR C 793 -78.03 -7.48 8.35
N PHE C 794 -77.39 -6.63 7.57
CA PHE C 794 -76.85 -5.37 8.07
C PHE C 794 -77.63 -4.20 7.51
N GLY C 795 -78.94 -4.37 7.37
CA GLY C 795 -79.83 -3.31 6.95
C GLY C 795 -79.99 -3.17 5.45
N GLY C 796 -79.36 -4.04 4.66
CA GLY C 796 -79.41 -3.92 3.21
C GLY C 796 -78.06 -4.08 2.55
N PHE C 797 -77.03 -4.44 3.33
CA PHE C 797 -75.68 -4.62 2.80
C PHE C 797 -75.26 -6.07 3.00
N ASN C 798 -74.67 -6.67 1.97
CA ASN C 798 -74.00 -7.95 2.18
C ASN C 798 -72.65 -7.88 2.88
N PHE C 799 -71.68 -7.15 2.33
CA PHE C 799 -70.27 -7.25 2.72
C PHE C 799 -69.71 -8.62 2.39
N SER C 800 -70.43 -9.44 1.64
CA SER C 800 -70.05 -10.84 1.41
C SER C 800 -68.79 -10.96 0.57
N GLN C 801 -68.48 -9.96 -0.24
CA GLN C 801 -67.27 -9.98 -1.03
C GLN C 801 -66.03 -9.68 -0.21
N ILE C 802 -66.18 -9.20 1.02
CA ILE C 802 -65.02 -8.91 1.86
C ILE C 802 -65.00 -9.74 3.14
N LEU C 803 -66.12 -10.24 3.61
CA LEU C 803 -66.11 -11.09 4.79
C LEU C 803 -65.53 -12.46 4.43
N PRO C 804 -64.95 -13.17 5.40
CA PRO C 804 -64.32 -14.46 5.08
C PRO C 804 -65.32 -15.46 4.52
N ASP C 805 -64.86 -16.25 3.57
CA ASP C 805 -65.69 -17.28 2.97
C ASP C 805 -65.41 -18.60 3.67
N PRO C 806 -66.37 -19.19 4.38
CA PRO C 806 -66.04 -20.38 5.19
C PRO C 806 -65.90 -21.66 4.38
N SER C 807 -66.45 -21.71 3.17
CA SER C 807 -66.38 -22.92 2.37
C SER C 807 -64.94 -23.29 2.04
N LYS C 808 -64.15 -22.32 1.61
CA LYS C 808 -62.77 -22.58 1.25
C LYS C 808 -61.93 -22.86 2.49
N PRO C 809 -60.86 -23.67 2.37
CA PRO C 809 -60.01 -23.93 3.54
C PRO C 809 -58.96 -22.86 3.78
N SER C 810 -58.81 -21.90 2.88
CA SER C 810 -57.83 -20.83 3.04
C SER C 810 -58.34 -19.70 3.92
N LYS C 811 -59.64 -19.67 4.23
CA LYS C 811 -60.25 -18.68 5.11
C LYS C 811 -60.02 -17.26 4.60
N ARG C 812 -60.07 -17.09 3.29
CA ARG C 812 -59.85 -15.79 2.69
C ARG C 812 -61.12 -15.31 2.02
N SER C 813 -61.31 -13.98 2.01
CA SER C 813 -62.46 -13.40 1.34
C SER C 813 -62.32 -13.55 -0.16
N PRO C 814 -63.43 -13.46 -0.90
CA PRO C 814 -63.33 -13.52 -2.38
C PRO C 814 -62.40 -12.48 -2.97
N ILE C 815 -62.37 -11.27 -2.41
CA ILE C 815 -61.48 -10.23 -2.92
C ILE C 815 -60.02 -10.60 -2.63
N GLU C 816 -59.74 -11.16 -1.45
CA GLU C 816 -58.37 -11.57 -1.12
C GLU C 816 -57.87 -12.66 -2.05
N ASP C 817 -58.74 -13.57 -2.50
CA ASP C 817 -58.33 -14.62 -3.43
C ASP C 817 -57.85 -14.04 -4.76
N LEU C 818 -58.53 -13.01 -5.27
CA LEU C 818 -58.05 -12.35 -6.47
C LEU C 818 -56.66 -11.77 -6.26
N LEU C 819 -56.44 -11.15 -5.10
CA LEU C 819 -55.18 -10.48 -4.84
C LEU C 819 -54.02 -11.46 -4.76
N PHE C 820 -54.24 -12.63 -4.15
CA PHE C 820 -53.16 -13.61 -4.01
C PHE C 820 -52.82 -14.27 -5.34
N ASN C 821 -53.80 -14.38 -6.24
CA ASN C 821 -53.53 -15.04 -7.52
C ASN C 821 -52.72 -14.13 -8.44
N LYS C 822 -52.99 -12.82 -8.40
CA LYS C 822 -52.38 -11.89 -9.34
C LYS C 822 -50.90 -11.69 -9.08
N VAL C 823 -50.51 -11.61 -7.81
CA VAL C 823 -49.14 -11.34 -7.41
C VAL C 823 -48.41 -12.66 -7.22
N THR C 824 -47.31 -12.84 -7.95
CA THR C 824 -46.53 -14.07 -7.87
C THR C 824 -45.51 -14.01 -6.74
N ASP C 845 -35.52 -25.16 -11.03
CA ASP C 845 -35.87 -24.05 -10.16
C ASP C 845 -34.67 -23.17 -9.90
N LEU C 846 -34.92 -21.86 -9.78
CA LEU C 846 -33.85 -20.92 -9.52
C LEU C 846 -33.70 -20.60 -8.04
N ILE C 847 -34.71 -20.86 -7.23
CA ILE C 847 -34.57 -20.69 -5.79
C ILE C 847 -33.50 -21.63 -5.25
N CYS C 848 -33.49 -22.87 -5.74
CA CYS C 848 -32.44 -23.80 -5.35
C CYS C 848 -31.08 -23.36 -5.85
N ALA C 849 -31.03 -22.78 -7.05
CA ALA C 849 -29.76 -22.26 -7.58
C ALA C 849 -29.20 -21.16 -6.70
N GLN C 850 -30.07 -20.25 -6.23
CA GLN C 850 -29.61 -19.23 -5.28
C GLN C 850 -29.18 -19.87 -3.97
N LYS C 851 -29.94 -20.87 -3.51
CA LYS C 851 -29.62 -21.51 -2.25
C LYS C 851 -28.26 -22.18 -2.29
N PHE C 852 -27.94 -22.86 -3.40
CA PHE C 852 -26.66 -23.54 -3.54
C PHE C 852 -25.46 -22.60 -3.50
N LYS C 853 -25.68 -21.29 -3.67
CA LYS C 853 -24.60 -20.32 -3.65
C LYS C 853 -24.47 -19.62 -2.30
N GLY C 854 -25.17 -20.10 -1.28
CA GLY C 854 -25.08 -19.55 0.05
C GLY C 854 -26.10 -18.51 0.42
N LEU C 855 -27.07 -18.22 -0.46
CA LEU C 855 -28.05 -17.17 -0.26
C LEU C 855 -29.40 -17.81 0.02
N THR C 856 -29.98 -17.50 1.18
CA THR C 856 -31.20 -18.16 1.64
C THR C 856 -32.27 -17.13 1.97
N VAL C 857 -33.50 -17.63 2.13
CA VAL C 857 -34.65 -16.79 2.42
C VAL C 857 -35.30 -17.30 3.71
N LEU C 858 -35.52 -16.40 4.68
CA LEU C 858 -36.13 -16.84 5.92
C LEU C 858 -37.64 -16.61 5.90
N PRO C 859 -38.40 -17.46 6.58
CA PRO C 859 -39.87 -17.32 6.56
C PRO C 859 -40.31 -16.20 7.47
N PRO C 860 -41.36 -15.47 7.11
CA PRO C 860 -41.91 -14.46 8.02
C PRO C 860 -42.56 -15.08 9.25
N LEU C 861 -42.56 -14.31 10.35
CA LEU C 861 -43.09 -14.82 11.62
C LEU C 861 -44.59 -15.06 11.57
N LEU C 862 -45.34 -14.19 10.91
CA LEU C 862 -46.79 -14.28 10.85
C LEU C 862 -47.21 -14.88 9.51
N THR C 863 -47.86 -16.04 9.55
CA THR C 863 -48.28 -16.69 8.32
C THR C 863 -49.47 -15.95 7.72
N ASP C 864 -49.80 -16.33 6.48
CA ASP C 864 -50.92 -15.68 5.78
C ASP C 864 -52.24 -15.95 6.48
N GLU C 865 -52.36 -17.08 7.18
CA GLU C 865 -53.56 -17.35 7.94
C GLU C 865 -53.71 -16.40 9.13
N MET C 866 -52.61 -16.10 9.82
CA MET C 866 -52.69 -15.20 10.96
C MET C 866 -53.01 -13.78 10.52
N ILE C 867 -52.37 -13.32 9.44
CA ILE C 867 -52.67 -11.99 8.92
C ILE C 867 -54.12 -11.91 8.45
N ALA C 868 -54.64 -13.01 7.89
CA ALA C 868 -56.03 -13.00 7.45
C ALA C 868 -56.98 -12.98 8.64
N GLN C 869 -56.61 -13.63 9.74
CA GLN C 869 -57.42 -13.56 10.96
C GLN C 869 -57.46 -12.15 11.52
N TYR C 870 -56.33 -11.44 11.48
CA TYR C 870 -56.30 -10.06 11.93
C TYR C 870 -57.25 -9.20 11.11
N THR C 871 -57.27 -9.39 9.79
CA THR C 871 -58.13 -8.57 8.95
C THR C 871 -59.60 -8.87 9.21
N SER C 872 -59.93 -10.15 9.45
CA SER C 872 -61.31 -10.49 9.76
C SER C 872 -61.78 -9.82 11.05
N ALA C 873 -60.93 -9.84 12.08
CA ALA C 873 -61.28 -9.21 13.35
C ALA C 873 -61.46 -7.71 13.19
N LEU C 874 -60.59 -7.07 12.40
CA LEU C 874 -60.76 -5.65 12.11
C LEU C 874 -62.05 -5.39 11.35
N LEU C 875 -62.32 -6.21 10.32
CA LEU C 875 -63.56 -6.04 9.57
C LEU C 875 -64.78 -6.31 10.43
N ALA C 876 -64.74 -7.37 11.24
CA ALA C 876 -65.90 -7.72 12.04
C ALA C 876 -66.16 -6.68 13.12
N GLY C 877 -65.11 -6.09 13.68
CA GLY C 877 -65.28 -5.07 14.71
C GLY C 877 -65.93 -3.81 14.20
N THR C 878 -65.48 -3.30 13.05
CA THR C 878 -65.99 -2.04 12.52
C THR C 878 -67.41 -2.16 11.95
N ILE C 879 -67.86 -3.37 11.66
CA ILE C 879 -69.21 -3.53 11.12
C ILE C 879 -70.25 -3.54 12.22
N THR C 880 -69.99 -4.23 13.32
CA THR C 880 -70.95 -4.37 14.41
C THR C 880 -70.75 -3.37 15.53
N SER C 881 -69.71 -2.53 15.49
CA SER C 881 -69.48 -1.60 16.59
C SER C 881 -69.24 -0.18 16.12
N GLY C 882 -68.64 -0.01 14.95
CA GLY C 882 -68.28 1.30 14.46
C GLY C 882 -66.84 1.66 14.77
N TRP C 883 -66.63 2.89 15.28
CA TRP C 883 -65.33 3.34 15.77
C TRP C 883 -65.21 3.22 17.29
N THR C 884 -66.20 2.64 17.95
CA THR C 884 -66.16 2.52 19.40
C THR C 884 -65.21 1.43 19.88
N PHE C 885 -64.85 0.49 19.02
CA PHE C 885 -63.91 -0.55 19.44
C PHE C 885 -62.45 -0.10 19.38
N GLY C 886 -62.17 1.02 18.71
CA GLY C 886 -60.82 1.53 18.60
C GLY C 886 -60.41 2.51 19.67
N ALA C 887 -61.33 2.80 20.60
CA ALA C 887 -61.06 3.74 21.68
C ALA C 887 -61.61 3.23 23.01
N GLY C 888 -61.85 1.93 23.12
CA GLY C 888 -62.31 1.34 24.35
C GLY C 888 -62.98 0.01 24.15
N PRO C 889 -63.92 -0.32 25.02
CA PRO C 889 -64.76 -1.51 24.79
C PRO C 889 -65.60 -1.35 23.54
N ALA C 890 -65.86 -2.49 22.89
CA ALA C 890 -66.67 -2.52 21.68
C ALA C 890 -68.14 -2.40 22.05
N LEU C 891 -68.82 -1.44 21.43
CA LEU C 891 -70.23 -1.17 21.68
C LEU C 891 -71.02 -1.47 20.41
N GLN C 892 -71.98 -2.39 20.51
CA GLN C 892 -72.81 -2.72 19.36
C GLN C 892 -73.74 -1.57 19.01
N ILE C 893 -74.04 -1.46 17.71
CA ILE C 893 -74.94 -0.44 17.20
C ILE C 893 -75.45 -0.90 15.84
N PRO C 894 -76.74 -0.75 15.55
CA PRO C 894 -77.26 -1.16 14.24
C PRO C 894 -76.60 -0.39 13.10
N PHE C 895 -76.32 -1.10 12.01
CA PHE C 895 -75.58 -0.49 10.91
C PHE C 895 -76.29 0.70 10.28
N PRO C 896 -77.59 0.64 9.94
CA PRO C 896 -78.23 1.85 9.42
C PRO C 896 -78.12 3.03 10.37
N MET C 897 -78.19 2.78 11.68
CA MET C 897 -77.98 3.85 12.64
C MET C 897 -76.55 4.35 12.62
N GLN C 898 -75.58 3.46 12.39
CA GLN C 898 -74.19 3.87 12.37
C GLN C 898 -73.87 4.70 11.13
N MET C 899 -74.46 4.37 9.98
CA MET C 899 -74.23 5.13 8.77
C MET C 899 -74.86 6.53 8.80
N ALA C 900 -75.82 6.77 9.70
CA ALA C 900 -76.32 8.13 9.86
C ALA C 900 -75.39 9.00 10.69
N TYR C 901 -74.72 8.41 11.69
CA TYR C 901 -73.66 9.13 12.41
C TYR C 901 -72.57 9.60 11.45
N ARG C 902 -72.20 8.75 10.50
CA ARG C 902 -71.16 9.10 9.54
C ARG C 902 -71.64 10.15 8.55
N PHE C 903 -72.95 10.31 8.37
CA PHE C 903 -73.43 11.39 7.52
C PHE C 903 -73.35 12.74 8.21
N ASN C 904 -73.56 12.77 9.54
CA ASN C 904 -73.35 14.00 10.30
C ASN C 904 -71.88 14.40 10.29
N GLY C 905 -70.99 13.42 10.14
CA GLY C 905 -69.58 13.71 10.09
C GLY C 905 -69.21 14.55 8.89
N ILE C 906 -69.88 14.34 7.76
CA ILE C 906 -69.57 15.07 6.54
C ILE C 906 -70.49 16.26 6.33
N GLY C 907 -71.44 16.50 7.22
CA GLY C 907 -72.27 17.68 7.15
C GLY C 907 -73.66 17.49 6.59
N VAL C 908 -74.17 16.27 6.52
CA VAL C 908 -75.52 16.00 6.03
C VAL C 908 -76.35 15.46 7.19
N THR C 909 -77.61 15.90 7.27
CA THR C 909 -78.45 15.50 8.38
C THR C 909 -78.77 14.00 8.31
N GLN C 910 -79.26 13.47 9.42
CA GLN C 910 -79.59 12.04 9.49
C GLN C 910 -80.69 11.69 8.51
N ASN C 911 -81.72 12.53 8.40
CA ASN C 911 -82.91 12.18 7.64
C ASN C 911 -82.59 11.88 6.19
N VAL C 912 -81.49 12.42 5.67
CA VAL C 912 -81.13 12.15 4.28
C VAL C 912 -80.83 10.67 4.06
N LEU C 913 -80.17 10.03 5.03
CA LEU C 913 -79.90 8.60 4.90
C LEU C 913 -81.17 7.78 5.01
N TYR C 914 -81.97 8.03 6.06
CA TYR C 914 -83.10 7.15 6.35
C TYR C 914 -84.15 7.17 5.25
N GLU C 915 -84.43 8.35 4.70
CA GLU C 915 -85.43 8.46 3.65
C GLU C 915 -84.95 7.92 2.31
N ASN C 916 -83.64 7.66 2.19
CA ASN C 916 -83.05 7.13 0.96
C ASN C 916 -82.27 5.86 1.26
N GLN C 917 -82.66 5.13 2.32
CA GLN C 917 -81.84 4.01 2.78
C GLN C 917 -81.75 2.92 1.72
N LYS C 918 -82.87 2.59 1.07
CA LYS C 918 -82.87 1.49 0.11
C LYS C 918 -81.97 1.81 -1.08
N LEU C 919 -82.03 3.05 -1.58
CA LEU C 919 -81.17 3.45 -2.69
C LEU C 919 -79.70 3.45 -2.29
N ILE C 920 -79.38 3.91 -1.08
CA ILE C 920 -77.99 3.99 -0.66
C ILE C 920 -77.39 2.60 -0.52
N ALA C 921 -78.16 1.65 -0.02
CA ALA C 921 -77.66 0.27 0.07
C ALA C 921 -77.41 -0.33 -1.31
N ASN C 922 -78.19 0.07 -2.31
CA ASN C 922 -77.96 -0.42 -3.67
C ASN C 922 -76.69 0.17 -4.25
N GLN C 923 -76.47 1.47 -4.08
CA GLN C 923 -75.28 2.08 -4.65
C GLN C 923 -74.00 1.49 -4.05
N PHE C 924 -74.02 1.22 -2.74
CA PHE C 924 -72.85 0.63 -2.12
C PHE C 924 -72.54 -0.75 -2.70
N ASN C 925 -73.57 -1.57 -2.92
CA ASN C 925 -73.37 -2.95 -3.36
C ASN C 925 -72.86 -3.02 -4.80
N SER C 926 -73.38 -2.14 -5.68
CA SER C 926 -72.85 -2.06 -7.04
C SER C 926 -71.40 -1.61 -7.05
N ALA C 927 -71.06 -0.65 -6.19
CA ALA C 927 -69.67 -0.21 -6.10
C ALA C 927 -68.75 -1.35 -5.69
N ILE C 928 -69.19 -2.17 -4.72
CA ILE C 928 -68.39 -3.32 -4.31
C ILE C 928 -68.23 -4.33 -5.44
N GLY C 929 -69.30 -4.56 -6.21
CA GLY C 929 -69.24 -5.54 -7.28
C GLY C 929 -68.28 -5.20 -8.40
N LYS C 930 -67.97 -3.92 -8.57
CA LYS C 930 -67.04 -3.53 -9.61
C LYS C 930 -65.59 -3.69 -9.21
N ILE C 931 -65.30 -3.73 -7.91
CA ILE C 931 -63.92 -3.88 -7.44
C ILE C 931 -63.37 -5.25 -7.81
N GLN C 932 -64.21 -6.28 -7.67
CA GLN C 932 -63.82 -7.63 -8.08
C GLN C 932 -63.43 -7.67 -9.55
N ASP C 933 -64.13 -6.89 -10.39
CA ASP C 933 -63.80 -6.89 -11.81
C ASP C 933 -62.63 -5.98 -12.14
N SER C 934 -62.52 -4.83 -11.46
CA SER C 934 -61.52 -3.84 -11.82
C SER C 934 -60.10 -4.38 -11.65
N LEU C 935 -59.82 -5.02 -10.52
CA LEU C 935 -58.49 -5.54 -10.28
C LEU C 935 -58.20 -6.74 -11.19
N SER C 936 -59.23 -7.53 -11.48
CA SER C 936 -59.02 -8.73 -12.28
C SER C 936 -58.66 -8.37 -13.72
N SER C 937 -59.37 -7.40 -14.30
CA SER C 937 -59.15 -7.07 -15.71
C SER C 937 -57.89 -6.22 -15.90
N THR C 938 -57.68 -5.23 -15.06
CA THR C 938 -56.51 -4.38 -15.21
C THR C 938 -55.26 -5.16 -14.79
N PRO C 939 -54.25 -5.25 -15.65
CA PRO C 939 -53.07 -6.05 -15.29
C PRO C 939 -52.14 -5.36 -14.30
N SER C 940 -51.93 -4.04 -14.46
CA SER C 940 -50.98 -3.30 -13.66
C SER C 940 -51.64 -2.55 -12.50
N ALA C 941 -52.73 -3.10 -11.96
CA ALA C 941 -53.34 -2.49 -10.78
C ALA C 941 -52.49 -2.71 -9.53
N LEU C 942 -51.85 -3.88 -9.42
CA LEU C 942 -51.00 -4.21 -8.28
C LEU C 942 -49.53 -4.04 -8.62
N GLY C 943 -49.20 -3.02 -9.42
CA GLY C 943 -47.82 -2.81 -9.80
C GLY C 943 -46.91 -2.48 -8.64
N LYS C 944 -47.44 -1.80 -7.62
CA LYS C 944 -46.62 -1.43 -6.47
C LYS C 944 -46.12 -2.65 -5.72
N LEU C 945 -46.97 -3.65 -5.52
CA LEU C 945 -46.57 -4.84 -4.77
C LEU C 945 -45.69 -5.76 -5.59
N GLN C 946 -45.96 -5.86 -6.90
CA GLN C 946 -45.11 -6.65 -7.78
C GLN C 946 -43.71 -6.06 -7.89
N ASP C 947 -43.57 -4.75 -7.66
CA ASP C 947 -42.25 -4.13 -7.68
C ASP C 947 -41.38 -4.63 -6.52
N VAL C 948 -41.98 -4.88 -5.36
CA VAL C 948 -41.24 -5.42 -4.23
C VAL C 948 -40.68 -6.80 -4.57
N VAL C 949 -41.48 -7.64 -5.21
CA VAL C 949 -41.02 -8.97 -5.57
C VAL C 949 -39.90 -8.90 -6.60
N ASN C 950 -40.08 -8.06 -7.62
CA ASN C 950 -39.13 -8.03 -8.72
C ASN C 950 -37.77 -7.49 -8.28
N HIS C 951 -37.76 -6.44 -7.46
CA HIS C 951 -36.49 -5.87 -7.04
C HIS C 951 -35.68 -6.83 -6.18
N ASN C 952 -36.36 -7.62 -5.36
CA ASN C 952 -35.65 -8.59 -4.53
C ASN C 952 -35.01 -9.67 -5.38
N ALA C 953 -35.77 -10.23 -6.33
CA ALA C 953 -35.23 -11.29 -7.18
C ALA C 953 -34.13 -10.78 -8.09
N GLN C 954 -34.29 -9.57 -8.63
CA GLN C 954 -33.28 -9.03 -9.53
C GLN C 954 -31.96 -8.80 -8.79
N ALA C 955 -32.02 -8.38 -7.53
CA ALA C 955 -30.79 -8.20 -6.75
C ALA C 955 -30.09 -9.52 -6.52
N LEU C 956 -30.85 -10.59 -6.22
CA LEU C 956 -30.22 -11.87 -5.92
C LEU C 956 -29.66 -12.53 -7.17
N ASN C 957 -30.33 -12.37 -8.32
CA ASN C 957 -29.76 -12.84 -9.57
C ASN C 957 -28.46 -12.13 -9.88
N THR C 958 -28.42 -10.80 -9.69
CA THR C 958 -27.19 -10.06 -9.93
C THR C 958 -26.08 -10.52 -9.01
N LEU C 959 -26.40 -10.80 -7.75
CA LEU C 959 -25.39 -11.30 -6.82
C LEU C 959 -24.88 -12.67 -7.26
N VAL C 960 -25.77 -13.54 -7.71
CA VAL C 960 -25.37 -14.88 -8.15
C VAL C 960 -24.58 -14.79 -9.46
N LYS C 961 -25.12 -14.04 -10.43
CA LYS C 961 -24.52 -13.95 -11.76
C LYS C 961 -23.13 -13.31 -11.70
N GLN C 962 -22.86 -12.48 -10.70
CA GLN C 962 -21.59 -11.80 -10.56
C GLN C 962 -20.46 -12.71 -10.07
N LEU C 963 -20.69 -14.02 -10.02
CA LEU C 963 -19.68 -14.99 -9.64
C LEU C 963 -18.81 -15.44 -10.81
N SER C 964 -19.19 -15.12 -12.04
CA SER C 964 -18.39 -15.50 -13.21
C SER C 964 -17.35 -14.46 -13.58
N SER C 965 -17.39 -13.28 -12.96
CA SER C 965 -16.43 -12.22 -13.29
C SER C 965 -15.05 -12.60 -12.79
N LYS C 966 -14.04 -12.40 -13.64
CA LYS C 966 -12.66 -12.69 -13.27
C LYS C 966 -12.08 -11.62 -12.36
N PHE C 967 -12.58 -10.38 -12.46
CA PHE C 967 -12.02 -9.26 -11.71
C PHE C 967 -10.53 -9.12 -11.97
N GLY C 968 -10.15 -9.37 -13.22
CA GLY C 968 -8.77 -9.26 -13.66
C GLY C 968 -7.95 -10.53 -13.55
N ALA C 969 -8.49 -11.59 -12.97
CA ALA C 969 -7.75 -12.82 -12.79
C ALA C 969 -7.75 -13.63 -14.09
N ILE C 970 -7.03 -14.74 -14.07
CA ILE C 970 -6.94 -15.62 -15.23
C ILE C 970 -8.26 -16.35 -15.47
N SER C 971 -8.94 -16.74 -14.40
CA SER C 971 -10.22 -17.41 -14.53
C SER C 971 -11.08 -17.04 -13.33
N SER C 972 -12.29 -17.60 -13.31
CA SER C 972 -13.23 -17.35 -12.22
C SER C 972 -13.39 -18.55 -11.31
N VAL C 973 -12.52 -19.57 -11.43
CA VAL C 973 -12.65 -20.80 -10.66
C VAL C 973 -11.44 -20.89 -9.73
N LEU C 974 -11.72 -21.02 -8.43
CA LEU C 974 -10.64 -21.09 -7.45
C LEU C 974 -9.86 -22.40 -7.56
N ASN C 975 -10.56 -23.51 -7.80
CA ASN C 975 -9.89 -24.81 -7.85
C ASN C 975 -8.91 -24.89 -9.01
N ASP C 976 -9.27 -24.30 -10.14
CA ASP C 976 -8.36 -24.32 -11.29
C ASP C 976 -7.10 -23.51 -11.00
N ILE C 977 -7.26 -22.37 -10.33
CA ILE C 977 -6.12 -21.51 -10.02
C ILE C 977 -5.10 -22.23 -9.12
N PHE C 978 -5.58 -22.99 -8.15
CA PHE C 978 -4.67 -23.63 -7.21
C PHE C 978 -3.96 -24.82 -7.82
N SER C 979 -4.66 -25.60 -8.65
CA SER C 979 -4.06 -26.80 -9.24
C SER C 979 -3.03 -26.47 -10.31
N ARG C 980 -3.18 -25.35 -11.01
CA ARG C 980 -2.31 -25.05 -12.14
C ARG C 980 -1.15 -24.12 -11.79
N LEU C 981 -1.10 -23.60 -10.56
CA LEU C 981 -0.12 -22.60 -10.18
C LEU C 981 0.57 -23.00 -8.87
N ASP C 982 1.73 -22.41 -8.65
CA ASP C 982 2.48 -22.54 -7.42
C ASP C 982 1.84 -21.62 -6.37
N PRO C 983 1.93 -21.94 -5.08
CA PRO C 983 1.21 -21.15 -4.04
C PRO C 983 1.48 -19.65 -4.10
N PRO C 984 2.75 -19.20 -4.15
CA PRO C 984 2.97 -17.75 -4.07
C PRO C 984 2.40 -16.97 -5.24
N GLU C 985 2.29 -17.58 -6.42
CA GLU C 985 1.63 -16.94 -7.54
C GLU C 985 0.13 -17.21 -7.59
N ALA C 986 -0.36 -18.17 -6.81
CA ALA C 986 -1.79 -18.39 -6.69
C ALA C 986 -2.45 -17.32 -5.82
N GLU C 987 -1.77 -16.90 -4.74
CA GLU C 987 -2.34 -15.91 -3.84
C GLU C 987 -2.60 -14.59 -4.53
N VAL C 988 -1.74 -14.22 -5.49
CA VAL C 988 -1.96 -12.98 -6.25
C VAL C 988 -3.24 -13.07 -7.06
N GLN C 989 -3.46 -14.22 -7.72
CA GLN C 989 -4.60 -14.36 -8.59
C GLN C 989 -5.91 -14.40 -7.80
N ILE C 990 -5.92 -15.09 -6.66
CA ILE C 990 -7.15 -15.20 -5.89
C ILE C 990 -7.44 -13.95 -5.06
N ASP C 991 -6.45 -13.09 -4.81
CA ASP C 991 -6.71 -11.87 -4.06
C ASP C 991 -7.65 -10.95 -4.82
N ARG C 992 -7.53 -10.90 -6.14
CA ARG C 992 -8.46 -10.13 -6.96
C ARG C 992 -9.87 -10.69 -6.86
N LEU C 993 -9.99 -12.02 -6.83
CA LEU C 993 -11.31 -12.64 -6.73
C LEU C 993 -11.95 -12.36 -5.38
N ILE C 994 -11.19 -12.55 -4.29
CA ILE C 994 -11.75 -12.34 -2.96
C ILE C 994 -12.13 -10.88 -2.76
N THR C 995 -11.24 -9.95 -3.15
CA THR C 995 -11.54 -8.53 -3.04
C THR C 995 -12.72 -8.15 -3.93
N GLY C 996 -12.76 -8.68 -5.15
CA GLY C 996 -13.88 -8.40 -6.04
C GLY C 996 -15.21 -8.89 -5.50
N ARG C 997 -15.22 -10.09 -4.91
CA ARG C 997 -16.47 -10.63 -4.39
C ARG C 997 -16.87 -9.97 -3.07
N LEU C 998 -15.91 -9.56 -2.24
CA LEU C 998 -16.26 -8.82 -1.04
C LEU C 998 -16.93 -7.50 -1.39
N GLN C 999 -16.50 -6.87 -2.48
CA GLN C 999 -17.12 -5.63 -2.93
C GLN C 999 -18.57 -5.87 -3.36
N SER C 1000 -18.83 -7.00 -4.01
CA SER C 1000 -20.20 -7.31 -4.43
C SER C 1000 -21.13 -7.44 -3.24
N LEU C 1001 -20.68 -8.11 -2.17
CA LEU C 1001 -21.53 -8.29 -1.00
C LEU C 1001 -21.76 -6.98 -0.28
N GLN C 1002 -20.73 -6.13 -0.18
CA GLN C 1002 -20.90 -4.83 0.46
C GLN C 1002 -21.91 -3.96 -0.29
N THR C 1003 -21.81 -3.93 -1.62
CA THR C 1003 -22.77 -3.16 -2.40
C THR C 1003 -24.18 -3.71 -2.21
N TYR C 1004 -24.31 -5.04 -2.19
CA TYR C 1004 -25.62 -5.65 -2.01
C TYR C 1004 -26.23 -5.29 -0.66
N VAL C 1005 -25.43 -5.33 0.41
CA VAL C 1005 -25.97 -4.99 1.72
C VAL C 1005 -26.30 -3.51 1.81
N THR C 1006 -25.52 -2.65 1.16
CA THR C 1006 -25.79 -1.21 1.19
C THR C 1006 -27.11 -0.88 0.50
N GLN C 1007 -27.37 -1.50 -0.65
CA GLN C 1007 -28.64 -1.28 -1.35
C GLN C 1007 -29.81 -1.78 -0.50
N GLN C 1008 -29.61 -2.88 0.23
CA GLN C 1008 -30.68 -3.43 1.07
C GLN C 1008 -31.09 -2.45 2.16
N LEU C 1009 -30.11 -1.77 2.76
CA LEU C 1009 -30.39 -0.80 3.82
C LEU C 1009 -31.19 0.38 3.29
N ILE C 1010 -30.88 0.81 2.07
CA ILE C 1010 -31.62 1.92 1.45
C ILE C 1010 -33.03 1.48 1.08
N ARG C 1011 -33.18 0.26 0.57
CA ARG C 1011 -34.53 -0.24 0.27
C ARG C 1011 -35.35 -0.43 1.52
N ALA C 1012 -34.73 -0.92 2.60
CA ALA C 1012 -35.47 -1.18 3.83
C ALA C 1012 -35.99 0.11 4.44
N ALA C 1013 -35.29 1.22 4.22
CA ALA C 1013 -35.74 2.52 4.73
C ALA C 1013 -36.98 3.00 3.99
N GLU C 1014 -37.01 2.78 2.67
CA GLU C 1014 -38.18 3.17 1.89
C GLU C 1014 -39.40 2.34 2.26
N ILE C 1015 -39.21 1.04 2.51
CA ILE C 1015 -40.32 0.18 2.91
C ILE C 1015 -40.85 0.60 4.28
N ARG C 1016 -39.94 0.93 5.21
CA ARG C 1016 -40.38 1.32 6.56
C ARG C 1016 -41.25 2.56 6.52
N ALA C 1017 -40.92 3.51 5.65
CA ALA C 1017 -41.73 4.71 5.51
C ALA C 1017 -43.14 4.37 5.02
N SER C 1018 -43.24 3.46 4.05
CA SER C 1018 -44.55 3.01 3.58
C SER C 1018 -45.30 2.23 4.64
N ALA C 1019 -44.58 1.46 5.46
CA ALA C 1019 -45.23 0.74 6.54
C ALA C 1019 -45.79 1.68 7.59
N ASN C 1020 -45.06 2.77 7.88
CA ASN C 1020 -45.56 3.76 8.83
C ASN C 1020 -46.82 4.44 8.32
N LEU C 1021 -46.88 4.70 7.01
CA LEU C 1021 -48.08 5.31 6.44
C LEU C 1021 -49.26 4.35 6.46
N ALA C 1022 -49.00 3.06 6.23
CA ALA C 1022 -50.07 2.07 6.29
C ALA C 1022 -50.61 1.92 7.70
N ALA C 1023 -49.73 1.96 8.70
CA ALA C 1023 -50.18 1.91 10.09
C ALA C 1023 -51.03 3.13 10.45
N THR C 1024 -50.65 4.30 9.94
CA THR C 1024 -51.43 5.50 10.20
C THR C 1024 -52.80 5.42 9.55
N LYS C 1025 -52.86 4.99 8.29
CA LYS C 1025 -54.14 4.89 7.58
C LYS C 1025 -55.07 3.90 8.25
N MET C 1026 -54.51 2.83 8.83
CA MET C 1026 -55.33 1.87 9.55
C MET C 1026 -55.96 2.49 10.79
N SER C 1027 -55.21 3.30 11.51
CA SER C 1027 -55.72 3.89 12.74
C SER C 1027 -56.74 4.98 12.46
N GLU C 1028 -56.59 5.69 11.35
CA GLU C 1028 -57.40 6.87 11.08
C GLU C 1028 -58.56 6.59 10.14
N CYS C 1029 -58.29 5.97 8.99
CA CYS C 1029 -59.35 5.66 8.04
C CYS C 1029 -60.23 4.50 8.51
N VAL C 1030 -59.62 3.44 9.02
CA VAL C 1030 -60.35 2.21 9.35
C VAL C 1030 -60.94 2.28 10.75
N LEU C 1031 -60.20 2.78 11.71
CA LEU C 1031 -60.63 2.83 13.10
C LEU C 1031 -61.38 4.12 13.44
N GLY C 1032 -61.60 5.00 12.48
CA GLY C 1032 -62.33 6.22 12.72
C GLY C 1032 -62.77 6.85 11.42
N GLN C 1033 -63.25 8.09 11.52
CA GLN C 1033 -63.64 8.87 10.35
C GLN C 1033 -62.71 10.07 10.24
N SER C 1034 -62.21 10.32 9.04
CA SER C 1034 -61.14 11.29 8.82
C SER C 1034 -61.67 12.53 8.11
N LYS C 1035 -61.28 13.70 8.61
CA LYS C 1035 -61.62 14.98 8.02
C LYS C 1035 -60.52 15.52 7.10
N ARG C 1036 -59.39 14.82 6.99
CA ARG C 1036 -58.30 15.28 6.17
C ARG C 1036 -58.61 15.02 4.70
N VAL C 1037 -58.41 16.03 3.85
CA VAL C 1037 -58.79 15.90 2.46
C VAL C 1037 -57.83 14.96 1.74
N ASP C 1038 -58.39 14.04 0.96
CA ASP C 1038 -57.67 13.10 0.11
C ASP C 1038 -56.79 12.13 0.88
N PHE C 1039 -56.89 12.09 2.21
CA PHE C 1039 -56.16 11.09 2.97
C PHE C 1039 -56.80 9.71 2.83
N CYS C 1040 -58.13 9.64 2.95
CA CYS C 1040 -58.85 8.37 2.82
C CYS C 1040 -59.85 8.55 1.67
N GLY C 1041 -59.37 8.31 0.44
CA GLY C 1041 -60.22 8.38 -0.73
C GLY C 1041 -60.33 9.77 -1.33
N LYS C 1042 -60.98 9.81 -2.49
CA LYS C 1042 -61.24 11.04 -3.25
C LYS C 1042 -62.70 11.41 -3.04
N GLY C 1043 -62.96 12.33 -2.12
CA GLY C 1043 -64.30 12.74 -1.76
C GLY C 1043 -64.43 12.86 -0.26
N TYR C 1044 -65.67 12.88 0.23
CA TYR C 1044 -65.93 12.93 1.66
C TYR C 1044 -65.90 11.51 2.22
N HIS C 1045 -64.93 11.25 3.10
CA HIS C 1045 -64.73 9.92 3.64
C HIS C 1045 -65.90 9.47 4.51
N LEU C 1046 -66.30 8.22 4.35
CA LEU C 1046 -67.29 7.59 5.23
C LEU C 1046 -66.69 6.50 6.09
N MET C 1047 -66.03 5.51 5.49
CA MET C 1047 -65.42 4.40 6.23
C MET C 1047 -64.50 3.65 5.29
N SER C 1048 -63.71 2.75 5.85
CA SER C 1048 -62.74 2.00 5.06
C SER C 1048 -62.69 0.57 5.56
N PHE C 1049 -62.22 -0.32 4.68
CA PHE C 1049 -62.10 -1.74 4.92
C PHE C 1049 -60.70 -2.21 4.51
N PRO C 1050 -60.03 -2.99 5.35
CA PRO C 1050 -58.73 -3.54 4.97
C PRO C 1050 -58.82 -4.90 4.30
N GLN C 1051 -57.85 -5.15 3.42
CA GLN C 1051 -57.66 -6.47 2.84
C GLN C 1051 -56.16 -6.76 2.78
N SER C 1052 -55.81 -8.02 3.03
CA SER C 1052 -54.41 -8.43 3.08
C SER C 1052 -53.94 -8.91 1.71
N ALA C 1053 -52.79 -8.43 1.30
CA ALA C 1053 -52.14 -8.77 0.04
C ALA C 1053 -50.72 -9.22 0.32
N PRO C 1054 -50.13 -10.02 -0.56
CA PRO C 1054 -48.74 -10.47 -0.35
C PRO C 1054 -47.79 -9.30 -0.20
N HIS C 1055 -47.19 -9.18 0.98
CA HIS C 1055 -46.18 -8.15 1.28
C HIS C 1055 -46.79 -6.75 1.24
N GLY C 1056 -48.03 -6.60 1.70
CA GLY C 1056 -48.69 -5.32 1.63
C GLY C 1056 -50.09 -5.40 2.20
N VAL C 1057 -50.82 -4.29 2.02
CA VAL C 1057 -52.21 -4.19 2.44
C VAL C 1057 -52.99 -3.39 1.40
N VAL C 1058 -54.30 -3.62 1.34
CA VAL C 1058 -55.18 -2.97 0.38
C VAL C 1058 -56.37 -2.38 1.13
N PHE C 1059 -56.64 -1.10 0.90
CA PHE C 1059 -57.74 -0.40 1.55
C PHE C 1059 -58.84 -0.10 0.55
N LEU C 1060 -60.09 -0.35 0.94
CA LEU C 1060 -61.26 0.00 0.15
C LEU C 1060 -61.92 1.22 0.81
N HIS C 1061 -61.75 2.39 0.20
CA HIS C 1061 -62.29 3.63 0.74
C HIS C 1061 -63.70 3.87 0.20
N VAL C 1062 -64.64 4.11 1.12
CA VAL C 1062 -66.02 4.43 0.78
C VAL C 1062 -66.22 5.92 1.00
N THR C 1063 -66.60 6.63 -0.07
CA THR C 1063 -66.68 8.08 -0.04
C THR C 1063 -68.02 8.55 -0.59
N TYR C 1064 -68.41 9.75 -0.20
CA TYR C 1064 -69.68 10.36 -0.58
C TYR C 1064 -69.35 11.49 -1.56
N VAL C 1065 -69.94 11.42 -2.76
CA VAL C 1065 -69.62 12.37 -3.83
C VAL C 1065 -70.92 13.01 -4.30
N PRO C 1066 -71.02 14.33 -4.29
CA PRO C 1066 -72.24 15.00 -4.77
C PRO C 1066 -72.38 14.90 -6.28
N ALA C 1067 -73.62 15.04 -6.74
CA ALA C 1067 -73.92 15.00 -8.16
C ALA C 1067 -75.21 15.74 -8.44
N GLN C 1068 -75.39 16.14 -9.70
CA GLN C 1068 -76.62 16.78 -10.18
C GLN C 1068 -76.90 18.09 -9.45
N GLU C 1069 -76.05 19.08 -9.70
CA GLU C 1069 -76.16 20.39 -9.07
C GLU C 1069 -77.17 21.27 -9.80
N LYS C 1070 -77.55 22.38 -9.16
CA LYS C 1070 -78.53 23.30 -9.71
C LYS C 1070 -78.11 24.73 -9.43
N ASN C 1071 -78.54 25.63 -10.30
CA ASN C 1071 -78.26 27.05 -10.17
C ASN C 1071 -79.22 27.68 -9.18
N PHE C 1072 -78.72 28.60 -8.38
CA PHE C 1072 -79.56 29.32 -7.43
C PHE C 1072 -79.01 30.73 -7.24
N THR C 1073 -79.89 31.60 -6.75
CA THR C 1073 -79.53 32.97 -6.40
C THR C 1073 -79.51 33.10 -4.88
N THR C 1074 -78.44 33.69 -4.35
CA THR C 1074 -78.17 33.66 -2.93
C THR C 1074 -77.87 35.06 -2.41
N ALA C 1075 -78.07 35.22 -1.11
CA ALA C 1075 -77.90 36.47 -0.40
C ALA C 1075 -77.22 36.18 0.93
N PRO C 1076 -76.39 37.11 1.43
CA PRO C 1076 -75.69 36.86 2.69
C PRO C 1076 -76.57 36.98 3.92
N ALA C 1077 -77.66 37.74 3.82
CA ALA C 1077 -78.51 38.00 4.96
C ALA C 1077 -79.90 38.33 4.46
N ILE C 1078 -80.86 38.36 5.39
CA ILE C 1078 -82.25 38.72 5.09
C ILE C 1078 -82.66 39.82 6.05
N CYS C 1079 -83.22 40.90 5.53
CA CYS C 1079 -83.65 42.02 6.34
C CYS C 1079 -85.13 41.88 6.67
N HIS C 1080 -85.47 42.06 7.94
CA HIS C 1080 -86.87 42.03 8.38
C HIS C 1080 -86.98 42.86 9.66
N ASP C 1081 -87.94 43.78 9.67
CA ASP C 1081 -88.19 44.64 10.84
C ASP C 1081 -86.97 45.47 11.21
N GLY C 1082 -86.15 45.82 10.21
CA GLY C 1082 -84.95 46.58 10.48
C GLY C 1082 -83.84 45.82 11.15
N LYS C 1083 -83.90 44.49 11.13
CA LYS C 1083 -82.88 43.65 11.74
C LYS C 1083 -82.38 42.64 10.73
N ALA C 1084 -81.09 42.35 10.83
CA ALA C 1084 -80.42 41.45 9.90
C ALA C 1084 -80.39 40.04 10.49
N HIS C 1085 -80.81 39.07 9.70
CA HIS C 1085 -80.87 37.69 10.12
C HIS C 1085 -79.87 36.88 9.31
N PHE C 1086 -79.10 36.04 9.98
CA PHE C 1086 -78.17 35.17 9.31
C PHE C 1086 -78.56 33.72 9.53
N PRO C 1087 -78.28 32.82 8.59
CA PRO C 1087 -78.61 31.41 8.80
C PRO C 1087 -77.79 30.80 9.93
N ARG C 1088 -78.41 29.84 10.63
CA ARG C 1088 -77.72 29.15 11.72
C ARG C 1088 -76.76 28.09 11.20
N GLU C 1089 -77.25 27.19 10.35
CA GLU C 1089 -76.37 26.16 9.78
C GLU C 1089 -76.60 25.96 8.30
N GLY C 1090 -77.24 26.90 7.62
CA GLY C 1090 -77.47 26.75 6.19
C GLY C 1090 -77.12 27.96 5.35
N VAL C 1091 -77.71 28.04 4.15
CA VAL C 1091 -77.46 29.13 3.21
C VAL C 1091 -78.80 29.55 2.61
N PHE C 1092 -78.97 30.86 2.41
CA PHE C 1092 -80.18 31.38 1.81
C PHE C 1092 -80.14 31.19 0.29
N VAL C 1093 -81.24 30.69 -0.28
CA VAL C 1093 -81.37 30.43 -1.70
C VAL C 1093 -82.75 30.88 -2.16
N SER C 1094 -82.90 31.04 -3.47
CA SER C 1094 -84.13 31.48 -4.10
C SER C 1094 -84.25 30.86 -5.48
N ASN C 1095 -85.42 30.35 -5.83
CA ASN C 1095 -85.59 29.79 -7.18
C ASN C 1095 -86.02 30.83 -8.19
N GLY C 1096 -86.20 32.08 -7.75
CA GLY C 1096 -86.69 33.12 -8.63
C GLY C 1096 -87.84 33.91 -8.04
N THR C 1097 -88.66 33.29 -7.20
CA THR C 1097 -89.84 33.93 -6.63
C THR C 1097 -89.84 33.95 -5.11
N HIS C 1098 -89.42 32.87 -4.47
CA HIS C 1098 -89.43 32.74 -3.02
C HIS C 1098 -88.02 32.50 -2.48
N TRP C 1099 -87.87 32.74 -1.18
CA TRP C 1099 -86.60 32.58 -0.48
C TRP C 1099 -86.70 31.46 0.53
N PHE C 1100 -85.69 30.59 0.54
CA PHE C 1100 -85.60 29.45 1.43
C PHE C 1100 -84.25 29.44 2.13
N VAL C 1101 -84.13 28.57 3.12
CA VAL C 1101 -82.87 28.26 3.79
C VAL C 1101 -82.67 26.75 3.73
N THR C 1102 -81.48 26.33 3.29
CA THR C 1102 -81.20 24.93 3.00
C THR C 1102 -79.81 24.57 3.48
N GLN C 1103 -79.60 23.27 3.71
CA GLN C 1103 -78.26 22.81 4.05
C GLN C 1103 -77.36 22.90 2.84
N ARG C 1104 -76.06 23.00 3.10
CA ARG C 1104 -75.13 23.36 2.04
C ARG C 1104 -74.86 22.21 1.08
N ASN C 1105 -74.73 21.00 1.62
CA ASN C 1105 -74.33 19.83 0.86
C ASN C 1105 -75.49 19.12 0.18
N PHE C 1106 -76.71 19.56 0.40
CA PHE C 1106 -77.86 18.87 -0.17
C PHE C 1106 -79.01 19.85 -0.26
N TYR C 1107 -79.79 19.75 -1.34
CA TYR C 1107 -80.90 20.66 -1.55
C TYR C 1107 -82.11 20.19 -0.76
N GLU C 1108 -82.49 20.93 0.27
CA GLU C 1108 -83.70 20.67 1.05
C GLU C 1108 -84.24 22.00 1.54
N PRO C 1109 -85.00 22.70 0.70
CA PRO C 1109 -85.47 24.03 1.08
C PRO C 1109 -86.45 23.97 2.24
N GLN C 1110 -86.45 25.06 3.03
CA GLN C 1110 -87.36 25.21 4.15
C GLN C 1110 -87.68 26.70 4.31
N ILE C 1111 -88.84 26.97 4.92
CA ILE C 1111 -89.27 28.33 5.16
C ILE C 1111 -88.40 28.98 6.22
N ILE C 1112 -88.05 30.25 6.00
CA ILE C 1112 -87.14 30.96 6.89
C ILE C 1112 -87.92 31.43 8.12
N THR C 1113 -87.66 30.81 9.26
CA THR C 1113 -88.33 31.15 10.50
C THR C 1113 -87.32 31.76 11.48
N THR C 1114 -87.78 32.02 12.69
CA THR C 1114 -86.91 32.51 13.75
C THR C 1114 -86.21 31.38 14.50
N ASP C 1115 -86.47 30.14 14.11
CA ASP C 1115 -85.84 28.99 14.75
C ASP C 1115 -84.49 28.67 14.11
N ASN C 1116 -84.36 28.80 12.79
CA ASN C 1116 -83.14 28.39 12.10
C ASN C 1116 -82.27 29.59 11.72
N THR C 1117 -82.58 30.76 12.25
CA THR C 1117 -81.85 31.99 11.96
C THR C 1117 -81.63 32.76 13.26
N PHE C 1118 -80.58 33.58 13.26
CA PHE C 1118 -80.26 34.42 14.41
C PHE C 1118 -80.04 35.86 13.96
N VAL C 1119 -80.41 36.80 14.82
CA VAL C 1119 -80.38 38.22 14.52
C VAL C 1119 -79.08 38.82 15.03
N SER C 1120 -78.52 39.75 14.26
CA SER C 1120 -77.29 40.42 14.69
C SER C 1120 -77.22 41.77 13.99
N GLY C 1121 -77.44 42.85 14.75
CA GLY C 1121 -77.25 44.19 14.21
C GLY C 1121 -78.49 44.72 13.52
N ASN C 1122 -78.26 45.63 12.58
CA ASN C 1122 -79.32 46.28 11.83
C ASN C 1122 -79.14 46.04 10.34
N CYS C 1123 -79.95 46.73 9.53
CA CYS C 1123 -80.11 46.42 8.12
C CYS C 1123 -79.36 47.39 7.21
N ASP C 1124 -78.16 47.85 7.56
CA ASP C 1124 -77.39 48.68 6.64
C ASP C 1124 -75.91 48.33 6.54
N VAL C 1125 -75.32 47.66 7.52
CA VAL C 1125 -73.90 47.31 7.44
C VAL C 1125 -73.66 46.24 6.39
N VAL C 1126 -74.52 45.24 6.31
CA VAL C 1126 -74.29 44.11 5.41
C VAL C 1126 -74.44 44.54 3.96
N ILE C 1127 -73.44 44.24 3.15
CA ILE C 1127 -73.50 44.53 1.72
C ILE C 1127 -74.17 43.34 1.04
N GLY C 1128 -75.41 43.54 0.57
CA GLY C 1128 -76.15 42.50 -0.12
C GLY C 1128 -77.39 41.99 0.58
N ILE C 1129 -77.88 42.69 1.61
CA ILE C 1129 -79.06 42.23 2.33
C ILE C 1129 -80.29 42.35 1.43
N VAL C 1130 -81.31 41.56 1.77
CA VAL C 1130 -82.50 41.44 0.95
C VAL C 1130 -83.74 41.52 1.85
N ASN C 1131 -84.73 42.29 1.43
CA ASN C 1131 -86.02 42.27 2.13
C ASN C 1131 -86.76 40.96 1.89
N ASN C 1132 -87.30 40.41 2.98
CA ASN C 1132 -88.17 39.25 2.96
C ASN C 1132 -88.92 39.21 4.27
N THR C 1133 -89.71 38.16 4.45
CA THR C 1133 -90.45 37.94 5.68
C THR C 1133 -89.85 36.76 6.42
N VAL C 1134 -89.65 36.92 7.71
CA VAL C 1134 -89.17 35.83 8.56
C VAL C 1134 -90.34 35.38 9.40
N TYR C 1135 -90.86 34.20 9.09
CA TYR C 1135 -92.05 33.67 9.75
C TYR C 1135 -91.80 33.51 11.25
N ASP C 1136 -92.81 33.87 12.04
CA ASP C 1136 -92.74 33.72 13.48
C ASP C 1136 -93.67 32.60 13.91
N PRO C 1137 -93.17 31.48 14.45
CA PRO C 1137 -94.08 30.39 14.84
C PRO C 1137 -94.99 30.72 16.00
N LEU C 1138 -94.55 31.59 16.92
CA LEU C 1138 -95.34 31.85 18.13
C LEU C 1138 -96.66 32.53 17.81
N GLN C 1139 -96.66 33.46 16.85
CA GLN C 1139 -97.80 34.35 16.64
C GLN C 1139 -99.06 33.64 16.14
N PRO C 1140 -99.02 32.81 15.10
CA PRO C 1140 -100.29 32.33 14.51
C PRO C 1140 -101.09 31.44 15.43
N GLU C 1141 -100.44 30.53 16.16
CA GLU C 1141 -101.16 29.67 17.10
C GLU C 1141 -101.70 30.48 18.28
N LEU C 1142 -101.01 31.57 18.65
CA LEU C 1142 -101.51 32.41 19.74
C LEU C 1142 -102.82 33.08 19.38
N ASP C 1143 -102.99 33.42 18.10
CA ASP C 1143 -104.19 34.07 17.62
C ASP C 1143 -105.37 33.11 17.51
N SER C 1144 -105.14 31.80 17.63
CA SER C 1144 -106.20 30.79 17.57
C SER C 1144 -106.94 30.67 18.90
N SER D 19 57.65 -42.92 -6.36
CA SER D 19 57.83 -42.77 -7.80
C SER D 19 58.94 -41.76 -8.09
N THR D 20 58.58 -40.48 -8.08
CA THR D 20 59.55 -39.43 -8.34
C THR D 20 60.56 -39.34 -7.21
N THR D 21 61.84 -39.33 -7.57
CA THR D 21 62.91 -39.26 -6.58
C THR D 21 63.14 -37.85 -6.09
N GLU D 22 62.43 -36.86 -6.63
CA GLU D 22 62.63 -35.48 -6.22
C GLU D 22 62.18 -35.26 -4.78
N GLU D 23 61.16 -35.99 -4.33
CA GLU D 23 60.67 -35.80 -2.97
C GLU D 23 61.72 -36.20 -1.94
N GLN D 24 62.61 -37.13 -2.29
CA GLN D 24 63.74 -37.40 -1.40
C GLN D 24 64.68 -36.21 -1.33
N ALA D 25 64.94 -35.56 -2.47
CA ALA D 25 65.79 -34.37 -2.46
C ALA D 25 65.15 -33.22 -1.70
N LYS D 26 63.85 -33.01 -1.91
CA LYS D 26 63.17 -31.90 -1.24
C LYS D 26 63.15 -32.08 0.27
N THR D 27 62.91 -33.31 0.73
CA THR D 27 62.85 -33.57 2.17
C THR D 27 64.18 -33.34 2.86
N PHE D 28 65.28 -33.71 2.20
CA PHE D 28 66.60 -33.50 2.81
C PHE D 28 66.93 -32.02 2.93
N LEU D 29 66.58 -31.22 1.92
CA LEU D 29 67.00 -29.83 1.86
C LEU D 29 66.47 -29.03 3.04
N GLU D 30 65.19 -29.21 3.38
CA GLU D 30 64.59 -28.43 4.45
C GLU D 30 65.09 -28.88 5.81
N LYS D 31 65.19 -30.19 6.02
CA LYS D 31 65.61 -30.72 7.32
C LYS D 31 67.04 -30.31 7.67
N PHE D 32 67.94 -30.36 6.70
CA PHE D 32 69.33 -29.97 6.95
C PHE D 32 69.42 -28.50 7.33
N ASN D 33 68.70 -27.64 6.62
CA ASN D 33 68.83 -26.20 6.85
C ASN D 33 68.36 -25.82 8.24
N HIS D 34 67.27 -26.43 8.72
CA HIS D 34 66.65 -26.00 9.97
C HIS D 34 67.59 -26.17 11.16
N GLU D 35 68.28 -27.31 11.24
CA GLU D 35 69.21 -27.53 12.33
C GLU D 35 70.51 -26.75 12.13
N ALA D 36 70.97 -26.65 10.89
CA ALA D 36 72.27 -26.02 10.62
C ALA D 36 72.27 -24.55 11.03
N GLU D 37 71.23 -23.80 10.65
CA GLU D 37 71.18 -22.39 11.00
C GLU D 37 71.03 -22.18 12.50
N ASP D 38 70.29 -23.07 13.18
CA ASP D 38 70.24 -23.05 14.63
C ASP D 38 71.62 -23.30 15.22
N LEU D 39 72.34 -24.29 14.70
CA LEU D 39 73.72 -24.52 15.15
C LEU D 39 74.66 -23.43 14.68
N SER D 40 74.37 -22.83 13.52
CA SER D 40 75.18 -21.71 13.04
C SER D 40 75.11 -20.52 13.99
N TYR D 41 73.91 -20.23 14.51
CA TYR D 41 73.78 -19.19 15.52
C TYR D 41 74.52 -19.58 16.80
N GLN D 42 74.32 -20.82 17.26
CA GLN D 42 74.91 -21.26 18.52
C GLN D 42 76.44 -21.32 18.43
N SER D 43 76.98 -21.88 17.35
CA SER D 43 78.43 -21.93 17.20
C SER D 43 79.04 -20.54 17.15
N SER D 44 78.33 -19.59 16.54
CA SER D 44 78.87 -18.25 16.36
C SER D 44 78.96 -17.49 17.68
N LEU D 45 77.93 -17.60 18.51
CA LEU D 45 77.87 -16.86 19.77
C LEU D 45 79.00 -17.27 20.71
N ALA D 46 79.44 -18.53 20.61
CA ALA D 46 80.56 -18.99 21.42
C ALA D 46 81.81 -18.20 21.12
N SER D 47 82.09 -17.97 19.83
CA SER D 47 83.25 -17.15 19.45
C SER D 47 83.03 -15.69 19.80
N TRP D 48 81.85 -15.14 19.49
CA TRP D 48 81.58 -13.73 19.75
C TRP D 48 81.62 -13.42 21.24
N ASN D 49 81.02 -14.28 22.06
CA ASN D 49 81.09 -14.07 23.50
C ASN D 49 82.53 -14.19 24.01
N TYR D 50 83.30 -15.12 23.45
CA TYR D 50 84.65 -15.33 23.94
C TYR D 50 85.51 -14.10 23.75
N ASN D 51 85.39 -13.45 22.59
CA ASN D 51 86.19 -12.25 22.32
C ASN D 51 85.73 -11.07 23.16
N THR D 52 84.43 -10.96 23.42
CA THR D 52 83.94 -9.93 24.35
C THR D 52 84.21 -10.28 25.79
N ASN D 53 84.45 -11.55 26.10
CA ASN D 53 84.66 -11.97 27.48
C ASN D 53 85.60 -13.16 27.45
N ILE D 54 86.89 -12.89 27.70
CA ILE D 54 87.94 -13.90 27.58
C ILE D 54 88.14 -14.52 28.97
N THR D 55 87.62 -15.74 29.15
CA THR D 55 87.86 -16.53 30.34
C THR D 55 88.10 -17.98 29.92
N ASP D 56 88.62 -18.82 30.81
CA ASP D 56 88.94 -20.23 30.43
C ASP D 56 87.64 -21.02 30.28
N GLU D 57 86.59 -20.64 31.03
CA GLU D 57 85.28 -21.37 31.01
C GLU D 57 84.59 -21.04 29.69
N ASN D 58 84.93 -19.90 29.09
CA ASN D 58 84.40 -19.57 27.76
C ASN D 58 85.15 -20.33 26.67
N VAL D 59 86.42 -20.68 26.90
CA VAL D 59 87.12 -21.53 25.95
C VAL D 59 86.40 -22.87 25.81
N GLN D 60 85.99 -23.46 26.93
CA GLN D 60 85.30 -24.75 26.89
C GLN D 60 84.03 -24.67 26.07
N LYS D 61 83.23 -23.61 26.26
CA LYS D 61 82.04 -23.41 25.44
C LYS D 61 82.40 -23.17 23.98
N MET D 62 83.43 -22.36 23.75
CA MET D 62 83.77 -21.96 22.38
C MET D 62 84.30 -23.14 21.59
N ASN D 63 85.24 -23.89 22.15
CA ASN D 63 85.91 -24.96 21.41
C ASN D 63 85.03 -26.19 21.25
N GLU D 64 84.22 -26.51 22.26
CA GLU D 64 83.34 -27.66 22.14
C GLU D 64 82.27 -27.44 21.07
N ALA D 65 81.68 -26.24 21.04
CA ALA D 65 80.67 -25.92 20.05
C ALA D 65 81.21 -26.01 18.64
N ARG D 66 82.45 -25.55 18.42
CA ARG D 66 83.11 -25.79 17.15
C ARG D 66 83.27 -27.27 16.88
N ALA D 67 83.73 -28.02 17.89
CA ALA D 67 84.02 -29.44 17.71
C ALA D 67 82.75 -30.25 17.47
N LYS D 68 81.71 -30.00 18.25
CA LYS D 68 80.47 -30.76 18.12
C LYS D 68 79.76 -30.48 16.79
N TRP D 69 79.84 -29.23 16.30
CA TRP D 69 79.11 -28.88 15.08
C TRP D 69 79.66 -29.64 13.88
N SER D 70 80.98 -29.75 13.75
CA SER D 70 81.58 -30.39 12.58
C SER D 70 81.19 -31.85 12.50
N ALA D 71 81.19 -32.55 13.65
CA ALA D 71 80.85 -33.97 13.65
C ALA D 71 79.41 -34.20 13.20
N PHE D 72 78.48 -33.36 13.65
CA PHE D 72 77.11 -33.47 13.14
C PHE D 72 77.03 -33.02 11.68
N TYR D 73 77.79 -31.99 11.31
CA TYR D 73 77.77 -31.48 9.94
C TYR D 73 78.17 -32.56 8.94
N GLU D 74 79.23 -33.30 9.24
CA GLU D 74 79.70 -34.36 8.36
C GLU D 74 78.64 -35.42 8.15
N GLU D 75 77.94 -35.81 9.21
CA GLU D 75 76.86 -36.78 9.07
C GLU D 75 75.81 -36.31 8.08
N GLN D 76 75.45 -35.03 8.13
CA GLN D 76 74.47 -34.50 7.18
C GLN D 76 75.08 -34.30 5.80
N SER D 77 76.33 -33.82 5.75
CA SER D 77 76.98 -33.58 4.47
C SER D 77 77.34 -34.86 3.74
N ARG D 78 77.64 -35.94 4.47
CA ARG D 78 77.91 -37.21 3.82
C ARG D 78 76.71 -37.69 3.01
N MET D 79 75.54 -37.71 3.63
CA MET D 79 74.34 -38.06 2.87
C MET D 79 73.90 -36.95 1.94
N ALA D 80 74.34 -35.71 2.18
CA ALA D 80 73.97 -34.62 1.28
C ALA D 80 74.61 -34.81 -0.10
N LYS D 81 75.89 -35.20 -0.14
CA LYS D 81 76.56 -35.44 -1.40
C LYS D 81 76.41 -36.87 -1.88
N THR D 82 75.71 -37.72 -1.12
CA THR D 82 75.34 -39.04 -1.61
C THR D 82 74.46 -38.95 -2.85
N TYR D 83 73.85 -37.79 -3.08
CA TYR D 83 73.07 -37.52 -4.27
C TYR D 83 73.92 -36.67 -5.21
N SER D 84 73.38 -36.32 -6.38
CA SER D 84 74.08 -35.38 -7.25
C SER D 84 73.03 -34.59 -8.04
N LEU D 85 73.49 -33.86 -9.06
CA LEU D 85 72.56 -33.10 -9.90
C LEU D 85 71.85 -34.01 -10.90
N GLU D 86 71.05 -34.94 -10.40
CA GLU D 86 70.27 -35.85 -11.23
C GLU D 86 68.80 -35.69 -10.90
N GLU D 87 67.98 -35.71 -11.95
CA GLU D 87 66.51 -35.67 -11.85
C GLU D 87 66.02 -34.39 -11.18
N ILE D 88 66.84 -33.34 -11.20
CA ILE D 88 66.45 -32.03 -10.68
C ILE D 88 66.33 -31.06 -11.84
N GLN D 89 65.11 -30.91 -12.36
CA GLN D 89 64.87 -29.97 -13.45
C GLN D 89 64.98 -28.52 -12.98
N ASN D 90 64.91 -28.28 -11.68
CA ASN D 90 65.04 -26.93 -11.15
C ASN D 90 66.50 -26.50 -11.20
N LEU D 91 66.81 -25.47 -11.98
CA LEU D 91 68.19 -24.99 -12.06
C LEU D 91 68.63 -24.33 -10.76
N THR D 92 67.73 -23.61 -10.08
CA THR D 92 68.07 -22.99 -8.81
C THR D 92 68.39 -24.03 -7.75
N LEU D 93 67.51 -25.04 -7.59
CA LEU D 93 67.79 -26.12 -6.66
C LEU D 93 69.04 -26.89 -7.04
N LYS D 94 69.31 -27.00 -8.35
CA LYS D 94 70.52 -27.66 -8.81
C LYS D 94 71.77 -26.90 -8.38
N ARG D 95 71.72 -25.56 -8.44
CA ARG D 95 72.83 -24.76 -7.91
C ARG D 95 73.00 -24.99 -6.42
N GLN D 96 71.90 -25.03 -5.66
CA GLN D 96 72.00 -25.23 -4.22
C GLN D 96 72.63 -26.59 -3.92
N LEU D 97 72.21 -27.63 -4.64
CA LEU D 97 72.81 -28.95 -4.45
C LEU D 97 74.27 -28.96 -4.89
N LYS D 98 74.60 -28.26 -5.98
CA LYS D 98 75.97 -28.27 -6.47
C LYS D 98 76.95 -27.74 -5.43
N ALA D 99 76.55 -26.73 -4.66
CA ALA D 99 77.44 -26.17 -3.64
C ALA D 99 77.70 -27.19 -2.53
N LEU D 100 76.67 -27.90 -2.06
CA LEU D 100 76.83 -28.80 -0.93
C LEU D 100 77.60 -30.06 -1.27
N GLN D 101 77.71 -30.40 -2.56
CA GLN D 101 78.29 -31.66 -2.99
C GLN D 101 79.81 -31.60 -3.12
N GLN D 102 80.43 -30.51 -2.66
CA GLN D 102 81.88 -30.43 -2.65
C GLN D 102 82.47 -31.44 -1.66
N SER D 103 83.54 -32.12 -2.09
CA SER D 103 84.13 -33.15 -1.25
C SER D 103 85.06 -32.52 -0.22
N GLY D 104 86.11 -31.83 -0.68
CA GLY D 104 87.11 -31.30 0.22
C GLY D 104 87.87 -32.39 0.94
N THR D 105 87.75 -32.42 2.26
CA THR D 105 88.38 -33.40 3.12
C THR D 105 87.44 -34.52 3.54
N SER D 106 86.24 -34.59 2.94
CA SER D 106 85.28 -35.64 3.30
C SER D 106 85.79 -37.02 2.90
N VAL D 107 86.48 -37.11 1.76
CA VAL D 107 87.07 -38.36 1.29
C VAL D 107 88.52 -38.52 1.74
N LEU D 108 89.13 -37.47 2.29
CA LEU D 108 90.48 -37.55 2.80
C LEU D 108 90.56 -38.56 3.94
N SER D 109 91.59 -39.39 3.90
CA SER D 109 91.78 -40.40 4.94
C SER D 109 92.37 -39.80 6.19
N ALA D 110 92.05 -40.41 7.33
CA ALA D 110 92.44 -39.84 8.62
C ALA D 110 93.96 -39.84 8.80
N GLU D 111 94.65 -40.86 8.27
CA GLU D 111 96.09 -40.97 8.51
C GLU D 111 96.86 -39.81 7.89
N LYS D 112 96.52 -39.43 6.65
CA LYS D 112 97.23 -38.32 6.01
C LYS D 112 96.86 -36.98 6.61
N SER D 113 95.67 -36.88 7.20
CA SER D 113 95.26 -35.63 7.84
C SER D 113 96.21 -35.22 8.95
N LYS D 114 96.62 -36.19 9.77
CA LYS D 114 97.40 -35.89 10.98
C LYS D 114 98.75 -35.24 10.64
N ARG D 115 99.43 -35.74 9.60
CA ARG D 115 100.71 -35.16 9.21
C ARG D 115 100.58 -33.69 8.87
N LEU D 116 99.43 -33.30 8.31
CA LEU D 116 99.19 -31.90 7.98
C LEU D 116 99.02 -31.04 9.22
N ASN D 117 98.35 -31.56 10.25
CA ASN D 117 98.12 -30.76 11.46
C ASN D 117 99.42 -30.33 12.12
N THR D 118 100.45 -31.16 12.04
CA THR D 118 101.73 -30.80 12.63
C THR D 118 102.30 -29.55 11.97
N ILE D 119 102.21 -29.46 10.64
CA ILE D 119 102.75 -28.31 9.92
C ILE D 119 102.00 -27.04 10.32
N LEU D 120 100.66 -27.13 10.37
CA LEU D 120 99.84 -25.93 10.52
C LEU D 120 99.98 -25.31 11.91
N ASN D 121 99.87 -26.11 12.98
CA ASN D 121 99.84 -25.55 14.33
C ASN D 121 101.18 -24.93 14.70
N THR D 122 102.28 -25.55 14.29
CA THR D 122 103.61 -25.02 14.62
C THR D 122 103.90 -23.74 13.84
N MET D 123 103.48 -23.69 12.58
CA MET D 123 103.92 -22.62 11.68
C MET D 123 103.43 -21.25 12.13
N SER D 124 102.17 -21.14 12.54
CA SER D 124 101.63 -19.85 12.95
C SER D 124 102.32 -19.32 14.20
N THR D 125 102.55 -20.19 15.20
CA THR D 125 103.12 -19.74 16.46
C THR D 125 104.55 -19.24 16.30
N ILE D 126 105.36 -19.93 15.49
CA ILE D 126 106.77 -19.59 15.35
C ILE D 126 107.04 -18.35 14.52
N TYR D 127 106.06 -17.89 13.76
CA TYR D 127 106.30 -16.71 12.95
C TYR D 127 106.08 -15.42 13.74
N SER D 128 105.22 -15.46 14.76
CA SER D 128 104.92 -14.26 15.52
C SER D 128 106.13 -13.81 16.33
N THR D 129 106.88 -14.75 16.89
CA THR D 129 108.05 -14.45 17.71
C THR D 129 109.22 -14.12 16.80
N GLY D 130 109.30 -12.87 16.36
CA GLY D 130 110.45 -12.40 15.62
C GLY D 130 111.70 -12.38 16.47
N LYS D 131 112.82 -12.83 15.92
CA LYS D 131 114.11 -12.85 16.63
C LYS D 131 115.14 -12.10 15.82
N VAL D 132 115.81 -11.13 16.44
CA VAL D 132 116.84 -10.33 15.78
C VAL D 132 118.03 -10.24 16.73
N LEU D 133 119.17 -10.77 16.29
CA LEU D 133 120.37 -10.71 17.12
C LEU D 133 120.86 -9.29 17.25
N ASP D 134 121.24 -8.91 18.47
CA ASP D 134 121.72 -7.56 18.75
C ASP D 134 123.22 -7.64 19.01
N PRO D 135 124.05 -7.39 18.00
CA PRO D 135 125.49 -7.60 18.16
C PRO D 135 126.12 -6.59 19.12
N ASN D 136 127.26 -6.99 19.68
CA ASN D 136 128.13 -6.14 20.51
C ASN D 136 127.53 -5.95 21.90
N THR D 137 126.35 -6.52 22.13
CA THR D 137 125.63 -6.62 23.39
C THR D 137 125.06 -5.28 23.86
N GLN D 138 125.36 -4.16 23.17
CA GLN D 138 124.87 -2.82 23.53
C GLN D 138 125.16 -2.61 25.02
N GLU D 139 124.17 -2.21 25.82
CA GLU D 139 124.36 -2.06 27.26
C GLU D 139 123.28 -2.86 28.00
N CYS D 140 123.14 -2.64 29.31
CA CYS D 140 122.05 -3.23 30.06
C CYS D 140 120.71 -2.87 29.43
N LEU D 141 119.96 -3.89 29.04
CA LEU D 141 118.75 -3.72 28.26
C LEU D 141 117.52 -4.24 29.03
N ALA D 142 116.40 -3.56 28.82
CA ALA D 142 115.10 -3.94 29.35
C ALA D 142 114.34 -4.70 28.27
N LEU D 143 113.03 -4.92 28.49
CA LEU D 143 112.21 -5.54 27.45
C LEU D 143 112.21 -4.72 26.17
N GLU D 144 112.14 -3.40 26.30
CA GLU D 144 112.14 -2.48 25.17
C GLU D 144 113.51 -2.41 24.50
N PRO D 145 113.57 -2.03 23.22
CA PRO D 145 112.46 -1.72 22.31
C PRO D 145 111.83 -3.00 21.76
N GLY D 146 110.72 -2.89 21.02
CA GLY D 146 110.03 -4.06 20.54
C GLY D 146 110.36 -4.36 19.10
N LEU D 147 110.16 -5.63 18.71
CA LEU D 147 110.53 -6.05 17.36
C LEU D 147 109.74 -5.30 16.28
N ASP D 148 108.44 -5.13 16.48
CA ASP D 148 107.63 -4.41 15.50
C ASP D 148 108.05 -2.94 15.42
N ASP D 149 108.25 -2.30 16.58
CA ASP D 149 108.49 -0.86 16.60
C ASP D 149 109.83 -0.49 15.97
N ILE D 150 110.86 -1.32 16.16
CA ILE D 150 112.21 -0.90 15.76
C ILE D 150 112.31 -0.75 14.24
N MET D 151 111.63 -1.60 13.47
CA MET D 151 111.78 -1.50 12.03
C MET D 151 111.01 -0.33 11.43
N GLU D 152 110.01 0.21 12.15
CA GLU D 152 109.17 1.25 11.58
C GLU D 152 109.73 2.65 11.76
N ASN D 153 110.47 2.90 12.85
CA ASN D 153 110.98 4.24 13.14
C ASN D 153 112.43 4.43 12.74
N SER D 154 113.16 3.36 12.45
CA SER D 154 114.59 3.48 12.15
C SER D 154 114.81 4.25 10.85
N ARG D 155 115.36 5.45 10.98
CA ARG D 155 115.82 6.20 9.81
C ARG D 155 117.31 6.02 9.56
N ASP D 156 118.03 5.44 10.51
CA ASP D 156 119.45 5.17 10.30
C ASP D 156 119.62 3.99 9.36
N TYR D 157 120.64 4.06 8.50
CA TYR D 157 120.87 2.98 7.55
C TYR D 157 121.18 1.66 8.24
N ASN D 158 122.08 1.68 9.24
CA ASN D 158 122.42 0.44 9.93
C ASN D 158 121.22 -0.12 10.68
N ARG D 159 120.48 0.74 11.39
CA ARG D 159 119.36 0.25 12.18
C ARG D 159 118.30 -0.38 11.31
N ARG D 160 117.97 0.24 10.17
CA ARG D 160 116.96 -0.34 9.30
C ARG D 160 117.40 -1.69 8.76
N LEU D 161 118.65 -1.80 8.31
CA LEU D 161 119.16 -3.07 7.80
C LEU D 161 119.29 -4.10 8.92
N TRP D 162 119.72 -3.66 10.11
CA TRP D 162 119.88 -4.59 11.23
C TRP D 162 118.54 -5.20 11.60
N ALA D 163 117.48 -4.38 11.64
CA ALA D 163 116.14 -4.91 11.85
C ALA D 163 115.71 -5.80 10.69
N TRP D 164 115.98 -5.36 9.45
CA TRP D 164 115.51 -6.11 8.29
C TRP D 164 116.23 -7.45 8.15
N GLU D 165 117.56 -7.46 8.35
CA GLU D 165 118.33 -8.69 8.17
C GLU D 165 117.89 -9.77 9.16
N GLY D 166 117.64 -9.40 10.40
CA GLY D 166 117.11 -10.35 11.37
C GLY D 166 115.70 -10.79 11.03
N TRP D 167 114.85 -9.86 10.59
CA TRP D 167 113.47 -10.19 10.26
C TRP D 167 113.36 -11.00 8.98
N ARG D 168 114.41 -11.05 8.16
CA ARG D 168 114.38 -11.98 7.04
C ARG D 168 115.13 -13.28 7.35
N ALA D 169 116.42 -13.16 7.68
CA ALA D 169 117.27 -14.33 7.80
C ALA D 169 116.87 -15.20 8.99
N GLU D 170 116.70 -14.59 10.16
CA GLU D 170 116.46 -15.35 11.38
C GLU D 170 115.01 -15.77 11.59
N VAL D 171 114.10 -15.33 10.73
CA VAL D 171 112.72 -15.80 10.79
C VAL D 171 112.42 -16.80 9.69
N GLY D 172 113.07 -16.67 8.53
CA GLY D 172 112.87 -17.64 7.46
C GLY D 172 113.44 -19.01 7.77
N LYS D 173 114.45 -19.08 8.64
CA LYS D 173 115.09 -20.36 8.93
C LYS D 173 114.11 -21.35 9.54
N GLN D 174 113.26 -20.88 10.44
CA GLN D 174 112.34 -21.78 11.13
C GLN D 174 111.27 -22.31 10.19
N LEU D 175 110.92 -21.55 9.16
CA LEU D 175 109.83 -21.93 8.26
C LEU D 175 110.26 -22.89 7.15
N ARG D 176 111.57 -23.04 6.92
CA ARG D 176 112.01 -23.89 5.81
C ARG D 176 111.59 -25.35 5.98
N PRO D 177 111.78 -26.01 7.12
CA PRO D 177 111.37 -27.41 7.22
C PRO D 177 109.88 -27.63 7.00
N LEU D 178 109.04 -26.64 7.34
CA LEU D 178 107.60 -26.80 7.22
C LEU D 178 107.08 -26.52 5.82
N TYR D 179 107.81 -25.75 5.00
CA TYR D 179 107.34 -25.45 3.66
C TYR D 179 107.28 -26.70 2.79
N GLU D 180 108.37 -27.48 2.77
CA GLU D 180 108.45 -28.61 1.84
C GLU D 180 107.50 -29.74 2.22
N GLU D 181 107.32 -30.00 3.52
CA GLU D 181 106.42 -31.06 3.93
C GLU D 181 104.98 -30.74 3.55
N TYR D 182 104.60 -29.46 3.66
CA TYR D 182 103.25 -29.05 3.27
C TYR D 182 103.03 -29.24 1.78
N VAL D 183 104.05 -28.95 0.97
CA VAL D 183 103.93 -29.11 -0.49
C VAL D 183 103.84 -30.58 -0.87
N VAL D 184 104.65 -31.43 -0.21
CA VAL D 184 104.67 -32.85 -0.53
C VAL D 184 103.27 -33.45 -0.35
N LEU D 185 102.60 -33.11 0.76
CA LEU D 185 101.24 -33.59 0.97
C LEU D 185 100.28 -32.99 -0.04
N GLU D 186 100.53 -31.76 -0.50
CA GLU D 186 99.67 -31.17 -1.51
C GLU D 186 99.68 -32.00 -2.79
N ASN D 187 100.86 -32.48 -3.19
CA ASN D 187 100.95 -33.35 -4.36
C ASN D 187 100.28 -34.69 -4.12
N GLU D 188 100.33 -35.20 -2.89
CA GLU D 188 99.84 -36.56 -2.61
C GLU D 188 98.32 -36.61 -2.49
N MET D 189 97.74 -35.66 -1.76
CA MET D 189 96.31 -35.72 -1.44
C MET D 189 95.46 -35.59 -2.70
N ALA D 190 95.97 -34.91 -3.72
CA ALA D 190 95.23 -34.71 -4.96
C ALA D 190 94.72 -36.03 -5.54
N ARG D 191 95.62 -37.01 -5.67
CA ARG D 191 95.25 -38.27 -6.32
C ARG D 191 94.24 -39.07 -5.52
N ALA D 192 94.17 -38.87 -4.21
CA ALA D 192 93.19 -39.55 -3.39
C ALA D 192 91.89 -38.77 -3.23
N ASN D 193 91.81 -37.55 -3.77
CA ASN D 193 90.59 -36.75 -3.70
C ASN D 193 89.90 -36.63 -5.06
N ASN D 194 90.22 -37.52 -6.01
CA ASN D 194 89.58 -37.58 -7.32
C ASN D 194 89.72 -36.28 -8.11
N TYR D 195 90.72 -35.48 -7.77
CA TYR D 195 91.00 -34.25 -8.49
C TYR D 195 92.45 -34.23 -8.91
N GLU D 196 92.72 -33.62 -10.07
CA GLU D 196 94.08 -33.63 -10.61
C GLU D 196 95.06 -32.90 -9.71
N ASP D 197 94.73 -31.67 -9.32
CA ASP D 197 95.68 -30.82 -8.62
C ASP D 197 94.92 -29.68 -7.95
N TYR D 198 95.58 -29.04 -6.98
CA TYR D 198 94.92 -27.98 -6.21
C TYR D 198 94.66 -26.74 -7.05
N GLY D 199 95.39 -26.57 -8.15
CA GLY D 199 95.26 -25.36 -8.94
C GLY D 199 93.87 -25.18 -9.53
N ASP D 200 93.24 -26.27 -9.96
CA ASP D 200 91.89 -26.15 -10.51
C ASP D 200 90.90 -25.68 -9.46
N TYR D 201 91.12 -26.07 -8.20
CA TYR D 201 90.18 -25.75 -7.13
C TYR D 201 90.05 -24.25 -6.93
N TRP D 202 91.18 -23.54 -6.88
CA TRP D 202 91.14 -22.10 -6.71
C TRP D 202 90.54 -21.39 -7.91
N ARG D 203 90.82 -21.88 -9.13
CA ARG D 203 90.26 -21.27 -10.33
C ARG D 203 88.78 -21.60 -10.50
N GLY D 204 88.33 -22.75 -9.98
CA GLY D 204 86.95 -23.15 -10.09
C GLY D 204 86.01 -22.47 -9.14
N ASP D 205 86.51 -21.53 -8.33
CA ASP D 205 85.65 -20.80 -7.41
C ASP D 205 84.59 -19.97 -8.12
N TYR D 206 84.84 -19.60 -9.38
CA TYR D 206 83.94 -18.73 -10.15
C TYR D 206 83.25 -19.51 -11.28
N GLU D 207 83.10 -20.81 -11.09
CA GLU D 207 82.58 -21.68 -12.14
C GLU D 207 81.08 -21.50 -12.31
N VAL D 208 80.63 -21.45 -13.55
CA VAL D 208 79.21 -21.49 -13.89
C VAL D 208 78.97 -22.66 -14.82
N THR D 209 78.04 -23.53 -14.43
CA THR D 209 77.78 -24.77 -15.15
C THR D 209 76.31 -24.87 -15.51
N GLU D 210 76.05 -25.36 -16.73
CA GLU D 210 74.71 -25.58 -17.24
C GLU D 210 73.92 -24.28 -17.23
N ALA D 211 74.40 -23.34 -18.03
CA ALA D 211 73.70 -22.07 -18.25
C ALA D 211 73.97 -21.67 -19.70
N GLY D 212 73.01 -21.98 -20.57
CA GLY D 212 73.13 -21.71 -21.99
C GLY D 212 73.25 -20.25 -22.34
N ASP D 213 74.23 -19.95 -23.20
CA ASP D 213 74.56 -18.61 -23.66
C ASP D 213 74.96 -17.67 -22.53
N TYR D 214 75.18 -18.19 -21.33
CA TYR D 214 75.46 -17.33 -20.19
C TYR D 214 76.59 -17.84 -19.31
N ASP D 215 77.14 -19.02 -19.58
CA ASP D 215 78.14 -19.64 -18.73
C ASP D 215 79.43 -18.84 -18.71
N TYR D 216 80.21 -19.04 -17.64
CA TYR D 216 81.53 -18.45 -17.51
C TYR D 216 82.55 -19.57 -17.36
N SER D 217 83.76 -19.32 -17.84
CA SER D 217 84.79 -20.34 -17.88
C SER D 217 86.07 -19.81 -17.26
N ARG D 218 86.82 -20.74 -16.65
CA ARG D 218 88.10 -20.43 -16.03
C ARG D 218 89.14 -19.96 -17.05
N ASP D 219 88.99 -20.32 -18.33
CA ASP D 219 89.97 -19.90 -19.33
C ASP D 219 89.92 -18.42 -19.61
N GLN D 220 88.80 -17.76 -19.29
CA GLN D 220 88.61 -16.36 -19.65
C GLN D 220 89.40 -15.40 -18.77
N LEU D 221 89.61 -15.73 -17.49
CA LEU D 221 90.30 -14.82 -16.58
C LEU D 221 91.76 -14.62 -16.97
N MET D 222 92.36 -15.61 -17.62
CA MET D 222 93.78 -15.51 -17.98
C MET D 222 94.01 -14.37 -18.96
N LYS D 223 93.13 -14.24 -19.95
CA LYS D 223 93.27 -13.14 -20.91
C LYS D 223 92.93 -11.80 -20.26
N ASP D 224 91.86 -11.76 -19.46
CA ASP D 224 91.42 -10.49 -18.89
C ASP D 224 92.44 -9.91 -17.92
N VAL D 225 93.06 -10.76 -17.10
CA VAL D 225 94.02 -10.24 -16.12
C VAL D 225 95.28 -9.74 -16.82
N GLU D 226 95.54 -10.21 -18.04
CA GLU D 226 96.73 -9.80 -18.77
C GLU D 226 96.68 -8.30 -19.07
N ASN D 227 95.52 -7.81 -19.49
CA ASN D 227 95.42 -6.40 -19.87
C ASN D 227 95.40 -5.48 -18.65
N THR D 228 94.91 -5.96 -17.50
CA THR D 228 94.83 -5.12 -16.31
C THR D 228 96.22 -4.66 -15.88
N PHE D 229 97.15 -5.61 -15.78
CA PHE D 229 98.51 -5.27 -15.34
C PHE D 229 99.26 -4.48 -16.41
N ALA D 230 99.12 -4.88 -17.67
CA ALA D 230 99.83 -4.19 -18.76
C ALA D 230 99.37 -2.74 -18.89
N GLU D 231 98.06 -2.50 -18.79
CA GLU D 231 97.56 -1.14 -18.92
C GLU D 231 97.80 -0.29 -17.67
N ILE D 232 97.90 -0.92 -16.50
CA ILE D 232 98.17 -0.15 -15.28
C ILE D 232 99.66 0.13 -15.12
N LYS D 233 100.51 -0.73 -15.69
CA LYS D 233 101.95 -0.62 -15.52
C LYS D 233 102.52 0.77 -15.82
N PRO D 234 102.12 1.50 -16.87
CA PRO D 234 102.66 2.86 -17.05
C PRO D 234 102.45 3.77 -15.87
N LEU D 235 101.30 3.68 -15.20
CA LEU D 235 101.08 4.48 -13.99
C LEU D 235 101.92 3.99 -12.82
N TYR D 236 102.08 2.67 -12.68
CA TYR D 236 102.94 2.15 -11.62
C TYR D 236 104.39 2.53 -11.86
N GLU D 237 104.85 2.51 -13.12
CA GLU D 237 106.22 2.91 -13.41
C GLU D 237 106.47 4.36 -13.00
N GLN D 238 105.47 5.22 -13.21
CA GLN D 238 105.59 6.60 -12.73
C GLN D 238 105.64 6.64 -11.21
N LEU D 239 104.82 5.83 -10.55
CA LEU D 239 104.83 5.78 -9.10
C LEU D 239 106.17 5.25 -8.57
N HIS D 240 106.73 4.22 -9.21
CA HIS D 240 108.05 3.73 -8.85
C HIS D 240 109.12 4.80 -9.09
N ALA D 241 109.06 5.46 -10.24
CA ALA D 241 110.02 6.52 -10.53
C ALA D 241 109.81 7.72 -9.60
N TYR D 242 108.55 8.05 -9.31
CA TYR D 242 108.25 9.17 -8.43
C TYR D 242 108.94 9.00 -7.07
N VAL D 243 108.85 7.82 -6.48
CA VAL D 243 109.46 7.61 -5.17
C VAL D 243 110.96 7.77 -5.25
N ARG D 244 111.59 7.17 -6.27
CA ARG D 244 113.05 7.19 -6.36
C ARG D 244 113.60 8.58 -6.60
N ALA D 245 112.95 9.34 -7.49
CA ALA D 245 113.44 10.67 -7.85
C ALA D 245 113.41 11.62 -6.66
N LYS D 246 112.35 11.56 -5.84
CA LYS D 246 112.25 12.44 -4.68
C LYS D 246 113.24 12.03 -3.59
N LEU D 247 113.37 10.73 -3.32
CA LEU D 247 114.31 10.25 -2.32
C LEU D 247 115.76 10.25 -2.81
N MET D 248 115.99 10.45 -4.11
CA MET D 248 117.35 10.60 -4.60
C MET D 248 118.04 11.78 -3.96
N ASP D 249 117.31 12.89 -3.81
CA ASP D 249 117.90 14.09 -3.21
C ASP D 249 118.20 13.88 -1.73
N THR D 250 117.29 13.22 -1.00
CA THR D 250 117.51 13.01 0.43
C THR D 250 118.49 11.85 0.70
N TYR D 251 118.38 10.77 -0.08
CA TYR D 251 119.23 9.59 0.10
C TYR D 251 119.83 9.17 -1.24
N PRO D 252 120.85 9.88 -1.72
CA PRO D 252 121.50 9.45 -2.97
C PRO D 252 122.44 8.27 -2.80
N SER D 253 123.04 8.12 -1.62
CA SER D 253 124.03 7.08 -1.40
C SER D 253 123.40 5.68 -1.39
N TYR D 254 122.21 5.55 -0.82
CA TYR D 254 121.54 4.26 -0.67
C TYR D 254 120.53 4.01 -1.78
N ILE D 255 120.57 4.77 -2.86
CA ILE D 255 119.64 4.60 -3.97
C ILE D 255 120.43 4.52 -5.27
N SER D 256 120.11 3.52 -6.09
CA SER D 256 120.75 3.35 -7.39
C SER D 256 119.92 4.03 -8.46
N PRO D 257 120.43 5.08 -9.12
CA PRO D 257 119.66 5.72 -10.20
C PRO D 257 119.48 4.84 -11.42
N THR D 258 120.29 3.79 -11.58
CA THR D 258 120.28 2.95 -12.77
C THR D 258 120.07 1.50 -12.40
N GLY D 259 119.12 1.25 -11.50
CA GLY D 259 118.83 -0.10 -11.09
C GLY D 259 117.57 -0.15 -10.26
N CYS D 260 117.49 -1.17 -9.42
CA CYS D 260 116.36 -1.35 -8.52
C CYS D 260 116.63 -0.58 -7.23
N LEU D 261 115.79 -0.82 -6.22
CA LEU D 261 115.95 -0.15 -4.93
C LEU D 261 116.22 -1.18 -3.84
N PRO D 262 117.04 -0.84 -2.85
CA PRO D 262 117.34 -1.79 -1.77
C PRO D 262 116.09 -2.18 -1.00
N ALA D 263 116.05 -3.45 -0.58
CA ALA D 263 114.88 -3.96 0.13
C ALA D 263 114.68 -3.31 1.49
N HIS D 264 115.72 -2.72 2.06
CA HIS D 264 115.57 -2.10 3.38
C HIS D 264 114.74 -0.82 3.31
N LEU D 265 114.65 -0.20 2.13
CA LEU D 265 113.94 1.07 1.99
C LEU D 265 112.43 0.92 1.93
N LEU D 266 111.91 -0.30 1.81
CA LEU D 266 110.46 -0.46 1.75
C LEU D 266 109.79 -0.09 3.06
N GLY D 267 110.52 -0.07 4.16
CA GLY D 267 109.96 0.33 5.45
C GLY D 267 109.74 -0.85 6.36
N ASP D 268 109.32 -1.98 5.78
CA ASP D 268 108.96 -3.17 6.52
C ASP D 268 108.93 -4.34 5.54
N MET D 269 108.58 -5.52 6.05
CA MET D 269 108.50 -6.69 5.18
C MET D 269 107.41 -6.53 4.14
N TRP D 270 106.24 -6.02 4.55
CA TRP D 270 105.09 -5.96 3.65
C TRP D 270 105.30 -4.93 2.55
N GLY D 271 105.76 -3.73 2.92
CA GLY D 271 105.90 -2.66 1.95
C GLY D 271 104.62 -1.99 1.52
N ARG D 272 103.49 -2.34 2.14
CA ARG D 272 102.22 -1.75 1.75
C ARG D 272 102.05 -0.31 2.23
N PHE D 273 102.89 0.18 3.14
CA PHE D 273 102.70 1.50 3.73
C PHE D 273 103.91 2.38 3.43
N TRP D 274 103.70 3.40 2.61
CA TRP D 274 104.74 4.33 2.19
C TRP D 274 104.69 5.66 2.94
N THR D 275 103.84 5.78 3.95
CA THR D 275 103.63 7.04 4.65
C THR D 275 104.55 7.20 5.85
N ASN D 276 105.44 6.24 6.10
CA ASN D 276 106.38 6.34 7.20
C ASN D 276 107.36 7.49 6.98
N LEU D 277 107.89 7.61 5.76
CA LEU D 277 108.72 8.73 5.36
C LEU D 277 107.95 9.77 4.55
N TYR D 278 106.68 9.97 4.88
CA TYR D 278 105.85 10.92 4.14
C TYR D 278 106.42 12.34 4.19
N SER D 279 106.91 12.75 5.37
CA SER D 279 107.43 14.10 5.52
C SER D 279 108.63 14.37 4.63
N LEU D 280 109.37 13.32 4.27
CA LEU D 280 110.51 13.45 3.36
C LEU D 280 110.11 13.39 1.89
N THR D 281 108.85 13.07 1.59
CA THR D 281 108.38 12.96 0.21
C THR D 281 107.00 13.58 0.06
N VAL D 282 106.78 14.73 0.69
CA VAL D 282 105.51 15.45 0.61
C VAL D 282 105.30 15.91 -0.84
N PRO D 283 104.17 15.57 -1.44
CA PRO D 283 103.92 16.04 -2.82
C PRO D 283 103.89 17.56 -2.94
N PHE D 284 103.39 18.27 -1.93
CA PHE D 284 103.37 19.73 -1.95
C PHE D 284 103.65 20.23 -0.53
N LYS D 285 104.90 20.59 -0.27
CA LYS D 285 105.30 21.17 1.01
C LYS D 285 105.06 22.67 1.07
N HIS D 286 104.84 23.33 -0.07
CA HIS D 286 104.65 24.79 -0.04
C HIS D 286 103.40 25.16 0.77
N LYS D 287 102.31 24.43 0.56
CA LYS D 287 101.11 24.64 1.38
C LYS D 287 101.20 23.83 2.66
N PRO D 288 100.90 24.43 3.82
CA PRO D 288 101.02 23.68 5.08
C PRO D 288 100.05 22.50 5.14
N SER D 289 100.20 21.72 6.20
CA SER D 289 99.40 20.51 6.37
C SER D 289 97.92 20.84 6.43
N ILE D 290 97.11 20.05 5.71
CA ILE D 290 95.66 20.17 5.78
C ILE D 290 95.19 19.39 7.00
N ASP D 291 94.91 20.09 8.09
CA ASP D 291 94.37 19.48 9.30
C ASP D 291 93.42 20.49 9.93
N VAL D 292 92.13 20.33 9.65
CA VAL D 292 91.10 21.25 10.11
C VAL D 292 90.07 20.55 10.99
N THR D 293 90.31 19.29 11.36
CA THR D 293 89.40 18.52 12.20
C THR D 293 89.64 18.74 13.68
N GLU D 294 90.72 19.45 14.04
CA GLU D 294 90.99 19.72 15.45
C GLU D 294 89.85 20.51 16.08
N LYS D 295 89.25 21.43 15.31
CA LYS D 295 88.17 22.24 15.85
C LYS D 295 86.99 21.36 16.26
N MET D 296 86.68 20.35 15.46
CA MET D 296 85.62 19.42 15.81
C MET D 296 85.96 18.56 17.04
N LYS D 297 87.24 18.33 17.31
CA LYS D 297 87.62 17.48 18.44
C LYS D 297 87.17 18.08 19.78
N ASN D 298 87.33 19.39 19.95
CA ASN D 298 86.97 20.01 21.21
C ASN D 298 85.49 20.34 21.31
N GLN D 299 84.72 20.11 20.26
CA GLN D 299 83.28 20.31 20.32
C GLN D 299 82.58 19.21 21.11
N SER D 300 83.30 18.14 21.45
CA SER D 300 82.80 17.07 22.33
C SER D 300 81.54 16.43 21.75
N TRP D 301 81.72 15.82 20.59
CA TRP D 301 80.65 15.05 19.98
C TRP D 301 80.68 13.62 20.49
N ASP D 302 79.51 12.99 20.51
CA ASP D 302 79.42 11.63 21.04
C ASP D 302 79.96 10.62 20.03
N ALA D 303 80.45 9.50 20.55
CA ALA D 303 81.10 8.49 19.72
C ALA D 303 80.10 7.70 18.88
N GLU D 304 78.87 7.54 19.36
CA GLU D 304 77.90 6.74 18.62
C GLU D 304 77.28 7.49 17.45
N ARG D 305 77.47 8.80 17.36
CA ARG D 305 76.89 9.55 16.23
C ARG D 305 77.49 9.11 14.91
N ILE D 306 78.74 8.64 14.92
CA ILE D 306 79.41 8.26 13.69
C ILE D 306 78.65 7.14 13.00
N PHE D 307 78.18 6.15 13.77
CA PHE D 307 77.34 5.10 13.20
C PHE D 307 76.05 5.66 12.65
N LYS D 308 75.45 6.65 13.33
CA LYS D 308 74.24 7.26 12.78
C LYS D 308 74.54 8.02 11.50
N GLU D 309 75.74 8.58 11.38
CA GLU D 309 76.09 9.35 10.18
C GLU D 309 76.03 8.47 8.94
N ALA D 310 76.54 7.24 9.05
CA ALA D 310 76.36 6.30 7.94
C ALA D 310 74.90 5.92 7.77
N GLU D 311 74.18 5.71 8.88
CA GLU D 311 72.80 5.26 8.79
C GLU D 311 71.90 6.27 8.07
N LYS D 312 71.99 7.55 8.47
CA LYS D 312 71.20 8.58 7.80
C LYS D 312 71.61 8.76 6.33
N PHE D 313 72.86 8.43 6.00
CA PHE D 313 73.23 8.34 4.59
C PHE D 313 72.43 7.24 3.89
N PHE D 314 72.23 6.11 4.58
CA PHE D 314 71.58 4.96 3.96
C PHE D 314 70.09 5.19 3.74
N VAL D 315 69.44 5.91 4.66
CA VAL D 315 68.00 6.14 4.53
C VAL D 315 67.70 7.02 3.31
N SER D 316 68.70 7.73 2.78
CA SER D 316 68.49 8.62 1.64
C SER D 316 67.98 7.86 0.42
N ILE D 317 68.32 6.57 0.31
CA ILE D 317 67.96 5.73 -0.83
C ILE D 317 66.65 5.01 -0.52
N SER D 318 65.91 5.54 0.44
CA SER D 318 64.52 5.17 0.69
C SER D 318 64.38 3.74 1.23
N LEU D 319 65.26 3.39 2.19
CA LEU D 319 64.90 2.28 3.08
C LEU D 319 64.50 2.80 4.44
N PRO D 320 63.67 2.05 5.18
CA PRO D 320 63.30 2.48 6.53
C PRO D 320 64.52 2.52 7.45
N HIS D 321 64.33 2.88 8.72
CA HIS D 321 65.50 3.01 9.66
C HIS D 321 65.69 1.71 10.46
N MET D 322 66.88 1.49 11.07
CA MET D 322 67.11 0.29 11.94
C MET D 322 67.73 0.77 13.26
N THR D 323 67.03 0.64 14.38
CA THR D 323 67.57 1.23 15.66
C THR D 323 67.00 0.54 16.90
N GLN D 324 65.91 -0.22 16.77
CA GLN D 324 65.29 -0.81 17.96
C GLN D 324 65.73 -2.27 18.10
N GLY D 325 66.29 -2.61 19.26
CA GLY D 325 66.77 -3.95 19.53
C GLY D 325 68.13 -4.30 18.96
N PHE D 326 68.78 -3.39 18.24
CA PHE D 326 70.14 -3.61 17.77
C PHE D 326 71.08 -2.50 18.19
N TRP D 327 70.82 -1.86 19.33
CA TRP D 327 71.74 -0.89 19.91
C TRP D 327 72.10 -1.21 21.35
N ASP D 328 71.72 -2.38 21.86
CA ASP D 328 72.01 -2.77 23.23
C ASP D 328 73.15 -3.78 23.32
N ASN D 329 73.30 -4.65 22.33
CA ASN D 329 74.32 -5.69 22.35
C ASN D 329 75.71 -5.17 22.06
N SER D 330 75.92 -3.86 22.05
CA SER D 330 77.21 -3.28 21.72
C SER D 330 77.71 -2.40 22.85
N MET D 331 79.00 -2.08 22.78
CA MET D 331 79.65 -1.17 23.70
C MET D 331 80.47 -0.15 22.91
N LEU D 332 80.67 1.02 23.50
CA LEU D 332 81.44 2.08 22.86
C LEU D 332 82.33 2.74 23.89
N THR D 333 83.59 2.93 23.49
CA THR D 333 84.54 3.83 24.15
C THR D 333 84.93 3.31 25.54
N GLU D 334 84.45 2.14 25.93
CA GLU D 334 84.71 1.74 27.31
C GLU D 334 84.90 0.23 27.46
N PRO D 335 85.99 -0.21 28.12
CA PRO D 335 86.12 -1.65 28.38
C PRO D 335 85.00 -2.20 29.25
N GLY D 336 84.51 -1.39 30.19
CA GLY D 336 83.37 -1.75 31.01
C GLY D 336 83.69 -2.45 32.32
N ASP D 337 84.93 -2.93 32.49
CA ASP D 337 85.33 -3.65 33.70
C ASP D 337 86.84 -3.82 33.66
N GLY D 338 87.37 -4.46 34.71
CA GLY D 338 88.78 -4.78 34.78
C GLY D 338 89.13 -5.96 33.92
N ARG D 339 88.14 -6.52 33.24
CA ARG D 339 88.36 -7.57 32.25
C ARG D 339 88.69 -6.94 30.92
N LYS D 340 89.64 -7.54 30.21
CA LYS D 340 90.14 -6.97 28.97
C LYS D 340 89.34 -7.53 27.80
N VAL D 341 89.08 -6.67 26.81
CA VAL D 341 88.35 -7.01 25.61
C VAL D 341 89.20 -6.67 24.40
N VAL D 342 89.34 -7.61 23.47
CA VAL D 342 89.95 -7.32 22.18
C VAL D 342 88.91 -6.65 21.31
N CYS D 343 89.29 -5.54 20.66
CA CYS D 343 88.34 -4.83 19.82
C CYS D 343 88.81 -4.78 18.36
N HIS D 344 89.23 -5.92 17.82
CA HIS D 344 89.51 -6.00 16.39
C HIS D 344 88.20 -5.86 15.61
N PRO D 345 88.23 -5.25 14.41
CA PRO D 345 86.98 -5.02 13.67
C PRO D 345 86.38 -6.31 13.12
N THR D 346 85.30 -6.77 13.75
CA THR D 346 84.67 -8.04 13.42
C THR D 346 83.16 -7.84 13.56
N ALA D 347 82.48 -7.57 12.46
CA ALA D 347 81.03 -7.31 12.48
C ALA D 347 80.32 -8.42 11.73
N TRP D 348 79.82 -9.41 12.45
CA TRP D 348 78.98 -10.44 11.85
C TRP D 348 77.64 -10.48 12.58
N ASP D 349 76.56 -10.41 11.81
CA ASP D 349 75.25 -10.79 12.30
C ASP D 349 75.33 -12.23 12.80
N LEU D 350 75.19 -12.41 14.11
CA LEU D 350 75.35 -13.75 14.67
C LEU D 350 74.42 -14.75 14.01
N GLY D 351 73.13 -14.42 13.94
CA GLY D 351 72.18 -15.25 13.22
C GLY D 351 70.77 -14.78 13.48
N LYS D 352 69.89 -15.17 12.56
CA LYS D 352 68.45 -14.90 12.69
C LYS D 352 68.16 -13.42 12.90
N GLY D 353 68.97 -12.58 12.27
CA GLY D 353 68.81 -11.14 12.37
C GLY D 353 69.45 -10.48 13.57
N ASP D 354 70.43 -11.12 14.21
CA ASP D 354 71.06 -10.57 15.41
C ASP D 354 72.22 -9.65 15.01
N PHE D 355 72.00 -8.34 15.10
CA PHE D 355 73.06 -7.38 14.78
C PHE D 355 74.10 -7.30 15.88
N ARG D 356 75.37 -7.30 15.49
CA ARG D 356 76.47 -7.18 16.45
C ARG D 356 77.67 -6.52 15.76
N ILE D 357 78.33 -5.61 16.47
CA ILE D 357 79.56 -4.95 16.02
C ILE D 357 80.50 -4.66 17.19
N LYS D 358 81.71 -5.23 17.12
CA LYS D 358 82.77 -5.02 18.11
C LYS D 358 83.85 -4.11 17.51
N MET D 359 84.04 -2.93 18.09
CA MET D 359 85.01 -1.98 17.56
C MET D 359 85.30 -0.97 18.65
N CYS D 360 86.51 -0.41 18.61
CA CYS D 360 86.92 0.64 19.54
C CYS D 360 86.65 1.95 18.82
N THR D 361 85.40 2.41 18.88
CA THR D 361 84.98 3.59 18.13
C THR D 361 85.56 4.85 18.77
N LYS D 362 86.40 5.55 18.01
CA LYS D 362 87.09 6.74 18.45
C LYS D 362 86.91 7.84 17.41
N VAL D 363 86.99 9.09 17.86
CA VAL D 363 86.80 10.26 17.00
C VAL D 363 88.08 10.45 16.19
N THR D 364 88.01 10.11 14.90
CA THR D 364 89.17 10.19 14.02
C THR D 364 88.68 10.31 12.58
N MET D 365 89.37 11.13 11.79
CA MET D 365 88.99 11.31 10.40
C MET D 365 89.14 10.00 9.64
N ASP D 366 90.25 9.29 9.88
CA ASP D 366 90.46 8.00 9.22
C ASP D 366 89.45 6.97 9.68
N ASP D 367 89.16 6.95 10.98
CA ASP D 367 88.19 6.01 11.52
C ASP D 367 86.76 6.39 11.16
N PHE D 368 86.55 7.62 10.69
CA PHE D 368 85.21 8.03 10.27
C PHE D 368 84.73 7.18 9.09
N LEU D 369 85.58 6.99 8.08
CA LEU D 369 85.24 6.11 6.97
C LEU D 369 85.28 4.64 7.41
N THR D 370 86.15 4.30 8.35
CA THR D 370 86.18 2.94 8.86
C THR D 370 84.85 2.56 9.52
N ALA D 371 84.28 3.46 10.31
CA ALA D 371 83.00 3.16 10.95
C ALA D 371 81.89 3.01 9.92
N HIS D 372 81.95 3.80 8.85
CA HIS D 372 81.04 3.62 7.73
C HIS D 372 81.22 2.24 7.12
N HIS D 373 82.48 1.82 6.94
CA HIS D 373 82.77 0.51 6.39
C HIS D 373 82.26 -0.61 7.28
N GLU D 374 82.42 -0.48 8.60
CA GLU D 374 82.11 -1.55 9.53
C GLU D 374 80.61 -1.85 9.55
N MET D 375 79.78 -0.83 9.78
CA MET D 375 78.35 -1.04 9.83
C MET D 375 77.74 -1.19 8.43
N GLY D 376 78.41 -0.65 7.40
CA GLY D 376 77.97 -0.90 6.04
C GLY D 376 78.02 -2.36 5.67
N HIS D 377 78.88 -3.13 6.33
CA HIS D 377 78.89 -4.58 6.17
C HIS D 377 77.55 -5.19 6.57
N ILE D 378 76.94 -4.66 7.63
CA ILE D 378 75.65 -5.19 8.10
C ILE D 378 74.56 -4.96 7.06
N GLN D 379 74.57 -3.79 6.41
CA GLN D 379 73.55 -3.50 5.41
C GLN D 379 73.56 -4.54 4.29
N TYR D 380 74.76 -5.00 3.93
CA TYR D 380 74.85 -6.12 2.99
C TYR D 380 74.15 -7.35 3.55
N ASP D 381 74.46 -7.69 4.82
CA ASP D 381 73.97 -8.93 5.42
C ASP D 381 72.46 -8.90 5.61
N MET D 382 71.91 -7.75 5.99
CA MET D 382 70.49 -7.68 6.33
C MET D 382 69.61 -8.01 5.14
N ALA D 383 69.98 -7.51 3.96
CA ALA D 383 69.16 -7.71 2.77
C ALA D 383 69.13 -9.18 2.36
N TYR D 384 70.26 -9.86 2.42
CA TYR D 384 70.35 -11.24 1.94
C TYR D 384 70.12 -12.27 3.04
N ALA D 385 69.72 -11.84 4.24
CA ALA D 385 69.42 -12.78 5.33
C ALA D 385 68.19 -13.64 5.06
N ALA D 386 67.37 -13.31 4.06
CA ALA D 386 66.20 -14.15 3.76
C ALA D 386 66.55 -15.37 2.90
N GLN D 387 67.74 -15.41 2.30
CA GLN D 387 68.11 -16.52 1.44
C GLN D 387 68.34 -17.79 2.26
N PRO D 388 68.03 -18.96 1.71
CA PRO D 388 68.29 -20.23 2.41
C PRO D 388 69.77 -20.37 2.78
N TYR D 389 70.02 -21.39 3.62
CA TYR D 389 71.32 -21.52 4.29
C TYR D 389 72.46 -21.71 3.31
N LEU D 390 72.27 -22.55 2.30
CA LEU D 390 73.34 -22.95 1.41
C LEU D 390 73.68 -21.92 0.33
N LEU D 391 72.93 -20.80 0.26
CA LEU D 391 73.23 -19.78 -0.75
C LEU D 391 73.18 -18.36 -0.18
N ARG D 392 73.38 -18.21 1.13
CA ARG D 392 73.21 -16.93 1.81
C ARG D 392 74.57 -16.27 1.99
N ASP D 393 75.03 -15.59 0.93
CA ASP D 393 76.25 -14.78 0.95
C ASP D 393 76.27 -13.94 -0.31
N GLY D 394 77.32 -13.12 -0.44
CA GLY D 394 77.45 -12.24 -1.58
C GLY D 394 77.84 -12.96 -2.86
N ALA D 395 77.73 -12.23 -3.97
CA ALA D 395 78.00 -12.81 -5.28
C ALA D 395 79.45 -13.25 -5.41
N ASN D 396 80.40 -12.38 -5.02
CA ASN D 396 81.81 -12.75 -5.03
C ASN D 396 82.47 -12.17 -3.80
N GLU D 397 83.71 -12.61 -3.57
CA GLU D 397 84.38 -12.35 -2.30
C GLU D 397 84.63 -10.85 -2.08
N GLY D 398 85.03 -10.15 -3.14
CA GLY D 398 85.41 -8.75 -3.03
C GLY D 398 84.30 -7.72 -3.05
N PHE D 399 83.05 -8.14 -3.28
CA PHE D 399 81.94 -7.20 -3.32
C PHE D 399 81.71 -6.61 -1.93
N HIS D 400 81.78 -7.44 -0.89
CA HIS D 400 81.37 -7.03 0.45
C HIS D 400 82.10 -5.75 0.88
N GLU D 401 83.42 -5.82 1.01
CA GLU D 401 84.19 -4.66 1.46
C GLU D 401 84.12 -3.51 0.47
N ALA D 402 83.82 -3.80 -0.80
CA ALA D 402 83.79 -2.74 -1.81
C ALA D 402 82.64 -1.77 -1.55
N VAL D 403 81.43 -2.30 -1.32
CA VAL D 403 80.28 -1.43 -1.16
C VAL D 403 80.44 -0.54 0.07
N GLY D 404 81.07 -1.07 1.13
CA GLY D 404 81.32 -0.24 2.29
C GLY D 404 82.32 0.87 2.03
N GLU D 405 83.33 0.59 1.21
CA GLU D 405 84.42 1.56 1.00
C GLU D 405 84.04 2.69 0.05
N ILE D 406 83.25 2.41 -0.98
CA ILE D 406 82.97 3.40 -2.01
C ILE D 406 82.24 4.61 -1.42
N MET D 407 81.23 4.36 -0.59
CA MET D 407 80.51 5.45 0.05
C MET D 407 81.30 6.08 1.18
N SER D 408 82.10 5.28 1.92
CA SER D 408 82.88 5.85 3.01
C SER D 408 83.87 6.88 2.48
N LEU D 409 84.53 6.58 1.36
CA LEU D 409 85.38 7.56 0.71
C LEU D 409 84.57 8.75 0.20
N SER D 410 83.35 8.49 -0.31
CA SER D 410 82.52 9.59 -0.79
C SER D 410 82.08 10.50 0.34
N ALA D 411 81.69 9.92 1.47
CA ALA D 411 81.27 10.72 2.61
C ALA D 411 82.44 11.27 3.40
N ALA D 412 83.66 10.82 3.13
CA ALA D 412 84.84 11.38 3.80
C ALA D 412 85.52 12.46 2.96
N THR D 413 84.95 12.81 1.81
CA THR D 413 85.53 13.89 1.01
C THR D 413 85.27 15.23 1.68
N PRO D 414 86.21 16.18 1.58
CA PRO D 414 85.99 17.48 2.22
C PRO D 414 84.84 18.27 1.62
N HIS D 415 84.49 18.02 0.36
CA HIS D 415 83.34 18.69 -0.24
C HIS D 415 82.05 18.30 0.48
N TYR D 416 81.91 17.01 0.80
CA TYR D 416 80.76 16.57 1.58
C TYR D 416 80.76 17.14 2.98
N LEU D 417 81.95 17.46 3.51
CA LEU D 417 82.03 18.12 4.81
C LEU D 417 81.25 19.43 4.80
N LYS D 418 81.21 20.11 3.64
CA LYS D 418 80.44 21.34 3.51
C LYS D 418 78.94 21.07 3.71
N ALA D 419 78.44 19.98 3.12
CA ALA D 419 77.03 19.64 3.28
C ALA D 419 76.68 19.40 4.75
N LEU D 420 77.53 18.68 5.48
CA LEU D 420 77.29 18.44 6.89
C LEU D 420 77.83 19.55 7.77
N GLY D 421 78.53 20.53 7.19
CA GLY D 421 79.02 21.66 7.95
C GLY D 421 80.30 21.42 8.73
N LEU D 422 80.92 20.25 8.56
CA LEU D 422 82.16 19.94 9.26
C LEU D 422 83.30 20.83 8.79
N LEU D 423 83.36 21.11 7.49
CA LEU D 423 84.43 21.92 6.95
C LEU D 423 84.28 23.39 7.36
N GLU D 424 85.37 24.13 7.24
CA GLU D 424 85.36 25.54 7.60
C GLU D 424 84.47 26.33 6.65
N PRO D 425 83.75 27.34 7.15
CA PRO D 425 82.93 28.18 6.27
C PRO D 425 83.75 28.96 5.24
N ASP D 426 84.96 29.38 5.58
CA ASP D 426 85.82 30.18 4.71
C ASP D 426 86.69 29.34 3.78
N PHE D 427 86.32 28.09 3.53
CA PHE D 427 87.15 27.22 2.71
C PHE D 427 87.11 27.67 1.24
N TYR D 428 88.28 27.82 0.64
CA TYR D 428 88.40 28.20 -0.75
C TYR D 428 88.72 26.96 -1.57
N GLU D 429 88.17 26.88 -2.78
CA GLU D 429 88.36 25.70 -3.63
C GLU D 429 89.83 25.44 -3.87
N ASP D 430 90.31 24.27 -3.43
CA ASP D 430 91.70 23.85 -3.61
C ASP D 430 91.74 22.56 -4.41
N ASN D 431 92.65 22.52 -5.38
CA ASN D 431 92.90 21.34 -6.21
C ASN D 431 94.23 20.67 -5.86
N GLU D 432 95.13 21.38 -5.20
CA GLU D 432 96.37 20.75 -4.73
C GLU D 432 96.09 19.69 -3.67
N THR D 433 95.16 19.96 -2.77
CA THR D 433 94.84 19.02 -1.69
C THR D 433 94.27 17.73 -2.25
N GLU D 434 93.43 17.82 -3.28
CA GLU D 434 92.72 16.66 -3.80
C GLU D 434 93.67 15.62 -4.39
N ILE D 435 94.63 16.07 -5.20
CA ILE D 435 95.55 15.16 -5.86
C ILE D 435 96.45 14.45 -4.86
N ASN D 436 96.80 15.11 -3.75
CA ASN D 436 97.63 14.47 -2.74
C ASN D 436 96.90 13.30 -2.08
N PHE D 437 95.62 13.48 -1.75
CA PHE D 437 94.85 12.41 -1.11
C PHE D 437 94.68 11.23 -2.05
N LEU D 438 94.38 11.49 -3.32
CA LEU D 438 94.20 10.41 -4.29
C LEU D 438 95.49 9.63 -4.50
N LEU D 439 96.64 10.30 -4.40
CA LEU D 439 97.92 9.64 -4.61
C LEU D 439 98.19 8.59 -3.53
N LYS D 440 98.05 8.97 -2.26
CA LYS D 440 98.22 8.00 -1.18
C LYS D 440 97.13 6.93 -1.25
N GLN D 441 95.92 7.33 -1.62
CA GLN D 441 94.86 6.36 -1.87
C GLN D 441 95.22 5.42 -3.01
N ALA D 442 95.82 5.95 -4.08
CA ALA D 442 96.22 5.09 -5.20
C ALA D 442 97.37 4.17 -4.84
N LEU D 443 98.42 4.70 -4.20
CA LEU D 443 99.65 3.92 -4.03
C LEU D 443 99.44 2.74 -3.08
N THR D 444 98.61 2.92 -2.05
CA THR D 444 98.37 1.83 -1.12
C THR D 444 97.71 0.65 -1.82
N ILE D 445 96.77 0.92 -2.73
CA ILE D 445 96.09 -0.14 -3.44
C ILE D 445 97.04 -0.83 -4.41
N VAL D 446 97.78 -0.04 -5.20
CA VAL D 446 98.67 -0.60 -6.22
C VAL D 446 99.98 -1.08 -5.63
N GLY D 447 100.19 -0.88 -4.33
CA GLY D 447 101.43 -1.32 -3.71
C GLY D 447 101.64 -2.81 -3.81
N THR D 448 100.59 -3.59 -3.58
CA THR D 448 100.73 -5.03 -3.44
C THR D 448 100.08 -5.81 -4.58
N LEU D 449 99.48 -5.13 -5.55
CA LEU D 449 99.01 -5.83 -6.75
C LEU D 449 100.13 -6.58 -7.46
N PRO D 450 101.29 -5.98 -7.76
CA PRO D 450 102.37 -6.79 -8.34
C PRO D 450 102.91 -7.83 -7.37
N PHE D 451 102.82 -7.57 -6.06
CA PHE D 451 103.31 -8.53 -5.08
C PHE D 451 102.48 -9.82 -5.14
N THR D 452 101.16 -9.70 -5.07
CA THR D 452 100.29 -10.87 -5.18
C THR D 452 100.24 -11.41 -6.59
N TYR D 453 100.53 -10.59 -7.60
CA TYR D 453 100.46 -11.04 -8.98
C TYR D 453 101.47 -12.16 -9.23
N MET D 454 102.72 -11.96 -8.80
CA MET D 454 103.74 -12.99 -8.96
C MET D 454 103.44 -14.21 -8.09
N LEU D 455 102.91 -13.97 -6.88
CA LEU D 455 102.59 -15.09 -5.99
C LEU D 455 101.47 -15.95 -6.54
N GLU D 456 100.39 -15.33 -7.03
CA GLU D 456 99.25 -16.08 -7.54
C GLU D 456 99.61 -16.86 -8.80
N LYS D 457 100.38 -16.24 -9.71
CA LYS D 457 100.71 -16.90 -10.97
C LYS D 457 101.76 -17.98 -10.76
N TRP D 458 102.73 -17.74 -9.87
CA TRP D 458 103.79 -18.72 -9.65
C TRP D 458 103.25 -19.99 -9.02
N ARG D 459 102.26 -19.85 -8.12
CA ARG D 459 101.70 -21.04 -7.48
C ARG D 459 101.06 -21.98 -8.49
N TRP D 460 100.41 -21.43 -9.51
CA TRP D 460 99.62 -22.27 -10.41
C TRP D 460 100.50 -23.26 -11.17
N MET D 461 101.61 -22.79 -11.73
CA MET D 461 102.52 -23.69 -12.44
C MET D 461 103.29 -24.60 -11.51
N VAL D 462 103.31 -24.32 -10.20
CA VAL D 462 103.94 -25.22 -9.24
C VAL D 462 103.19 -26.55 -9.19
N PHE D 463 101.86 -26.49 -9.11
CA PHE D 463 101.07 -27.72 -9.05
C PHE D 463 101.11 -28.49 -10.37
N LYS D 464 101.43 -27.80 -11.48
CA LYS D 464 101.44 -28.48 -12.78
C LYS D 464 102.48 -29.59 -12.81
N GLY D 465 103.66 -29.33 -12.24
CA GLY D 465 104.68 -30.35 -12.13
C GLY D 465 105.85 -30.24 -13.09
N GLU D 466 105.99 -29.13 -13.82
CA GLU D 466 107.15 -28.96 -14.67
C GLU D 466 108.31 -28.27 -13.97
N ILE D 467 108.11 -27.78 -12.76
CA ILE D 467 109.15 -27.12 -11.98
C ILE D 467 109.50 -28.01 -10.80
N PRO D 468 110.75 -28.50 -10.69
CA PRO D 468 111.12 -29.35 -9.55
C PRO D 468 111.36 -28.57 -8.27
N LYS D 469 111.87 -29.27 -7.25
CA LYS D 469 112.01 -28.68 -5.93
C LYS D 469 113.16 -27.69 -5.84
N GLU D 470 114.16 -27.82 -6.71
CA GLU D 470 115.36 -27.01 -6.57
C GLU D 470 115.11 -25.53 -6.84
N GLN D 471 114.11 -25.20 -7.65
CA GLN D 471 113.91 -23.82 -8.07
C GLN D 471 113.01 -23.02 -7.13
N TRP D 472 112.80 -23.46 -5.88
CA TRP D 472 111.98 -22.68 -4.97
C TRP D 472 112.67 -21.40 -4.51
N MET D 473 113.94 -21.20 -4.85
CA MET D 473 114.66 -19.98 -4.49
C MET D 473 114.77 -19.01 -5.66
N GLU D 474 115.26 -19.45 -6.81
CA GLU D 474 115.48 -18.53 -7.92
C GLU D 474 114.18 -18.15 -8.63
N LYS D 475 113.26 -19.10 -8.78
CA LYS D 475 112.00 -18.80 -9.48
C LYS D 475 111.15 -17.81 -8.70
N TRP D 476 111.13 -17.93 -7.37
CA TRP D 476 110.40 -16.97 -6.55
C TRP D 476 110.97 -15.57 -6.73
N TRP D 477 112.30 -15.45 -6.76
CA TRP D 477 112.92 -14.15 -6.92
C TRP D 477 112.83 -13.64 -8.35
N GLU D 478 112.93 -14.55 -9.33
CA GLU D 478 112.97 -14.13 -10.73
C GLU D 478 111.68 -13.46 -11.15
N MET D 479 110.54 -14.03 -10.78
CA MET D 479 109.25 -13.45 -11.14
C MET D 479 109.03 -12.12 -10.44
N LYS D 480 109.49 -12.00 -9.19
CA LYS D 480 109.35 -10.74 -8.47
C LYS D 480 110.13 -9.62 -9.12
N ARG D 481 111.37 -9.89 -9.55
CA ARG D 481 112.19 -8.85 -10.15
C ARG D 481 111.66 -8.38 -11.49
N GLU D 482 110.98 -9.27 -12.22
CA GLU D 482 110.50 -8.92 -13.55
C GLU D 482 109.44 -7.82 -13.49
N ILE D 483 108.53 -7.90 -12.51
CA ILE D 483 107.42 -6.97 -12.42
C ILE D 483 107.57 -6.00 -11.26
N VAL D 484 108.07 -6.47 -10.11
CA VAL D 484 108.14 -5.62 -8.92
C VAL D 484 109.46 -4.86 -8.86
N GLY D 485 110.59 -5.57 -8.88
CA GLY D 485 111.89 -4.93 -8.83
C GLY D 485 112.44 -4.76 -7.43
N VAL D 486 112.50 -5.85 -6.67
CA VAL D 486 113.04 -5.85 -5.31
C VAL D 486 114.17 -6.87 -5.26
N VAL D 487 115.35 -6.43 -4.81
CA VAL D 487 116.54 -7.26 -4.75
C VAL D 487 117.20 -7.07 -3.40
N GLU D 488 117.60 -8.17 -2.78
CA GLU D 488 118.35 -8.10 -1.53
C GLU D 488 119.76 -7.58 -1.82
N PRO D 489 120.31 -6.69 -0.98
CA PRO D 489 121.66 -6.17 -1.25
C PRO D 489 122.74 -7.24 -1.24
N LEU D 490 122.65 -8.21 -0.34
CA LEU D 490 123.65 -9.26 -0.23
C LEU D 490 123.06 -10.59 -0.65
N PRO D 491 123.69 -11.30 -1.59
CA PRO D 491 123.16 -12.62 -1.99
C PRO D 491 123.13 -13.58 -0.82
N HIS D 492 122.12 -14.45 -0.79
CA HIS D 492 121.93 -15.40 0.30
C HIS D 492 121.96 -16.81 -0.26
N ASP D 493 122.69 -17.70 0.41
CA ASP D 493 122.85 -19.07 -0.06
C ASP D 493 121.64 -19.89 0.35
N GLU D 494 121.68 -21.20 0.10
CA GLU D 494 120.52 -22.07 0.30
C GLU D 494 120.23 -22.37 1.77
N THR D 495 121.25 -22.31 2.64
CA THR D 495 120.98 -22.40 4.07
C THR D 495 120.11 -21.24 4.53
N TYR D 496 120.37 -20.05 4.01
CA TYR D 496 119.52 -18.91 4.27
C TYR D 496 118.20 -19.05 3.53
N CYS D 497 117.11 -18.62 4.18
CA CYS D 497 115.76 -18.88 3.71
C CYS D 497 114.99 -17.56 3.64
N ASP D 498 115.15 -16.85 2.51
CA ASP D 498 114.38 -15.61 2.32
C ASP D 498 112.97 -15.88 1.82
N PRO D 499 112.74 -16.68 0.76
CA PRO D 499 111.39 -16.77 0.18
C PRO D 499 110.33 -17.35 1.11
N ALA D 500 110.71 -17.94 2.24
CA ALA D 500 109.76 -18.63 3.11
C ALA D 500 108.70 -17.69 3.69
N CYS D 501 108.93 -16.38 3.65
CA CYS D 501 108.05 -15.39 4.24
C CYS D 501 106.85 -15.05 3.37
N LEU D 502 106.48 -15.89 2.40
CA LEU D 502 105.29 -15.64 1.61
C LEU D 502 104.05 -15.72 2.48
N PHE D 503 103.00 -15.00 2.06
CA PHE D 503 101.85 -14.75 2.92
C PHE D 503 100.89 -15.93 3.00
N HIS D 504 101.00 -16.90 2.09
CA HIS D 504 100.10 -18.05 2.07
C HIS D 504 100.67 -19.28 2.76
N VAL D 505 101.91 -19.22 3.24
CA VAL D 505 102.46 -20.31 4.03
C VAL D 505 102.71 -19.80 5.45
N ALA D 506 103.17 -18.55 5.56
CA ALA D 506 103.46 -17.98 6.86
C ALA D 506 102.20 -17.82 7.70
N GLU D 507 101.09 -17.41 7.08
CA GLU D 507 99.84 -17.25 7.80
C GLU D 507 98.70 -18.05 7.19
N ASP D 508 98.80 -18.45 5.93
CA ASP D 508 97.77 -19.23 5.25
C ASP D 508 96.41 -18.51 5.30
N TYR D 509 96.45 -17.23 4.88
CA TYR D 509 95.26 -16.41 4.69
C TYR D 509 95.08 -16.17 3.21
N SER D 510 93.86 -16.43 2.71
CA SER D 510 93.58 -16.24 1.29
C SER D 510 93.62 -14.76 0.93
N PHE D 511 94.32 -14.44 -0.16
CA PHE D 511 94.43 -13.10 -0.70
C PHE D 511 93.42 -12.81 -1.81
N ILE D 512 92.70 -13.84 -2.27
CA ILE D 512 91.78 -13.71 -3.41
C ILE D 512 90.66 -12.72 -3.14
N ARG D 513 90.42 -12.37 -1.87
CA ARG D 513 89.47 -11.33 -1.52
C ARG D 513 90.03 -9.92 -1.73
N TYR D 514 91.29 -9.78 -2.12
CA TYR D 514 91.96 -8.49 -2.13
C TYR D 514 92.30 -8.05 -3.54
N TYR D 515 92.92 -8.91 -4.34
CA TYR D 515 93.37 -8.51 -5.67
C TYR D 515 92.18 -8.25 -6.61
N THR D 516 91.28 -9.23 -6.75
CA THR D 516 90.12 -9.04 -7.61
C THR D 516 89.10 -8.07 -7.02
N ARG D 517 89.21 -7.75 -5.74
CA ARG D 517 88.35 -6.74 -5.13
C ARG D 517 88.61 -5.35 -5.70
N THR D 518 89.88 -5.00 -5.93
CA THR D 518 90.20 -3.66 -6.39
C THR D 518 89.56 -3.36 -7.74
N ILE D 519 89.65 -4.31 -8.67
CA ILE D 519 89.02 -4.09 -9.97
C ILE D 519 87.50 -4.07 -9.82
N TYR D 520 86.97 -4.91 -8.94
CA TYR D 520 85.55 -4.80 -8.62
C TYR D 520 85.22 -3.46 -7.98
N GLN D 521 86.14 -2.92 -7.16
CA GLN D 521 85.88 -1.63 -6.52
C GLN D 521 85.76 -0.51 -7.54
N PHE D 522 86.65 -0.46 -8.53
CA PHE D 522 86.49 0.51 -9.61
C PHE D 522 85.18 0.27 -10.37
N GLN D 523 84.82 -1.00 -10.55
CA GLN D 523 83.60 -1.34 -11.29
C GLN D 523 82.35 -0.92 -10.52
N PHE D 524 82.32 -1.19 -9.21
CA PHE D 524 81.21 -0.73 -8.39
C PHE D 524 81.19 0.80 -8.29
N HIS D 525 82.35 1.43 -8.20
CA HIS D 525 82.39 2.89 -8.15
C HIS D 525 81.88 3.49 -9.45
N GLU D 526 82.28 2.92 -10.59
CA GLU D 526 81.82 3.46 -11.86
C GLU D 526 80.36 3.11 -12.14
N ALA D 527 79.90 1.96 -11.65
CA ALA D 527 78.53 1.52 -11.93
C ALA D 527 77.52 2.47 -11.30
N LEU D 528 77.78 2.88 -10.06
CA LEU D 528 76.87 3.77 -9.35
C LEU D 528 76.78 5.13 -10.01
N CYS D 529 77.92 5.71 -10.40
CA CYS D 529 77.92 7.09 -10.87
C CYS D 529 77.25 7.19 -12.24
N LYS D 530 77.66 6.33 -13.18
CA LYS D 530 77.14 6.45 -14.53
C LYS D 530 75.66 6.13 -14.62
N THR D 531 75.17 5.26 -13.74
CA THR D 531 73.75 4.93 -13.71
C THR D 531 72.91 5.97 -12.97
N ALA D 532 73.55 6.90 -12.26
CA ALA D 532 72.85 7.91 -11.48
C ALA D 532 72.85 9.28 -12.15
N ASN D 533 73.16 9.32 -13.44
CA ASN D 533 73.23 10.57 -14.21
C ASN D 533 74.29 11.51 -13.65
N HIS D 534 75.40 10.95 -13.19
CA HIS D 534 76.46 11.76 -12.57
C HIS D 534 77.32 12.43 -13.63
N GLU D 535 77.67 13.68 -13.38
CA GLU D 535 78.45 14.46 -14.32
C GLU D 535 79.55 15.18 -13.55
N GLY D 536 80.63 15.49 -14.26
CA GLY D 536 81.76 16.17 -13.68
C GLY D 536 82.94 15.24 -13.47
N ALA D 537 83.63 15.45 -12.37
CA ALA D 537 84.82 14.65 -12.05
C ALA D 537 84.45 13.19 -11.81
N LEU D 538 85.29 12.29 -12.31
CA LEU D 538 85.08 10.87 -12.04
C LEU D 538 85.50 10.49 -10.62
N PHE D 539 86.56 11.12 -10.11
CA PHE D 539 87.11 10.76 -8.81
C PHE D 539 86.23 11.20 -7.65
N LYS D 540 85.39 12.23 -7.84
CA LYS D 540 84.41 12.64 -6.84
C LYS D 540 83.01 12.32 -7.36
N CYS D 541 82.24 11.60 -6.55
CA CYS D 541 80.89 11.18 -6.93
C CYS D 541 79.97 11.41 -5.74
N ASP D 542 78.79 11.97 -6.00
CA ASP D 542 77.78 12.26 -4.99
C ASP D 542 76.59 11.34 -5.19
N ILE D 543 76.21 10.62 -4.13
CA ILE D 543 75.10 9.69 -4.19
C ILE D 543 74.09 9.99 -3.10
N SER D 544 74.49 10.86 -2.17
CA SER D 544 73.54 11.36 -1.17
C SER D 544 72.47 12.20 -1.86
N ASN D 545 71.26 12.17 -1.27
CA ASN D 545 70.07 12.73 -1.90
C ASN D 545 69.85 12.14 -3.30
N SER D 546 69.77 10.82 -3.35
CA SER D 546 69.33 10.14 -4.56
C SER D 546 68.62 8.85 -4.16
N THR D 547 67.68 8.42 -5.00
CA THR D 547 66.93 7.20 -4.78
C THR D 547 67.06 6.18 -5.91
N GLU D 548 67.50 6.61 -7.10
CA GLU D 548 67.63 5.68 -8.22
C GLU D 548 68.71 4.63 -7.95
N ALA D 549 69.83 5.06 -7.37
CA ALA D 549 70.95 4.15 -7.14
C ALA D 549 70.56 3.00 -6.22
N GLY D 550 69.83 3.31 -5.14
CA GLY D 550 69.49 2.30 -4.16
C GLY D 550 68.53 1.25 -4.68
N GLN D 551 67.56 1.67 -5.48
CA GLN D 551 66.64 0.74 -6.12
C GLN D 551 67.40 -0.24 -7.01
N ARG D 552 68.35 0.27 -7.80
CA ARG D 552 69.21 -0.63 -8.55
C ARG D 552 70.14 -1.39 -7.61
N LEU D 553 70.60 -0.72 -6.53
CA LEU D 553 71.43 -1.41 -5.55
C LEU D 553 70.75 -2.65 -5.01
N LEU D 554 69.51 -2.51 -4.54
CA LEU D 554 68.79 -3.63 -3.95
C LEU D 554 68.53 -4.76 -4.95
N GLN D 555 68.77 -4.49 -6.24
CA GLN D 555 68.51 -5.52 -7.27
C GLN D 555 69.40 -6.74 -7.04
N MET D 556 70.65 -6.55 -6.59
CA MET D 556 71.53 -7.70 -6.25
C MET D 556 71.91 -7.63 -4.78
N LEU D 557 71.80 -6.45 -4.15
CA LEU D 557 71.98 -6.44 -2.70
C LEU D 557 71.13 -7.48 -1.99
N SER D 558 70.09 -8.02 -2.65
CA SER D 558 69.25 -9.06 -2.10
C SER D 558 69.08 -10.24 -3.03
N LEU D 559 69.75 -10.24 -4.19
CA LEU D 559 69.69 -11.40 -5.08
C LEU D 559 70.34 -12.62 -4.45
N GLY D 560 71.53 -12.44 -3.90
CA GLY D 560 72.21 -13.53 -3.24
C GLY D 560 72.97 -14.40 -4.23
N LYS D 561 73.23 -15.62 -3.80
CA LYS D 561 73.90 -16.60 -4.64
C LYS D 561 72.95 -17.63 -5.25
N SER D 562 71.65 -17.36 -5.26
CA SER D 562 70.74 -18.31 -5.92
C SER D 562 71.01 -18.39 -7.42
N GLU D 563 71.74 -17.43 -7.97
CA GLU D 563 72.11 -17.34 -9.37
C GLU D 563 73.60 -17.03 -9.45
N PRO D 564 74.25 -17.38 -10.57
CA PRO D 564 75.65 -16.99 -10.74
C PRO D 564 75.79 -15.48 -10.81
N TRP D 565 76.96 -14.97 -10.40
CA TRP D 565 77.15 -13.52 -10.34
C TRP D 565 77.12 -12.88 -11.72
N THR D 566 77.18 -13.68 -12.78
CA THR D 566 77.19 -13.12 -14.14
C THR D 566 75.91 -12.36 -14.43
N LEU D 567 74.75 -12.88 -14.01
CA LEU D 567 73.49 -12.22 -14.29
C LEU D 567 73.42 -10.84 -13.66
N ALA D 568 73.87 -10.71 -12.42
CA ALA D 568 73.82 -9.41 -11.75
C ALA D 568 74.74 -8.41 -12.43
N LEU D 569 75.87 -8.87 -12.97
CA LEU D 569 76.79 -7.95 -13.63
C LEU D 569 76.13 -7.29 -14.84
N GLU D 570 75.35 -8.06 -15.62
CA GLU D 570 74.72 -7.52 -16.82
C GLU D 570 73.57 -6.57 -16.51
N SER D 571 72.92 -6.72 -15.36
CA SER D 571 71.77 -5.87 -15.06
C SER D 571 72.20 -4.45 -14.68
N ILE D 572 73.20 -4.33 -13.81
CA ILE D 572 73.59 -3.03 -13.28
C ILE D 572 74.24 -2.18 -14.36
N VAL D 573 75.13 -2.76 -15.16
CA VAL D 573 75.89 -2.05 -16.19
C VAL D 573 75.59 -2.60 -17.57
N GLY D 574 75.79 -3.90 -17.76
CA GLY D 574 75.57 -4.51 -19.05
C GLY D 574 76.80 -5.21 -19.61
N ILE D 575 77.77 -5.52 -18.75
CA ILE D 575 79.00 -6.19 -19.14
C ILE D 575 79.13 -7.50 -18.36
N LYS D 576 79.44 -8.58 -19.07
CA LYS D 576 79.65 -9.91 -18.49
C LYS D 576 81.14 -10.20 -18.30
N THR D 577 82.01 -9.25 -18.63
CA THR D 577 83.44 -9.42 -18.50
C THR D 577 84.03 -8.24 -17.73
N MET D 578 85.31 -8.37 -17.38
CA MET D 578 86.03 -7.37 -16.59
C MET D 578 86.78 -6.42 -17.52
N ASP D 579 86.54 -5.12 -17.35
CA ASP D 579 87.06 -4.09 -18.23
C ASP D 579 87.92 -3.11 -17.43
N VAL D 580 89.02 -2.66 -18.04
CA VAL D 580 90.01 -1.83 -17.36
C VAL D 580 90.08 -0.42 -17.93
N LYS D 581 89.48 -0.17 -19.09
CA LYS D 581 89.57 1.13 -19.74
C LYS D 581 89.12 2.31 -18.87
N PRO D 582 88.04 2.25 -18.11
CA PRO D 582 87.65 3.43 -17.32
C PRO D 582 88.69 3.85 -16.29
N LEU D 583 89.60 2.95 -15.91
CA LEU D 583 90.54 3.26 -14.82
C LEU D 583 91.42 4.46 -15.16
N LEU D 584 91.71 4.67 -16.45
CA LEU D 584 92.59 5.78 -16.83
C LEU D 584 91.90 7.13 -16.60
N ASN D 585 90.60 7.19 -16.82
CA ASN D 585 89.85 8.44 -16.63
C ASN D 585 89.74 8.85 -15.17
N TYR D 586 89.86 7.89 -14.25
CA TYR D 586 89.63 8.17 -12.84
C TYR D 586 90.64 9.19 -12.30
N PHE D 587 91.91 9.05 -12.68
CA PHE D 587 92.97 9.93 -12.21
C PHE D 587 93.52 10.81 -13.33
N GLU D 588 92.65 11.36 -14.16
CA GLU D 588 93.12 12.24 -15.23
C GLU D 588 93.83 13.48 -14.68
N PRO D 589 93.28 14.22 -13.70
CA PRO D 589 94.09 15.31 -13.09
C PRO D 589 95.38 14.82 -12.45
N LEU D 590 95.35 13.64 -11.83
CA LEU D 590 96.55 13.13 -11.15
C LEU D 590 97.63 12.75 -12.14
N PHE D 591 97.24 12.12 -13.25
CA PHE D 591 98.21 11.65 -14.24
C PHE D 591 98.96 12.83 -14.87
N THR D 592 98.29 13.98 -15.01
CA THR D 592 98.96 15.15 -15.59
C THR D 592 100.14 15.60 -14.74
N TRP D 593 99.97 15.64 -13.42
CA TRP D 593 101.06 16.10 -12.56
C TRP D 593 102.24 15.15 -12.63
N LEU D 594 101.96 13.85 -12.66
CA LEU D 594 103.04 12.87 -12.74
C LEU D 594 103.81 13.00 -14.05
N LYS D 595 103.10 13.26 -15.16
CA LYS D 595 103.78 13.46 -16.43
C LYS D 595 104.64 14.71 -16.42
N GLU D 596 104.13 15.80 -15.85
CA GLU D 596 104.84 17.07 -15.89
C GLU D 596 106.18 16.99 -15.16
N GLN D 597 106.22 16.34 -13.99
CA GLN D 597 107.43 16.37 -13.17
C GLN D 597 108.54 15.50 -13.76
N ASN D 598 108.19 14.47 -14.53
CA ASN D 598 109.15 13.51 -15.05
C ASN D 598 109.34 13.64 -16.56
N ARG D 599 109.24 14.88 -17.08
CA ARG D 599 109.46 15.12 -18.50
C ARG D 599 110.92 15.02 -18.89
N ASN D 600 111.84 14.99 -17.92
CA ASN D 600 113.26 14.87 -18.20
C ASN D 600 113.81 13.48 -17.92
N SER D 601 113.45 12.87 -16.78
CA SER D 601 113.99 11.58 -16.40
C SER D 601 113.38 10.47 -17.27
N PHE D 602 113.98 9.29 -17.19
CA PHE D 602 113.48 8.12 -17.90
C PHE D 602 112.56 7.33 -16.98
N VAL D 603 111.30 7.15 -17.40
CA VAL D 603 110.31 6.43 -16.61
C VAL D 603 110.58 4.93 -16.81
N GLY D 604 111.33 4.34 -15.90
CA GLY D 604 111.66 2.94 -15.98
C GLY D 604 112.90 2.65 -15.17
N TRP D 605 113.29 1.37 -15.15
CA TRP D 605 114.43 0.92 -14.39
C TRP D 605 114.98 -0.35 -15.02
N SER D 606 116.23 -0.65 -14.68
CA SER D 606 116.94 -1.83 -15.18
C SER D 606 116.98 -2.86 -14.06
N THR D 607 116.30 -3.99 -14.28
CA THR D 607 116.29 -5.07 -13.28
C THR D 607 117.57 -5.89 -13.29
N GLU D 608 118.25 -5.95 -14.43
CA GLU D 608 119.43 -6.80 -14.58
C GLU D 608 120.69 -6.20 -13.94
N TRP D 609 120.74 -4.88 -13.75
CA TRP D 609 121.89 -4.26 -13.13
C TRP D 609 121.90 -4.50 -11.63
N THR D 610 123.08 -4.81 -11.09
CA THR D 610 123.23 -5.04 -9.67
C THR D 610 124.41 -4.24 -9.12
N PRO D 611 124.31 -3.74 -7.89
CA PRO D 611 125.49 -3.08 -7.27
C PRO D 611 126.68 -4.00 -7.15
N TYR D 612 126.45 -5.30 -6.99
CA TYR D 612 127.56 -6.25 -6.96
C TYR D 612 128.26 -6.29 -8.32
N SER D 613 127.50 -6.39 -9.40
CA SER D 613 128.08 -6.53 -10.73
C SER D 613 127.37 -5.66 -11.76
#